data_2MOW
#
_entry.id   2MOW
#
loop_
_entity.id
_entity.type
_entity.pdbx_description
1 polymer 'Protein NRD1'
2 polymer 'Poly(A) RNA polymerase protein 2'
#
loop_
_entity_poly.entity_id
_entity_poly.type
_entity_poly.pdbx_seq_one_letter_code
_entity_poly.pdbx_strand_id
1 'polypeptide(L)'
;MQQDDDFQNFVATLESFKDLKSGISGSRIKKLTTYALDHIDIESKIISLIIDYSRLCPDSHKLGSLYIIDSIGRAYLDET
RSNSNSSSNKPGTCAHAINTLGEVIQELLSDAIAKSNQDHKEKIRMLLDIWDRSGLFQKSYLNAIRSKCFAMDLEHHHHH
H
;
A
2 'polypeptide(L)' DDDEDGYNPYTL B
#
# COMPACT_ATOMS: atom_id res chain seq x y z
N MET A 1 -14.51 20.12 -7.89
CA MET A 1 -13.98 19.95 -6.54
C MET A 1 -14.76 20.79 -5.54
N GLN A 2 -16.07 20.90 -5.77
CA GLN A 2 -16.94 21.68 -4.89
C GLN A 2 -17.53 20.80 -3.80
N GLN A 3 -16.70 20.43 -2.83
CA GLN A 3 -17.15 19.58 -1.73
C GLN A 3 -17.73 18.28 -2.24
N ASP A 4 -17.13 17.75 -3.30
CA ASP A 4 -17.60 16.49 -3.89
C ASP A 4 -16.47 15.46 -3.93
N ASP A 5 -16.76 14.27 -3.44
CA ASP A 5 -15.78 13.19 -3.42
C ASP A 5 -14.62 13.53 -2.48
N ASP A 6 -14.94 14.16 -1.36
CA ASP A 6 -13.93 14.54 -0.38
C ASP A 6 -13.39 13.32 0.36
N PHE A 7 -12.71 13.56 1.48
CA PHE A 7 -12.15 12.47 2.27
C PHE A 7 -13.18 11.39 2.53
N GLN A 8 -14.45 11.78 2.52
CA GLN A 8 -15.54 10.83 2.76
C GLN A 8 -15.39 9.60 1.88
N ASN A 9 -15.35 9.80 0.57
CA ASN A 9 -15.21 8.69 -0.37
C ASN A 9 -14.00 7.83 -0.03
N PHE A 10 -12.85 8.49 0.16
CA PHE A 10 -11.62 7.77 0.49
C PHE A 10 -11.82 6.91 1.74
N VAL A 11 -11.94 7.56 2.89
CA VAL A 11 -12.12 6.86 4.16
C VAL A 11 -13.22 5.81 4.04
N ALA A 12 -14.33 6.20 3.42
CA ALA A 12 -15.46 5.28 3.24
C ALA A 12 -15.01 3.98 2.59
N THR A 13 -14.27 4.10 1.50
CA THR A 13 -13.78 2.91 0.78
C THR A 13 -12.95 2.03 1.70
N LEU A 14 -11.96 2.61 2.34
CA LEU A 14 -11.09 1.86 3.24
C LEU A 14 -11.90 1.17 4.33
N GLU A 15 -12.74 1.94 5.01
CA GLU A 15 -13.58 1.40 6.08
C GLU A 15 -14.32 0.15 5.61
N SER A 16 -15.07 0.29 4.53
CA SER A 16 -15.83 -0.83 3.97
C SER A 16 -14.92 -2.01 3.68
N PHE A 17 -13.67 -1.72 3.31
CA PHE A 17 -12.70 -2.75 2.98
C PHE A 17 -12.52 -3.71 4.16
N LYS A 18 -12.05 -3.18 5.29
CA LYS A 18 -11.84 -3.99 6.48
C LYS A 18 -13.13 -4.69 6.90
N ASP A 19 -14.26 -4.01 6.72
CA ASP A 19 -15.55 -4.57 7.06
C ASP A 19 -15.78 -5.91 6.36
N LEU A 20 -15.07 -6.11 5.26
CA LEU A 20 -15.19 -7.35 4.50
C LEU A 20 -14.59 -8.52 5.25
N LYS A 21 -14.82 -9.73 4.73
CA LYS A 21 -14.30 -10.94 5.36
C LYS A 21 -13.14 -11.51 4.55
N SER A 22 -12.06 -10.73 4.44
CA SER A 22 -10.88 -11.16 3.70
C SER A 22 -11.19 -11.23 2.20
N GLY A 23 -12.02 -10.30 1.72
CA GLY A 23 -12.37 -10.27 0.32
C GLY A 23 -11.41 -9.44 -0.51
N ILE A 24 -11.21 -8.19 -0.09
CA ILE A 24 -10.31 -7.28 -0.80
C ILE A 24 -10.75 -7.10 -2.25
N SER A 25 -11.74 -6.24 -2.46
CA SER A 25 -12.25 -5.98 -3.80
C SER A 25 -11.43 -4.88 -4.49
N GLY A 26 -11.03 -5.15 -5.73
CA GLY A 26 -10.24 -4.18 -6.47
C GLY A 26 -10.94 -2.84 -6.58
N SER A 27 -12.26 -2.86 -6.70
CA SER A 27 -13.04 -1.64 -6.82
C SER A 27 -12.63 -0.62 -5.75
N ARG A 28 -12.67 -1.04 -4.50
CA ARG A 28 -12.30 -0.17 -3.39
C ARG A 28 -10.95 0.48 -3.63
N ILE A 29 -9.94 -0.35 -3.88
CA ILE A 29 -8.59 0.15 -4.13
C ILE A 29 -8.59 1.24 -5.20
N LYS A 30 -9.32 0.99 -6.29
CA LYS A 30 -9.42 1.96 -7.38
C LYS A 30 -9.90 3.31 -6.86
N LYS A 31 -11.04 3.31 -6.20
CA LYS A 31 -11.61 4.55 -5.65
C LYS A 31 -10.56 5.32 -4.87
N LEU A 32 -9.88 4.63 -3.95
CA LEU A 32 -8.85 5.27 -3.13
C LEU A 32 -7.77 5.89 -4.00
N THR A 33 -7.28 5.13 -4.98
CA THR A 33 -6.24 5.61 -5.88
C THR A 33 -6.69 6.86 -6.62
N THR A 34 -7.64 6.70 -7.53
CA THR A 34 -8.17 7.82 -8.31
C THR A 34 -8.39 9.04 -7.43
N TYR A 35 -8.99 8.82 -6.26
CA TYR A 35 -9.26 9.90 -5.33
C TYR A 35 -7.97 10.62 -4.93
N ALA A 36 -7.02 9.85 -4.43
CA ALA A 36 -5.74 10.40 -4.00
C ALA A 36 -5.15 11.30 -5.08
N LEU A 37 -4.96 10.74 -6.26
CA LEU A 37 -4.39 11.50 -7.39
C LEU A 37 -5.24 12.72 -7.69
N ASP A 38 -6.55 12.54 -7.75
CA ASP A 38 -7.48 13.63 -8.03
C ASP A 38 -7.29 14.76 -7.03
N HIS A 39 -6.80 14.43 -5.85
CA HIS A 39 -6.57 15.42 -4.80
C HIS A 39 -5.19 15.25 -4.17
N ILE A 40 -4.19 15.86 -4.80
CA ILE A 40 -2.83 15.77 -4.31
C ILE A 40 -2.61 16.71 -3.12
N ASP A 41 -3.66 17.44 -2.75
CA ASP A 41 -3.58 18.37 -1.64
C ASP A 41 -4.00 17.69 -0.33
N ILE A 42 -3.90 16.37 -0.31
CA ILE A 42 -4.27 15.60 0.87
C ILE A 42 -3.46 14.31 0.96
N GLU A 43 -2.24 14.34 0.42
CA GLU A 43 -1.36 13.18 0.45
C GLU A 43 -1.11 12.72 1.89
N SER A 44 -1.06 13.67 2.81
CA SER A 44 -0.82 13.37 4.21
C SER A 44 -1.89 12.44 4.76
N LYS A 45 -3.08 12.97 4.96
CA LYS A 45 -4.20 12.18 5.48
C LYS A 45 -4.33 10.86 4.75
N ILE A 46 -4.27 10.92 3.42
CA ILE A 46 -4.37 9.73 2.59
C ILE A 46 -3.31 8.70 2.97
N ILE A 47 -2.06 8.99 2.61
CA ILE A 47 -0.95 8.09 2.93
C ILE A 47 -1.00 7.64 4.37
N SER A 48 -1.22 8.57 5.28
CA SER A 48 -1.29 8.27 6.70
C SER A 48 -2.38 7.25 6.99
N LEU A 49 -3.54 7.45 6.37
CA LEU A 49 -4.67 6.54 6.55
C LEU A 49 -4.29 5.11 6.18
N ILE A 50 -4.01 4.89 4.91
CA ILE A 50 -3.63 3.57 4.43
C ILE A 50 -2.56 2.95 5.32
N ILE A 51 -1.54 3.74 5.66
CA ILE A 51 -0.46 3.28 6.51
C ILE A 51 -0.99 2.73 7.83
N ASP A 52 -1.71 3.57 8.55
CA ASP A 52 -2.28 3.16 9.84
C ASP A 52 -3.15 1.92 9.68
N TYR A 53 -4.02 1.94 8.68
CA TYR A 53 -4.92 0.81 8.42
C TYR A 53 -4.14 -0.49 8.36
N SER A 54 -2.97 -0.46 7.73
CA SER A 54 -2.13 -1.64 7.59
C SER A 54 -1.62 -2.10 8.95
N ARG A 55 -0.72 -1.31 9.54
CA ARG A 55 -0.16 -1.64 10.85
C ARG A 55 -1.25 -1.85 11.88
N LEU A 56 -2.43 -1.28 11.62
CA LEU A 56 -3.56 -1.40 12.53
C LEU A 56 -3.82 -2.86 12.88
N CYS A 57 -4.45 -3.59 11.96
CA CYS A 57 -4.75 -4.99 12.18
C CYS A 57 -3.61 -5.88 11.68
N PRO A 58 -3.68 -7.17 12.03
CA PRO A 58 -2.65 -8.14 11.63
C PRO A 58 -2.68 -8.44 10.13
N ASP A 59 -2.12 -9.59 9.76
CA ASP A 59 -2.09 -9.99 8.36
C ASP A 59 -3.29 -9.45 7.60
N SER A 60 -4.48 -9.67 8.15
CA SER A 60 -5.71 -9.21 7.52
C SER A 60 -5.50 -7.86 6.82
N HIS A 61 -5.47 -6.80 7.62
CA HIS A 61 -5.27 -5.45 7.08
C HIS A 61 -3.94 -5.35 6.35
N LYS A 62 -2.91 -5.99 6.90
CA LYS A 62 -1.58 -5.98 6.30
C LYS A 62 -1.66 -6.19 4.80
N LEU A 63 -2.16 -7.35 4.40
CA LEU A 63 -2.30 -7.68 2.97
C LEU A 63 -3.15 -6.64 2.25
N GLY A 64 -4.36 -6.43 2.76
CA GLY A 64 -5.26 -5.46 2.16
C GLY A 64 -4.60 -4.11 1.93
N SER A 65 -4.22 -3.45 3.02
CA SER A 65 -3.57 -2.15 2.95
C SER A 65 -2.43 -2.17 1.93
N LEU A 66 -1.61 -3.21 1.99
CA LEU A 66 -0.48 -3.36 1.09
C LEU A 66 -0.91 -3.11 -0.36
N TYR A 67 -1.93 -3.85 -0.79
CA TYR A 67 -2.43 -3.73 -2.16
C TYR A 67 -2.83 -2.28 -2.46
N ILE A 68 -3.56 -1.67 -1.52
CA ILE A 68 -4.01 -0.30 -1.69
C ILE A 68 -2.83 0.64 -1.91
N ILE A 69 -1.87 0.60 -0.99
CA ILE A 69 -0.68 1.44 -1.10
C ILE A 69 0.04 1.21 -2.42
N ASP A 70 0.06 -0.03 -2.88
CA ASP A 70 0.72 -0.38 -4.13
C ASP A 70 0.17 0.45 -5.28
N SER A 71 -1.14 0.38 -5.48
CA SER A 71 -1.80 1.13 -6.55
C SER A 71 -1.49 2.63 -6.44
N ILE A 72 -1.78 3.20 -5.28
CA ILE A 72 -1.52 4.61 -5.06
C ILE A 72 -0.06 4.96 -5.32
N GLY A 73 0.84 4.16 -4.79
CA GLY A 73 2.26 4.40 -4.98
C GLY A 73 2.64 4.51 -6.44
N ARG A 74 2.31 3.47 -7.22
CA ARG A 74 2.61 3.47 -8.65
C ARG A 74 2.13 4.75 -9.31
N ALA A 75 0.83 5.02 -9.20
CA ALA A 75 0.25 6.22 -9.79
C ALA A 75 0.96 7.47 -9.31
N TYR A 76 1.00 7.66 -8.00
CA TYR A 76 1.65 8.83 -7.41
C TYR A 76 3.05 9.01 -7.99
N LEU A 77 3.85 7.95 -7.94
CA LEU A 77 5.21 8.00 -8.46
C LEU A 77 5.24 8.58 -9.87
N ASP A 78 4.48 7.96 -10.77
CA ASP A 78 4.42 8.42 -12.16
C ASP A 78 4.03 9.90 -12.23
N GLU A 79 3.05 10.29 -11.42
CA GLU A 79 2.59 11.67 -11.39
C GLU A 79 3.75 12.62 -11.11
N THR A 80 4.26 12.57 -9.88
CA THR A 80 5.36 13.42 -9.47
C THR A 80 6.55 13.27 -10.41
N ARG A 81 6.84 12.03 -10.79
CA ARG A 81 7.94 11.74 -11.69
C ARG A 81 7.84 12.57 -12.98
N SER A 82 6.62 12.69 -13.49
CA SER A 82 6.38 13.44 -14.71
C SER A 82 6.99 14.83 -14.62
N ASN A 83 7.06 15.36 -13.41
CA ASN A 83 7.62 16.69 -13.18
C ASN A 83 8.99 16.60 -12.51
N SER A 84 8.99 16.28 -11.22
CA SER A 84 10.22 16.17 -10.46
C SER A 84 9.94 15.72 -9.02
N ASN A 85 10.40 14.52 -8.69
CA ASN A 85 10.20 13.98 -7.34
C ASN A 85 11.24 14.54 -6.37
N SER A 86 10.81 15.49 -5.55
CA SER A 86 11.70 16.12 -4.57
C SER A 86 10.97 16.36 -3.26
N SER A 87 11.68 16.17 -2.14
CA SER A 87 11.10 16.38 -0.82
C SER A 87 12.18 16.36 0.25
N SER A 88 11.79 16.68 1.48
CA SER A 88 12.72 16.70 2.60
C SER A 88 12.09 16.10 3.85
N ASN A 89 11.04 16.73 4.34
CA ASN A 89 10.34 16.25 5.54
C ASN A 89 8.89 16.70 5.54
N LYS A 90 8.06 15.99 6.27
CA LYS A 90 6.64 16.31 6.36
C LYS A 90 5.96 16.16 5.00
N PRO A 91 4.64 15.89 5.02
CA PRO A 91 3.85 15.71 3.81
C PRO A 91 3.67 17.02 3.04
N GLY A 92 3.05 16.94 1.87
CA GLY A 92 2.83 18.12 1.06
C GLY A 92 2.28 17.79 -0.32
N THR A 93 2.80 16.73 -0.92
CA THR A 93 2.36 16.31 -2.25
C THR A 93 2.85 14.90 -2.57
N CYS A 94 2.62 14.46 -3.80
CA CYS A 94 3.03 13.13 -4.24
C CYS A 94 4.44 12.81 -3.72
N ALA A 95 5.38 13.69 -4.01
CA ALA A 95 6.76 13.51 -3.59
C ALA A 95 6.83 13.11 -2.12
N HIS A 96 6.40 14.01 -1.24
CA HIS A 96 6.41 13.74 0.19
C HIS A 96 5.69 12.44 0.51
N ALA A 97 4.63 12.15 -0.21
CA ALA A 97 3.85 10.93 -0.01
C ALA A 97 4.74 9.70 -0.13
N ILE A 98 5.33 9.51 -1.31
CA ILE A 98 6.20 8.37 -1.55
C ILE A 98 7.30 8.28 -0.50
N ASN A 99 7.93 9.43 -0.21
CA ASN A 99 9.00 9.48 0.77
C ASN A 99 8.52 8.94 2.12
N THR A 100 7.39 9.45 2.59
CA THR A 100 6.83 9.02 3.86
C THR A 100 6.63 7.51 3.90
N LEU A 101 5.96 6.98 2.88
CA LEU A 101 5.70 5.55 2.79
C LEU A 101 7.00 4.76 2.91
N GLY A 102 7.98 5.11 2.07
CA GLY A 102 9.26 4.42 2.10
C GLY A 102 9.94 4.51 3.46
N GLU A 103 9.47 5.42 4.29
CA GLU A 103 10.03 5.59 5.63
C GLU A 103 9.29 4.74 6.65
N VAL A 104 8.20 4.12 6.21
CA VAL A 104 7.40 3.28 7.09
C VAL A 104 7.20 1.89 6.50
N ILE A 105 7.51 1.76 5.20
CA ILE A 105 7.36 0.49 4.51
C ILE A 105 8.03 -0.64 5.30
N GLN A 106 9.07 -0.30 6.05
CA GLN A 106 9.79 -1.29 6.85
C GLN A 106 8.82 -2.08 7.72
N GLU A 107 8.31 -1.43 8.76
CA GLU A 107 7.38 -2.08 9.68
C GLU A 107 6.18 -2.65 8.92
N LEU A 108 5.70 -1.91 7.94
CA LEU A 108 4.56 -2.34 7.14
C LEU A 108 4.82 -3.71 6.51
N LEU A 109 5.73 -3.74 5.55
CA LEU A 109 6.08 -4.99 4.87
C LEU A 109 6.42 -6.08 5.88
N SER A 110 7.56 -5.92 6.55
CA SER A 110 8.00 -6.90 7.54
C SER A 110 6.81 -7.50 8.28
N ASP A 111 6.05 -6.65 8.96
CA ASP A 111 4.88 -7.10 9.71
C ASP A 111 3.95 -7.91 8.82
N ALA A 112 3.57 -7.34 7.67
CA ALA A 112 2.69 -8.03 6.74
C ALA A 112 3.19 -9.43 6.44
N ILE A 113 4.42 -9.53 5.95
CA ILE A 113 5.01 -10.81 5.61
C ILE A 113 4.99 -11.76 6.81
N ALA A 114 5.46 -11.27 7.95
CA ALA A 114 5.48 -12.07 9.17
C ALA A 114 4.09 -12.55 9.54
N LYS A 115 3.21 -11.62 9.90
CA LYS A 115 1.85 -11.96 10.27
C LYS A 115 1.19 -12.82 9.20
N SER A 116 1.66 -12.69 7.96
CA SER A 116 1.12 -13.45 6.85
C SER A 116 1.66 -14.87 6.84
N ASN A 117 0.92 -15.79 6.21
CA ASN A 117 1.34 -17.18 6.13
C ASN A 117 1.83 -17.52 4.74
N GLN A 118 2.16 -18.80 4.52
CA GLN A 118 2.65 -19.26 3.23
C GLN A 118 1.92 -18.55 2.09
N ASP A 119 0.59 -18.60 2.13
CA ASP A 119 -0.23 -17.96 1.10
C ASP A 119 0.01 -16.45 1.07
N HIS A 120 -0.53 -15.76 2.07
CA HIS A 120 -0.38 -14.31 2.15
C HIS A 120 1.07 -13.90 1.89
N LYS A 121 1.98 -14.42 2.70
CA LYS A 121 3.39 -14.10 2.57
C LYS A 121 3.82 -14.18 1.11
N GLU A 122 3.29 -15.16 0.38
CA GLU A 122 3.62 -15.33 -1.02
C GLU A 122 3.20 -14.10 -1.84
N LYS A 123 2.00 -13.61 -1.58
CA LYS A 123 1.48 -12.44 -2.29
C LYS A 123 2.40 -11.25 -2.10
N ILE A 124 2.77 -10.98 -0.86
CA ILE A 124 3.65 -9.86 -0.55
C ILE A 124 4.97 -9.97 -1.30
N ARG A 125 5.59 -11.14 -1.21
CA ARG A 125 6.86 -11.38 -1.89
C ARG A 125 6.78 -10.98 -3.36
N MET A 126 5.77 -11.50 -4.06
CA MET A 126 5.58 -11.18 -5.47
C MET A 126 5.47 -9.68 -5.68
N LEU A 127 4.58 -9.04 -4.93
CA LEU A 127 4.39 -7.60 -5.03
C LEU A 127 5.72 -6.86 -4.94
N LEU A 128 6.52 -7.23 -3.96
CA LEU A 128 7.82 -6.60 -3.75
C LEU A 128 8.68 -6.68 -5.02
N ASP A 129 8.74 -7.87 -5.59
CA ASP A 129 9.52 -8.08 -6.81
C ASP A 129 9.10 -7.10 -7.91
N ILE A 130 7.80 -7.04 -8.18
CA ILE A 130 7.27 -6.14 -9.19
C ILE A 130 7.66 -4.69 -8.91
N TRP A 131 7.59 -4.31 -7.64
CA TRP A 131 7.94 -2.95 -7.24
C TRP A 131 9.34 -2.59 -7.71
N ASP A 132 10.33 -3.37 -7.27
CA ASP A 132 11.72 -3.12 -7.65
C ASP A 132 11.86 -3.08 -9.17
N ARG A 133 11.31 -4.07 -9.84
CA ARG A 133 11.38 -4.15 -11.30
C ARG A 133 10.84 -2.87 -11.93
N SER A 134 9.60 -2.54 -11.60
CA SER A 134 8.96 -1.34 -12.15
C SER A 134 9.84 -0.11 -11.92
N GLY A 135 10.08 0.20 -10.65
CA GLY A 135 10.91 1.35 -10.32
C GLY A 135 10.21 2.31 -9.37
N LEU A 136 9.41 1.76 -8.46
CA LEU A 136 8.68 2.57 -7.49
C LEU A 136 9.63 3.17 -6.46
N PHE A 137 10.05 2.35 -5.50
CA PHE A 137 10.96 2.80 -4.46
C PHE A 137 12.41 2.50 -4.83
N GLN A 138 13.01 3.37 -5.62
CA GLN A 138 14.39 3.21 -6.05
C GLN A 138 15.35 3.51 -4.91
N LYS A 139 15.36 2.66 -3.89
CA LYS A 139 16.23 2.84 -2.74
C LYS A 139 17.21 1.68 -2.62
N SER A 140 17.30 0.87 -3.68
CA SER A 140 18.21 -0.27 -3.68
C SER A 140 17.87 -1.24 -2.55
N TYR A 141 16.60 -1.59 -2.45
CA TYR A 141 16.15 -2.51 -1.40
C TYR A 141 16.53 -1.99 -0.02
N LEU A 142 15.62 -1.24 0.59
CA LEU A 142 15.85 -0.68 1.92
C LEU A 142 16.12 -1.79 2.94
N ASN A 143 16.82 -1.44 4.01
CA ASN A 143 17.16 -2.39 5.06
C ASN A 143 15.96 -3.29 5.37
N ALA A 144 14.78 -2.70 5.39
CA ALA A 144 13.55 -3.44 5.68
C ALA A 144 13.63 -4.86 5.13
N ILE A 145 13.09 -5.06 3.94
CA ILE A 145 13.10 -6.38 3.30
C ILE A 145 14.51 -6.75 2.85
N ARG A 146 15.37 -5.75 2.71
CA ARG A 146 16.74 -5.98 2.28
C ARG A 146 17.31 -7.26 2.91
N SER A 147 17.24 -7.33 4.23
CA SER A 147 17.75 -8.50 4.95
C SER A 147 16.84 -9.69 4.74
N LYS A 148 17.23 -10.58 3.82
CA LYS A 148 16.46 -11.77 3.52
C LYS A 148 15.96 -12.44 4.80
N CYS A 149 16.69 -12.22 5.89
CA CYS A 149 16.33 -12.80 7.19
C CYS A 149 14.85 -12.60 7.47
N PHE A 150 14.28 -11.55 6.91
CA PHE A 150 12.86 -11.25 7.10
C PHE A 150 11.99 -12.43 6.72
N ALA A 151 12.08 -12.84 5.45
CA ALA A 151 11.30 -13.97 4.96
C ALA A 151 11.74 -15.27 5.60
N MET A 152 13.05 -15.46 5.70
CA MET A 152 13.61 -16.67 6.30
C MET A 152 13.03 -16.89 7.71
N ASP A 153 12.98 -15.82 8.49
CA ASP A 153 12.45 -15.89 9.85
C ASP A 153 10.98 -16.27 9.84
N LEU A 154 10.16 -15.44 9.22
CA LEU A 154 8.72 -15.69 9.14
C LEU A 154 8.44 -16.99 8.39
N GLU A 155 9.37 -17.38 7.52
CA GLU A 155 9.22 -18.60 6.74
C GLU A 155 8.96 -19.80 7.64
N HIS A 156 7.70 -20.16 7.80
CA HIS A 156 7.32 -21.29 8.64
C HIS A 156 7.94 -22.58 8.13
N HIS A 157 7.59 -23.69 8.76
CA HIS A 157 8.13 -25.00 8.37
C HIS A 157 7.70 -25.35 6.94
N HIS A 158 8.61 -25.13 5.99
CA HIS A 158 8.34 -25.43 4.60
C HIS A 158 9.60 -25.25 3.75
N HIS A 159 9.72 -26.06 2.71
CA HIS A 159 10.88 -26.01 1.82
C HIS A 159 10.75 -24.83 0.84
N HIS A 160 11.88 -24.43 0.26
CA HIS A 160 11.90 -23.32 -0.68
C HIS A 160 13.26 -23.21 -1.36
N HIS A 161 13.42 -22.19 -2.21
CA HIS A 161 14.67 -21.97 -2.91
C HIS A 161 15.38 -20.72 -2.38
N ASP B 1 -17.39 -14.84 -5.31
CA ASP B 1 -17.98 -13.51 -5.24
C ASP B 1 -17.63 -12.70 -6.48
N ASP B 2 -18.65 -12.36 -7.26
CA ASP B 2 -18.46 -11.58 -8.48
C ASP B 2 -18.33 -10.09 -8.16
N ASP B 3 -17.09 -9.62 -8.04
CA ASP B 3 -16.83 -8.22 -7.74
C ASP B 3 -15.42 -7.84 -8.16
N GLU B 4 -14.93 -8.44 -9.22
CA GLU B 4 -13.59 -8.16 -9.72
C GLU B 4 -12.55 -8.34 -8.62
N ASP B 5 -12.72 -9.39 -7.82
CA ASP B 5 -11.80 -9.68 -6.73
C ASP B 5 -10.40 -9.98 -7.25
N GLY B 6 -9.47 -10.22 -6.34
CA GLY B 6 -8.10 -10.51 -6.74
C GLY B 6 -7.45 -9.38 -7.50
N TYR B 7 -6.93 -8.40 -6.77
CA TYR B 7 -6.29 -7.25 -7.38
C TYR B 7 -4.78 -7.45 -7.48
N ASN B 8 -4.29 -7.57 -8.71
CA ASN B 8 -2.87 -7.78 -8.95
C ASN B 8 -2.16 -6.46 -9.21
N PRO B 9 -0.98 -6.28 -8.60
CA PRO B 9 -0.18 -5.06 -8.75
C PRO B 9 0.41 -4.92 -10.14
N TYR B 10 0.60 -6.06 -10.81
CA TYR B 10 1.15 -6.06 -12.16
C TYR B 10 0.13 -5.59 -13.18
N THR B 11 -1.13 -5.53 -12.76
CA THR B 11 -2.21 -5.09 -13.64
C THR B 11 -3.07 -4.02 -12.96
N LEU B 12 -3.10 -2.83 -13.56
CA LEU B 12 -3.89 -1.73 -13.01
C LEU B 12 -5.37 -1.89 -13.36
N MET A 1 -12.90 16.45 -7.48
CA MET A 1 -12.98 17.90 -7.42
C MET A 1 -14.38 18.35 -7.00
N GLN A 2 -15.07 17.50 -6.26
CA GLN A 2 -16.41 17.81 -5.78
C GLN A 2 -16.68 17.16 -4.43
N GLN A 3 -17.81 17.53 -3.82
CA GLN A 3 -18.18 16.96 -2.52
C GLN A 3 -18.66 15.53 -2.66
N ASP A 4 -19.10 15.17 -3.86
CA ASP A 4 -19.59 13.82 -4.12
C ASP A 4 -18.54 12.78 -3.74
N ASP A 5 -17.28 13.18 -3.79
CA ASP A 5 -16.17 12.29 -3.45
C ASP A 5 -15.19 12.96 -2.50
N ASP A 6 -15.61 13.16 -1.26
CA ASP A 6 -14.77 13.80 -0.26
C ASP A 6 -14.22 12.77 0.73
N PHE A 7 -13.72 13.26 1.86
CA PHE A 7 -13.17 12.38 2.88
C PHE A 7 -14.08 11.17 3.12
N GLN A 8 -15.38 11.40 3.03
CA GLN A 8 -16.35 10.34 3.22
C GLN A 8 -16.07 9.15 2.30
N ASN A 9 -16.00 9.44 1.00
CA ASN A 9 -15.73 8.39 0.01
C ASN A 9 -14.47 7.60 0.38
N PHE A 10 -13.38 8.32 0.64
CA PHE A 10 -12.12 7.68 1.00
C PHE A 10 -12.31 6.77 2.20
N VAL A 11 -12.53 7.36 3.37
CA VAL A 11 -12.71 6.60 4.60
C VAL A 11 -13.71 5.47 4.40
N ALA A 12 -14.81 5.77 3.73
CA ALA A 12 -15.85 4.78 3.45
C ALA A 12 -15.26 3.54 2.80
N THR A 13 -14.49 3.75 1.73
CA THR A 13 -13.88 2.65 1.00
C THR A 13 -13.00 1.81 1.92
N LEU A 14 -12.10 2.46 2.64
CA LEU A 14 -11.19 1.77 3.55
C LEU A 14 -11.98 0.95 4.58
N GLU A 15 -12.90 1.61 5.27
CA GLU A 15 -13.72 0.95 6.28
C GLU A 15 -14.35 -0.32 5.71
N SER A 16 -15.09 -0.16 4.61
CA SER A 16 -15.76 -1.30 3.97
C SER A 16 -14.75 -2.37 3.59
N PHE A 17 -13.52 -1.96 3.31
CA PHE A 17 -12.46 -2.88 2.92
C PHE A 17 -12.27 -3.95 4.00
N LYS A 18 -11.87 -3.53 5.18
CA LYS A 18 -11.65 -4.45 6.30
C LYS A 18 -12.91 -5.26 6.59
N ASP A 19 -14.07 -4.60 6.47
CA ASP A 19 -15.34 -5.26 6.72
C ASP A 19 -15.49 -6.51 5.85
N LEU A 20 -14.85 -6.49 4.69
CA LEU A 20 -14.92 -7.62 3.77
C LEU A 20 -14.50 -8.91 4.45
N LYS A 21 -14.61 -10.03 3.74
CA LYS A 21 -14.24 -11.33 4.28
C LYS A 21 -12.76 -11.63 4.02
N SER A 22 -12.22 -11.02 2.98
CA SER A 22 -10.82 -11.22 2.63
C SER A 22 -10.00 -9.96 2.88
N GLY A 23 -10.46 -8.83 2.35
CA GLY A 23 -9.77 -7.57 2.53
C GLY A 23 -9.20 -7.04 1.23
N ILE A 24 -9.79 -7.44 0.11
CA ILE A 24 -9.34 -7.00 -1.20
C ILE A 24 -10.52 -6.68 -2.11
N SER A 25 -10.39 -5.63 -2.91
CA SER A 25 -11.45 -5.22 -3.82
C SER A 25 -10.95 -4.18 -4.81
N GLY A 26 -11.07 -4.48 -6.10
CA GLY A 26 -10.62 -3.57 -7.13
C GLY A 26 -11.24 -2.19 -6.99
N SER A 27 -12.56 -2.14 -7.11
CA SER A 27 -13.30 -0.87 -7.01
C SER A 27 -12.87 -0.10 -5.77
N ARG A 28 -12.83 -0.80 -4.63
CA ARG A 28 -12.44 -0.18 -3.37
C ARG A 28 -11.07 0.49 -3.49
N ILE A 29 -10.03 -0.30 -3.64
CA ILE A 29 -8.67 0.22 -3.78
C ILE A 29 -8.62 1.35 -4.80
N LYS A 30 -9.30 1.15 -5.92
CA LYS A 30 -9.34 2.16 -6.98
C LYS A 30 -9.83 3.50 -6.45
N LYS A 31 -11.00 3.49 -5.81
CA LYS A 31 -11.58 4.70 -5.25
C LYS A 31 -10.58 5.42 -4.36
N LEU A 32 -9.93 4.68 -3.47
CA LEU A 32 -8.94 5.24 -2.57
C LEU A 32 -7.82 5.93 -3.34
N THR A 33 -7.23 5.20 -4.29
CA THR A 33 -6.15 5.73 -5.10
C THR A 33 -6.58 7.00 -5.84
N THR A 34 -7.45 6.84 -6.83
CA THR A 34 -7.94 7.97 -7.61
C THR A 34 -8.27 9.16 -6.71
N TYR A 35 -8.95 8.88 -5.60
CA TYR A 35 -9.33 9.93 -4.66
C TYR A 35 -8.09 10.65 -4.14
N ALA A 36 -7.14 9.90 -3.61
CA ALA A 36 -5.91 10.47 -3.07
C ALA A 36 -5.27 11.42 -4.07
N LEU A 37 -4.97 10.91 -5.26
CA LEU A 37 -4.35 11.73 -6.31
C LEU A 37 -5.22 12.94 -6.64
N ASP A 38 -6.51 12.71 -6.81
CA ASP A 38 -7.44 13.79 -7.12
C ASP A 38 -7.37 14.89 -6.07
N HIS A 39 -6.96 14.52 -4.86
CA HIS A 39 -6.85 15.48 -3.77
C HIS A 39 -5.49 15.36 -3.08
N ILE A 40 -4.48 16.02 -3.64
CA ILE A 40 -3.14 16.00 -3.09
C ILE A 40 -3.02 16.94 -1.89
N ASP A 41 -4.11 17.64 -1.58
CA ASP A 41 -4.12 18.57 -0.47
C ASP A 41 -4.57 17.88 0.82
N ILE A 42 -4.55 16.55 0.80
CA ILE A 42 -4.94 15.77 1.96
C ILE A 42 -4.08 14.52 2.11
N GLU A 43 -2.83 14.61 1.65
CA GLU A 43 -1.91 13.49 1.72
C GLU A 43 -1.73 13.03 3.18
N SER A 44 -1.72 13.98 4.10
CA SER A 44 -1.56 13.68 5.51
C SER A 44 -2.65 12.73 5.99
N LYS A 45 -3.87 13.26 6.12
CA LYS A 45 -5.00 12.47 6.58
C LYS A 45 -5.07 11.14 5.82
N ILE A 46 -4.95 11.22 4.50
CA ILE A 46 -5.01 10.03 3.65
C ILE A 46 -3.96 9.01 4.09
N ILE A 47 -2.70 9.32 3.83
CA ILE A 47 -1.61 8.42 4.21
C ILE A 47 -1.76 7.93 5.64
N SER A 48 -2.04 8.85 6.55
CA SER A 48 -2.21 8.51 7.96
C SER A 48 -3.32 7.49 8.13
N LEU A 49 -4.41 7.68 7.41
CA LEU A 49 -5.56 6.77 7.49
C LEU A 49 -5.14 5.34 7.14
N ILE A 50 -4.76 5.13 5.89
CA ILE A 50 -4.33 3.82 5.44
C ILE A 50 -3.34 3.19 6.41
N ILE A 51 -2.36 3.98 6.84
CA ILE A 51 -1.35 3.50 7.77
C ILE A 51 -1.99 2.96 9.04
N ASP A 52 -2.73 3.81 9.74
CA ASP A 52 -3.39 3.41 10.97
C ASP A 52 -4.31 2.22 10.73
N TYR A 53 -5.16 2.33 9.72
CA TYR A 53 -6.10 1.26 9.39
C TYR A 53 -5.38 -0.07 9.25
N SER A 54 -4.16 -0.03 8.72
CA SER A 54 -3.36 -1.23 8.53
C SER A 54 -3.03 -1.87 9.87
N ARG A 55 -2.12 -1.24 10.61
CA ARG A 55 -1.71 -1.76 11.91
C ARG A 55 -2.92 -2.21 12.73
N LEU A 56 -4.04 -1.53 12.54
CA LEU A 56 -5.27 -1.86 13.26
C LEU A 56 -5.71 -3.27 12.94
N CYS A 57 -6.39 -3.43 11.81
CA CYS A 57 -6.88 -4.74 11.38
C CYS A 57 -5.76 -5.77 11.41
N PRO A 58 -6.09 -7.00 11.83
CA PRO A 58 -5.12 -8.10 11.91
C PRO A 58 -4.69 -8.59 10.53
N ASP A 59 -5.29 -9.69 10.09
CA ASP A 59 -4.97 -10.26 8.78
C ASP A 59 -5.46 -9.35 7.66
N SER A 60 -6.73 -9.00 7.69
CA SER A 60 -7.33 -8.14 6.67
C SER A 60 -6.34 -7.05 6.25
N HIS A 61 -5.78 -6.36 7.24
CA HIS A 61 -4.83 -5.29 6.99
C HIS A 61 -3.64 -5.81 6.19
N LYS A 62 -3.02 -6.89 6.67
CA LYS A 62 -1.87 -7.48 6.01
C LYS A 62 -2.03 -7.43 4.50
N LEU A 63 -2.86 -8.32 3.96
CA LEU A 63 -3.10 -8.38 2.52
C LEU A 63 -3.74 -7.09 2.03
N GLY A 64 -4.86 -6.73 2.64
CA GLY A 64 -5.57 -5.52 2.25
C GLY A 64 -4.66 -4.31 2.18
N SER A 65 -4.31 -3.78 3.35
CA SER A 65 -3.43 -2.61 3.41
C SER A 65 -2.36 -2.67 2.33
N LEU A 66 -1.54 -3.72 2.37
CA LEU A 66 -0.48 -3.90 1.39
C LEU A 66 -0.95 -3.50 0.00
N TYR A 67 -2.05 -4.11 -0.45
CA TYR A 67 -2.60 -3.82 -1.77
C TYR A 67 -2.91 -2.33 -1.91
N ILE A 68 -3.60 -1.77 -0.92
CA ILE A 68 -3.96 -0.36 -0.94
C ILE A 68 -2.72 0.52 -1.10
N ILE A 69 -1.76 0.34 -0.21
CA ILE A 69 -0.52 1.12 -0.25
C ILE A 69 0.16 0.98 -1.61
N ASP A 70 0.10 -0.22 -2.18
CA ASP A 70 0.71 -0.48 -3.48
C ASP A 70 0.15 0.46 -4.54
N SER A 71 -1.16 0.41 -4.73
CA SER A 71 -1.83 1.25 -5.72
C SER A 71 -1.47 2.73 -5.51
N ILE A 72 -1.84 3.26 -4.35
CA ILE A 72 -1.57 4.64 -4.02
C ILE A 72 -0.09 4.98 -4.22
N GLY A 73 0.78 4.11 -3.69
CA GLY A 73 2.21 4.32 -3.83
C GLY A 73 2.64 4.49 -5.27
N ARG A 74 2.30 3.52 -6.10
CA ARG A 74 2.66 3.56 -7.53
C ARG A 74 2.23 4.89 -8.15
N ALA A 75 0.95 5.20 -8.05
CA ALA A 75 0.42 6.43 -8.61
C ALA A 75 1.14 7.64 -8.04
N TYR A 76 1.09 7.81 -6.73
CA TYR A 76 1.76 8.92 -6.06
C TYR A 76 3.19 9.08 -6.55
N LEU A 77 3.91 7.97 -6.61
CA LEU A 77 5.30 7.97 -7.06
C LEU A 77 5.43 8.64 -8.42
N ASP A 78 4.69 8.12 -9.39
CA ASP A 78 4.71 8.66 -10.75
C ASP A 78 4.40 10.16 -10.74
N GLU A 79 3.42 10.54 -9.92
CA GLU A 79 3.01 11.94 -9.81
C GLU A 79 4.20 12.82 -9.45
N THR A 80 4.64 12.73 -8.20
CA THR A 80 5.76 13.52 -7.72
C THR A 80 6.99 13.32 -8.60
N ARG A 81 7.17 12.09 -9.08
CA ARG A 81 8.31 11.76 -9.94
C ARG A 81 8.37 12.68 -11.15
N SER A 82 7.22 12.91 -11.77
CA SER A 82 7.14 13.77 -12.94
C SER A 82 7.81 15.12 -12.68
N ASN A 83 7.25 15.88 -11.74
CA ASN A 83 7.81 17.19 -11.39
C ASN A 83 9.07 17.03 -10.55
N SER A 84 8.89 16.69 -9.28
CA SER A 84 10.02 16.52 -8.37
C SER A 84 9.54 16.04 -7.00
N ASN A 85 10.37 15.23 -6.35
CA ASN A 85 10.03 14.69 -5.03
C ASN A 85 10.89 15.35 -3.95
N SER A 86 11.19 16.63 -4.13
CA SER A 86 11.99 17.37 -3.17
C SER A 86 11.14 17.87 -2.01
N SER A 87 11.03 17.05 -0.97
CA SER A 87 10.25 17.40 0.20
C SER A 87 11.00 17.09 1.49
N SER A 88 10.41 17.42 2.62
CA SER A 88 11.03 17.18 3.92
C SER A 88 10.11 16.37 4.82
N ASN A 89 10.47 16.27 6.09
CA ASN A 89 9.68 15.52 7.07
C ASN A 89 8.25 16.05 7.11
N LYS A 90 7.38 15.33 7.81
CA LYS A 90 5.98 15.72 7.95
C LYS A 90 5.29 15.70 6.58
N PRO A 91 3.95 15.64 6.61
CA PRO A 91 3.14 15.62 5.38
C PRO A 91 3.17 16.95 4.65
N GLY A 92 2.50 17.00 3.49
CA GLY A 92 2.46 18.23 2.72
C GLY A 92 1.92 18.01 1.32
N THR A 93 2.33 16.91 0.70
CA THR A 93 1.89 16.58 -0.65
C THR A 93 2.33 15.18 -1.06
N CYS A 94 2.09 14.83 -2.32
CA CYS A 94 2.47 13.52 -2.83
C CYS A 94 3.84 13.11 -2.31
N ALA A 95 4.81 13.99 -2.47
CA ALA A 95 6.18 13.72 -2.01
C ALA A 95 6.19 13.29 -0.55
N HIS A 96 5.73 14.16 0.34
CA HIS A 96 5.70 13.87 1.76
C HIS A 96 4.95 12.56 2.02
N ALA A 97 3.86 12.35 1.29
CA ALA A 97 3.05 11.15 1.44
C ALA A 97 3.90 9.89 1.30
N ILE A 98 4.53 9.74 0.14
CA ILE A 98 5.38 8.59 -0.12
C ILE A 98 6.46 8.44 0.95
N ASN A 99 7.10 9.55 1.30
CA ASN A 99 8.14 9.55 2.32
C ASN A 99 7.63 8.95 3.63
N THR A 100 6.52 9.50 4.13
CA THR A 100 5.94 9.03 5.37
C THR A 100 5.64 7.53 5.30
N LEU A 101 4.99 7.10 4.24
CA LEU A 101 4.66 5.69 4.06
C LEU A 101 5.91 4.82 4.13
N GLY A 102 6.89 5.12 3.28
CA GLY A 102 8.12 4.35 3.28
C GLY A 102 8.83 4.39 4.61
N GLU A 103 8.44 5.34 5.47
CA GLU A 103 9.05 5.49 6.78
C GLU A 103 8.30 4.64 7.81
N VAL A 104 7.16 4.09 7.42
CA VAL A 104 6.37 3.26 8.31
C VAL A 104 6.12 1.88 7.71
N ILE A 105 6.28 1.77 6.40
CA ILE A 105 6.08 0.51 5.71
C ILE A 105 6.77 -0.64 6.44
N GLN A 106 7.88 -0.32 7.10
CA GLN A 106 8.65 -1.31 7.84
C GLN A 106 7.73 -2.15 8.72
N GLU A 107 7.27 -1.56 9.82
CA GLU A 107 6.39 -2.25 10.75
C GLU A 107 5.20 -2.88 10.01
N LEU A 108 4.67 -2.15 9.04
CA LEU A 108 3.54 -2.62 8.26
C LEU A 108 3.84 -3.96 7.61
N LEU A 109 4.71 -3.95 6.61
CA LEU A 109 5.09 -5.17 5.90
C LEU A 109 5.56 -6.23 6.88
N SER A 110 6.66 -5.96 7.58
CA SER A 110 7.22 -6.90 8.55
C SER A 110 6.09 -7.64 9.28
N ASP A 111 5.31 -6.89 10.05
CA ASP A 111 4.20 -7.48 10.80
C ASP A 111 3.35 -8.36 9.91
N ALA A 112 2.96 -7.84 8.75
CA ALA A 112 2.14 -8.59 7.80
C ALA A 112 2.79 -9.91 7.45
N ILE A 113 4.02 -9.86 6.93
CA ILE A 113 4.75 -11.06 6.54
C ILE A 113 4.86 -12.03 7.71
N ALA A 114 5.20 -11.51 8.89
CA ALA A 114 5.32 -12.33 10.08
C ALA A 114 4.04 -13.10 10.36
N LYS A 115 2.98 -12.38 10.69
CA LYS A 115 1.69 -13.00 10.98
C LYS A 115 1.24 -13.87 9.82
N SER A 116 1.14 -13.27 8.64
CA SER A 116 0.71 -13.99 7.44
C SER A 116 1.29 -15.40 7.42
N ASN A 117 0.49 -16.35 6.94
CA ASN A 117 0.93 -17.74 6.87
C ASN A 117 1.56 -18.04 5.50
N GLN A 118 1.89 -19.31 5.27
CA GLN A 118 2.49 -19.73 4.02
C GLN A 118 1.79 -19.07 2.83
N ASP A 119 0.46 -19.19 2.79
CA ASP A 119 -0.32 -18.60 1.71
C ASP A 119 -0.19 -17.08 1.70
N HIS A 120 -0.74 -16.44 2.72
CA HIS A 120 -0.69 -14.99 2.83
C HIS A 120 0.73 -14.48 2.60
N LYS A 121 1.66 -14.94 3.43
CA LYS A 121 3.05 -14.53 3.32
C LYS A 121 3.53 -14.61 1.86
N GLU A 122 3.06 -15.62 1.15
CA GLU A 122 3.43 -15.80 -0.25
C GLU A 122 3.00 -14.60 -1.09
N LYS A 123 1.75 -14.17 -0.90
CA LYS A 123 1.22 -13.04 -1.64
C LYS A 123 2.07 -11.80 -1.42
N ILE A 124 2.37 -11.50 -0.16
CA ILE A 124 3.18 -10.33 0.18
C ILE A 124 4.52 -10.38 -0.53
N ARG A 125 5.21 -11.52 -0.42
CA ARG A 125 6.51 -11.69 -1.06
C ARG A 125 6.46 -11.29 -2.53
N MET A 126 5.49 -11.85 -3.25
CA MET A 126 5.32 -11.55 -4.67
C MET A 126 5.19 -10.05 -4.90
N LEU A 127 4.29 -9.42 -4.16
CA LEU A 127 4.06 -7.98 -4.28
C LEU A 127 5.36 -7.21 -4.12
N LEU A 128 6.16 -7.60 -3.14
CA LEU A 128 7.45 -6.95 -2.88
C LEU A 128 8.33 -6.98 -4.13
N ASP A 129 8.45 -8.15 -4.74
CA ASP A 129 9.26 -8.31 -5.93
C ASP A 129 8.83 -7.32 -7.01
N ILE A 130 7.54 -7.28 -7.30
CA ILE A 130 7.00 -6.38 -8.31
C ILE A 130 7.34 -4.93 -7.99
N TRP A 131 7.25 -4.57 -6.72
CA TRP A 131 7.55 -3.22 -6.28
C TRP A 131 8.96 -2.80 -6.72
N ASP A 132 9.96 -3.55 -6.27
CA ASP A 132 11.34 -3.27 -6.61
C ASP A 132 11.52 -3.21 -8.14
N ARG A 133 11.05 -4.25 -8.82
CA ARG A 133 11.17 -4.32 -10.27
C ARG A 133 10.53 -3.09 -10.93
N SER A 134 9.21 -2.99 -10.84
CA SER A 134 8.49 -1.88 -11.43
C SER A 134 9.02 -0.55 -10.90
N GLY A 135 8.70 -0.24 -9.65
CA GLY A 135 9.15 1.00 -9.05
C GLY A 135 8.10 1.63 -8.15
N LEU A 136 8.34 1.60 -6.85
CA LEU A 136 7.40 2.17 -5.89
C LEU A 136 8.09 3.23 -5.02
N PHE A 137 8.93 2.78 -4.09
CA PHE A 137 9.65 3.68 -3.21
C PHE A 137 11.10 3.84 -3.65
N GLN A 138 11.80 2.72 -3.80
CA GLN A 138 13.19 2.72 -4.22
C GLN A 138 13.56 1.42 -4.91
N LYS A 139 14.72 1.41 -5.56
CA LYS A 139 15.19 0.23 -6.27
C LYS A 139 15.63 -0.85 -5.28
N SER A 140 14.66 -1.53 -4.67
CA SER A 140 14.94 -2.58 -3.71
C SER A 140 15.93 -2.09 -2.65
N TYR A 141 15.65 -0.93 -2.07
CA TYR A 141 16.52 -0.35 -1.06
C TYR A 141 15.78 -0.23 0.27
N LEU A 142 14.55 -0.72 0.32
CA LEU A 142 13.74 -0.66 1.52
C LEU A 142 14.34 -1.50 2.63
N ASN A 143 15.23 -0.89 3.43
CA ASN A 143 15.88 -1.60 4.52
C ASN A 143 14.90 -2.52 5.23
N ALA A 144 13.67 -2.06 5.40
CA ALA A 144 12.64 -2.86 6.06
C ALA A 144 12.69 -4.32 5.61
N ILE A 145 11.94 -4.63 4.56
CA ILE A 145 11.90 -5.99 4.02
C ILE A 145 13.27 -6.40 3.48
N ARG A 146 14.05 -5.41 3.05
CA ARG A 146 15.38 -5.67 2.50
C ARG A 146 16.09 -6.77 3.29
N SER A 147 16.15 -6.60 4.61
CA SER A 147 16.80 -7.57 5.48
C SER A 147 16.16 -8.95 5.34
N LYS A 148 16.79 -9.81 4.53
CA LYS A 148 16.28 -11.16 4.31
C LYS A 148 15.91 -11.82 5.62
N CYS A 149 16.58 -11.42 6.70
CA CYS A 149 16.32 -11.98 8.02
C CYS A 149 14.82 -12.01 8.31
N PHE A 150 14.10 -11.05 7.74
CA PHE A 150 12.65 -10.97 7.94
C PHE A 150 11.96 -12.28 7.55
N ALA A 151 11.68 -12.43 6.25
CA ALA A 151 11.03 -13.63 5.75
C ALA A 151 11.70 -14.88 6.30
N MET A 152 13.02 -14.91 6.26
CA MET A 152 13.79 -16.04 6.76
C MET A 152 13.40 -16.38 8.20
N ASP A 153 13.32 -15.36 9.04
CA ASP A 153 12.96 -15.54 10.44
C ASP A 153 11.51 -16.00 10.57
N LEU A 154 10.58 -15.12 10.22
CA LEU A 154 9.16 -15.44 10.29
C LEU A 154 8.86 -16.76 9.62
N GLU A 155 9.63 -17.08 8.59
CA GLU A 155 9.45 -18.32 7.85
C GLU A 155 9.32 -19.52 8.80
N HIS A 156 8.10 -19.96 9.01
CA HIS A 156 7.83 -21.09 9.89
C HIS A 156 8.34 -22.39 9.29
N HIS A 157 8.01 -23.51 9.92
CA HIS A 157 8.44 -24.83 9.45
C HIS A 157 8.01 -25.03 8.00
N HIS A 158 8.98 -24.96 7.09
CA HIS A 158 8.71 -25.14 5.67
C HIS A 158 10.00 -25.22 4.87
N HIS A 159 9.88 -25.37 3.56
CA HIS A 159 11.05 -25.46 2.69
C HIS A 159 10.80 -24.75 1.37
N HIS A 160 11.87 -24.46 0.63
CA HIS A 160 11.76 -23.77 -0.65
C HIS A 160 13.12 -23.73 -1.36
N HIS A 161 13.10 -23.36 -2.63
CA HIS A 161 14.33 -23.28 -3.42
C HIS A 161 14.45 -21.92 -4.10
N ASP B 1 -18.56 -8.59 -3.74
CA ASP B 1 -18.24 -9.66 -4.67
C ASP B 1 -19.14 -9.61 -5.90
N ASP B 2 -19.06 -8.49 -6.64
CA ASP B 2 -19.86 -8.31 -7.84
C ASP B 2 -19.27 -7.22 -8.73
N ASP B 3 -17.96 -7.02 -8.61
CA ASP B 3 -17.27 -6.01 -9.41
C ASP B 3 -16.02 -6.59 -10.05
N GLU B 4 -15.18 -7.23 -9.25
CA GLU B 4 -13.95 -7.83 -9.74
C GLU B 4 -13.23 -8.59 -8.63
N ASP B 5 -12.75 -7.87 -7.63
CA ASP B 5 -12.06 -8.49 -6.50
C ASP B 5 -10.90 -9.37 -7.00
N GLY B 6 -9.89 -8.73 -7.58
CA GLY B 6 -8.76 -9.47 -8.09
C GLY B 6 -7.72 -8.56 -8.75
N TYR B 7 -7.49 -7.40 -8.15
CA TYR B 7 -6.53 -6.45 -8.68
C TYR B 7 -5.10 -6.91 -8.43
N ASN B 8 -4.29 -6.88 -9.49
CA ASN B 8 -2.88 -7.30 -9.38
C ASN B 8 -1.95 -6.09 -9.47
N PRO B 9 -0.93 -6.09 -8.59
CA PRO B 9 0.06 -5.01 -8.55
C PRO B 9 0.97 -5.00 -9.77
N TYR B 10 1.02 -6.12 -10.48
CA TYR B 10 1.85 -6.24 -11.66
C TYR B 10 1.22 -5.52 -12.85
N THR B 11 -0.09 -5.27 -12.76
CA THR B 11 -0.81 -4.60 -13.82
C THR B 11 -1.86 -3.65 -13.25
N LEU B 12 -1.73 -2.36 -13.57
CA LEU B 12 -2.68 -1.36 -13.09
C LEU B 12 -3.93 -1.34 -13.95
N MET A 1 -15.98 24.78 -4.40
CA MET A 1 -15.63 24.02 -3.21
C MET A 1 -16.88 23.62 -2.43
N GLN A 2 -17.00 22.33 -2.14
CA GLN A 2 -18.15 21.81 -1.40
C GLN A 2 -17.74 20.67 -0.49
N GLN A 3 -18.71 20.11 0.23
CA GLN A 3 -18.46 19.01 1.15
C GLN A 3 -19.29 17.79 0.78
N ASP A 4 -19.12 17.30 -0.45
CA ASP A 4 -19.86 16.15 -0.93
C ASP A 4 -18.97 14.91 -0.97
N ASP A 5 -17.67 15.13 -1.13
CA ASP A 5 -16.71 14.04 -1.19
C ASP A 5 -15.44 14.39 -0.43
N ASP A 6 -15.58 14.64 0.87
CA ASP A 6 -14.44 15.00 1.71
C ASP A 6 -13.79 13.74 2.29
N PHE A 7 -12.98 13.92 3.32
CA PHE A 7 -12.28 12.81 3.97
C PHE A 7 -13.26 11.69 4.30
N GLN A 8 -14.53 12.04 4.46
CA GLN A 8 -15.57 11.06 4.78
C GLN A 8 -15.48 9.87 3.85
N ASN A 9 -15.59 10.12 2.54
CA ASN A 9 -15.53 9.05 1.55
C ASN A 9 -14.27 8.21 1.74
N PHE A 10 -13.12 8.87 1.81
CA PHE A 10 -11.84 8.19 1.98
C PHE A 10 -11.86 7.31 3.23
N VAL A 11 -11.87 7.96 4.39
CA VAL A 11 -11.89 7.24 5.66
C VAL A 11 -12.95 6.14 5.66
N ALA A 12 -14.14 6.48 5.17
CA ALA A 12 -15.24 5.52 5.11
C ALA A 12 -14.82 4.25 4.39
N THR A 13 -14.22 4.41 3.21
CA THR A 13 -13.78 3.27 2.42
C THR A 13 -12.81 2.40 3.20
N LEU A 14 -11.76 3.03 3.73
CA LEU A 14 -10.75 2.32 4.51
C LEU A 14 -11.39 1.58 5.68
N GLU A 15 -12.15 2.31 6.49
CA GLU A 15 -12.82 1.72 7.65
C GLU A 15 -13.56 0.45 7.26
N SER A 16 -14.51 0.59 6.32
CA SER A 16 -15.31 -0.54 5.86
C SER A 16 -14.40 -1.66 5.34
N PHE A 17 -13.25 -1.28 4.79
CA PHE A 17 -12.30 -2.24 4.26
C PHE A 17 -11.90 -3.26 5.31
N LYS A 18 -11.25 -2.78 6.37
CA LYS A 18 -10.81 -3.65 7.46
C LYS A 18 -11.99 -4.42 8.06
N ASP A 19 -13.13 -3.75 8.14
CA ASP A 19 -14.33 -4.37 8.69
C ASP A 19 -14.66 -5.66 7.95
N LEU A 20 -14.29 -5.72 6.67
CA LEU A 20 -14.55 -6.89 5.85
C LEU A 20 -14.06 -8.16 6.54
N LYS A 21 -14.56 -9.31 6.08
CA LYS A 21 -14.18 -10.59 6.65
C LYS A 21 -12.72 -10.89 6.35
N SER A 22 -12.19 -10.30 5.28
CA SER A 22 -10.81 -10.51 4.89
C SER A 22 -10.04 -9.19 4.87
N GLY A 23 -10.60 -8.19 4.19
CA GLY A 23 -9.96 -6.89 4.12
C GLY A 23 -9.42 -6.60 2.73
N ILE A 24 -10.09 -7.12 1.71
CA ILE A 24 -9.67 -6.92 0.33
C ILE A 24 -10.88 -6.67 -0.57
N SER A 25 -10.73 -5.71 -1.48
CA SER A 25 -11.81 -5.36 -2.41
C SER A 25 -11.39 -4.22 -3.33
N GLY A 26 -11.39 -4.49 -4.64
CA GLY A 26 -11.01 -3.48 -5.60
C GLY A 26 -11.82 -2.21 -5.46
N SER A 27 -13.14 -2.35 -5.36
CA SER A 27 -14.02 -1.20 -5.23
C SER A 27 -13.48 -0.21 -4.20
N ARG A 28 -13.31 -0.68 -2.97
CA ARG A 28 -12.80 0.17 -1.90
C ARG A 28 -11.50 0.85 -2.31
N ILE A 29 -10.50 0.05 -2.66
CA ILE A 29 -9.21 0.59 -3.08
C ILE A 29 -9.38 1.67 -4.14
N LYS A 30 -10.23 1.40 -5.12
CA LYS A 30 -10.49 2.35 -6.19
C LYS A 30 -10.87 3.71 -5.63
N LYS A 31 -11.93 3.73 -4.82
CA LYS A 31 -12.41 4.98 -4.22
C LYS A 31 -11.28 5.71 -3.53
N LEU A 32 -10.49 4.99 -2.74
CA LEU A 32 -9.37 5.57 -2.01
C LEU A 32 -8.37 6.21 -2.99
N THR A 33 -7.95 5.43 -3.99
CA THR A 33 -7.00 5.92 -4.97
C THR A 33 -7.52 7.17 -5.67
N THR A 34 -8.56 7.01 -6.48
CA THR A 34 -9.16 8.12 -7.20
C THR A 34 -9.33 9.33 -6.29
N TYR A 35 -9.84 9.10 -5.09
CA TYR A 35 -10.06 10.17 -4.13
C TYR A 35 -8.76 10.90 -3.83
N ALA A 36 -7.76 10.17 -3.34
CA ALA A 36 -6.47 10.76 -3.02
C ALA A 36 -5.98 11.65 -4.15
N LEU A 37 -5.86 11.08 -5.34
CA LEU A 37 -5.39 11.82 -6.50
C LEU A 37 -6.28 13.05 -6.76
N ASP A 38 -7.58 12.82 -6.76
CA ASP A 38 -8.54 13.90 -6.99
C ASP A 38 -8.32 15.04 -5.99
N HIS A 39 -7.76 14.71 -4.83
CA HIS A 39 -7.50 15.69 -3.80
C HIS A 39 -6.05 15.61 -3.30
N ILE A 40 -5.15 16.24 -4.03
CA ILE A 40 -3.74 16.24 -3.67
C ILE A 40 -3.46 17.20 -2.52
N ASP A 41 -4.50 17.90 -2.08
CA ASP A 41 -4.37 18.85 -0.98
C ASP A 41 -4.61 18.17 0.37
N ILE A 42 -4.52 16.86 0.38
CA ILE A 42 -4.72 16.09 1.61
C ILE A 42 -3.85 14.83 1.62
N GLU A 43 -2.69 14.91 0.97
CA GLU A 43 -1.78 13.78 0.90
C GLU A 43 -1.36 13.34 2.31
N SER A 44 -1.21 14.30 3.21
CA SER A 44 -0.82 14.01 4.58
C SER A 44 -1.81 13.06 5.24
N LYS A 45 -2.99 13.59 5.58
CA LYS A 45 -4.02 12.78 6.22
C LYS A 45 -4.21 11.46 5.49
N ILE A 46 -4.29 11.52 4.17
CA ILE A 46 -4.47 10.33 3.35
C ILE A 46 -3.36 9.32 3.62
N ILE A 47 -2.15 9.65 3.18
CA ILE A 47 -1.00 8.76 3.37
C ILE A 47 -0.94 8.25 4.80
N SER A 48 -1.05 9.17 5.76
CA SER A 48 -1.00 8.81 7.16
C SER A 48 -2.08 7.79 7.51
N LEU A 49 -3.28 8.01 6.97
CA LEU A 49 -4.41 7.11 7.21
C LEU A 49 -4.06 5.68 6.79
N ILE A 50 -3.88 5.48 5.49
CA ILE A 50 -3.55 4.16 4.97
C ILE A 50 -2.43 3.51 5.78
N ILE A 51 -1.39 4.28 6.06
CA ILE A 51 -0.26 3.78 6.83
C ILE A 51 -0.70 3.24 8.18
N ASP A 52 -1.35 4.09 8.98
CA ASP A 52 -1.84 3.69 10.29
C ASP A 52 -2.78 2.48 10.18
N TYR A 53 -3.75 2.57 9.28
CA TYR A 53 -4.71 1.50 9.08
C TYR A 53 -4.00 0.16 8.87
N SER A 54 -2.87 0.21 8.18
CA SER A 54 -2.09 -1.00 7.91
C SER A 54 -1.58 -1.62 9.20
N ARG A 55 -0.59 -0.97 9.80
CA ARG A 55 -0.01 -1.45 11.05
C ARG A 55 -1.09 -1.88 12.03
N LEU A 56 -2.23 -1.19 11.97
CA LEU A 56 -3.36 -1.50 12.85
C LEU A 56 -3.84 -2.93 12.63
N CYS A 57 -4.70 -3.11 11.64
CA CYS A 57 -5.25 -4.43 11.32
C CYS A 57 -4.13 -5.45 11.19
N PRO A 58 -4.39 -6.67 11.69
CA PRO A 58 -3.42 -7.77 11.63
C PRO A 58 -3.21 -8.29 10.21
N ASP A 59 -3.84 -9.40 9.89
CA ASP A 59 -3.73 -10.00 8.57
C ASP A 59 -4.41 -9.12 7.51
N SER A 60 -5.67 -8.80 7.76
CA SER A 60 -6.44 -7.97 6.83
C SER A 60 -5.57 -6.87 6.23
N HIS A 61 -4.86 -6.14 7.10
CA HIS A 61 -3.99 -5.06 6.66
C HIS A 61 -2.94 -5.58 5.68
N LYS A 62 -2.23 -6.63 6.07
CA LYS A 62 -1.20 -7.22 5.23
C LYS A 62 -1.61 -7.19 3.76
N LEU A 63 -2.51 -8.08 3.38
CA LEU A 63 -3.00 -8.15 2.00
C LEU A 63 -3.69 -6.84 1.60
N GLY A 64 -4.73 -6.48 2.34
CA GLY A 64 -5.45 -5.26 2.06
C GLY A 64 -4.54 -4.07 1.86
N SER A 65 -4.03 -3.54 2.98
CA SER A 65 -3.13 -2.38 2.92
C SER A 65 -2.23 -2.45 1.70
N LEU A 66 -1.46 -3.52 1.59
CA LEU A 66 -0.55 -3.71 0.46
C LEU A 66 -1.21 -3.28 -0.83
N TYR A 67 -2.36 -3.86 -1.13
CA TYR A 67 -3.09 -3.53 -2.35
C TYR A 67 -3.38 -2.04 -2.44
N ILE A 68 -3.85 -1.46 -1.33
CA ILE A 68 -4.15 -0.05 -1.29
C ILE A 68 -2.95 0.80 -1.68
N ILE A 69 -1.84 0.59 -0.98
CA ILE A 69 -0.61 1.33 -1.25
C ILE A 69 -0.19 1.16 -2.71
N ASP A 70 -0.40 -0.04 -3.25
CA ASP A 70 -0.04 -0.33 -4.63
C ASP A 70 -0.75 0.61 -5.59
N SER A 71 -2.08 0.64 -5.51
CA SER A 71 -2.88 1.50 -6.39
C SER A 71 -2.42 2.95 -6.27
N ILE A 72 -2.59 3.53 -5.09
CA ILE A 72 -2.20 4.91 -4.85
C ILE A 72 -0.73 5.13 -5.20
N GLY A 73 0.09 4.11 -4.97
CA GLY A 73 1.51 4.22 -5.28
C GLY A 73 1.77 4.56 -6.73
N ARG A 74 1.47 3.62 -7.62
CA ARG A 74 1.68 3.83 -9.05
C ARG A 74 0.96 5.08 -9.53
N ALA A 75 -0.24 5.30 -8.99
CA ALA A 75 -1.04 6.46 -9.36
C ALA A 75 -0.31 7.76 -9.04
N TYR A 76 0.00 7.97 -7.77
CA TYR A 76 0.69 9.17 -7.33
C TYR A 76 1.98 9.37 -8.11
N LEU A 77 2.76 8.29 -8.24
CA LEU A 77 4.02 8.35 -8.97
C LEU A 77 3.82 8.94 -10.36
N ASP A 78 2.89 8.36 -11.12
CA ASP A 78 2.60 8.82 -12.47
C ASP A 78 2.24 10.30 -12.46
N GLU A 79 1.42 10.71 -11.50
CA GLU A 79 0.99 12.10 -11.38
C GLU A 79 2.20 13.03 -11.29
N THR A 80 2.88 12.99 -10.15
CA THR A 80 4.04 13.84 -9.93
C THR A 80 5.07 13.66 -11.06
N ARG A 81 5.25 12.42 -11.50
CA ARG A 81 6.19 12.12 -12.57
C ARG A 81 5.88 12.95 -13.82
N SER A 82 4.60 13.16 -14.09
CA SER A 82 4.17 13.93 -15.25
C SER A 82 4.91 15.27 -15.31
N ASN A 83 5.22 15.82 -14.14
CA ASN A 83 5.91 17.09 -14.05
C ASN A 83 7.25 16.93 -13.32
N SER A 84 7.18 16.84 -11.99
CA SER A 84 8.37 16.68 -11.18
C SER A 84 8.01 16.27 -9.75
N ASN A 85 9.01 15.80 -9.02
CA ASN A 85 8.80 15.36 -7.64
C ASN A 85 9.19 16.46 -6.65
N SER A 86 9.25 16.11 -5.37
CA SER A 86 9.61 17.06 -4.34
C SER A 86 10.57 16.44 -3.33
N SER A 87 10.81 17.13 -2.23
CA SER A 87 11.70 16.64 -1.18
C SER A 87 11.17 15.35 -0.57
N SER A 88 11.80 14.92 0.52
CA SER A 88 11.40 13.70 1.21
C SER A 88 11.59 13.84 2.71
N ASN A 89 10.53 14.23 3.41
CA ASN A 89 10.57 14.39 4.86
C ASN A 89 9.18 14.60 5.42
N LYS A 90 8.54 15.69 5.01
CA LYS A 90 7.19 16.02 5.48
C LYS A 90 6.20 16.00 4.33
N PRO A 91 4.91 15.86 4.66
CA PRO A 91 3.83 15.82 3.67
C PRO A 91 3.61 17.18 3.01
N GLY A 92 2.90 17.18 1.88
CA GLY A 92 2.63 18.42 1.17
C GLY A 92 1.89 18.19 -0.14
N THR A 93 2.23 17.11 -0.83
CA THR A 93 1.59 16.78 -2.10
C THR A 93 1.97 15.38 -2.56
N CYS A 94 1.53 15.01 -3.75
CA CYS A 94 1.81 13.70 -4.30
C CYS A 94 3.26 13.29 -4.04
N ALA A 95 4.19 14.18 -4.36
CA ALA A 95 5.61 13.92 -4.16
C ALA A 95 5.87 13.46 -2.73
N HIS A 96 5.63 14.35 -1.77
CA HIS A 96 5.85 14.04 -0.36
C HIS A 96 5.16 12.73 0.01
N ALA A 97 3.94 12.55 -0.49
CA ALA A 97 3.17 11.35 -0.20
C ALA A 97 3.96 10.09 -0.57
N ILE A 98 4.37 9.99 -1.83
CA ILE A 98 5.14 8.85 -2.30
C ILE A 98 6.35 8.59 -1.40
N ASN A 99 7.12 9.64 -1.14
CA ASN A 99 8.30 9.51 -0.29
C ASN A 99 7.95 8.92 1.06
N THR A 100 6.99 9.55 1.75
CA THR A 100 6.56 9.08 3.06
C THR A 100 6.25 7.59 3.04
N LEU A 101 5.33 7.20 2.16
CA LEU A 101 4.94 5.80 2.04
C LEU A 101 6.16 4.90 1.92
N GLY A 102 6.96 5.13 0.88
CA GLY A 102 8.16 4.34 0.67
C GLY A 102 9.12 4.41 1.85
N GLU A 103 8.89 5.37 2.74
CA GLU A 103 9.74 5.54 3.91
C GLU A 103 9.23 4.68 5.08
N VAL A 104 8.02 4.14 4.93
CA VAL A 104 7.43 3.31 5.95
C VAL A 104 7.07 1.93 5.41
N ILE A 105 6.94 1.84 4.09
CA ILE A 105 6.60 0.57 3.43
C ILE A 105 7.47 -0.56 3.97
N GLN A 106 8.70 -0.23 4.35
CA GLN A 106 9.63 -1.23 4.88
C GLN A 106 8.96 -2.08 5.96
N GLU A 107 8.68 -1.47 7.10
CA GLU A 107 8.04 -2.16 8.22
C GLU A 107 6.72 -2.79 7.77
N LEU A 108 5.97 -2.07 6.95
CA LEU A 108 4.69 -2.55 6.46
C LEU A 108 4.85 -3.90 5.78
N LEU A 109 5.53 -3.92 4.64
CA LEU A 109 5.76 -5.15 3.89
C LEU A 109 6.36 -6.22 4.78
N SER A 110 7.57 -5.96 5.27
CA SER A 110 8.26 -6.92 6.13
C SER A 110 7.29 -7.61 7.07
N ASP A 111 6.72 -6.84 8.00
CA ASP A 111 5.77 -7.37 8.96
C ASP A 111 4.71 -8.22 8.26
N ALA A 112 4.16 -7.69 7.17
CA ALA A 112 3.14 -8.39 6.41
C ALA A 112 3.63 -9.77 5.97
N ILE A 113 4.72 -9.79 5.22
CA ILE A 113 5.28 -11.04 4.73
C ILE A 113 5.51 -12.02 5.88
N ALA A 114 6.18 -11.54 6.93
CA ALA A 114 6.47 -12.37 8.09
C ALA A 114 5.19 -12.98 8.66
N LYS A 115 4.34 -12.13 9.25
CA LYS A 115 3.09 -12.59 9.83
C LYS A 115 2.30 -13.43 8.84
N SER A 116 2.46 -13.14 7.55
CA SER A 116 1.77 -13.87 6.49
C SER A 116 2.30 -15.29 6.38
N ASN A 117 1.44 -16.21 5.96
CA ASN A 117 1.82 -17.61 5.80
C ASN A 117 2.16 -17.92 4.35
N GLN A 118 2.37 -19.19 4.06
CA GLN A 118 2.71 -19.63 2.70
C GLN A 118 1.80 -18.95 1.68
N ASP A 119 0.49 -19.03 1.90
CA ASP A 119 -0.48 -18.43 1.00
C ASP A 119 -0.32 -16.92 0.97
N HIS A 120 -0.59 -16.27 2.09
CA HIS A 120 -0.48 -14.82 2.19
C HIS A 120 0.86 -14.34 1.64
N LYS A 121 1.95 -14.81 2.23
CA LYS A 121 3.29 -14.44 1.80
C LYS A 121 3.41 -14.51 0.28
N GLU A 122 2.78 -15.53 -0.31
CA GLU A 122 2.81 -15.71 -1.76
C GLU A 122 2.20 -14.50 -2.47
N LYS A 123 1.04 -14.07 -1.99
CA LYS A 123 0.34 -12.94 -2.57
C LYS A 123 1.23 -11.69 -2.57
N ILE A 124 1.80 -11.38 -1.41
CA ILE A 124 2.67 -10.22 -1.28
C ILE A 124 3.83 -10.29 -2.26
N ARG A 125 4.50 -11.44 -2.29
CA ARG A 125 5.63 -11.63 -3.19
C ARG A 125 5.27 -11.27 -4.62
N MET A 126 4.17 -11.83 -5.10
CA MET A 126 3.71 -11.56 -6.46
C MET A 126 3.53 -10.07 -6.69
N LEU A 127 2.75 -9.42 -5.83
CA LEU A 127 2.50 -7.99 -5.93
C LEU A 127 3.81 -7.22 -6.08
N LEU A 128 4.78 -7.57 -5.24
CA LEU A 128 6.10 -6.91 -5.28
C LEU A 128 6.72 -7.02 -6.66
N ASP A 129 6.73 -8.23 -7.21
CA ASP A 129 7.31 -8.47 -8.52
C ASP A 129 6.73 -7.51 -9.55
N ILE A 130 5.40 -7.43 -9.60
CA ILE A 130 4.71 -6.54 -10.53
C ILE A 130 5.13 -5.09 -10.32
N TRP A 131 5.29 -4.70 -9.05
CA TRP A 131 5.69 -3.34 -8.72
C TRP A 131 6.94 -2.93 -9.48
N ASP A 132 8.04 -3.64 -9.21
CA ASP A 132 9.31 -3.36 -9.86
C ASP A 132 9.16 -3.42 -11.38
N ARG A 133 8.55 -4.49 -11.88
CA ARG A 133 8.34 -4.67 -13.31
C ARG A 133 7.61 -3.47 -13.90
N SER A 134 6.32 -3.37 -13.59
CA SER A 134 5.50 -2.28 -14.10
C SER A 134 6.09 -0.93 -13.72
N GLY A 135 5.95 -0.56 -12.46
CA GLY A 135 6.47 0.71 -11.98
C GLY A 135 5.94 1.10 -10.61
N LEU A 136 6.82 1.63 -9.78
CA LEU A 136 6.44 2.04 -8.43
C LEU A 136 7.60 2.72 -7.71
N PHE A 137 7.44 2.91 -6.41
CA PHE A 137 8.48 3.55 -5.61
C PHE A 137 9.83 2.88 -5.82
N GLN A 138 9.80 1.58 -6.11
CA GLN A 138 11.01 0.82 -6.33
C GLN A 138 11.67 1.23 -7.66
N LYS A 139 12.48 2.28 -7.60
CA LYS A 139 13.16 2.77 -8.79
C LYS A 139 14.09 1.70 -9.38
N SER A 140 14.42 0.71 -8.55
CA SER A 140 15.30 -0.37 -8.98
C SER A 140 15.20 -1.56 -8.03
N TYR A 141 15.16 -1.27 -6.74
CA TYR A 141 15.06 -2.32 -5.73
C TYR A 141 14.88 -1.72 -4.34
N LEU A 142 13.69 -1.91 -3.76
CA LEU A 142 13.40 -1.39 -2.43
C LEU A 142 14.20 -2.12 -1.37
N ASN A 143 15.20 -1.44 -0.82
CA ASN A 143 16.05 -2.03 0.21
C ASN A 143 15.22 -2.84 1.20
N ALA A 144 14.05 -2.32 1.55
CA ALA A 144 13.15 -3.00 2.48
C ALA A 144 13.14 -4.51 2.23
N ILE A 145 12.24 -4.95 1.36
CA ILE A 145 12.12 -6.37 1.05
C ILE A 145 13.37 -6.87 0.34
N ARG A 146 14.04 -5.97 -0.38
CA ARG A 146 15.26 -6.32 -1.10
C ARG A 146 16.08 -7.35 -0.32
N SER A 147 16.37 -7.04 0.93
CA SER A 147 17.16 -7.93 1.78
C SER A 147 16.57 -9.34 1.77
N LYS A 148 17.20 -10.23 1.01
CA LYS A 148 16.76 -11.61 0.91
C LYS A 148 16.47 -12.19 2.29
N CYS A 149 17.20 -11.71 3.30
CA CYS A 149 17.03 -12.18 4.66
C CYS A 149 15.55 -12.14 5.07
N PHE A 150 14.81 -11.18 4.52
CA PHE A 150 13.40 -11.02 4.82
C PHE A 150 12.64 -12.33 4.55
N ALA A 151 12.20 -12.48 3.30
CA ALA A 151 11.46 -13.68 2.92
C ALA A 151 12.17 -14.95 3.38
N MET A 152 13.50 -14.98 3.21
CA MET A 152 14.29 -16.13 3.61
C MET A 152 14.03 -16.48 5.07
N ASP A 153 14.13 -15.48 5.94
CA ASP A 153 13.91 -15.68 7.37
C ASP A 153 12.47 -16.11 7.65
N LEU A 154 11.53 -15.20 7.40
CA LEU A 154 10.12 -15.49 7.62
C LEU A 154 9.72 -16.81 6.97
N GLU A 155 10.36 -17.13 5.85
CA GLU A 155 10.08 -18.37 5.14
C GLU A 155 10.07 -19.55 6.09
N HIS A 156 8.86 -20.00 6.45
CA HIS A 156 8.71 -21.13 7.35
C HIS A 156 9.27 -22.41 6.73
N HIS A 157 9.17 -22.51 5.41
CA HIS A 157 9.66 -23.68 4.70
C HIS A 157 11.11 -23.97 5.08
N HIS A 158 11.43 -25.26 5.21
CA HIS A 158 12.78 -25.67 5.57
C HIS A 158 13.70 -25.65 4.35
N HIS A 159 15.00 -25.49 4.60
CA HIS A 159 15.98 -25.46 3.52
C HIS A 159 16.86 -26.71 3.54
N HIS A 160 17.71 -26.84 2.53
CA HIS A 160 18.59 -28.00 2.42
C HIS A 160 19.38 -28.19 3.71
N HIS A 161 20.07 -29.33 3.82
CA HIS A 161 20.86 -29.63 5.00
C HIS A 161 21.85 -28.51 5.31
N ASP B 1 -18.59 -14.07 -3.95
CA ASP B 1 -18.78 -12.63 -3.81
C ASP B 1 -18.36 -11.91 -5.09
N ASP B 2 -19.13 -10.88 -5.47
CA ASP B 2 -18.83 -10.12 -6.68
C ASP B 2 -18.16 -8.80 -6.32
N ASP B 3 -17.43 -8.79 -5.21
CA ASP B 3 -16.74 -7.59 -4.75
C ASP B 3 -15.26 -7.65 -5.11
N GLU B 4 -14.96 -8.34 -6.21
CA GLU B 4 -13.57 -8.47 -6.66
C GLU B 4 -12.77 -9.35 -5.72
N ASP B 5 -12.41 -8.81 -4.57
CA ASP B 5 -11.65 -9.55 -3.57
C ASP B 5 -10.37 -10.11 -4.18
N GLY B 6 -9.38 -9.25 -4.38
CA GLY B 6 -8.12 -9.69 -4.97
C GLY B 6 -7.96 -9.23 -6.41
N TYR B 7 -7.31 -8.09 -6.60
CA TYR B 7 -7.10 -7.56 -7.94
C TYR B 7 -5.61 -7.42 -8.24
N ASN B 8 -5.24 -7.59 -9.50
CA ASN B 8 -3.86 -7.48 -9.92
C ASN B 8 -3.46 -6.03 -10.13
N PRO B 9 -2.25 -5.67 -9.65
CA PRO B 9 -1.73 -4.31 -9.79
C PRO B 9 -1.37 -3.95 -11.22
N TYR B 10 -1.11 -4.97 -12.02
CA TYR B 10 -0.75 -4.77 -13.42
C TYR B 10 -1.85 -4.00 -14.16
N THR B 11 -3.04 -3.99 -13.58
CA THR B 11 -4.18 -3.29 -14.19
C THR B 11 -3.75 -1.94 -14.73
N LEU B 12 -3.02 -1.18 -13.93
CA LEU B 12 -2.55 0.14 -14.33
C LEU B 12 -1.03 0.17 -14.44
N MET A 1 -16.93 22.00 2.75
CA MET A 1 -16.57 21.24 3.95
C MET A 1 -17.63 20.21 4.29
N GLN A 2 -17.56 19.05 3.64
CA GLN A 2 -18.51 17.98 3.87
C GLN A 2 -17.80 16.63 3.99
N GLN A 3 -18.08 15.92 5.08
CA GLN A 3 -17.46 14.63 5.33
C GLN A 3 -18.45 13.50 5.01
N ASP A 4 -19.20 13.65 3.93
CA ASP A 4 -20.17 12.65 3.52
C ASP A 4 -19.77 12.02 2.18
N ASP A 5 -19.00 12.76 1.39
CA ASP A 5 -18.55 12.28 0.09
C ASP A 5 -17.03 12.23 0.03
N ASP A 6 -16.38 13.02 0.88
CA ASP A 6 -14.92 13.09 0.92
C ASP A 6 -14.36 11.94 1.75
N PHE A 7 -14.04 12.24 3.01
CA PHE A 7 -13.48 11.23 3.91
C PHE A 7 -14.40 10.02 4.01
N GLN A 8 -15.70 10.26 3.88
CA GLN A 8 -16.70 9.18 3.96
C GLN A 8 -16.41 8.12 2.92
N ASN A 9 -16.36 8.52 1.66
CA ASN A 9 -16.09 7.58 0.56
C ASN A 9 -14.81 6.80 0.81
N PHE A 10 -13.73 7.52 1.11
CA PHE A 10 -12.45 6.89 1.37
C PHE A 10 -12.56 5.85 2.48
N VAL A 11 -12.77 6.32 3.71
CA VAL A 11 -12.90 5.45 4.86
C VAL A 11 -13.88 4.32 4.57
N ALA A 12 -15.01 4.66 3.96
CA ALA A 12 -16.03 3.67 3.64
C ALA A 12 -15.43 2.51 2.84
N THR A 13 -14.69 2.84 1.79
CA THR A 13 -14.06 1.83 0.94
C THR A 13 -13.17 0.91 1.77
N LEU A 14 -12.25 1.51 2.52
CA LEU A 14 -11.33 0.74 3.35
C LEU A 14 -12.10 -0.18 4.31
N GLU A 15 -13.00 0.40 5.08
CA GLU A 15 -13.80 -0.37 6.03
C GLU A 15 -14.43 -1.59 5.35
N SER A 16 -15.22 -1.34 4.31
CA SER A 16 -15.89 -2.41 3.59
C SER A 16 -14.88 -3.41 3.05
N PHE A 17 -13.66 -2.94 2.78
CA PHE A 17 -12.60 -3.79 2.27
C PHE A 17 -12.35 -4.97 3.20
N LYS A 18 -11.93 -4.67 4.42
CA LYS A 18 -11.66 -5.70 5.41
C LYS A 18 -12.89 -6.56 5.66
N ASP A 19 -14.06 -5.94 5.62
CA ASP A 19 -15.31 -6.64 5.84
C ASP A 19 -15.44 -7.82 4.87
N LEU A 20 -14.75 -7.74 3.74
CA LEU A 20 -14.80 -8.79 2.73
C LEU A 20 -14.42 -10.14 3.34
N LYS A 21 -14.49 -11.18 2.53
CA LYS A 21 -14.15 -12.53 2.99
C LYS A 21 -12.66 -12.82 2.80
N SER A 22 -12.02 -12.00 1.98
CA SER A 22 -10.59 -12.16 1.71
C SER A 22 -9.83 -10.87 1.98
N GLY A 23 -10.27 -9.78 1.35
CA GLY A 23 -9.62 -8.50 1.54
C GLY A 23 -8.87 -8.05 0.30
N ILE A 24 -9.41 -8.35 -0.87
CA ILE A 24 -8.79 -7.97 -2.13
C ILE A 24 -9.83 -7.71 -3.21
N SER A 25 -9.95 -6.45 -3.62
CA SER A 25 -10.91 -6.07 -4.64
C SER A 25 -10.48 -4.80 -5.35
N GLY A 26 -10.31 -4.87 -6.66
CA GLY A 26 -9.89 -3.72 -7.42
C GLY A 26 -10.83 -2.54 -7.24
N SER A 27 -12.13 -2.81 -7.23
CA SER A 27 -13.13 -1.75 -7.06
C SER A 27 -12.77 -0.85 -5.88
N ARG A 28 -12.64 -1.45 -4.70
CA ARG A 28 -12.30 -0.71 -3.49
C ARG A 28 -11.03 0.12 -3.70
N ILE A 29 -9.94 -0.56 -4.03
CA ILE A 29 -8.67 0.11 -4.26
C ILE A 29 -8.83 1.29 -5.21
N LYS A 30 -9.58 1.08 -6.28
CA LYS A 30 -9.82 2.13 -7.26
C LYS A 30 -10.39 3.38 -6.61
N LYS A 31 -11.49 3.21 -5.87
CA LYS A 31 -12.13 4.33 -5.18
C LYS A 31 -11.14 5.07 -4.31
N LEU A 32 -10.40 4.33 -3.48
CA LEU A 32 -9.41 4.93 -2.60
C LEU A 32 -8.37 5.71 -3.39
N THR A 33 -7.80 5.08 -4.40
CA THR A 33 -6.79 5.72 -5.24
C THR A 33 -7.34 6.99 -5.87
N THR A 34 -8.23 6.84 -6.85
CA THR A 34 -8.83 7.97 -7.53
C THR A 34 -9.20 9.07 -6.54
N TYR A 35 -9.79 8.69 -5.43
CA TYR A 35 -10.20 9.64 -4.39
C TYR A 35 -9.00 10.47 -3.92
N ALA A 36 -7.97 9.78 -3.43
CA ALA A 36 -6.77 10.45 -2.93
C ALA A 36 -6.26 11.46 -3.96
N LEU A 37 -6.10 11.01 -5.20
CA LEU A 37 -5.61 11.87 -6.27
C LEU A 37 -6.48 13.10 -6.42
N ASP A 38 -7.80 12.88 -6.51
CA ASP A 38 -8.75 13.96 -6.66
C ASP A 38 -8.62 14.96 -5.51
N HIS A 39 -8.16 14.47 -4.37
CA HIS A 39 -7.99 15.32 -3.19
C HIS A 39 -6.61 15.14 -2.58
N ILE A 40 -5.64 15.88 -3.11
CA ILE A 40 -4.27 15.81 -2.62
C ILE A 40 -4.09 16.63 -1.35
N ASP A 41 -5.16 17.29 -0.92
CA ASP A 41 -5.12 18.11 0.29
C ASP A 41 -5.50 17.29 1.51
N ILE A 42 -5.32 15.97 1.41
CA ILE A 42 -5.64 15.08 2.52
C ILE A 42 -4.72 13.87 2.53
N GLU A 43 -3.49 14.07 2.06
CA GLU A 43 -2.50 13.00 2.02
C GLU A 43 -2.26 12.43 3.42
N SER A 44 -2.28 13.30 4.41
CA SER A 44 -2.06 12.88 5.80
C SER A 44 -3.08 11.83 6.22
N LYS A 45 -4.32 12.28 6.44
CA LYS A 45 -5.40 11.38 6.85
C LYS A 45 -5.41 10.13 5.98
N ILE A 46 -5.34 10.33 4.66
CA ILE A 46 -5.35 9.23 3.72
C ILE A 46 -4.24 8.23 4.02
N ILE A 47 -2.99 8.64 3.77
CA ILE A 47 -1.84 7.79 4.02
C ILE A 47 -1.91 7.16 5.41
N SER A 48 -2.21 7.99 6.41
CA SER A 48 -2.31 7.53 7.78
C SER A 48 -3.34 6.40 7.91
N LEU A 49 -4.48 6.59 7.27
CA LEU A 49 -5.55 5.60 7.31
C LEU A 49 -5.07 4.25 6.80
N ILE A 50 -4.75 4.19 5.51
CA ILE A 50 -4.26 2.96 4.90
C ILE A 50 -3.18 2.31 5.75
N ILE A 51 -2.23 3.13 6.20
CA ILE A 51 -1.13 2.63 7.03
C ILE A 51 -1.66 1.95 8.29
N ASP A 52 -2.45 2.68 9.06
CA ASP A 52 -3.03 2.14 10.29
C ASP A 52 -3.81 0.86 10.01
N TYR A 53 -4.70 0.91 9.03
CA TYR A 53 -5.51 -0.24 8.67
C TYR A 53 -4.64 -1.47 8.42
N SER A 54 -3.48 -1.24 7.81
CA SER A 54 -2.55 -2.33 7.51
C SER A 54 -2.04 -2.98 8.79
N ARG A 55 -1.14 -2.28 9.48
CA ARG A 55 -0.57 -2.79 10.72
C ARG A 55 -1.68 -3.21 11.69
N LEU A 56 -2.82 -2.53 11.61
CA LEU A 56 -3.95 -2.82 12.48
C LEU A 56 -4.15 -4.33 12.63
N CYS A 57 -4.73 -4.95 11.60
CA CYS A 57 -4.98 -6.39 11.62
C CYS A 57 -3.78 -7.15 11.05
N PRO A 58 -3.79 -8.48 11.21
CA PRO A 58 -2.72 -9.35 10.72
C PRO A 58 -2.69 -9.44 9.20
N ASP A 59 -2.08 -10.50 8.68
CA ASP A 59 -1.99 -10.70 7.24
C ASP A 59 -3.21 -10.13 6.53
N SER A 60 -4.40 -10.49 7.02
CA SER A 60 -5.64 -10.01 6.43
C SER A 60 -5.48 -8.60 5.88
N HIS A 61 -5.48 -7.62 6.78
CA HIS A 61 -5.34 -6.23 6.39
C HIS A 61 -4.00 -5.99 5.71
N LYS A 62 -2.96 -6.65 6.21
CA LYS A 62 -1.62 -6.51 5.64
C LYS A 62 -1.67 -6.59 4.11
N LEU A 63 -2.11 -7.73 3.59
CA LEU A 63 -2.20 -7.93 2.15
C LEU A 63 -3.09 -6.88 1.51
N GLY A 64 -4.35 -6.82 1.96
CA GLY A 64 -5.28 -5.86 1.41
C GLY A 64 -4.71 -4.45 1.38
N SER A 65 -4.42 -3.90 2.56
CA SER A 65 -3.87 -2.56 2.65
C SER A 65 -2.71 -2.37 1.69
N LEU A 66 -1.81 -3.36 1.67
CA LEU A 66 -0.64 -3.30 0.79
C LEU A 66 -1.05 -2.92 -0.63
N TYR A 67 -1.99 -3.66 -1.18
CA TYR A 67 -2.47 -3.41 -2.54
C TYR A 67 -2.96 -1.96 -2.68
N ILE A 68 -3.76 -1.53 -1.71
CA ILE A 68 -4.30 -0.17 -1.72
C ILE A 68 -3.18 0.86 -1.78
N ILE A 69 -2.23 0.75 -0.86
CA ILE A 69 -1.11 1.69 -0.80
C ILE A 69 -0.35 1.69 -2.12
N ASP A 70 -0.22 0.52 -2.74
CA ASP A 70 0.49 0.40 -4.00
C ASP A 70 -0.11 1.32 -5.05
N SER A 71 -1.42 1.19 -5.28
CA SER A 71 -2.11 2.01 -6.26
C SER A 71 -1.92 3.49 -5.96
N ILE A 72 -2.30 3.90 -4.76
CA ILE A 72 -2.15 5.30 -4.35
C ILE A 72 -0.72 5.78 -4.51
N GLY A 73 0.23 4.97 -4.06
CA GLY A 73 1.63 5.33 -4.17
C GLY A 73 2.04 5.66 -5.59
N ARG A 74 1.80 4.72 -6.51
CA ARG A 74 2.15 4.91 -7.91
C ARG A 74 1.59 6.23 -8.43
N ALA A 75 0.28 6.38 -8.34
CA ALA A 75 -0.40 7.59 -8.80
C ALA A 75 0.20 8.83 -8.14
N TYR A 76 0.33 8.79 -6.82
CA TYR A 76 0.88 9.91 -6.07
C TYR A 76 2.26 10.29 -6.60
N LEU A 77 3.14 9.31 -6.70
CA LEU A 77 4.50 9.54 -7.20
C LEU A 77 4.47 10.29 -8.52
N ASP A 78 3.77 9.74 -9.50
CA ASP A 78 3.66 10.36 -10.82
C ASP A 78 3.15 11.78 -10.70
N GLU A 79 2.14 11.98 -9.84
CA GLU A 79 1.56 13.30 -9.64
C GLU A 79 2.63 14.31 -9.23
N THR A 80 3.11 14.19 -8.00
CA THR A 80 4.13 15.10 -7.48
C THR A 80 5.34 15.16 -8.43
N ARG A 81 5.78 13.99 -8.88
CA ARG A 81 6.92 13.92 -9.79
C ARG A 81 6.70 14.79 -11.03
N SER A 82 5.45 14.85 -11.48
CA SER A 82 5.11 15.65 -12.66
C SER A 82 5.61 17.08 -12.51
N ASN A 83 5.68 17.55 -11.27
CA ASN A 83 6.15 18.90 -10.99
C ASN A 83 7.42 18.88 -10.13
N SER A 84 7.24 18.59 -8.84
CA SER A 84 8.36 18.53 -7.91
C SER A 84 7.89 18.15 -6.52
N ASN A 85 8.80 17.57 -5.73
CA ASN A 85 8.47 17.15 -4.38
C ASN A 85 8.37 18.35 -3.44
N SER A 86 8.22 18.08 -2.15
CA SER A 86 8.09 19.13 -1.16
C SER A 86 9.20 19.02 -0.11
N SER A 87 9.09 19.81 0.95
CA SER A 87 10.08 19.80 2.03
C SER A 87 10.18 18.42 2.67
N SER A 88 9.11 17.64 2.57
CA SER A 88 9.07 16.30 3.14
C SER A 88 9.23 16.35 4.66
N ASN A 89 8.79 17.47 5.25
CA ASN A 89 8.88 17.64 6.69
C ASN A 89 7.51 17.55 7.34
N LYS A 90 6.49 17.98 6.61
CA LYS A 90 5.12 17.94 7.11
C LYS A 90 4.14 17.55 6.01
N PRO A 91 2.95 17.10 6.41
CA PRO A 91 1.91 16.68 5.45
C PRO A 91 1.31 17.87 4.69
N GLY A 92 0.88 17.60 3.46
CA GLY A 92 0.30 18.66 2.64
C GLY A 92 -0.04 18.18 1.25
N THR A 93 0.80 17.32 0.69
CA THR A 93 0.59 16.79 -0.65
C THR A 93 1.23 15.43 -0.82
N CYS A 94 1.17 14.89 -2.03
CA CYS A 94 1.74 13.58 -2.32
C CYS A 94 3.16 13.48 -1.77
N ALA A 95 3.90 14.59 -1.84
CA ALA A 95 5.27 14.63 -1.35
C ALA A 95 5.40 13.95 0.00
N HIS A 96 4.89 14.61 1.04
CA HIS A 96 4.94 14.06 2.39
C HIS A 96 4.35 12.65 2.43
N ALA A 97 3.33 12.42 1.61
CA ALA A 97 2.68 11.11 1.56
C ALA A 97 3.68 10.01 1.22
N ILE A 98 4.34 10.16 0.08
CA ILE A 98 5.33 9.17 -0.36
C ILE A 98 6.41 8.97 0.69
N ASN A 99 7.05 10.07 1.10
CA ASN A 99 8.10 10.02 2.10
C ASN A 99 7.60 9.35 3.38
N THR A 100 6.39 9.70 3.79
CA THR A 100 5.80 9.13 4.99
C THR A 100 5.73 7.61 4.92
N LEU A 101 5.09 7.11 3.87
CA LEU A 101 4.94 5.67 3.67
C LEU A 101 6.31 4.99 3.67
N GLY A 102 7.23 5.55 2.88
CA GLY A 102 8.57 4.98 2.78
C GLY A 102 9.27 4.95 4.13
N GLU A 103 8.73 5.69 5.10
CA GLU A 103 9.32 5.75 6.43
C GLU A 103 8.61 4.79 7.38
N VAL A 104 7.55 4.17 6.90
CA VAL A 104 6.77 3.23 7.69
C VAL A 104 6.62 1.89 6.99
N ILE A 105 6.93 1.87 5.70
CA ILE A 105 6.83 0.65 4.91
C ILE A 105 7.50 -0.52 5.61
N GLN A 106 8.55 -0.21 6.37
CA GLN A 106 9.28 -1.25 7.11
C GLN A 106 8.33 -2.17 7.86
N GLU A 107 7.72 -1.65 8.91
CA GLU A 107 6.78 -2.43 9.71
C GLU A 107 5.66 -2.99 8.83
N LEU A 108 5.21 -2.19 7.88
CA LEU A 108 4.13 -2.60 6.98
C LEU A 108 4.49 -3.90 6.27
N LEU A 109 5.37 -3.82 5.30
CA LEU A 109 5.79 -5.00 4.54
C LEU A 109 6.24 -6.12 5.49
N SER A 110 7.30 -5.84 6.25
CA SER A 110 7.83 -6.81 7.19
C SER A 110 6.70 -7.63 7.83
N ASP A 111 5.83 -6.94 8.56
CA ASP A 111 4.70 -7.60 9.22
C ASP A 111 3.87 -8.39 8.22
N ALA A 112 3.56 -7.77 7.09
CA ALA A 112 2.77 -8.42 6.06
C ALA A 112 3.38 -9.75 5.65
N ILE A 113 4.63 -9.72 5.20
CA ILE A 113 5.33 -10.93 4.79
C ILE A 113 5.28 -11.99 5.88
N ALA A 114 5.67 -11.60 7.09
CA ALA A 114 5.67 -12.52 8.23
C ALA A 114 4.28 -13.11 8.46
N LYS A 115 3.34 -12.25 8.83
CA LYS A 115 1.96 -12.68 9.07
C LYS A 115 1.40 -13.43 7.87
N SER A 116 2.00 -13.20 6.70
CA SER A 116 1.55 -13.86 5.48
C SER A 116 2.20 -15.23 5.33
N ASN A 117 1.49 -16.14 4.67
CA ASN A 117 2.00 -17.49 4.46
C ASN A 117 2.61 -17.64 3.07
N GLN A 118 2.98 -18.86 2.72
CA GLN A 118 3.58 -19.13 1.42
C GLN A 118 2.85 -18.37 0.32
N ASP A 119 1.54 -18.53 0.27
CA ASP A 119 0.72 -17.86 -0.75
C ASP A 119 0.81 -16.35 -0.59
N HIS A 120 0.23 -15.84 0.49
CA HIS A 120 0.24 -14.40 0.76
C HIS A 120 1.64 -13.82 0.57
N LYS A 121 2.60 -14.34 1.34
CA LYS A 121 3.98 -13.87 1.25
C LYS A 121 4.42 -13.74 -0.20
N GLU A 122 3.99 -14.69 -1.03
CA GLU A 122 4.35 -14.68 -2.44
C GLU A 122 3.83 -13.43 -3.13
N LYS A 123 2.57 -13.08 -2.84
CA LYS A 123 1.96 -11.90 -3.43
C LYS A 123 2.76 -10.64 -3.10
N ILE A 124 3.09 -10.47 -1.83
CA ILE A 124 3.86 -9.31 -1.40
C ILE A 124 5.19 -9.22 -2.13
N ARG A 125 5.93 -10.34 -2.14
CA ARG A 125 7.22 -10.39 -2.81
C ARG A 125 7.12 -9.85 -4.24
N MET A 126 6.17 -10.40 -5.00
CA MET A 126 5.97 -9.97 -6.39
C MET A 126 5.72 -8.47 -6.46
N LEU A 127 4.81 -7.97 -5.63
CA LEU A 127 4.49 -6.56 -5.61
C LEU A 127 5.75 -5.71 -5.48
N LEU A 128 6.59 -6.05 -4.51
CA LEU A 128 7.84 -5.33 -4.29
C LEU A 128 8.68 -5.29 -5.55
N ASP A 129 8.85 -6.44 -6.18
CA ASP A 129 9.63 -6.54 -7.41
C ASP A 129 9.16 -5.51 -8.43
N ILE A 130 7.86 -5.46 -8.66
CA ILE A 130 7.28 -4.52 -9.62
C ILE A 130 7.64 -3.08 -9.25
N TRP A 131 7.56 -2.76 -7.97
CA TRP A 131 7.87 -1.42 -7.48
C TRP A 131 9.26 -0.99 -7.95
N ASP A 132 10.27 -1.76 -7.56
CA ASP A 132 11.65 -1.46 -7.94
C ASP A 132 11.78 -1.34 -9.45
N ARG A 133 11.26 -2.33 -10.17
CA ARG A 133 11.33 -2.33 -11.63
C ARG A 133 10.76 -1.04 -12.20
N SER A 134 9.47 -0.81 -11.98
CA SER A 134 8.82 0.38 -12.49
C SER A 134 9.53 1.64 -12.00
N GLY A 135 9.49 1.87 -10.69
CA GLY A 135 10.13 3.04 -10.12
C GLY A 135 9.22 3.82 -9.20
N LEU A 136 9.03 3.30 -7.98
CA LEU A 136 8.17 3.95 -7.00
C LEU A 136 9.00 4.66 -5.93
N PHE A 137 9.54 3.88 -5.01
CA PHE A 137 10.35 4.42 -3.93
C PHE A 137 11.83 4.43 -4.30
N GLN A 138 12.10 4.24 -5.59
CA GLN A 138 13.48 4.23 -6.10
C GLN A 138 14.23 5.47 -5.67
N LYS A 139 15.52 5.52 -5.98
CA LYS A 139 16.36 6.67 -5.63
C LYS A 139 16.33 6.92 -4.13
N SER A 140 16.01 5.87 -3.36
CA SER A 140 15.95 5.99 -1.91
C SER A 140 16.14 4.62 -1.26
N TYR A 141 15.31 3.66 -1.65
CA TYR A 141 15.37 2.32 -1.10
C TYR A 141 15.10 2.32 0.40
N LEU A 142 14.84 1.15 0.96
CA LEU A 142 14.58 1.03 2.39
C LEU A 142 15.22 -0.24 2.95
N ASN A 143 15.98 -0.09 4.02
CA ASN A 143 16.65 -1.21 4.66
C ASN A 143 15.65 -2.29 5.05
N ALA A 144 14.38 -1.90 5.18
CA ALA A 144 13.33 -2.83 5.56
C ALA A 144 13.49 -4.17 4.83
N ILE A 145 12.80 -4.32 3.71
CA ILE A 145 12.88 -5.55 2.93
C ILE A 145 14.26 -5.72 2.31
N ARG A 146 14.97 -4.61 2.13
CA ARG A 146 16.31 -4.64 1.55
C ARG A 146 17.12 -5.79 2.12
N SER A 147 17.15 -5.90 3.45
CA SER A 147 17.89 -6.96 4.12
C SER A 147 17.25 -8.32 3.86
N LYS A 148 17.87 -9.10 2.97
CA LYS A 148 17.37 -10.42 2.63
C LYS A 148 17.05 -11.22 3.90
N CYS A 149 17.74 -10.90 4.98
CA CYS A 149 17.53 -11.58 6.25
C CYS A 149 16.04 -11.71 6.56
N PHE A 150 15.27 -10.72 6.13
CA PHE A 150 13.83 -10.72 6.36
C PHE A 150 13.18 -11.97 5.79
N ALA A 151 12.66 -11.85 4.56
CA ALA A 151 12.01 -12.97 3.90
C ALA A 151 12.76 -14.27 4.17
N MET A 152 14.08 -14.20 4.18
CA MET A 152 14.91 -15.38 4.42
C MET A 152 14.60 -15.98 5.79
N ASP A 153 14.99 -15.27 6.85
CA ASP A 153 14.76 -15.74 8.21
C ASP A 153 13.27 -15.78 8.52
N LEU A 154 12.58 -14.67 8.26
CA LEU A 154 11.15 -14.58 8.51
C LEU A 154 10.42 -15.82 7.98
N GLU A 155 10.97 -16.42 6.92
CA GLU A 155 10.38 -17.61 6.33
C GLU A 155 10.93 -18.88 6.98
N HIS A 156 11.32 -18.77 8.24
CA HIS A 156 11.86 -19.91 8.98
C HIS A 156 10.87 -21.07 8.97
N HIS A 157 11.28 -22.18 9.59
CA HIS A 157 10.43 -23.37 9.66
C HIS A 157 9.04 -23.01 10.20
N HIS A 158 8.06 -22.97 9.30
CA HIS A 158 6.69 -22.64 9.69
C HIS A 158 5.69 -23.39 8.82
N HIS A 159 4.41 -23.12 9.03
CA HIS A 159 3.35 -23.78 8.27
C HIS A 159 3.56 -23.57 6.78
N HIS A 160 3.21 -24.59 6.00
CA HIS A 160 3.37 -24.53 4.55
C HIS A 160 2.31 -25.39 3.86
N HIS A 161 2.37 -25.45 2.53
CA HIS A 161 1.43 -26.23 1.74
C HIS A 161 2.13 -27.39 1.04
N ASP B 1 -16.75 -10.94 -7.65
CA ASP B 1 -17.88 -10.36 -6.96
C ASP B 1 -18.20 -8.97 -7.51
N ASP B 2 -18.79 -8.93 -8.70
CA ASP B 2 -19.14 -7.67 -9.34
C ASP B 2 -17.91 -6.78 -9.52
N ASP B 3 -16.76 -7.41 -9.75
CA ASP B 3 -15.51 -6.69 -9.94
C ASP B 3 -14.37 -7.65 -10.27
N GLU B 4 -13.29 -7.10 -10.82
CA GLU B 4 -12.13 -7.91 -11.18
C GLU B 4 -11.58 -8.65 -9.97
N ASP B 5 -11.80 -8.09 -8.79
CA ASP B 5 -11.33 -8.69 -7.55
C ASP B 5 -9.82 -8.62 -7.45
N GLY B 6 -9.14 -9.49 -8.20
CA GLY B 6 -7.68 -9.51 -8.20
C GLY B 6 -7.08 -8.21 -8.69
N TYR B 7 -6.38 -7.51 -7.81
CA TYR B 7 -5.76 -6.24 -8.17
C TYR B 7 -4.29 -6.45 -8.54
N ASN B 8 -4.01 -6.44 -9.85
CA ASN B 8 -2.66 -6.63 -10.33
C ASN B 8 -1.85 -5.34 -10.19
N PRO B 9 -0.82 -5.38 -9.34
CA PRO B 9 0.05 -4.22 -9.09
C PRO B 9 0.94 -3.90 -10.29
N TYR B 10 1.09 -4.87 -11.18
CA TYR B 10 1.91 -4.69 -12.37
C TYR B 10 1.22 -3.77 -13.38
N THR B 11 -0.05 -3.47 -13.13
CA THR B 11 -0.82 -2.60 -14.00
C THR B 11 -0.58 -1.13 -13.67
N LEU B 12 -0.82 -0.27 -14.66
CA LEU B 12 -0.63 1.17 -14.47
C LEU B 12 0.76 1.47 -13.93
N MET A 1 -12.64 20.11 -0.75
CA MET A 1 -13.00 20.13 -2.16
C MET A 1 -14.49 19.84 -2.34
N GLN A 2 -14.96 18.74 -1.74
CA GLN A 2 -16.36 18.36 -1.85
C GLN A 2 -16.82 17.68 -0.56
N GLN A 3 -17.91 18.19 0.01
CA GLN A 3 -18.46 17.64 1.24
C GLN A 3 -19.17 16.31 0.97
N ASP A 4 -19.66 16.15 -0.26
CA ASP A 4 -20.36 14.94 -0.64
C ASP A 4 -19.43 13.74 -0.62
N ASP A 5 -18.12 14.01 -0.57
CA ASP A 5 -17.12 12.94 -0.54
C ASP A 5 -15.95 13.33 0.36
N ASP A 6 -16.18 13.27 1.66
CA ASP A 6 -15.14 13.61 2.63
C ASP A 6 -14.50 12.35 3.21
N PHE A 7 -13.80 12.50 4.32
CA PHE A 7 -13.14 11.37 4.97
C PHE A 7 -14.08 10.18 5.08
N GLN A 8 -15.38 10.46 5.17
CA GLN A 8 -16.38 9.40 5.29
C GLN A 8 -16.17 8.35 4.21
N ASN A 9 -16.21 8.77 2.96
CA ASN A 9 -16.02 7.85 1.83
C ASN A 9 -14.73 7.04 1.99
N PHE A 10 -13.64 7.75 2.24
CA PHE A 10 -12.33 7.10 2.41
C PHE A 10 -12.39 6.07 3.53
N VAL A 11 -12.54 6.54 4.76
CA VAL A 11 -12.60 5.65 5.91
C VAL A 11 -13.60 4.52 5.68
N ALA A 12 -14.77 4.85 5.13
CA ALA A 12 -15.79 3.86 4.86
C ALA A 12 -15.23 2.71 4.02
N THR A 13 -14.56 3.04 2.93
CA THR A 13 -13.97 2.04 2.05
C THR A 13 -13.00 1.15 2.81
N LEU A 14 -12.05 1.77 3.51
CA LEU A 14 -11.06 1.03 4.28
C LEU A 14 -11.74 0.07 5.26
N GLU A 15 -12.59 0.63 6.11
CA GLU A 15 -13.31 -0.17 7.10
C GLU A 15 -13.95 -1.40 6.45
N SER A 16 -14.81 -1.17 5.47
CA SER A 16 -15.49 -2.25 4.78
C SER A 16 -14.48 -3.22 4.17
N PHE A 17 -13.31 -2.72 3.83
CA PHE A 17 -12.26 -3.53 3.24
C PHE A 17 -11.92 -4.71 4.14
N LYS A 18 -11.44 -4.41 5.35
CA LYS A 18 -11.08 -5.45 6.31
C LYS A 18 -12.26 -6.37 6.60
N ASP A 19 -13.47 -5.79 6.60
CA ASP A 19 -14.67 -6.56 6.86
C ASP A 19 -14.80 -7.73 5.89
N LEU A 20 -14.13 -7.61 4.74
CA LEU A 20 -14.17 -8.66 3.73
C LEU A 20 -13.69 -9.98 4.30
N LYS A 21 -13.60 -11.00 3.44
CA LYS A 21 -13.13 -12.31 3.86
C LYS A 21 -11.73 -12.60 3.34
N SER A 22 -11.25 -11.73 2.45
CA SER A 22 -9.91 -11.88 1.88
C SER A 22 -9.06 -10.64 2.15
N GLY A 23 -9.61 -9.47 1.81
CA GLY A 23 -8.88 -8.24 2.02
C GLY A 23 -8.38 -7.62 0.72
N ILE A 24 -9.03 -8.00 -0.38
CA ILE A 24 -8.64 -7.49 -1.69
C ILE A 24 -9.87 -7.21 -2.55
N SER A 25 -10.05 -5.95 -2.92
CA SER A 25 -11.19 -5.55 -3.74
C SER A 25 -10.86 -4.30 -4.55
N GLY A 26 -10.91 -4.43 -5.88
CA GLY A 26 -10.62 -3.32 -6.75
C GLY A 26 -11.47 -2.10 -6.44
N SER A 27 -12.78 -2.31 -6.36
CA SER A 27 -13.71 -1.22 -6.08
C SER A 27 -13.25 -0.41 -4.86
N ARG A 28 -12.98 -1.11 -3.77
CA ARG A 28 -12.53 -0.46 -2.54
C ARG A 28 -11.29 0.39 -2.80
N ILE A 29 -10.19 -0.26 -3.17
CA ILE A 29 -8.95 0.44 -3.45
C ILE A 29 -9.17 1.62 -4.39
N LYS A 30 -10.01 1.42 -5.41
CA LYS A 30 -10.32 2.47 -6.37
C LYS A 30 -10.83 3.72 -5.66
N LYS A 31 -11.90 3.56 -4.89
CA LYS A 31 -12.50 4.67 -4.16
C LYS A 31 -11.45 5.39 -3.32
N LEU A 32 -10.66 4.62 -2.57
CA LEU A 32 -9.63 5.18 -1.73
C LEU A 32 -8.65 6.02 -2.55
N THR A 33 -8.11 5.42 -3.60
CA THR A 33 -7.17 6.11 -4.47
C THR A 33 -7.77 7.38 -5.05
N THR A 34 -8.70 7.22 -5.98
CA THR A 34 -9.36 8.36 -6.61
C THR A 34 -9.68 9.44 -5.59
N TYR A 35 -10.21 9.02 -4.44
CA TYR A 35 -10.57 9.95 -3.38
C TYR A 35 -9.36 10.78 -2.95
N ALA A 36 -8.30 10.09 -2.55
CA ALA A 36 -7.08 10.75 -2.12
C ALA A 36 -6.61 11.78 -3.15
N LEU A 37 -6.48 11.33 -4.39
CA LEU A 37 -6.03 12.21 -5.47
C LEU A 37 -6.97 13.41 -5.62
N ASP A 38 -8.27 13.14 -5.65
CA ASP A 38 -9.26 14.20 -5.78
C ASP A 38 -9.11 15.23 -4.67
N HIS A 39 -8.58 14.79 -3.53
CA HIS A 39 -8.39 15.68 -2.38
C HIS A 39 -6.98 15.51 -1.81
N ILE A 40 -6.04 16.25 -2.38
CA ILE A 40 -4.64 16.20 -1.93
C ILE A 40 -4.44 17.05 -0.67
N ASP A 41 -5.52 17.66 -0.20
CA ASP A 41 -5.46 18.51 0.98
C ASP A 41 -5.69 17.67 2.25
N ILE A 42 -5.65 16.36 2.10
CA ILE A 42 -5.85 15.45 3.23
C ILE A 42 -4.88 14.27 3.17
N GLU A 43 -3.70 14.51 2.61
CA GLU A 43 -2.69 13.47 2.49
C GLU A 43 -2.33 12.90 3.86
N SER A 44 -2.30 13.77 4.87
CA SER A 44 -1.98 13.35 6.22
C SER A 44 -2.95 12.27 6.71
N LYS A 45 -4.17 12.69 7.02
CA LYS A 45 -5.20 11.77 7.49
C LYS A 45 -5.26 10.52 6.61
N ILE A 46 -5.26 10.73 5.30
CA ILE A 46 -5.31 9.62 4.35
C ILE A 46 -4.17 8.64 4.58
N ILE A 47 -2.96 9.07 4.24
CA ILE A 47 -1.78 8.22 4.42
C ILE A 47 -1.76 7.59 5.81
N SER A 48 -1.98 8.41 6.82
CA SER A 48 -1.98 7.94 8.20
C SER A 48 -3.02 6.84 8.40
N LEU A 49 -4.19 7.03 7.80
CA LEU A 49 -5.27 6.05 7.90
C LEU A 49 -4.82 4.69 7.38
N ILE A 50 -4.57 4.60 6.08
CA ILE A 50 -4.13 3.36 5.47
C ILE A 50 -3.02 2.70 6.28
N ILE A 51 -2.03 3.50 6.67
CA ILE A 51 -0.91 3.00 7.45
C ILE A 51 -1.39 2.32 8.74
N ASP A 52 -2.10 3.09 9.58
CA ASP A 52 -2.62 2.56 10.82
C ASP A 52 -3.51 1.35 10.59
N TYR A 53 -4.48 1.50 9.70
CA TYR A 53 -5.40 0.42 9.38
C TYR A 53 -4.64 -0.87 9.06
N SER A 54 -3.50 -0.73 8.40
CA SER A 54 -2.68 -1.87 8.03
C SER A 54 -2.16 -2.59 9.27
N ARG A 55 -1.14 -2.00 9.91
CA ARG A 55 -0.55 -2.57 11.11
C ARG A 55 -1.63 -3.09 12.05
N LEU A 56 -2.76 -2.39 12.10
CA LEU A 56 -3.88 -2.77 12.95
C LEU A 56 -4.43 -4.14 12.55
N CYS A 57 -5.18 -4.16 11.45
CA CYS A 57 -5.77 -5.40 10.96
C CYS A 57 -4.73 -6.52 10.93
N PRO A 58 -5.21 -7.76 11.08
CA PRO A 58 -4.34 -8.96 11.09
C PRO A 58 -3.75 -9.24 9.71
N ASP A 59 -3.40 -10.51 9.48
CA ASP A 59 -2.82 -10.91 8.20
C ASP A 59 -3.50 -10.18 7.05
N SER A 60 -4.82 -10.14 7.07
CA SER A 60 -5.59 -9.48 6.02
C SER A 60 -4.96 -8.13 5.65
N HIS A 61 -4.53 -7.39 6.67
CA HIS A 61 -3.91 -6.09 6.46
C HIS A 61 -2.68 -6.21 5.56
N LYS A 62 -1.80 -7.15 5.88
CA LYS A 62 -0.59 -7.37 5.11
C LYS A 62 -0.88 -7.33 3.62
N LEU A 63 -1.64 -8.32 3.14
CA LEU A 63 -2.00 -8.39 1.73
C LEU A 63 -2.81 -7.18 1.30
N GLY A 64 -3.95 -6.97 1.97
CA GLY A 64 -4.81 -5.84 1.65
C GLY A 64 -4.04 -4.54 1.60
N SER A 65 -3.64 -4.04 2.77
CA SER A 65 -2.90 -2.79 2.87
C SER A 65 -1.93 -2.66 1.70
N LEU A 66 -1.05 -3.63 1.55
CA LEU A 66 -0.06 -3.63 0.48
C LEU A 66 -0.68 -3.15 -0.83
N TYR A 67 -1.76 -3.81 -1.24
CA TYR A 67 -2.45 -3.45 -2.48
C TYR A 67 -2.90 -2.00 -2.45
N ILE A 68 -3.49 -1.59 -1.34
CA ILE A 68 -3.98 -0.23 -1.18
C ILE A 68 -2.85 0.77 -1.41
N ILE A 69 -1.76 0.61 -0.67
CA ILE A 69 -0.61 1.50 -0.78
C ILE A 69 -0.09 1.55 -2.22
N ASP A 70 -0.12 0.41 -2.89
CA ASP A 70 0.33 0.32 -4.27
C ASP A 70 -0.43 1.29 -5.16
N SER A 71 -1.75 1.18 -5.13
CA SER A 71 -2.61 2.06 -5.94
C SER A 71 -2.32 3.52 -5.64
N ILE A 72 -2.62 3.93 -4.41
CA ILE A 72 -2.39 5.32 -4.00
C ILE A 72 -0.97 5.76 -4.33
N GLY A 73 -0.01 4.90 -4.02
CA GLY A 73 1.38 5.23 -4.28
C GLY A 73 1.62 5.63 -5.72
N ARG A 74 1.25 4.77 -6.65
CA ARG A 74 1.42 5.04 -8.08
C ARG A 74 0.80 6.39 -8.45
N ALA A 75 -0.49 6.51 -8.19
CA ALA A 75 -1.21 7.75 -8.50
C ALA A 75 -0.49 8.96 -7.92
N TYR A 76 -0.32 8.96 -6.61
CA TYR A 76 0.35 10.06 -5.92
C TYR A 76 1.68 10.39 -6.58
N LEU A 77 2.46 9.34 -6.87
CA LEU A 77 3.76 9.52 -7.51
C LEU A 77 3.64 10.34 -8.79
N ASP A 78 2.76 9.89 -9.68
CA ASP A 78 2.54 10.60 -10.94
C ASP A 78 2.18 12.05 -10.70
N GLU A 79 1.34 12.29 -9.71
CA GLU A 79 0.91 13.66 -9.38
C GLU A 79 2.11 14.55 -9.10
N THR A 80 2.76 14.32 -7.96
CA THR A 80 3.92 15.12 -7.58
C THR A 80 4.98 15.09 -8.68
N ARG A 81 5.18 13.92 -9.27
CA ARG A 81 6.18 13.77 -10.34
C ARG A 81 5.93 14.77 -11.47
N SER A 82 4.65 14.99 -11.78
CA SER A 82 4.28 15.92 -12.84
C SER A 82 4.96 17.28 -12.64
N ASN A 83 4.68 17.90 -11.50
CA ASN A 83 5.26 19.20 -11.20
C ASN A 83 6.55 19.05 -10.38
N SER A 84 6.39 18.73 -9.10
CA SER A 84 7.54 18.55 -8.22
C SER A 84 7.10 18.07 -6.84
N ASN A 85 8.05 17.98 -5.92
CA ASN A 85 7.76 17.52 -4.56
C ASN A 85 7.71 18.71 -3.60
N SER A 86 7.66 18.40 -2.31
CA SER A 86 7.59 19.44 -1.29
C SER A 86 8.64 19.20 -0.21
N SER A 87 8.63 20.04 0.83
CA SER A 87 9.58 19.92 1.93
C SER A 87 9.48 18.55 2.59
N SER A 88 10.29 18.33 3.61
CA SER A 88 10.30 17.06 4.33
C SER A 88 9.94 17.26 5.79
N ASN A 89 8.96 18.12 6.05
CA ASN A 89 8.53 18.40 7.42
C ASN A 89 7.01 18.45 7.50
N LYS A 90 6.42 17.47 8.17
CA LYS A 90 4.97 17.40 8.34
C LYS A 90 4.29 17.21 6.98
N PRO A 91 3.09 16.62 7.01
CA PRO A 91 2.31 16.37 5.80
C PRO A 91 1.76 17.65 5.17
N GLY A 92 1.25 17.55 3.96
CA GLY A 92 0.71 18.71 3.27
C GLY A 92 0.17 18.37 1.89
N THR A 93 0.80 17.41 1.23
CA THR A 93 0.39 17.00 -0.11
C THR A 93 0.97 15.64 -0.47
N CYS A 94 0.73 15.21 -1.70
CA CYS A 94 1.23 13.92 -2.17
C CYS A 94 2.70 13.74 -1.79
N ALA A 95 3.49 14.79 -2.00
CA ALA A 95 4.91 14.75 -1.67
C ALA A 95 5.15 14.04 -0.33
N HIS A 96 4.88 14.75 0.76
CA HIS A 96 5.06 14.19 2.09
C HIS A 96 4.37 12.84 2.22
N ALA A 97 3.23 12.69 1.55
CA ALA A 97 2.48 11.45 1.59
C ALA A 97 3.33 10.27 1.13
N ILE A 98 3.90 10.38 -0.07
CA ILE A 98 4.74 9.32 -0.61
C ILE A 98 5.91 9.01 0.32
N ASN A 99 6.67 10.04 0.65
CA ASN A 99 7.82 9.89 1.54
C ASN A 99 7.40 9.23 2.86
N THR A 100 6.28 9.69 3.41
CA THR A 100 5.78 9.15 4.67
C THR A 100 5.57 7.65 4.58
N LEU A 101 4.78 7.22 3.60
CA LEU A 101 4.50 5.81 3.40
C LEU A 101 5.79 5.00 3.32
N GLY A 102 6.69 5.42 2.42
CA GLY A 102 7.95 4.73 2.27
C GLY A 102 8.76 4.68 3.56
N GLU A 103 8.38 5.51 4.52
CA GLU A 103 9.07 5.57 5.80
C GLU A 103 8.48 4.56 6.78
N VAL A 104 7.31 4.02 6.44
CA VAL A 104 6.64 3.05 7.28
C VAL A 104 6.45 1.72 6.56
N ILE A 105 6.53 1.76 5.23
CA ILE A 105 6.37 0.57 4.42
C ILE A 105 7.29 -0.55 4.88
N GLN A 106 8.42 -0.16 5.49
CA GLN A 106 9.39 -1.12 5.99
C GLN A 106 8.71 -2.19 6.84
N GLU A 107 8.24 -1.78 8.01
CA GLU A 107 7.57 -2.70 8.93
C GLU A 107 6.42 -3.42 8.23
N LEU A 108 5.64 -2.67 7.47
CA LEU A 108 4.50 -3.23 6.74
C LEU A 108 4.94 -4.40 5.86
N LEU A 109 5.70 -4.10 4.82
CA LEU A 109 6.20 -5.11 3.90
C LEU A 109 6.85 -6.27 4.67
N SER A 110 7.99 -5.97 5.29
CA SER A 110 8.72 -6.98 6.05
C SER A 110 7.76 -7.95 6.73
N ASP A 111 7.05 -7.45 7.74
CA ASP A 111 6.10 -8.26 8.48
C ASP A 111 5.15 -8.99 7.53
N ALA A 112 4.60 -8.26 6.57
CA ALA A 112 3.68 -8.84 5.60
C ALA A 112 4.25 -10.13 5.01
N ILE A 113 5.42 -10.03 4.38
CA ILE A 113 6.05 -11.19 3.78
C ILE A 113 6.31 -12.28 4.82
N ALA A 114 6.75 -11.87 6.00
CA ALA A 114 7.03 -12.80 7.09
C ALA A 114 5.82 -13.68 7.38
N LYS A 115 4.80 -13.08 7.98
CA LYS A 115 3.57 -13.80 8.31
C LYS A 115 2.99 -14.48 7.08
N SER A 116 2.98 -13.76 5.96
CA SER A 116 2.44 -14.28 4.72
C SER A 116 3.01 -15.66 4.41
N ASN A 117 2.17 -16.53 3.86
CA ASN A 117 2.60 -17.90 3.53
C ASN A 117 3.05 -17.98 2.06
N GLN A 118 3.30 -19.20 1.61
CA GLN A 118 3.74 -19.41 0.23
C GLN A 118 2.93 -18.57 -0.75
N ASP A 119 1.61 -18.67 -0.65
CA ASP A 119 0.71 -17.91 -1.52
C ASP A 119 0.87 -16.42 -1.29
N HIS A 120 0.50 -15.96 -0.10
CA HIS A 120 0.61 -14.54 0.26
C HIS A 120 1.99 -14.00 -0.09
N LYS A 121 3.02 -14.58 0.50
CA LYS A 121 4.39 -14.16 0.25
C LYS A 121 4.64 -13.97 -1.25
N GLU A 122 4.07 -14.87 -2.04
CA GLU A 122 4.23 -14.81 -3.49
C GLU A 122 3.65 -13.51 -4.05
N LYS A 123 2.47 -13.15 -3.58
CA LYS A 123 1.80 -11.93 -4.03
C LYS A 123 2.67 -10.71 -3.76
N ILE A 124 3.13 -10.57 -2.52
CA ILE A 124 3.97 -9.46 -2.13
C ILE A 124 5.22 -9.38 -3.00
N ARG A 125 5.93 -10.50 -3.11
CA ARG A 125 7.14 -10.56 -3.90
C ARG A 125 6.91 -9.96 -5.29
N MET A 126 5.91 -10.48 -5.98
CA MET A 126 5.58 -10.00 -7.32
C MET A 126 5.35 -8.49 -7.32
N LEU A 127 4.54 -8.02 -6.38
CA LEU A 127 4.23 -6.60 -6.27
C LEU A 127 5.51 -5.78 -6.16
N LEU A 128 6.45 -6.25 -5.33
CA LEU A 128 7.71 -5.56 -5.15
C LEU A 128 8.44 -5.37 -6.46
N ASP A 129 8.56 -6.46 -7.23
CA ASP A 129 9.24 -6.41 -8.52
C ASP A 129 8.61 -5.36 -9.42
N ILE A 130 7.30 -5.46 -9.62
CA ILE A 130 6.58 -4.51 -10.46
C ILE A 130 6.78 -3.08 -9.97
N TRP A 131 6.79 -2.91 -8.65
CA TRP A 131 6.97 -1.59 -8.05
C TRP A 131 8.24 -0.93 -8.57
N ASP A 132 9.39 -1.56 -8.30
CA ASP A 132 10.67 -1.04 -8.75
C ASP A 132 10.68 -0.81 -10.26
N ARG A 133 10.21 -1.80 -11.00
CA ARG A 133 10.16 -1.72 -12.46
C ARG A 133 9.40 -0.47 -12.91
N SER A 134 8.14 -0.39 -12.50
CA SER A 134 7.29 0.75 -12.86
C SER A 134 7.98 2.07 -12.53
N GLY A 135 7.99 2.42 -11.25
CA GLY A 135 8.61 3.65 -10.82
C GLY A 135 8.13 4.11 -9.46
N LEU A 136 7.85 3.16 -8.57
CA LEU A 136 7.37 3.47 -7.24
C LEU A 136 8.53 3.83 -6.31
N PHE A 137 8.28 3.75 -5.00
CA PHE A 137 9.31 4.06 -4.02
C PHE A 137 10.66 3.45 -4.41
N GLN A 138 11.74 4.04 -3.93
CA GLN A 138 13.08 3.56 -4.23
C GLN A 138 13.35 2.22 -3.53
N LYS A 139 12.82 1.15 -4.09
CA LYS A 139 13.00 -0.18 -3.53
C LYS A 139 14.47 -0.58 -3.54
N SER A 140 15.18 -0.14 -4.56
CA SER A 140 16.60 -0.46 -4.70
C SER A 140 17.42 0.21 -3.60
N TYR A 141 16.78 1.14 -2.89
CA TYR A 141 17.45 1.86 -1.81
C TYR A 141 16.68 1.71 -0.50
N LEU A 142 15.54 1.04 -0.57
CA LEU A 142 14.70 0.83 0.60
C LEU A 142 15.23 -0.32 1.46
N ASN A 143 16.01 0.03 2.48
CA ASN A 143 16.57 -0.97 3.38
C ASN A 143 15.55 -2.04 3.73
N ALA A 144 14.28 -1.63 3.81
CA ALA A 144 13.20 -2.56 4.14
C ALA A 144 13.40 -3.90 3.45
N ILE A 145 12.79 -4.06 2.28
CA ILE A 145 12.91 -5.29 1.52
C ILE A 145 14.32 -5.49 0.99
N ARG A 146 15.05 -4.38 0.86
CA ARG A 146 16.43 -4.43 0.36
C ARG A 146 17.18 -5.62 0.97
N SER A 147 17.14 -5.72 2.29
CA SER A 147 17.83 -6.80 2.99
C SER A 147 17.26 -8.16 2.57
N LYS A 148 17.90 -8.79 1.59
CA LYS A 148 17.46 -10.09 1.10
C LYS A 148 17.18 -11.04 2.26
N CYS A 149 17.88 -10.83 3.37
CA CYS A 149 17.72 -11.67 4.54
C CYS A 149 16.24 -11.86 4.87
N PHE A 150 15.44 -10.83 4.60
CA PHE A 150 14.01 -10.89 4.86
C PHE A 150 13.36 -12.08 4.15
N ALA A 151 13.03 -11.89 2.88
CA ALA A 151 12.42 -12.95 2.09
C ALA A 151 13.13 -14.28 2.30
N MET A 152 14.45 -14.27 2.19
CA MET A 152 15.24 -15.48 2.37
C MET A 152 14.91 -16.15 3.70
N ASP A 153 14.83 -15.35 4.76
CA ASP A 153 14.52 -15.87 6.09
C ASP A 153 13.09 -16.40 6.14
N LEU A 154 12.12 -15.49 6.04
CA LEU A 154 10.71 -15.88 6.08
C LEU A 154 10.43 -16.99 5.09
N GLU A 155 11.19 -17.03 4.00
CA GLU A 155 11.02 -18.05 2.98
C GLU A 155 10.95 -19.44 3.60
N HIS A 156 9.73 -19.97 3.73
CA HIS A 156 9.53 -21.29 4.32
C HIS A 156 10.10 -21.35 5.72
N HIS A 157 9.80 -20.34 6.53
CA HIS A 157 10.29 -20.29 7.90
C HIS A 157 9.73 -21.44 8.73
N HIS A 158 10.16 -21.53 9.99
CA HIS A 158 9.71 -22.59 10.87
C HIS A 158 8.34 -22.26 11.47
N HIS A 159 7.35 -22.10 10.59
CA HIS A 159 6.00 -21.78 11.04
C HIS A 159 4.99 -22.07 9.92
N HIS A 160 3.99 -22.90 10.24
CA HIS A 160 2.96 -23.26 9.27
C HIS A 160 3.56 -24.00 8.08
N HIS A 161 4.13 -25.17 8.35
CA HIS A 161 4.75 -25.97 7.30
C HIS A 161 3.70 -26.44 6.29
N ASP B 1 -14.63 -14.08 -7.47
CA ASP B 1 -15.87 -14.72 -7.04
C ASP B 1 -17.08 -14.01 -7.61
N ASP B 2 -16.96 -12.70 -7.78
CA ASP B 2 -18.05 -11.88 -8.32
C ASP B 2 -17.61 -10.44 -8.53
N ASP B 3 -17.33 -9.75 -7.43
CA ASP B 3 -16.89 -8.36 -7.49
C ASP B 3 -15.64 -8.22 -8.35
N GLU B 4 -15.20 -6.98 -8.53
CA GLU B 4 -14.00 -6.70 -9.33
C GLU B 4 -12.82 -7.56 -8.86
N ASP B 5 -12.26 -7.17 -7.72
CA ASP B 5 -11.11 -7.89 -7.16
C ASP B 5 -10.00 -8.04 -8.19
N GLY B 6 -8.98 -8.83 -7.85
CA GLY B 6 -7.87 -9.04 -8.76
C GLY B 6 -7.24 -7.74 -9.20
N TYR B 7 -6.44 -7.14 -8.33
CA TYR B 7 -5.77 -5.89 -8.64
C TYR B 7 -4.26 -6.05 -8.63
N ASN B 8 -3.59 -5.38 -9.56
CA ASN B 8 -2.13 -5.45 -9.67
C ASN B 8 -1.54 -4.09 -10.04
N PRO B 9 -0.28 -3.87 -9.64
CA PRO B 9 0.43 -2.62 -9.92
C PRO B 9 0.76 -2.46 -11.41
N TYR B 10 0.85 -3.59 -12.11
CA TYR B 10 1.17 -3.57 -13.52
C TYR B 10 0.07 -2.89 -14.33
N THR B 11 -1.09 -2.71 -13.70
CA THR B 11 -2.23 -2.07 -14.35
C THR B 11 -3.34 -1.77 -13.35
N LEU B 12 -3.76 -0.52 -13.31
CA LEU B 12 -4.82 -0.10 -12.39
C LEU B 12 -6.20 -0.46 -12.94
N MET A 1 -13.04 22.41 -2.33
CA MET A 1 -14.35 23.03 -2.35
C MET A 1 -15.45 21.98 -2.42
N GLN A 2 -15.26 20.89 -1.69
CA GLN A 2 -16.25 19.80 -1.66
C GLN A 2 -16.21 19.07 -0.33
N GLN A 3 -17.38 18.94 0.29
CA GLN A 3 -17.50 18.27 1.58
C GLN A 3 -18.24 16.94 1.44
N ASP A 4 -19.07 16.85 0.41
CA ASP A 4 -19.84 15.64 0.15
C ASP A 4 -18.93 14.43 -0.01
N ASP A 5 -17.68 14.69 -0.38
CA ASP A 5 -16.70 13.62 -0.56
C ASP A 5 -15.41 13.91 0.21
N ASP A 6 -15.54 14.13 1.52
CA ASP A 6 -14.40 14.42 2.36
C ASP A 6 -13.76 13.14 2.87
N PHE A 7 -12.91 13.27 3.89
CA PHE A 7 -12.24 12.11 4.47
C PHE A 7 -13.22 10.99 4.76
N GLN A 8 -14.48 11.36 4.98
CA GLN A 8 -15.52 10.38 5.27
C GLN A 8 -15.47 9.22 4.29
N ASN A 9 -15.59 9.53 3.00
CA ASN A 9 -15.55 8.51 1.96
C ASN A 9 -14.32 7.63 2.10
N PHE A 10 -13.16 8.26 2.21
CA PHE A 10 -11.90 7.53 2.35
C PHE A 10 -11.95 6.60 3.56
N VAL A 11 -11.93 7.17 4.75
CA VAL A 11 -11.97 6.40 5.98
C VAL A 11 -13.05 5.32 5.91
N ALA A 12 -14.24 5.71 5.45
CA ALA A 12 -15.35 4.78 5.34
C ALA A 12 -14.97 3.56 4.52
N THR A 13 -14.33 3.79 3.37
CA THR A 13 -13.91 2.70 2.50
C THR A 13 -12.97 1.74 3.23
N LEU A 14 -11.92 2.29 3.82
CA LEU A 14 -10.95 1.48 4.54
C LEU A 14 -11.63 0.68 5.65
N GLU A 15 -12.36 1.37 6.51
CA GLU A 15 -13.06 0.71 7.61
C GLU A 15 -13.83 -0.51 7.11
N SER A 16 -14.69 -0.30 6.13
CA SER A 16 -15.49 -1.39 5.56
C SER A 16 -14.59 -2.48 4.99
N PHE A 17 -13.43 -2.07 4.49
CA PHE A 17 -12.47 -3.01 3.90
C PHE A 17 -12.20 -4.17 4.86
N LYS A 18 -11.61 -3.86 6.01
CA LYS A 18 -11.30 -4.87 7.02
C LYS A 18 -12.56 -5.56 7.51
N ASP A 19 -13.64 -4.80 7.63
CA ASP A 19 -14.92 -5.34 8.09
C ASP A 19 -15.39 -6.45 7.17
N LEU A 20 -14.78 -6.54 5.99
CA LEU A 20 -15.15 -7.56 5.02
C LEU A 20 -14.81 -8.96 5.54
N LYS A 21 -15.17 -9.98 4.77
CA LYS A 21 -14.90 -11.35 5.15
C LYS A 21 -14.01 -12.05 4.10
N SER A 22 -13.88 -11.41 2.94
CA SER A 22 -13.06 -11.96 1.87
C SER A 22 -11.60 -11.57 2.03
N GLY A 23 -11.33 -10.68 2.98
CA GLY A 23 -9.97 -10.23 3.22
C GLY A 23 -9.62 -8.98 2.44
N ILE A 24 -10.06 -8.94 1.18
CA ILE A 24 -9.78 -7.79 0.33
C ILE A 24 -10.99 -7.45 -0.54
N SER A 25 -11.23 -6.16 -0.74
CA SER A 25 -12.35 -5.70 -1.55
C SER A 25 -11.88 -4.75 -2.65
N GLY A 26 -12.00 -5.18 -3.90
CA GLY A 26 -11.59 -4.35 -5.01
C GLY A 26 -12.26 -3.00 -5.01
N SER A 27 -13.59 -3.00 -5.02
CA SER A 27 -14.36 -1.77 -5.02
C SER A 27 -13.78 -0.77 -4.03
N ARG A 28 -13.52 -1.23 -2.81
CA ARG A 28 -12.97 -0.37 -1.77
C ARG A 28 -11.68 0.29 -2.24
N ILE A 29 -10.72 -0.51 -2.66
CA ILE A 29 -9.44 0.01 -3.14
C ILE A 29 -9.64 1.11 -4.16
N LYS A 30 -10.57 0.89 -5.10
CA LYS A 30 -10.86 1.88 -6.13
C LYS A 30 -11.24 3.21 -5.51
N LYS A 31 -12.27 3.20 -4.68
CA LYS A 31 -12.74 4.42 -4.01
C LYS A 31 -11.58 5.16 -3.35
N LEU A 32 -10.78 4.41 -2.58
CA LEU A 32 -9.64 5.01 -1.89
C LEU A 32 -8.68 5.66 -2.87
N THR A 33 -8.30 4.91 -3.90
CA THR A 33 -7.38 5.41 -4.92
C THR A 33 -7.93 6.69 -5.56
N THR A 34 -8.99 6.54 -6.35
CA THR A 34 -9.60 7.67 -7.03
C THR A 34 -9.76 8.86 -6.08
N TYR A 35 -10.22 8.59 -4.86
CA TYR A 35 -10.41 9.63 -3.86
C TYR A 35 -9.11 10.37 -3.59
N ALA A 36 -8.08 9.63 -3.20
CA ALA A 36 -6.78 10.20 -2.90
C ALA A 36 -6.34 11.15 -4.01
N LEU A 37 -6.26 10.63 -5.22
CA LEU A 37 -5.84 11.43 -6.37
C LEU A 37 -6.75 12.65 -6.54
N ASP A 38 -8.06 12.42 -6.50
CA ASP A 38 -9.03 13.50 -6.65
C ASP A 38 -8.80 14.58 -5.60
N HIS A 39 -8.23 14.19 -4.47
CA HIS A 39 -7.94 15.12 -3.38
C HIS A 39 -6.50 15.00 -2.92
N ILE A 40 -5.59 15.68 -3.62
CA ILE A 40 -4.18 15.65 -3.27
C ILE A 40 -3.89 16.56 -2.09
N ASP A 41 -4.92 17.23 -1.59
CA ASP A 41 -4.76 18.13 -0.45
C ASP A 41 -4.99 17.39 0.87
N ILE A 42 -4.85 16.07 0.83
CA ILE A 42 -5.04 15.24 2.02
C ILE A 42 -4.16 14.00 1.97
N GLU A 43 -3.03 14.11 1.27
CA GLU A 43 -2.10 12.99 1.15
C GLU A 43 -1.63 12.52 2.52
N SER A 44 -1.50 13.46 3.45
CA SER A 44 -1.04 13.14 4.80
C SER A 44 -1.99 12.15 5.46
N LYS A 45 -3.17 12.61 5.83
CA LYS A 45 -4.16 11.76 6.48
C LYS A 45 -4.35 10.46 5.71
N ILE A 46 -4.46 10.57 4.39
CA ILE A 46 -4.64 9.39 3.55
C ILE A 46 -3.50 8.40 3.74
N ILE A 47 -2.31 8.79 3.29
CA ILE A 47 -1.14 7.93 3.40
C ILE A 47 -0.99 7.40 4.83
N SER A 48 -1.11 8.28 5.80
CA SER A 48 -1.00 7.91 7.20
C SER A 48 -2.03 6.83 7.57
N LEU A 49 -3.25 7.01 7.09
CA LEU A 49 -4.32 6.06 7.37
C LEU A 49 -3.94 4.66 6.87
N ILE A 50 -3.85 4.51 5.56
CA ILE A 50 -3.50 3.22 4.96
C ILE A 50 -2.32 2.58 5.70
N ILE A 51 -1.30 3.38 5.97
CA ILE A 51 -0.12 2.89 6.67
C ILE A 51 -0.49 2.27 8.02
N ASP A 52 -1.19 3.05 8.84
CA ASP A 52 -1.61 2.58 10.15
C ASP A 52 -2.46 1.32 10.04
N TYR A 53 -3.37 1.31 9.06
CA TYR A 53 -4.24 0.16 8.84
C TYR A 53 -3.43 -1.11 8.62
N SER A 54 -2.32 -0.97 7.90
CA SER A 54 -1.45 -2.11 7.61
C SER A 54 -0.85 -2.68 8.89
N ARG A 55 0.03 -1.91 9.51
CA ARG A 55 0.67 -2.35 10.75
C ARG A 55 -0.37 -2.65 11.83
N LEU A 56 -1.52 -2.00 11.74
CA LEU A 56 -2.60 -2.20 12.70
C LEU A 56 -2.75 -3.68 13.03
N CYS A 57 -3.36 -4.43 12.12
CA CYS A 57 -3.58 -5.86 12.32
C CYS A 57 -2.47 -6.67 11.67
N PRO A 58 -2.44 -7.98 11.96
CA PRO A 58 -1.43 -8.89 11.41
C PRO A 58 -1.62 -9.13 9.91
N ASP A 59 -1.08 -10.24 9.42
CA ASP A 59 -1.19 -10.58 8.01
C ASP A 59 -2.47 -10.02 7.41
N SER A 60 -3.60 -10.36 8.03
CA SER A 60 -4.90 -9.89 7.56
C SER A 60 -4.79 -8.49 6.97
N HIS A 61 -4.68 -7.48 7.83
CA HIS A 61 -4.56 -6.10 7.39
C HIS A 61 -3.32 -5.91 6.53
N LYS A 62 -2.23 -6.57 6.90
CA LYS A 62 -0.98 -6.47 6.17
C LYS A 62 -1.21 -6.61 4.67
N LEU A 63 -1.73 -7.75 4.26
CA LEU A 63 -2.01 -8.02 2.85
C LEU A 63 -2.95 -6.97 2.28
N GLY A 64 -4.13 -6.84 2.90
CA GLY A 64 -5.11 -5.87 2.45
C GLY A 64 -4.51 -4.49 2.25
N SER A 65 -3.98 -3.91 3.32
CA SER A 65 -3.38 -2.59 3.25
C SER A 65 -2.42 -2.48 2.07
N LEU A 66 -1.55 -3.48 1.93
CA LEU A 66 -0.58 -3.50 0.84
C LEU A 66 -1.26 -3.23 -0.50
N TYR A 67 -2.33 -3.96 -0.77
CA TYR A 67 -3.07 -3.80 -2.02
C TYR A 67 -3.53 -2.36 -2.19
N ILE A 68 -4.15 -1.81 -1.16
CA ILE A 68 -4.64 -0.44 -1.19
C ILE A 68 -3.51 0.54 -1.52
N ILE A 69 -2.46 0.51 -0.70
CA ILE A 69 -1.31 1.38 -0.90
C ILE A 69 -0.73 1.22 -2.30
N ASP A 70 -0.74 -0.02 -2.79
CA ASP A 70 -0.21 -0.31 -4.11
C ASP A 70 -0.89 0.53 -5.18
N SER A 71 -2.23 0.45 -5.23
CA SER A 71 -3.01 1.20 -6.20
C SER A 71 -2.71 2.70 -6.09
N ILE A 72 -2.91 3.24 -4.89
CA ILE A 72 -2.68 4.66 -4.64
C ILE A 72 -1.26 5.05 -5.03
N GLY A 73 -0.29 4.23 -4.62
CA GLY A 73 1.10 4.52 -4.94
C GLY A 73 1.34 4.69 -6.43
N ARG A 74 0.99 3.66 -7.20
CA ARG A 74 1.16 3.70 -8.65
C ARG A 74 0.56 4.97 -9.24
N ALA A 75 -0.71 5.19 -8.96
CA ALA A 75 -1.40 6.38 -9.46
C ALA A 75 -0.69 7.66 -9.04
N TYR A 76 -0.44 7.78 -7.74
CA TYR A 76 0.23 8.96 -7.20
C TYR A 76 1.55 9.21 -7.93
N LEU A 77 2.33 8.15 -8.10
CA LEU A 77 3.62 8.25 -8.77
C LEU A 77 3.46 8.87 -10.16
N ASP A 78 2.58 8.29 -10.96
CA ASP A 78 2.33 8.78 -12.31
C ASP A 78 1.94 10.25 -12.29
N GLU A 79 1.14 10.63 -11.29
CA GLU A 79 0.70 12.02 -11.16
C GLU A 79 1.89 12.96 -10.99
N THR A 80 2.58 12.83 -9.87
CA THR A 80 3.75 13.67 -9.59
C THR A 80 4.78 13.56 -10.72
N ARG A 81 5.14 12.33 -11.06
CA ARG A 81 6.13 12.10 -12.11
C ARG A 81 5.70 12.77 -13.41
N SER A 82 4.38 12.90 -13.61
CA SER A 82 3.85 13.53 -14.81
C SER A 82 4.54 14.87 -15.08
N ASN A 83 4.93 15.55 -14.02
CA ASN A 83 5.59 16.84 -14.13
C ASN A 83 6.88 16.87 -13.32
N SER A 84 6.75 16.72 -12.01
CA SER A 84 7.91 16.73 -11.12
C SER A 84 7.51 16.28 -9.71
N ASN A 85 8.51 15.83 -8.95
CA ASN A 85 8.27 15.37 -7.59
C ASN A 85 9.10 16.17 -6.58
N SER A 86 9.11 15.70 -5.34
CA SER A 86 9.86 16.37 -4.29
C SER A 86 10.76 15.39 -3.54
N SER A 87 11.48 15.89 -2.54
CA SER A 87 12.37 15.05 -1.75
C SER A 87 11.67 14.53 -0.50
N SER A 88 12.42 13.83 0.35
CA SER A 88 11.86 13.28 1.57
C SER A 88 11.61 14.38 2.61
N ASN A 89 10.38 14.46 3.09
CA ASN A 89 10.00 15.46 4.08
C ASN A 89 8.54 15.31 4.48
N LYS A 90 8.05 16.24 5.29
CA LYS A 90 6.67 16.21 5.76
C LYS A 90 5.71 16.08 4.57
N PRO A 91 4.48 15.61 4.86
CA PRO A 91 3.44 15.43 3.84
C PRO A 91 2.93 16.76 3.30
N GLY A 92 2.23 16.70 2.17
CA GLY A 92 1.70 17.90 1.56
C GLY A 92 1.03 17.63 0.23
N THR A 93 1.62 16.75 -0.57
CA THR A 93 1.08 16.40 -1.88
C THR A 93 1.61 15.05 -2.35
N CYS A 94 1.21 14.66 -3.56
CA CYS A 94 1.64 13.38 -4.13
C CYS A 94 3.11 13.13 -3.84
N ALA A 95 3.97 14.09 -4.21
CA ALA A 95 5.40 13.97 -3.98
C ALA A 95 5.70 13.54 -2.55
N HIS A 96 5.38 14.41 -1.60
CA HIS A 96 5.62 14.12 -0.18
C HIS A 96 5.02 12.77 0.20
N ALA A 97 3.87 12.45 -0.38
CA ALA A 97 3.19 11.19 -0.10
C ALA A 97 4.10 10.01 -0.36
N ILE A 98 4.55 9.87 -1.61
CA ILE A 98 5.43 8.77 -1.99
C ILE A 98 6.65 8.71 -1.07
N ASN A 99 7.21 9.87 -0.76
CA ASN A 99 8.38 9.94 0.10
C ASN A 99 8.11 9.28 1.44
N THR A 100 7.03 9.70 2.10
CA THR A 100 6.65 9.15 3.40
C THR A 100 6.50 7.64 3.32
N LEU A 101 5.67 7.17 2.40
CA LEU A 101 5.44 5.74 2.23
C LEU A 101 6.76 4.99 2.10
N GLY A 102 7.56 5.40 1.11
CA GLY A 102 8.84 4.75 0.90
C GLY A 102 9.74 4.83 2.11
N GLU A 103 9.40 5.69 3.05
CA GLU A 103 10.19 5.86 4.26
C GLU A 103 9.64 4.99 5.39
N VAL A 104 8.48 4.38 5.16
CA VAL A 104 7.86 3.52 6.15
C VAL A 104 7.58 2.14 5.58
N ILE A 105 7.67 2.01 4.26
CA ILE A 105 7.44 0.74 3.59
C ILE A 105 8.26 -0.37 4.24
N GLN A 106 9.41 -0.02 4.79
CA GLN A 106 10.28 -0.99 5.46
C GLN A 106 9.49 -1.84 6.44
N GLU A 107 9.08 -1.22 7.55
CA GLU A 107 8.33 -1.93 8.58
C GLU A 107 7.06 -2.55 7.99
N LEU A 108 6.40 -1.81 7.10
CA LEU A 108 5.18 -2.29 6.46
C LEU A 108 5.41 -3.61 5.76
N LEU A 109 6.09 -3.56 4.62
CA LEU A 109 6.38 -4.77 3.85
C LEU A 109 7.02 -5.84 4.72
N SER A 110 8.22 -5.56 5.22
CA SER A 110 8.94 -6.50 6.08
C SER A 110 7.96 -7.26 6.97
N ASP A 111 7.21 -6.51 7.79
CA ASP A 111 6.25 -7.12 8.69
C ASP A 111 5.26 -7.99 7.94
N ALA A 112 4.65 -7.42 6.90
CA ALA A 112 3.67 -8.14 6.09
C ALA A 112 4.25 -9.48 5.60
N ILE A 113 5.35 -9.40 4.86
CA ILE A 113 6.00 -10.58 4.33
C ILE A 113 6.28 -11.59 5.43
N ALA A 114 6.94 -11.14 6.50
CA ALA A 114 7.26 -12.00 7.62
C ALA A 114 6.01 -12.66 8.20
N LYS A 115 5.14 -11.85 8.81
CA LYS A 115 3.91 -12.35 9.40
C LYS A 115 3.17 -13.26 8.41
N SER A 116 2.98 -12.76 7.20
CA SER A 116 2.28 -13.53 6.17
C SER A 116 2.86 -14.93 6.04
N ASN A 117 2.04 -15.87 5.59
CA ASN A 117 2.47 -17.26 5.43
C ASN A 117 2.93 -17.51 3.99
N GLN A 118 3.15 -18.78 3.67
CA GLN A 118 3.59 -19.16 2.33
C GLN A 118 2.72 -18.51 1.26
N ASP A 119 1.40 -18.67 1.41
CA ASP A 119 0.46 -18.10 0.46
C ASP A 119 0.55 -16.58 0.45
N HIS A 120 0.19 -15.97 1.58
CA HIS A 120 0.23 -14.51 1.71
C HIS A 120 1.58 -13.96 1.24
N LYS A 121 2.64 -14.40 1.88
CA LYS A 121 3.99 -13.95 1.53
C LYS A 121 4.19 -13.98 0.02
N GLU A 122 3.65 -15.00 -0.62
CA GLU A 122 3.77 -15.14 -2.07
C GLU A 122 3.14 -13.95 -2.79
N LYS A 123 1.94 -13.56 -2.36
CA LYS A 123 1.23 -12.45 -2.96
C LYS A 123 2.07 -11.17 -2.87
N ILE A 124 2.59 -10.89 -1.68
CA ILE A 124 3.41 -9.70 -1.48
C ILE A 124 4.60 -9.67 -2.42
N ARG A 125 5.31 -10.79 -2.49
CA ARG A 125 6.48 -10.90 -3.37
C ARG A 125 6.13 -10.45 -4.79
N MET A 126 5.08 -11.03 -5.35
CA MET A 126 4.64 -10.70 -6.70
C MET A 126 4.39 -9.20 -6.83
N LEU A 127 3.65 -8.64 -5.88
CA LEU A 127 3.34 -7.22 -5.88
C LEU A 127 4.61 -6.38 -5.97
N LEU A 128 5.60 -6.74 -5.16
CA LEU A 128 6.86 -6.02 -5.15
C LEU A 128 7.48 -5.98 -6.54
N ASP A 129 7.55 -7.13 -7.19
CA ASP A 129 8.11 -7.22 -8.53
C ASP A 129 7.43 -6.25 -9.48
N ILE A 130 6.10 -6.26 -9.46
CA ILE A 130 5.32 -5.37 -10.33
C ILE A 130 5.67 -3.91 -10.08
N TRP A 131 5.83 -3.56 -8.80
CA TRP A 131 6.16 -2.19 -8.42
C TRP A 131 7.43 -1.72 -9.14
N ASP A 132 8.52 -2.44 -8.94
CA ASP A 132 9.79 -2.11 -9.57
C ASP A 132 9.64 -2.02 -11.08
N ARG A 133 9.09 -3.07 -11.69
CA ARG A 133 8.89 -3.10 -13.13
C ARG A 133 8.08 -1.89 -13.60
N SER A 134 6.84 -1.80 -13.14
CA SER A 134 5.98 -0.69 -13.51
C SER A 134 6.67 0.65 -13.30
N GLY A 135 7.19 0.86 -12.10
CA GLY A 135 7.88 2.10 -11.78
C GLY A 135 7.52 2.64 -10.42
N LEU A 136 6.57 1.99 -9.75
CA LEU A 136 6.13 2.41 -8.43
C LEU A 136 7.30 2.42 -7.45
N PHE A 137 7.47 3.54 -6.76
CA PHE A 137 8.55 3.68 -5.79
C PHE A 137 9.91 3.45 -6.45
N GLN A 138 9.98 3.71 -7.75
CA GLN A 138 11.22 3.53 -8.50
C GLN A 138 12.02 4.82 -8.53
N LYS A 139 11.70 5.75 -7.64
CA LYS A 139 12.38 7.02 -7.57
C LYS A 139 13.49 6.99 -6.50
N SER A 140 13.56 5.89 -5.77
CA SER A 140 14.55 5.73 -4.73
C SER A 140 14.42 4.37 -4.04
N TYR A 141 15.33 3.46 -4.35
CA TYR A 141 15.31 2.12 -3.77
C TYR A 141 15.23 2.19 -2.24
N LEU A 142 15.02 1.04 -1.62
CA LEU A 142 14.92 0.97 -0.17
C LEU A 142 15.57 -0.31 0.36
N ASN A 143 16.47 -0.15 1.33
CA ASN A 143 17.16 -1.29 1.93
C ASN A 143 16.17 -2.30 2.49
N ALA A 144 14.94 -1.85 2.73
CA ALA A 144 13.90 -2.71 3.26
C ALA A 144 13.90 -4.06 2.58
N ILE A 145 13.06 -4.22 1.56
CA ILE A 145 12.97 -5.47 0.82
C ILE A 145 14.25 -5.74 0.04
N ARG A 146 14.99 -4.68 -0.25
CA ARG A 146 16.25 -4.80 -1.00
C ARG A 146 17.09 -5.95 -0.44
N SER A 147 17.29 -5.95 0.87
CA SER A 147 18.09 -6.99 1.52
C SER A 147 17.39 -8.34 1.44
N LYS A 148 17.92 -9.23 0.61
CA LYS A 148 17.35 -10.57 0.44
C LYS A 148 17.11 -11.22 1.79
N CYS A 149 17.88 -10.81 2.79
CA CYS A 149 17.75 -11.36 4.14
C CYS A 149 16.29 -11.40 4.58
N PHE A 150 15.51 -10.44 4.10
CA PHE A 150 14.10 -10.35 4.45
C PHE A 150 13.39 -11.66 4.12
N ALA A 151 12.93 -11.79 2.88
CA ALA A 151 12.22 -12.99 2.46
C ALA A 151 12.99 -14.25 2.87
N MET A 152 14.29 -14.26 2.62
CA MET A 152 15.12 -15.40 2.98
C MET A 152 14.91 -15.80 4.42
N ASP A 153 15.01 -14.84 5.33
CA ASP A 153 14.82 -15.10 6.75
C ASP A 153 13.40 -15.58 7.03
N LEU A 154 12.43 -14.70 6.85
CA LEU A 154 11.03 -15.03 7.08
C LEU A 154 10.66 -16.33 6.37
N GLU A 155 11.33 -16.62 5.27
CA GLU A 155 11.07 -17.83 4.50
C GLU A 155 11.24 -19.07 5.38
N HIS A 156 11.15 -20.25 4.76
CA HIS A 156 11.29 -21.50 5.47
C HIS A 156 10.64 -21.42 6.85
N HIS A 157 9.40 -20.95 6.88
CA HIS A 157 8.65 -20.82 8.13
C HIS A 157 7.62 -21.94 8.26
N HIS A 158 7.79 -22.99 7.48
CA HIS A 158 6.87 -24.13 7.51
C HIS A 158 7.63 -25.44 7.38
N HIS A 159 6.89 -26.53 7.21
CA HIS A 159 7.49 -27.85 7.07
C HIS A 159 8.37 -27.92 5.84
N HIS A 160 7.79 -27.61 4.68
CA HIS A 160 8.52 -27.64 3.42
C HIS A 160 9.49 -26.47 3.33
N HIS A 161 10.78 -26.77 3.19
CA HIS A 161 11.81 -25.74 3.08
C HIS A 161 13.17 -26.36 2.79
N ASP B 1 -16.62 -10.93 -6.79
CA ASP B 1 -17.18 -11.72 -5.71
C ASP B 1 -18.67 -11.46 -5.57
N ASP B 2 -19.03 -10.24 -5.18
CA ASP B 2 -20.42 -9.87 -5.00
C ASP B 2 -20.71 -8.53 -5.68
N ASP B 3 -20.24 -7.45 -5.06
CA ASP B 3 -20.45 -6.10 -5.60
C ASP B 3 -19.71 -5.94 -6.93
N GLU B 4 -18.39 -5.99 -6.87
CA GLU B 4 -17.57 -5.84 -8.07
C GLU B 4 -16.09 -6.04 -7.75
N ASP B 5 -15.81 -6.95 -6.83
CA ASP B 5 -14.44 -7.24 -6.43
C ASP B 5 -13.58 -7.61 -7.64
N GLY B 6 -12.29 -7.81 -7.42
CA GLY B 6 -11.39 -8.17 -8.49
C GLY B 6 -10.39 -7.07 -8.80
N TYR B 7 -9.20 -7.17 -8.22
CA TYR B 7 -8.16 -6.17 -8.44
C TYR B 7 -6.78 -6.79 -8.28
N ASN B 8 -6.03 -6.83 -9.37
CA ASN B 8 -4.69 -7.40 -9.37
C ASN B 8 -3.63 -6.30 -9.19
N PRO B 9 -2.46 -6.69 -8.65
CA PRO B 9 -1.36 -5.76 -8.42
C PRO B 9 -0.71 -5.29 -9.72
N TYR B 10 -1.00 -6.00 -10.81
CA TYR B 10 -0.44 -5.66 -12.11
C TYR B 10 -1.51 -5.04 -13.01
N THR B 11 -2.45 -4.32 -12.39
CA THR B 11 -3.52 -3.67 -13.14
C THR B 11 -3.00 -2.52 -13.98
N LEU B 12 -1.87 -1.95 -13.56
CA LEU B 12 -1.26 -0.84 -14.28
C LEU B 12 0.00 -1.29 -15.01
N MET A 1 -14.49 20.84 -3.70
CA MET A 1 -14.82 22.26 -3.73
C MET A 1 -16.04 22.55 -2.86
N GLN A 2 -17.09 21.74 -3.04
CA GLN A 2 -18.32 21.92 -2.28
C GLN A 2 -18.70 20.64 -1.55
N GLN A 3 -17.78 20.14 -0.71
CA GLN A 3 -18.01 18.92 0.04
C GLN A 3 -18.33 17.76 -0.89
N ASP A 4 -17.88 17.87 -2.13
CA ASP A 4 -18.13 16.82 -3.12
C ASP A 4 -16.90 15.93 -3.29
N ASP A 5 -17.05 14.65 -2.98
CA ASP A 5 -15.95 13.70 -3.10
C ASP A 5 -14.84 14.03 -2.11
N ASP A 6 -15.19 14.12 -0.84
CA ASP A 6 -14.22 14.44 0.20
C ASP A 6 -13.68 13.17 0.85
N PHE A 7 -13.05 13.32 2.02
CA PHE A 7 -12.49 12.18 2.73
C PHE A 7 -13.50 11.04 2.82
N GLN A 8 -14.79 11.39 2.78
CA GLN A 8 -15.85 10.40 2.86
C GLN A 8 -15.62 9.27 1.86
N ASN A 9 -15.50 9.63 0.59
CA ASN A 9 -15.28 8.65 -0.46
C ASN A 9 -14.08 7.77 -0.14
N PHE A 10 -12.94 8.41 0.16
CA PHE A 10 -11.72 7.67 0.48
C PHE A 10 -11.96 6.70 1.64
N VAL A 11 -12.16 7.25 2.84
CA VAL A 11 -12.40 6.44 4.02
C VAL A 11 -13.44 5.37 3.75
N ALA A 12 -14.53 5.76 3.10
CA ALA A 12 -15.61 4.84 2.77
C ALA A 12 -15.08 3.61 2.04
N THR A 13 -14.27 3.84 1.00
CA THR A 13 -13.70 2.76 0.22
C THR A 13 -12.88 1.82 1.10
N LEU A 14 -11.94 2.38 1.85
CA LEU A 14 -11.09 1.58 2.73
C LEU A 14 -11.93 0.79 3.71
N GLU A 15 -12.83 1.48 4.42
CA GLU A 15 -13.70 0.82 5.39
C GLU A 15 -14.36 -0.41 4.79
N SER A 16 -15.08 -0.22 3.69
CA SER A 16 -15.76 -1.31 3.01
C SER A 16 -14.79 -2.43 2.67
N PHE A 17 -13.55 -2.06 2.38
CA PHE A 17 -12.52 -3.02 2.02
C PHE A 17 -12.33 -4.05 3.15
N LYS A 18 -11.93 -3.56 4.31
CA LYS A 18 -11.70 -4.44 5.47
C LYS A 18 -12.96 -5.25 5.77
N ASP A 19 -14.12 -4.65 5.56
CA ASP A 19 -15.39 -5.33 5.82
C ASP A 19 -15.49 -6.62 5.01
N LEU A 20 -14.73 -6.69 3.92
CA LEU A 20 -14.73 -7.87 3.06
C LEU A 20 -14.01 -9.03 3.73
N LYS A 21 -14.31 -10.24 3.27
CA LYS A 21 -13.69 -11.44 3.82
C LYS A 21 -12.53 -11.92 2.94
N SER A 22 -11.54 -11.04 2.74
CA SER A 22 -10.39 -11.37 1.92
C SER A 22 -10.77 -11.42 0.44
N GLY A 23 -11.66 -10.51 0.03
CA GLY A 23 -12.09 -10.46 -1.35
C GLY A 23 -11.14 -9.68 -2.23
N ILE A 24 -10.71 -8.52 -1.75
CA ILE A 24 -9.80 -7.67 -2.51
C ILE A 24 -10.40 -7.24 -3.83
N SER A 25 -11.23 -6.20 -3.79
CA SER A 25 -11.89 -5.70 -4.99
C SER A 25 -11.08 -4.56 -5.61
N GLY A 26 -10.73 -4.72 -6.88
CA GLY A 26 -9.95 -3.70 -7.58
C GLY A 26 -10.62 -2.33 -7.52
N SER A 27 -11.94 -2.32 -7.62
CA SER A 27 -12.69 -1.07 -7.59
C SER A 27 -12.29 -0.22 -6.38
N ARG A 28 -12.17 -0.87 -5.23
CA ARG A 28 -11.80 -0.19 -4.00
C ARG A 28 -10.49 0.59 -4.19
N ILE A 29 -9.41 -0.14 -4.45
CA ILE A 29 -8.10 0.47 -4.66
C ILE A 29 -8.19 1.63 -5.66
N LYS A 30 -8.95 1.43 -6.73
CA LYS A 30 -9.13 2.44 -7.76
C LYS A 30 -9.62 3.75 -7.15
N LYS A 31 -10.78 3.70 -6.51
CA LYS A 31 -11.36 4.88 -5.89
C LYS A 31 -10.35 5.56 -4.97
N LEU A 32 -9.69 4.77 -4.14
CA LEU A 32 -8.69 5.30 -3.21
C LEU A 32 -7.59 6.04 -3.95
N THR A 33 -6.98 5.37 -4.92
CA THR A 33 -5.92 5.96 -5.71
C THR A 33 -6.39 7.25 -6.40
N THR A 34 -7.25 7.10 -7.40
CA THR A 34 -7.77 8.23 -8.14
C THR A 34 -8.10 9.39 -7.20
N TYR A 35 -8.75 9.07 -6.09
CA TYR A 35 -9.13 10.08 -5.12
C TYR A 35 -7.90 10.81 -4.58
N ALA A 36 -6.97 10.05 -4.02
CA ALA A 36 -5.75 10.62 -3.47
C ALA A 36 -5.12 11.60 -4.45
N LEU A 37 -4.82 11.13 -5.65
CA LEU A 37 -4.21 11.97 -6.67
C LEU A 37 -5.07 13.19 -6.96
N ASP A 38 -6.37 12.98 -7.13
CA ASP A 38 -7.30 14.06 -7.41
C ASP A 38 -7.23 15.12 -6.31
N HIS A 39 -6.81 14.71 -5.12
CA HIS A 39 -6.70 15.62 -3.98
C HIS A 39 -5.35 15.47 -3.30
N ILE A 40 -4.35 16.18 -3.81
CA ILE A 40 -3.01 16.13 -3.25
C ILE A 40 -2.90 17.02 -2.01
N ASP A 41 -4.01 17.64 -1.63
CA ASP A 41 -4.03 18.51 -0.46
C ASP A 41 -4.45 17.74 0.78
N ILE A 42 -4.32 16.42 0.72
CA ILE A 42 -4.68 15.56 1.85
C ILE A 42 -3.83 14.29 1.88
N GLU A 43 -2.56 14.44 1.50
CA GLU A 43 -1.63 13.31 1.48
C GLU A 43 -1.48 12.71 2.88
N SER A 44 -1.48 13.58 3.89
CA SER A 44 -1.34 13.14 5.27
C SER A 44 -2.44 12.16 5.63
N LYS A 45 -3.64 12.68 5.83
CA LYS A 45 -4.79 11.85 6.19
C LYS A 45 -4.83 10.59 5.34
N ILE A 46 -4.70 10.75 4.03
CA ILE A 46 -4.71 9.62 3.10
C ILE A 46 -3.65 8.59 3.48
N ILE A 47 -2.39 8.93 3.20
CA ILE A 47 -1.29 8.04 3.52
C ILE A 47 -1.43 7.44 4.90
N SER A 48 -1.69 8.29 5.89
CA SER A 48 -1.85 7.85 7.27
C SER A 48 -2.96 6.80 7.38
N LEU A 49 -4.07 7.05 6.70
CA LEU A 49 -5.20 6.14 6.71
C LEU A 49 -4.79 4.75 6.24
N ILE A 50 -4.45 4.64 4.97
CA ILE A 50 -4.02 3.37 4.39
C ILE A 50 -3.01 2.67 5.30
N ILE A 51 -2.03 3.42 5.77
CA ILE A 51 -1.00 2.87 6.65
C ILE A 51 -1.62 2.20 7.87
N ASP A 52 -2.37 2.97 8.64
CA ASP A 52 -3.03 2.44 9.84
C ASP A 52 -3.93 1.27 9.49
N TYR A 53 -4.80 1.47 8.50
CA TYR A 53 -5.73 0.42 8.08
C TYR A 53 -4.99 -0.90 7.86
N SER A 54 -3.79 -0.82 7.31
CA SER A 54 -2.99 -2.01 7.05
C SER A 54 -2.65 -2.73 8.36
N ARG A 55 -1.71 -2.16 9.10
CA ARG A 55 -1.29 -2.75 10.37
C ARG A 55 -2.50 -3.21 11.19
N LEU A 56 -3.59 -2.46 11.08
CA LEU A 56 -4.81 -2.79 11.80
C LEU A 56 -5.37 -4.14 11.37
N CYS A 57 -6.02 -4.17 10.21
CA CYS A 57 -6.60 -5.40 9.68
C CYS A 57 -5.58 -6.54 9.75
N PRO A 58 -6.08 -7.77 9.91
CA PRO A 58 -5.24 -8.96 9.99
C PRO A 58 -4.59 -9.30 8.65
N ASP A 59 -4.30 -10.58 8.45
CA ASP A 59 -3.68 -11.04 7.21
C ASP A 59 -4.23 -10.28 6.01
N SER A 60 -5.55 -10.14 5.97
CA SER A 60 -6.22 -9.43 4.88
C SER A 60 -5.46 -8.15 4.52
N HIS A 61 -5.03 -7.43 5.56
CA HIS A 61 -4.30 -6.18 5.36
C HIS A 61 -3.04 -6.41 4.52
N LYS A 62 -2.28 -7.44 4.88
CA LYS A 62 -1.05 -7.77 4.17
C LYS A 62 -1.25 -7.64 2.66
N LEU A 63 -2.05 -8.53 2.09
CA LEU A 63 -2.31 -8.51 0.65
C LEU A 63 -2.96 -7.20 0.25
N GLY A 64 -4.14 -6.92 0.81
CA GLY A 64 -4.85 -5.70 0.49
C GLY A 64 -3.95 -4.48 0.56
N SER A 65 -3.59 -4.07 1.77
CA SER A 65 -2.75 -2.91 1.96
C SER A 65 -1.67 -2.82 0.88
N LEU A 66 -0.85 -3.86 0.79
CA LEU A 66 0.21 -3.90 -0.21
C LEU A 66 -0.27 -3.38 -1.56
N TYR A 67 -1.37 -3.96 -2.05
CA TYR A 67 -1.94 -3.54 -3.32
C TYR A 67 -2.27 -2.05 -3.31
N ILE A 68 -2.93 -1.61 -2.25
CA ILE A 68 -3.31 -0.21 -2.11
C ILE A 68 -2.10 0.71 -2.24
N ILE A 69 -1.09 0.47 -1.40
CA ILE A 69 0.12 1.27 -1.44
C ILE A 69 0.76 1.26 -2.82
N ASP A 70 0.70 0.12 -3.49
CA ASP A 70 1.26 -0.02 -4.83
C ASP A 70 0.64 0.99 -5.78
N SER A 71 -0.69 0.95 -5.90
CA SER A 71 -1.41 1.86 -6.78
C SER A 71 -1.07 3.32 -6.46
N ILE A 72 -1.45 3.76 -5.26
CA ILE A 72 -1.19 5.12 -4.83
C ILE A 72 0.28 5.48 -5.00
N GLY A 73 1.16 4.58 -4.57
CA GLY A 73 2.58 4.82 -4.70
C GLY A 73 3.00 5.17 -6.11
N ARG A 74 2.78 4.24 -7.04
CA ARG A 74 3.14 4.45 -8.43
C ARG A 74 2.61 5.79 -8.93
N ALA A 75 1.31 6.00 -8.79
CA ALA A 75 0.67 7.24 -9.22
C ALA A 75 1.36 8.45 -8.58
N TYR A 76 1.29 8.53 -7.25
CA TYR A 76 1.89 9.64 -6.53
C TYR A 76 3.32 9.91 -7.02
N LEU A 77 4.12 8.84 -7.08
CA LEU A 77 5.50 8.95 -7.53
C LEU A 77 5.58 9.68 -8.87
N ASP A 78 4.99 9.09 -9.90
CA ASP A 78 4.99 9.69 -11.23
C ASP A 78 4.46 11.12 -11.18
N GLU A 79 3.42 11.34 -10.38
CA GLU A 79 2.82 12.66 -10.25
C GLU A 79 3.88 13.69 -9.85
N THR A 80 4.28 13.65 -8.58
CA THR A 80 5.28 14.58 -8.07
C THR A 80 6.54 14.54 -8.90
N ARG A 81 6.90 13.35 -9.37
CA ARG A 81 8.11 13.18 -10.18
C ARG A 81 8.08 14.10 -11.39
N SER A 82 6.91 14.21 -12.02
CA SER A 82 6.75 15.06 -13.20
C SER A 82 7.29 16.46 -12.93
N ASN A 83 7.22 16.88 -11.67
CA ASN A 83 7.70 18.21 -11.28
C ASN A 83 8.99 18.11 -10.48
N SER A 84 8.86 17.72 -9.21
CA SER A 84 10.01 17.59 -8.34
C SER A 84 9.58 17.14 -6.94
N ASN A 85 10.36 16.24 -6.34
CA ASN A 85 10.07 15.72 -5.02
C ASN A 85 11.06 16.27 -3.99
N SER A 86 11.02 15.71 -2.78
CA SER A 86 11.91 16.15 -1.71
C SER A 86 11.77 15.23 -0.50
N SER A 87 12.87 15.07 0.23
CA SER A 87 12.88 14.22 1.42
C SER A 87 13.01 15.05 2.69
N SER A 88 12.71 14.44 3.83
CA SER A 88 12.79 15.13 5.11
C SER A 88 12.02 16.45 5.06
N ASN A 89 10.70 16.35 4.96
CA ASN A 89 9.85 17.53 4.90
C ASN A 89 8.56 17.31 5.68
N LYS A 90 7.59 18.19 5.48
CA LYS A 90 6.30 18.10 6.16
C LYS A 90 5.21 17.62 5.21
N PRO A 91 4.12 17.11 5.77
CA PRO A 91 2.98 16.61 4.99
C PRO A 91 2.22 17.73 4.30
N GLY A 92 1.84 17.50 3.05
CA GLY A 92 1.10 18.51 2.30
C GLY A 92 0.86 18.10 0.86
N THR A 93 1.77 17.30 0.31
CA THR A 93 1.66 16.84 -1.06
C THR A 93 2.25 15.44 -1.23
N CYS A 94 2.23 14.94 -2.46
CA CYS A 94 2.76 13.61 -2.75
C CYS A 94 4.15 13.44 -2.13
N ALA A 95 4.99 14.45 -2.29
CA ALA A 95 6.34 14.42 -1.74
C ALA A 95 6.37 13.71 -0.40
N HIS A 96 5.90 14.40 0.64
CA HIS A 96 5.89 13.84 1.98
C HIS A 96 5.20 12.47 1.99
N ALA A 97 4.13 12.33 1.20
CA ALA A 97 3.40 11.08 1.12
C ALA A 97 4.33 9.92 0.79
N ILE A 98 5.04 10.03 -0.33
CA ILE A 98 5.97 8.98 -0.75
C ILE A 98 7.01 8.70 0.33
N ASN A 99 7.61 9.75 0.86
CA ASN A 99 8.61 9.61 1.90
C ASN A 99 8.06 8.85 3.10
N THR A 100 6.97 9.36 3.66
CA THR A 100 6.32 8.73 4.81
C THR A 100 6.08 7.25 4.55
N LEU A 101 5.38 6.95 3.47
CA LEU A 101 5.08 5.56 3.11
C LEU A 101 6.34 4.70 3.15
N GLY A 102 7.33 5.09 2.36
CA GLY A 102 8.57 4.35 2.31
C GLY A 102 9.27 4.29 3.66
N GLU A 103 8.82 5.13 4.59
CA GLU A 103 9.41 5.18 5.93
C GLU A 103 8.67 4.24 6.87
N VAL A 104 7.50 3.76 6.44
CA VAL A 104 6.70 2.86 7.25
C VAL A 104 6.50 1.52 6.54
N ILE A 105 6.69 1.53 5.23
CA ILE A 105 6.52 0.32 4.43
C ILE A 105 7.34 -0.84 5.02
N GLN A 106 8.44 -0.49 5.68
CA GLN A 106 9.31 -1.49 6.28
C GLN A 106 8.50 -2.47 7.13
N GLU A 107 7.99 -1.98 8.26
CA GLU A 107 7.19 -2.82 9.15
C GLU A 107 6.02 -3.44 8.42
N LEU A 108 5.40 -2.67 7.53
CA LEU A 108 4.25 -3.15 6.76
C LEU A 108 4.60 -4.42 6.00
N LEU A 109 5.46 -4.30 5.01
CA LEU A 109 5.88 -5.44 4.20
C LEU A 109 6.45 -6.55 5.09
N SER A 110 7.55 -6.24 5.77
CA SER A 110 8.19 -7.20 6.65
C SER A 110 7.16 -8.06 7.37
N ASP A 111 6.40 -7.43 8.25
CA ASP A 111 5.36 -8.13 9.01
C ASP A 111 4.46 -8.94 8.07
N ALA A 112 4.04 -8.32 6.98
CA ALA A 112 3.18 -8.98 6.00
C ALA A 112 3.80 -10.29 5.52
N ILE A 113 4.98 -10.18 4.92
CA ILE A 113 5.68 -11.36 4.41
C ILE A 113 5.77 -12.46 5.47
N ALA A 114 6.18 -12.07 6.67
CA ALA A 114 6.31 -13.02 7.77
C ALA A 114 4.99 -13.71 8.06
N LYS A 115 4.02 -12.97 8.57
CA LYS A 115 2.71 -13.51 8.88
C LYS A 115 2.13 -14.25 7.68
N SER A 116 2.49 -13.80 6.48
CA SER A 116 2.01 -14.42 5.25
C SER A 116 2.59 -15.82 5.08
N ASN A 117 1.81 -16.71 4.48
CA ASN A 117 2.25 -18.08 4.26
C ASN A 117 2.87 -18.24 2.87
N GLN A 118 3.07 -19.48 2.46
CA GLN A 118 3.65 -19.77 1.15
C GLN A 118 2.93 -19.00 0.04
N ASP A 119 1.60 -19.12 0.02
CA ASP A 119 0.79 -18.45 -0.98
C ASP A 119 0.92 -16.93 -0.84
N HIS A 120 0.49 -16.40 0.31
CA HIS A 120 0.55 -14.97 0.57
C HIS A 120 1.95 -14.43 0.28
N LYS A 121 2.94 -14.95 0.98
CA LYS A 121 4.32 -14.53 0.81
C LYS A 121 4.68 -14.46 -0.68
N GLU A 122 4.17 -15.41 -1.45
CA GLU A 122 4.43 -15.45 -2.89
C GLU A 122 3.90 -14.21 -3.58
N LYS A 123 2.67 -13.84 -3.25
CA LYS A 123 2.04 -12.66 -3.85
C LYS A 123 2.87 -11.41 -3.57
N ILE A 124 3.21 -11.19 -2.30
CA ILE A 124 4.00 -10.03 -1.92
C ILE A 124 5.32 -9.99 -2.68
N ARG A 125 6.04 -11.11 -2.69
CA ARG A 125 7.32 -11.20 -3.39
C ARG A 125 7.19 -10.68 -4.82
N MET A 126 6.21 -11.21 -5.55
CA MET A 126 5.98 -10.80 -6.93
C MET A 126 5.79 -9.30 -7.03
N LEU A 127 4.88 -8.77 -6.22
CA LEU A 127 4.60 -7.33 -6.22
C LEU A 127 5.89 -6.53 -6.04
N LEU A 128 6.73 -6.96 -5.13
CA LEU A 128 8.00 -6.28 -4.86
C LEU A 128 8.84 -6.19 -6.13
N ASP A 129 9.01 -7.32 -6.82
CA ASP A 129 9.79 -7.36 -8.04
C ASP A 129 9.30 -6.29 -9.03
N ILE A 130 8.00 -6.26 -9.26
CA ILE A 130 7.40 -5.29 -10.18
C ILE A 130 7.76 -3.86 -9.76
N TRP A 131 7.68 -3.59 -8.47
CA TRP A 131 7.98 -2.26 -7.94
C TRP A 131 9.36 -1.82 -8.38
N ASP A 132 10.36 -2.64 -8.13
CA ASP A 132 11.73 -2.33 -8.51
C ASP A 132 11.84 -2.04 -10.00
N ARG A 133 11.36 -2.98 -10.81
CA ARG A 133 11.41 -2.83 -12.27
C ARG A 133 10.71 -1.54 -12.70
N SER A 134 9.39 -1.54 -12.63
CA SER A 134 8.60 -0.37 -13.02
C SER A 134 8.99 0.85 -12.19
N GLY A 135 8.56 0.86 -10.94
CA GLY A 135 8.88 1.98 -10.07
C GLY A 135 7.78 2.27 -9.06
N LEU A 136 8.12 2.24 -7.78
CA LEU A 136 7.15 2.48 -6.72
C LEU A 136 7.63 3.62 -5.81
N PHE A 137 8.69 3.35 -5.06
CA PHE A 137 9.25 4.34 -4.14
C PHE A 137 10.63 4.78 -4.60
N GLN A 138 11.63 3.94 -4.35
CA GLN A 138 13.00 4.24 -4.72
C GLN A 138 13.30 3.74 -6.13
N LYS A 139 14.56 3.85 -6.54
CA LYS A 139 14.97 3.41 -7.87
C LYS A 139 14.79 1.90 -8.02
N SER A 140 14.61 1.22 -6.90
CA SER A 140 14.42 -0.23 -6.91
C SER A 140 13.64 -0.68 -5.68
N TYR A 141 14.01 -0.18 -4.52
CA TYR A 141 13.35 -0.53 -3.28
C TYR A 141 14.00 0.17 -2.09
N LEU A 142 13.58 -0.21 -0.89
CA LEU A 142 14.13 0.38 0.34
C LEU A 142 14.83 -0.69 1.18
N ASN A 143 15.72 -0.24 2.06
CA ASN A 143 16.46 -1.15 2.94
C ASN A 143 15.52 -2.20 3.54
N ALA A 144 14.28 -1.80 3.76
CA ALA A 144 13.29 -2.70 4.34
C ALA A 144 13.45 -4.12 3.80
N ILE A 145 12.70 -4.43 2.75
CA ILE A 145 12.76 -5.75 2.13
C ILE A 145 14.10 -5.98 1.46
N ARG A 146 14.76 -4.89 1.07
CA ARG A 146 16.06 -4.98 0.42
C ARG A 146 16.93 -6.05 1.07
N SER A 147 17.06 -5.98 2.39
CA SER A 147 17.86 -6.95 3.13
C SER A 147 17.37 -8.37 2.89
N LYS A 148 18.03 -9.08 1.99
CA LYS A 148 17.66 -10.45 1.67
C LYS A 148 17.39 -11.25 2.94
N CYS A 149 18.11 -10.93 4.01
CA CYS A 149 17.94 -11.61 5.28
C CYS A 149 16.45 -11.78 5.62
N PHE A 150 15.65 -10.83 5.17
CA PHE A 150 14.20 -10.88 5.43
C PHE A 150 13.59 -12.16 4.86
N ALA A 151 13.07 -12.07 3.64
CA ALA A 151 12.45 -13.23 2.98
C ALA A 151 13.24 -14.50 3.28
N MET A 152 14.57 -14.39 3.25
CA MET A 152 15.42 -15.54 3.50
C MET A 152 15.18 -16.11 4.89
N ASP A 153 15.61 -15.37 5.91
CA ASP A 153 15.44 -15.80 7.30
C ASP A 153 13.96 -15.90 7.64
N LEU A 154 13.23 -14.81 7.50
CA LEU A 154 11.80 -14.77 7.80
C LEU A 154 11.12 -16.04 7.31
N GLU A 155 11.60 -16.57 6.19
CA GLU A 155 11.04 -17.79 5.60
C GLU A 155 11.13 -18.95 6.58
N HIS A 156 12.36 -19.32 6.94
CA HIS A 156 12.58 -20.42 7.88
C HIS A 156 11.94 -20.12 9.23
N HIS A 157 11.73 -21.17 10.02
CA HIS A 157 11.13 -21.02 11.34
C HIS A 157 11.51 -22.19 12.25
N HIS A 158 10.98 -22.19 13.46
CA HIS A 158 11.27 -23.25 14.43
C HIS A 158 10.66 -24.57 13.97
N HIS A 159 10.82 -25.60 14.80
CA HIS A 159 10.28 -26.92 14.48
C HIS A 159 10.23 -27.81 15.73
N HIS A 160 9.76 -29.04 15.56
CA HIS A 160 9.66 -29.97 16.67
C HIS A 160 8.81 -29.39 17.80
N HIS A 161 7.85 -28.54 17.43
CA HIS A 161 6.98 -27.91 18.41
C HIS A 161 6.09 -28.94 19.09
N ASP B 1 -16.95 -14.51 -7.64
CA ASP B 1 -16.92 -13.08 -7.42
C ASP B 1 -16.37 -12.35 -8.64
N ASP B 2 -17.25 -11.66 -9.36
CA ASP B 2 -16.85 -10.92 -10.55
C ASP B 2 -17.03 -9.42 -10.34
N ASP B 3 -16.08 -8.81 -9.64
CA ASP B 3 -16.13 -7.37 -9.38
C ASP B 3 -14.75 -6.75 -9.49
N GLU B 4 -14.05 -7.08 -10.57
CA GLU B 4 -12.70 -6.55 -10.79
C GLU B 4 -11.76 -6.95 -9.67
N ASP B 5 -12.01 -8.11 -9.09
CA ASP B 5 -11.18 -8.61 -7.99
C ASP B 5 -9.74 -8.85 -8.45
N GLY B 6 -8.88 -9.25 -7.53
CA GLY B 6 -7.49 -9.50 -7.86
C GLY B 6 -6.83 -8.31 -8.53
N TYR B 7 -6.64 -7.23 -7.77
CA TYR B 7 -6.02 -6.02 -8.30
C TYR B 7 -4.62 -6.31 -8.82
N ASN B 8 -4.41 -6.09 -10.10
CA ASN B 8 -3.12 -6.32 -10.73
C ASN B 8 -2.05 -5.43 -10.12
N PRO B 9 -0.85 -5.99 -9.88
CA PRO B 9 0.27 -5.26 -9.30
C PRO B 9 0.84 -4.22 -10.25
N TYR B 10 0.63 -4.43 -11.55
CA TYR B 10 1.12 -3.52 -12.57
C TYR B 10 -0.03 -2.92 -13.38
N THR B 11 -1.20 -2.85 -12.75
CA THR B 11 -2.38 -2.30 -13.41
C THR B 11 -3.42 -1.85 -12.39
N LEU B 12 -4.20 -0.85 -12.75
CA LEU B 12 -5.24 -0.32 -11.86
C LEU B 12 -6.63 -0.59 -12.44
N MET A 1 -14.38 25.16 -1.98
CA MET A 1 -14.63 24.54 -3.27
C MET A 1 -15.91 23.69 -3.24
N GLN A 2 -15.89 22.64 -2.42
CA GLN A 2 -17.04 21.76 -2.30
C GLN A 2 -16.80 20.69 -1.24
N GLN A 3 -17.74 20.56 -0.31
CA GLN A 3 -17.62 19.57 0.76
C GLN A 3 -18.53 18.38 0.51
N ASP A 4 -18.30 17.70 -0.61
CA ASP A 4 -19.10 16.53 -0.98
C ASP A 4 -18.25 15.27 -0.97
N ASP A 5 -16.94 15.44 -1.16
CA ASP A 5 -16.03 14.30 -1.17
C ASP A 5 -14.74 14.65 -0.45
N ASP A 6 -14.83 14.83 0.87
CA ASP A 6 -13.67 15.16 1.69
C ASP A 6 -13.08 13.92 2.33
N PHE A 7 -12.24 14.11 3.33
CA PHE A 7 -11.60 13.00 4.02
C PHE A 7 -12.62 11.93 4.40
N GLN A 8 -13.88 12.35 4.58
CA GLN A 8 -14.94 11.44 4.94
C GLN A 8 -14.97 10.23 4.00
N ASN A 9 -15.09 10.50 2.71
CA ASN A 9 -15.12 9.44 1.71
C ASN A 9 -13.92 8.51 1.86
N PHE A 10 -12.72 9.09 1.88
CA PHE A 10 -11.49 8.33 2.02
C PHE A 10 -11.53 7.47 3.28
N VAL A 11 -11.48 8.12 4.44
CA VAL A 11 -11.51 7.40 5.71
C VAL A 11 -12.62 6.36 5.74
N ALA A 12 -13.81 6.76 5.28
CA ALA A 12 -14.95 5.86 5.25
C ALA A 12 -14.61 4.56 4.54
N THR A 13 -14.05 4.68 3.34
CA THR A 13 -13.67 3.51 2.54
C THR A 13 -12.70 2.62 3.30
N LEU A 14 -11.61 3.21 3.78
CA LEU A 14 -10.61 2.47 4.53
C LEU A 14 -11.23 1.76 5.72
N GLU A 15 -11.94 2.50 6.56
CA GLU A 15 -12.58 1.94 7.74
C GLU A 15 -13.40 0.70 7.37
N SER A 16 -14.33 0.88 6.44
CA SER A 16 -15.19 -0.21 5.99
C SER A 16 -14.36 -1.38 5.48
N PHE A 17 -13.19 -1.07 4.93
CA PHE A 17 -12.30 -2.10 4.41
C PHE A 17 -11.96 -3.13 5.48
N LYS A 18 -11.28 -2.68 6.53
CA LYS A 18 -10.90 -3.57 7.63
C LYS A 18 -12.12 -4.24 8.23
N ASP A 19 -13.22 -3.51 8.30
CA ASP A 19 -14.47 -4.04 8.85
C ASP A 19 -14.88 -5.31 8.13
N LEU A 20 -14.47 -5.43 6.87
CA LEU A 20 -14.79 -6.60 6.06
C LEU A 20 -14.35 -7.88 6.75
N LYS A 21 -14.68 -9.02 6.14
CA LYS A 21 -14.31 -10.32 6.69
C LYS A 21 -12.91 -10.73 6.23
N SER A 22 -12.48 -10.20 5.10
CA SER A 22 -11.17 -10.51 4.54
C SER A 22 -10.28 -9.28 4.52
N GLY A 23 -10.79 -8.20 3.91
CA GLY A 23 -10.02 -6.97 3.82
C GLY A 23 -9.60 -6.64 2.40
N ILE A 24 -10.46 -6.97 1.45
CA ILE A 24 -10.18 -6.71 0.04
C ILE A 24 -11.45 -6.34 -0.72
N SER A 25 -11.32 -5.37 -1.63
CA SER A 25 -12.46 -4.92 -2.42
C SER A 25 -12.03 -3.84 -3.41
N GLY A 26 -12.15 -4.15 -4.70
CA GLY A 26 -11.77 -3.20 -5.72
C GLY A 26 -12.44 -1.85 -5.55
N SER A 27 -13.77 -1.87 -5.37
CA SER A 27 -14.53 -0.64 -5.19
C SER A 27 -13.89 0.24 -4.13
N ARG A 28 -13.64 -0.34 -2.96
CA ARG A 28 -13.03 0.41 -1.86
C ARG A 28 -11.71 1.04 -2.29
N ILE A 29 -10.74 0.19 -2.62
CA ILE A 29 -9.42 0.66 -3.06
C ILE A 29 -9.56 1.75 -4.12
N LYS A 30 -10.46 1.54 -5.06
CA LYS A 30 -10.69 2.51 -6.12
C LYS A 30 -11.01 3.89 -5.56
N LYS A 31 -12.04 3.96 -4.73
CA LYS A 31 -12.44 5.22 -4.12
C LYS A 31 -11.25 5.90 -3.44
N LEU A 32 -10.50 5.13 -2.65
CA LEU A 32 -9.34 5.66 -1.95
C LEU A 32 -8.33 6.25 -2.94
N THR A 33 -7.96 5.47 -3.94
CA THR A 33 -7.00 5.91 -4.94
C THR A 33 -7.50 7.19 -5.64
N THR A 34 -8.53 7.05 -6.47
CA THR A 34 -9.09 8.19 -7.18
C THR A 34 -9.18 9.41 -6.28
N TYR A 35 -9.67 9.21 -5.06
CA TYR A 35 -9.81 10.30 -4.11
C TYR A 35 -8.47 10.98 -3.85
N ALA A 36 -7.49 10.19 -3.43
CA ALA A 36 -6.16 10.71 -3.14
C ALA A 36 -5.65 11.58 -4.29
N LEU A 37 -5.58 10.99 -5.49
CA LEU A 37 -5.12 11.71 -6.67
C LEU A 37 -5.95 12.96 -6.92
N ASP A 38 -7.28 12.80 -6.84
CA ASP A 38 -8.19 13.92 -7.06
C ASP A 38 -7.84 15.09 -6.12
N HIS A 39 -7.27 14.76 -4.97
CA HIS A 39 -6.89 15.78 -3.99
C HIS A 39 -5.45 15.59 -3.54
N ILE A 40 -4.51 16.13 -4.30
CA ILE A 40 -3.09 16.01 -3.97
C ILE A 40 -2.72 16.96 -2.83
N ASP A 41 -3.69 17.73 -2.36
CA ASP A 41 -3.47 18.68 -1.27
C ASP A 41 -3.79 18.04 0.07
N ILE A 42 -3.67 16.72 0.14
CA ILE A 42 -3.95 15.99 1.37
C ILE A 42 -3.21 14.66 1.41
N GLU A 43 -2.03 14.63 0.80
CA GLU A 43 -1.22 13.42 0.76
C GLU A 43 -0.80 12.99 2.16
N SER A 44 -0.42 13.97 2.98
CA SER A 44 0.00 13.70 4.35
C SER A 44 -1.03 12.86 5.08
N LYS A 45 -2.19 13.46 5.36
CA LYS A 45 -3.26 12.77 6.06
C LYS A 45 -3.55 11.42 5.40
N ILE A 46 -3.71 11.43 4.09
CA ILE A 46 -3.99 10.21 3.34
C ILE A 46 -2.93 9.14 3.61
N ILE A 47 -1.72 9.38 3.12
CA ILE A 47 -0.62 8.43 3.31
C ILE A 47 -0.55 7.97 4.76
N SER A 48 -0.58 8.92 5.69
CA SER A 48 -0.51 8.60 7.11
C SER A 48 -1.64 7.65 7.51
N LEU A 49 -2.83 7.90 6.98
CA LEU A 49 -3.99 7.07 7.28
C LEU A 49 -3.74 5.63 6.89
N ILE A 50 -3.61 5.38 5.59
CA ILE A 50 -3.35 4.03 5.09
C ILE A 50 -2.23 3.35 5.87
N ILE A 51 -1.16 4.09 6.13
CA ILE A 51 -0.02 3.57 6.87
C ILE A 51 -0.46 3.01 8.23
N ASP A 52 -0.98 3.90 9.07
CA ASP A 52 -1.44 3.51 10.40
C ASP A 52 -2.47 2.39 10.31
N TYR A 53 -3.46 2.58 9.44
CA TYR A 53 -4.52 1.58 9.26
C TYR A 53 -3.93 0.20 9.02
N SER A 54 -2.84 0.15 8.25
CA SER A 54 -2.19 -1.11 7.93
C SER A 54 -1.65 -1.78 9.19
N ARG A 55 -0.59 -1.20 9.75
CA ARG A 55 0.02 -1.75 10.96
C ARG A 55 -1.05 -2.14 11.98
N LEU A 56 -2.14 -1.37 12.01
CA LEU A 56 -3.23 -1.64 12.94
C LEU A 56 -3.79 -3.05 12.73
N CYS A 57 -4.69 -3.18 11.77
CA CYS A 57 -5.30 -4.48 11.48
C CYS A 57 -4.23 -5.55 11.27
N PRO A 58 -4.51 -6.76 11.77
CA PRO A 58 -3.58 -7.90 11.67
C PRO A 58 -3.46 -8.41 10.25
N ASP A 59 -4.18 -9.47 9.94
CA ASP A 59 -4.15 -10.07 8.60
C ASP A 59 -4.81 -9.14 7.59
N SER A 60 -6.04 -8.73 7.88
CA SER A 60 -6.78 -7.84 6.98
C SER A 60 -5.85 -6.80 6.36
N HIS A 61 -5.07 -6.13 7.21
CA HIS A 61 -4.14 -5.11 6.73
C HIS A 61 -3.15 -5.70 5.73
N LYS A 62 -2.51 -6.79 6.10
CA LYS A 62 -1.54 -7.45 5.25
C LYS A 62 -1.97 -7.38 3.78
N LEU A 63 -2.94 -8.22 3.41
CA LEU A 63 -3.44 -8.24 2.04
C LEU A 63 -4.09 -6.92 1.68
N GLY A 64 -5.07 -6.50 2.48
CA GLY A 64 -5.76 -5.25 2.22
C GLY A 64 -4.80 -4.10 1.99
N SER A 65 -4.24 -3.58 3.08
CA SER A 65 -3.30 -2.46 3.00
C SER A 65 -2.42 -2.59 1.76
N LEU A 66 -1.72 -3.71 1.66
CA LEU A 66 -0.83 -3.96 0.53
C LEU A 66 -1.47 -3.51 -0.78
N TYR A 67 -2.66 -4.04 -1.06
CA TYR A 67 -3.38 -3.69 -2.28
C TYR A 67 -3.62 -2.18 -2.36
N ILE A 68 -4.06 -1.61 -1.25
CA ILE A 68 -4.32 -0.17 -1.20
C ILE A 68 -3.09 0.63 -1.61
N ILE A 69 -1.98 0.39 -0.92
CA ILE A 69 -0.74 1.10 -1.20
C ILE A 69 -0.34 0.91 -2.66
N ASP A 70 -0.59 -0.27 -3.19
CA ASP A 70 -0.25 -0.57 -4.59
C ASP A 70 -0.95 0.40 -5.53
N SER A 71 -2.28 0.45 -5.44
CA SER A 71 -3.07 1.33 -6.30
C SER A 71 -2.59 2.77 -6.17
N ILE A 72 -2.72 3.33 -4.97
CA ILE A 72 -2.31 4.71 -4.72
C ILE A 72 -0.86 4.94 -5.17
N GLY A 73 0.00 3.99 -4.85
CA GLY A 73 1.40 4.11 -5.23
C GLY A 73 1.59 4.30 -6.73
N ARG A 74 1.14 3.31 -7.51
CA ARG A 74 1.26 3.37 -8.95
C ARG A 74 0.74 4.71 -9.49
N ALA A 75 -0.49 5.05 -9.12
CA ALA A 75 -1.10 6.30 -9.55
C ALA A 75 -0.24 7.50 -9.17
N TYR A 76 0.00 7.65 -7.87
CA TYR A 76 0.80 8.76 -7.38
C TYR A 76 2.12 8.87 -8.15
N LEU A 77 2.81 7.75 -8.29
CA LEU A 77 4.07 7.71 -9.01
C LEU A 77 3.93 8.34 -10.39
N ASP A 78 3.08 7.76 -11.22
CA ASP A 78 2.85 8.26 -12.57
C ASP A 78 2.49 9.75 -12.53
N GLU A 79 1.65 10.13 -11.57
CA GLU A 79 1.23 11.51 -11.43
C GLU A 79 2.43 12.44 -11.32
N THR A 80 3.11 12.40 -10.18
CA THR A 80 4.28 13.24 -9.95
C THR A 80 5.32 13.05 -11.04
N ARG A 81 5.54 11.79 -11.43
CA ARG A 81 6.51 11.47 -12.47
C ARG A 81 6.20 12.24 -13.75
N SER A 82 4.92 12.43 -14.04
CA SER A 82 4.49 13.14 -15.23
C SER A 82 5.21 14.49 -15.34
N ASN A 83 5.41 15.14 -14.21
CA ASN A 83 6.10 16.44 -14.18
C ASN A 83 7.43 16.34 -13.44
N SER A 84 7.36 16.26 -12.12
CA SER A 84 8.55 16.17 -11.29
C SER A 84 8.19 15.85 -9.85
N ASN A 85 9.18 15.41 -9.08
CA ASN A 85 8.96 15.07 -7.68
C ASN A 85 9.82 15.95 -6.76
N SER A 86 9.24 17.05 -6.29
CA SER A 86 9.94 17.97 -5.41
C SER A 86 9.03 19.11 -4.98
N SER A 87 8.84 19.25 -3.68
CA SER A 87 7.99 20.30 -3.13
C SER A 87 8.66 20.99 -1.94
N SER A 88 8.70 20.30 -0.81
CA SER A 88 9.32 20.85 0.39
C SER A 88 9.33 19.81 1.52
N ASN A 89 9.68 20.25 2.72
CA ASN A 89 9.73 19.36 3.87
C ASN A 89 8.33 18.90 4.26
N LYS A 90 8.26 17.79 4.97
CA LYS A 90 6.98 17.24 5.42
C LYS A 90 6.12 16.84 4.22
N PRO A 91 5.12 15.97 4.47
CA PRO A 91 4.21 15.50 3.43
C PRO A 91 3.26 16.60 2.95
N GLY A 92 2.89 16.53 1.68
CA GLY A 92 1.98 17.52 1.11
C GLY A 92 1.61 17.21 -0.32
N THR A 93 2.54 16.61 -1.06
CA THR A 93 2.29 16.27 -2.45
C THR A 93 2.83 14.87 -2.79
N CYS A 94 2.36 14.31 -3.88
CA CYS A 94 2.79 12.98 -4.31
C CYS A 94 4.25 12.74 -3.93
N ALA A 95 5.14 13.60 -4.42
CA ALA A 95 6.56 13.48 -4.14
C ALA A 95 6.80 12.96 -2.74
N HIS A 96 6.55 13.80 -1.74
CA HIS A 96 6.74 13.42 -0.34
C HIS A 96 5.95 12.16 -0.01
N ALA A 97 4.72 12.09 -0.52
CA ALA A 97 3.86 10.94 -0.28
C ALA A 97 4.59 9.63 -0.59
N ILE A 98 5.06 9.51 -1.82
CA ILE A 98 5.77 8.31 -2.24
C ILE A 98 6.96 8.03 -1.33
N ASN A 99 7.75 9.06 -1.07
CA ASN A 99 8.92 8.94 -0.21
C ASN A 99 8.54 8.36 1.16
N THR A 100 7.58 9.01 1.82
CA THR A 100 7.13 8.58 3.13
C THR A 100 6.73 7.10 3.11
N LEU A 101 5.82 6.76 2.21
CA LEU A 101 5.35 5.38 2.08
C LEU A 101 6.53 4.41 1.99
N GLY A 102 7.37 4.62 0.98
CA GLY A 102 8.52 3.76 0.79
C GLY A 102 9.45 3.75 2.00
N GLU A 103 9.26 4.74 2.89
CA GLU A 103 10.09 4.84 4.08
C GLU A 103 9.49 4.02 5.23
N VAL A 104 8.26 3.56 5.04
CA VAL A 104 7.58 2.76 6.06
C VAL A 104 7.15 1.42 5.50
N ILE A 105 7.08 1.33 4.17
CA ILE A 105 6.68 0.10 3.51
C ILE A 105 7.45 -1.09 4.05
N GLN A 106 8.69 -0.85 4.49
CA GLN A 106 9.52 -1.90 5.04
C GLN A 106 8.77 -2.73 6.07
N GLU A 107 8.48 -2.11 7.22
CA GLU A 107 7.76 -2.80 8.28
C GLU A 107 6.42 -3.34 7.79
N LEU A 108 5.75 -2.55 6.94
CA LEU A 108 4.46 -2.94 6.39
C LEU A 108 4.57 -4.28 5.68
N LEU A 109 5.21 -4.28 4.52
CA LEU A 109 5.38 -5.51 3.74
C LEU A 109 6.01 -6.61 4.60
N SER A 110 7.25 -6.40 5.00
CA SER A 110 7.97 -7.38 5.82
C SER A 110 7.01 -8.10 6.77
N ASP A 111 6.37 -7.31 7.62
CA ASP A 111 5.42 -7.86 8.59
C ASP A 111 4.35 -8.70 7.90
N ALA A 112 3.66 -8.10 6.94
CA ALA A 112 2.62 -8.79 6.19
C ALA A 112 3.10 -10.16 5.72
N ILE A 113 4.20 -10.17 4.97
CA ILE A 113 4.75 -11.41 4.45
C ILE A 113 5.03 -12.40 5.58
N ALA A 114 5.58 -11.89 6.68
CA ALA A 114 5.88 -12.74 7.84
C ALA A 114 4.65 -13.47 8.33
N LYS A 115 3.70 -12.72 8.90
CA LYS A 115 2.47 -13.30 9.41
C LYS A 115 1.75 -14.09 8.33
N SER A 116 1.63 -13.50 7.14
CA SER A 116 0.97 -14.15 6.02
C SER A 116 1.43 -15.60 5.88
N ASN A 117 0.53 -16.46 5.43
CA ASN A 117 0.85 -17.87 5.25
C ASN A 117 1.16 -18.18 3.79
N GLN A 118 1.30 -19.46 3.47
CA GLN A 118 1.61 -19.88 2.10
C GLN A 118 0.75 -19.13 1.10
N ASP A 119 -0.56 -19.13 1.32
CA ASP A 119 -1.49 -18.44 0.44
C ASP A 119 -1.22 -16.94 0.43
N HIS A 120 -1.44 -16.29 1.57
CA HIS A 120 -1.23 -14.86 1.69
C HIS A 120 0.15 -14.47 1.14
N LYS A 121 1.19 -15.02 1.74
CA LYS A 121 2.55 -14.73 1.32
C LYS A 121 2.68 -14.79 -0.20
N GLU A 122 1.98 -15.74 -0.80
CA GLU A 122 2.01 -15.91 -2.25
C GLU A 122 1.48 -14.65 -2.96
N LYS A 123 0.34 -14.16 -2.47
CA LYS A 123 -0.28 -12.96 -3.06
C LYS A 123 0.69 -11.78 -3.02
N ILE A 124 1.27 -11.54 -1.84
CA ILE A 124 2.21 -10.44 -1.68
C ILE A 124 3.37 -10.56 -2.65
N ARG A 125 3.97 -11.74 -2.70
CA ARG A 125 5.10 -12.00 -3.59
C ARG A 125 4.78 -11.54 -5.01
N MET A 126 3.63 -11.99 -5.53
CA MET A 126 3.21 -11.64 -6.88
C MET A 126 3.15 -10.11 -7.05
N LEU A 127 2.45 -9.45 -6.13
CA LEU A 127 2.32 -7.99 -6.18
C LEU A 127 3.68 -7.33 -6.26
N LEU A 128 4.62 -7.81 -5.44
CA LEU A 128 5.97 -7.26 -5.42
C LEU A 128 6.61 -7.31 -6.82
N ASP A 129 6.54 -8.47 -7.45
CA ASP A 129 7.10 -8.65 -8.78
C ASP A 129 6.56 -7.60 -9.75
N ILE A 130 5.24 -7.44 -9.76
CA ILE A 130 4.60 -6.46 -10.64
C ILE A 130 5.14 -5.06 -10.38
N TRP A 131 5.32 -4.72 -9.11
CA TRP A 131 5.82 -3.40 -8.73
C TRP A 131 7.17 -3.13 -9.42
N ASP A 132 8.13 -4.02 -9.19
CA ASP A 132 9.45 -3.87 -9.78
C ASP A 132 9.36 -3.74 -11.30
N ARG A 133 8.68 -4.69 -11.94
CA ARG A 133 8.52 -4.66 -13.39
C ARG A 133 7.94 -3.33 -13.85
N SER A 134 6.66 -3.11 -13.55
CA SER A 134 5.98 -1.88 -13.95
C SER A 134 6.72 -0.66 -13.42
N GLY A 135 6.60 -0.42 -12.12
CA GLY A 135 7.26 0.72 -11.51
C GLY A 135 6.41 1.41 -10.47
N LEU A 136 6.94 1.53 -9.26
CA LEU A 136 6.23 2.17 -8.16
C LEU A 136 7.15 3.07 -7.34
N PHE A 137 7.98 2.45 -6.51
CA PHE A 137 8.92 3.19 -5.68
C PHE A 137 10.30 3.26 -6.33
N GLN A 138 10.64 2.21 -7.08
CA GLN A 138 11.93 2.16 -7.76
C GLN A 138 12.06 0.87 -8.58
N LYS A 139 13.05 0.83 -9.46
CA LYS A 139 13.28 -0.34 -10.29
C LYS A 139 13.85 -1.50 -9.47
N SER A 140 12.98 -2.17 -8.72
CA SER A 140 13.40 -3.29 -7.89
C SER A 140 14.59 -2.90 -7.01
N TYR A 141 14.42 -1.82 -6.25
CA TYR A 141 15.49 -1.34 -5.37
C TYR A 141 14.96 -1.18 -3.95
N LEU A 142 13.77 -1.71 -3.68
CA LEU A 142 13.17 -1.63 -2.36
C LEU A 142 13.94 -2.46 -1.35
N ASN A 143 14.99 -1.87 -0.77
CA ASN A 143 15.81 -2.56 0.21
C ASN A 143 14.96 -3.43 1.12
N ALA A 144 13.80 -2.91 1.51
CA ALA A 144 12.89 -3.64 2.38
C ALA A 144 12.78 -5.10 1.96
N ILE A 145 11.82 -5.38 1.08
CA ILE A 145 11.61 -6.74 0.60
C ILE A 145 12.83 -7.24 -0.17
N ARG A 146 13.56 -6.32 -0.77
CA ARG A 146 14.75 -6.66 -1.54
C ARG A 146 15.54 -7.77 -0.84
N SER A 147 15.89 -7.54 0.42
CA SER A 147 16.65 -8.53 1.19
C SER A 147 15.97 -9.88 1.16
N LYS A 148 16.49 -10.79 0.35
CA LYS A 148 15.94 -12.14 0.24
C LYS A 148 15.69 -12.74 1.61
N CYS A 149 16.47 -12.31 2.59
CA CYS A 149 16.34 -12.81 3.97
C CYS A 149 14.90 -12.73 4.43
N PHE A 150 14.16 -11.75 3.92
CA PHE A 150 12.77 -11.55 4.29
C PHE A 150 11.97 -12.83 4.05
N ALA A 151 11.47 -12.99 2.83
CA ALA A 151 10.69 -14.17 2.47
C ALA A 151 11.39 -15.45 2.91
N MET A 152 12.69 -15.54 2.65
CA MET A 152 13.47 -16.71 3.02
C MET A 152 13.27 -17.05 4.49
N ASP A 153 13.45 -16.06 5.36
CA ASP A 153 13.28 -16.25 6.79
C ASP A 153 11.84 -16.65 7.13
N LEU A 154 10.91 -15.71 6.92
CA LEU A 154 9.50 -15.96 7.19
C LEU A 154 9.04 -17.27 6.55
N GLU A 155 9.67 -17.63 5.44
CA GLU A 155 9.33 -18.85 4.72
C GLU A 155 9.42 -20.06 5.65
N HIS A 156 9.19 -21.24 5.09
CA HIS A 156 9.25 -22.48 5.87
C HIS A 156 10.61 -22.62 6.56
N HIS A 157 10.73 -23.63 7.42
CA HIS A 157 11.96 -23.87 8.15
C HIS A 157 12.95 -24.66 7.29
N HIS A 158 14.18 -24.80 7.79
CA HIS A 158 15.21 -25.53 7.07
C HIS A 158 15.52 -24.88 5.73
N HIS A 159 16.09 -23.67 5.78
CA HIS A 159 16.43 -22.94 4.58
C HIS A 159 17.67 -22.07 4.80
N HIS A 160 18.72 -22.69 5.36
CA HIS A 160 19.96 -21.97 5.62
C HIS A 160 21.11 -22.95 5.84
N HIS A 161 22.33 -22.43 5.90
CA HIS A 161 23.52 -23.25 6.11
C HIS A 161 23.67 -23.62 7.59
N ASP B 1 -17.19 -14.05 -4.03
CA ASP B 1 -18.31 -13.23 -3.61
C ASP B 1 -18.73 -12.26 -4.71
N ASP B 2 -19.87 -11.62 -4.53
CA ASP B 2 -20.38 -10.66 -5.51
C ASP B 2 -19.33 -9.62 -5.85
N ASP B 3 -18.98 -8.80 -4.86
CA ASP B 3 -17.99 -7.75 -5.06
C ASP B 3 -16.70 -8.33 -5.63
N GLU B 4 -15.82 -7.45 -6.09
CA GLU B 4 -14.54 -7.87 -6.66
C GLU B 4 -13.80 -8.79 -5.70
N ASP B 5 -13.40 -8.25 -4.55
CA ASP B 5 -12.68 -9.04 -3.56
C ASP B 5 -11.47 -9.73 -4.17
N GLY B 6 -10.83 -9.05 -5.12
CA GLY B 6 -9.66 -9.61 -5.77
C GLY B 6 -9.06 -8.67 -6.79
N TYR B 7 -8.66 -7.49 -6.33
CA TYR B 7 -8.06 -6.49 -7.21
C TYR B 7 -6.65 -6.90 -7.63
N ASN B 8 -6.43 -6.97 -8.93
CA ASN B 8 -5.13 -7.36 -9.48
C ASN B 8 -4.28 -6.12 -9.77
N PRO B 9 -3.12 -6.01 -9.09
CA PRO B 9 -2.20 -4.89 -9.27
C PRO B 9 -1.51 -4.93 -10.62
N TYR B 10 -1.70 -6.02 -11.36
CA TYR B 10 -1.09 -6.17 -12.67
C TYR B 10 -1.84 -5.37 -13.72
N THR B 11 -3.08 -5.00 -13.40
CA THR B 11 -3.91 -4.22 -14.31
C THR B 11 -5.08 -3.58 -13.58
N LEU B 12 -5.08 -2.25 -13.52
CA LEU B 12 -6.14 -1.51 -12.85
C LEU B 12 -7.48 -1.72 -13.54
N MET A 1 -26.23 18.91 -6.78
CA MET A 1 -25.67 19.00 -5.43
C MET A 1 -25.50 17.62 -4.83
N GLN A 2 -24.38 17.40 -4.16
CA GLN A 2 -24.09 16.11 -3.53
C GLN A 2 -22.93 16.24 -2.53
N GLN A 3 -22.49 15.10 -2.01
CA GLN A 3 -21.39 15.08 -1.05
C GLN A 3 -20.18 15.82 -1.59
N ASP A 4 -19.38 16.40 -0.69
CA ASP A 4 -18.19 17.13 -1.09
C ASP A 4 -17.04 16.17 -1.40
N ASP A 5 -17.25 14.90 -1.12
CA ASP A 5 -16.24 13.89 -1.37
C ASP A 5 -15.01 14.10 -0.49
N ASP A 6 -15.25 14.21 0.81
CA ASP A 6 -14.16 14.43 1.77
C ASP A 6 -13.59 13.10 2.26
N PHE A 7 -12.87 13.14 3.37
CA PHE A 7 -12.27 11.94 3.95
C PHE A 7 -13.30 10.81 4.03
N GLN A 8 -14.57 11.19 4.13
CA GLN A 8 -15.65 10.20 4.22
C GLN A 8 -15.48 9.10 3.18
N ASN A 9 -15.41 9.50 1.91
CA ASN A 9 -15.25 8.55 0.81
C ASN A 9 -14.04 7.65 1.05
N PHE A 10 -12.89 8.27 1.33
CA PHE A 10 -11.67 7.52 1.59
C PHE A 10 -11.87 6.52 2.72
N VAL A 11 -12.01 7.02 3.94
CA VAL A 11 -12.20 6.18 5.11
C VAL A 11 -13.26 5.12 4.84
N ALA A 12 -14.38 5.54 4.24
CA ALA A 12 -15.47 4.63 3.94
C ALA A 12 -14.98 3.43 3.15
N THR A 13 -14.22 3.69 2.09
CA THR A 13 -13.68 2.63 1.24
C THR A 13 -12.84 1.66 2.06
N LEU A 14 -11.87 2.19 2.79
CA LEU A 14 -10.99 1.36 3.61
C LEU A 14 -11.81 0.51 4.59
N GLU A 15 -12.67 1.17 5.36
CA GLU A 15 -13.50 0.47 6.33
C GLU A 15 -14.19 -0.73 5.70
N SER A 16 -14.99 -0.47 4.67
CA SER A 16 -15.72 -1.53 3.98
C SER A 16 -14.75 -2.57 3.44
N PHE A 17 -13.54 -2.15 3.12
CA PHE A 17 -12.52 -3.06 2.60
C PHE A 17 -12.32 -4.25 3.54
N LYS A 18 -11.84 -3.96 4.74
CA LYS A 18 -11.59 -5.00 5.73
C LYS A 18 -12.86 -5.78 6.03
N ASP A 19 -14.00 -5.09 6.02
CA ASP A 19 -15.29 -5.70 6.30
C ASP A 19 -15.57 -6.81 5.28
N LEU A 20 -14.81 -6.82 4.20
CA LEU A 20 -14.98 -7.82 3.15
C LEU A 20 -14.53 -9.20 3.63
N LYS A 21 -14.79 -10.22 2.82
CA LYS A 21 -14.42 -11.58 3.16
C LYS A 21 -13.39 -12.13 2.17
N SER A 22 -12.25 -11.45 2.08
CA SER A 22 -11.18 -11.87 1.18
C SER A 22 -9.87 -11.16 1.52
N GLY A 23 -9.93 -9.83 1.61
CA GLY A 23 -8.74 -9.06 1.94
C GLY A 23 -8.26 -8.22 0.78
N ILE A 24 -8.98 -8.30 -0.34
CA ILE A 24 -8.62 -7.54 -1.53
C ILE A 24 -9.86 -7.17 -2.34
N SER A 25 -9.86 -5.96 -2.89
CA SER A 25 -10.99 -5.48 -3.68
C SER A 25 -10.56 -4.33 -4.59
N GLY A 26 -10.54 -4.59 -5.90
CA GLY A 26 -10.14 -3.58 -6.86
C GLY A 26 -10.94 -2.30 -6.70
N SER A 27 -12.27 -2.42 -6.71
CA SER A 27 -13.14 -1.27 -6.59
C SER A 27 -12.70 -0.37 -5.43
N ARG A 28 -12.52 -0.96 -4.25
CA ARG A 28 -12.10 -0.23 -3.08
C ARG A 28 -10.80 0.53 -3.35
N ILE A 29 -9.77 -0.20 -3.71
CA ILE A 29 -8.47 0.39 -4.00
C ILE A 29 -8.61 1.57 -4.96
N LYS A 30 -9.43 1.40 -5.99
CA LYS A 30 -9.66 2.44 -6.98
C LYS A 30 -10.13 3.73 -6.31
N LYS A 31 -11.26 3.65 -5.62
CA LYS A 31 -11.82 4.81 -4.93
C LYS A 31 -10.76 5.49 -4.08
N LEU A 32 -10.03 4.70 -3.29
CA LEU A 32 -8.98 5.24 -2.43
C LEU A 32 -7.94 5.99 -3.24
N THR A 33 -7.40 5.33 -4.26
CA THR A 33 -6.39 5.93 -5.11
C THR A 33 -6.90 7.22 -5.75
N THR A 34 -7.82 7.08 -6.69
CA THR A 34 -8.40 8.23 -7.37
C THR A 34 -8.68 9.37 -6.39
N TYR A 35 -9.26 9.03 -5.25
CA TYR A 35 -9.58 10.02 -4.24
C TYR A 35 -8.32 10.75 -3.77
N ALA A 36 -7.34 9.99 -3.30
CA ALA A 36 -6.09 10.56 -2.82
C ALA A 36 -5.54 11.57 -3.82
N LEU A 37 -5.31 11.12 -5.05
CA LEU A 37 -4.78 11.98 -6.10
C LEU A 37 -5.69 13.20 -6.31
N ASP A 38 -6.98 12.95 -6.43
CA ASP A 38 -7.94 14.02 -6.64
C ASP A 38 -7.86 15.05 -5.51
N HIS A 39 -7.37 14.61 -4.36
CA HIS A 39 -7.24 15.49 -3.20
C HIS A 39 -5.86 15.35 -2.57
N ILE A 40 -4.89 16.08 -3.09
CA ILE A 40 -3.53 16.04 -2.58
C ILE A 40 -3.40 16.86 -1.30
N ASP A 41 -4.49 17.50 -0.91
CA ASP A 41 -4.50 18.32 0.29
C ASP A 41 -4.88 17.50 1.52
N ILE A 42 -4.63 16.19 1.44
CA ILE A 42 -4.94 15.29 2.54
C ILE A 42 -4.02 14.08 2.53
N GLU A 43 -2.80 14.27 2.03
CA GLU A 43 -1.83 13.19 1.96
C GLU A 43 -1.55 12.61 3.36
N SER A 44 -1.54 13.49 4.35
CA SER A 44 -1.27 13.08 5.73
C SER A 44 -2.30 12.04 6.18
N LYS A 45 -3.52 12.50 6.44
CA LYS A 45 -4.59 11.62 6.88
C LYS A 45 -4.65 10.35 6.01
N ILE A 46 -4.59 10.55 4.70
CA ILE A 46 -4.62 9.43 3.76
C ILE A 46 -3.52 8.43 4.06
N ILE A 47 -2.28 8.81 3.77
CA ILE A 47 -1.13 7.94 4.00
C ILE A 47 -1.19 7.33 5.41
N SER A 48 -1.44 8.18 6.40
CA SER A 48 -1.51 7.73 7.79
C SER A 48 -2.56 6.64 7.95
N LEU A 49 -3.72 6.84 7.32
CA LEU A 49 -4.81 5.88 7.40
C LEU A 49 -4.36 4.51 6.89
N ILE A 50 -4.10 4.43 5.59
CA ILE A 50 -3.65 3.17 4.98
C ILE A 50 -2.58 2.50 5.83
N ILE A 51 -1.61 3.28 6.28
CA ILE A 51 -0.52 2.76 7.10
C ILE A 51 -1.06 2.08 8.35
N ASP A 52 -1.86 2.80 9.13
CA ASP A 52 -2.44 2.27 10.35
C ASP A 52 -3.26 1.01 10.06
N TYR A 53 -4.03 1.06 8.97
CA TYR A 53 -4.86 -0.08 8.59
C TYR A 53 -4.02 -1.33 8.40
N SER A 54 -2.83 -1.15 7.83
CA SER A 54 -1.93 -2.28 7.59
C SER A 54 -1.49 -2.92 8.91
N ARG A 55 -0.67 -2.20 9.67
CA ARG A 55 -0.19 -2.69 10.95
C ARG A 55 -1.35 -3.06 11.87
N LEU A 56 -2.49 -2.40 11.66
CA LEU A 56 -3.68 -2.65 12.47
C LEU A 56 -3.88 -4.15 12.68
N CYS A 57 -4.39 -4.83 11.65
CA CYS A 57 -4.63 -6.26 11.72
C CYS A 57 -3.45 -7.05 11.17
N PRO A 58 -3.45 -8.37 11.38
CA PRO A 58 -2.39 -9.26 10.91
C PRO A 58 -2.37 -9.40 9.39
N ASP A 59 -1.79 -10.49 8.91
CA ASP A 59 -1.70 -10.74 7.48
C ASP A 59 -2.90 -10.13 6.75
N SER A 60 -4.10 -10.47 7.22
CA SER A 60 -5.32 -9.96 6.60
C SER A 60 -5.12 -8.54 6.08
N HIS A 61 -5.14 -7.57 7.00
CA HIS A 61 -4.94 -6.17 6.64
C HIS A 61 -3.60 -5.96 5.96
N LYS A 62 -2.59 -6.68 6.43
CA LYS A 62 -1.24 -6.57 5.86
C LYS A 62 -1.28 -6.64 4.34
N LEU A 63 -1.67 -7.80 3.82
CA LEU A 63 -1.75 -7.99 2.37
C LEU A 63 -2.59 -6.90 1.72
N GLY A 64 -3.83 -6.76 2.17
CA GLY A 64 -4.72 -5.75 1.63
C GLY A 64 -4.06 -4.38 1.56
N SER A 65 -3.41 -3.98 2.66
CA SER A 65 -2.74 -2.69 2.73
C SER A 65 -1.73 -2.55 1.60
N LEU A 66 -0.82 -3.51 1.51
CA LEU A 66 0.22 -3.50 0.47
C LEU A 66 -0.37 -3.12 -0.88
N TYR A 67 -1.43 -3.81 -1.28
CA TYR A 67 -2.09 -3.56 -2.55
C TYR A 67 -2.55 -2.10 -2.64
N ILE A 68 -3.25 -1.65 -1.61
CA ILE A 68 -3.74 -0.27 -1.57
C ILE A 68 -2.60 0.73 -1.72
N ILE A 69 -1.61 0.61 -0.83
CA ILE A 69 -0.45 1.50 -0.87
C ILE A 69 0.23 1.47 -2.22
N ASP A 70 0.24 0.29 -2.84
CA ASP A 70 0.87 0.12 -4.15
C ASP A 70 0.26 1.07 -5.18
N SER A 71 -1.05 0.98 -5.34
CA SER A 71 -1.76 1.84 -6.29
C SER A 71 -1.50 3.32 -6.00
N ILE A 72 -1.83 3.73 -4.78
CA ILE A 72 -1.63 5.12 -4.37
C ILE A 72 -0.18 5.56 -4.59
N GLY A 73 0.76 4.70 -4.18
CA GLY A 73 2.16 5.01 -4.35
C GLY A 73 2.51 5.36 -5.78
N ARG A 74 2.29 4.41 -6.68
CA ARG A 74 2.60 4.62 -8.10
C ARG A 74 2.01 5.94 -8.60
N ALA A 75 0.70 6.11 -8.40
CA ALA A 75 0.01 7.31 -8.82
C ALA A 75 0.67 8.56 -8.23
N TYR A 76 0.70 8.62 -6.90
CA TYR A 76 1.30 9.75 -6.21
C TYR A 76 2.68 10.07 -6.77
N LEU A 77 3.51 9.05 -6.90
CA LEU A 77 4.86 9.22 -7.43
C LEU A 77 4.83 9.95 -8.78
N ASP A 78 4.17 9.35 -9.76
CA ASP A 78 4.08 9.94 -11.08
C ASP A 78 3.53 11.37 -11.00
N GLU A 79 2.54 11.57 -10.13
CA GLU A 79 1.93 12.88 -9.96
C GLU A 79 2.99 13.93 -9.62
N THR A 80 3.50 13.88 -8.40
CA THR A 80 4.52 14.82 -7.96
C THR A 80 5.72 14.82 -8.91
N ARG A 81 6.15 13.63 -9.31
CA ARG A 81 7.28 13.49 -10.21
C ARG A 81 7.08 14.33 -11.47
N SER A 82 5.84 14.39 -11.95
CA SER A 82 5.52 15.15 -13.14
C SER A 82 6.04 16.58 -13.04
N ASN A 83 6.11 17.09 -11.81
CA ASN A 83 6.60 18.44 -11.57
C ASN A 83 7.88 18.42 -10.74
N SER A 84 7.74 18.17 -9.45
CA SER A 84 8.88 18.12 -8.55
C SER A 84 8.47 17.63 -7.17
N ASN A 85 9.32 16.80 -6.56
CA ASN A 85 9.04 16.25 -5.24
C ASN A 85 9.65 17.12 -4.15
N SER A 86 8.96 18.22 -3.84
CA SER A 86 9.42 19.16 -2.82
C SER A 86 9.73 18.42 -1.51
N SER A 87 11.01 18.32 -1.17
CA SER A 87 11.43 17.64 0.04
C SER A 87 11.02 18.43 1.28
N SER A 88 10.51 17.72 2.28
CA SER A 88 10.07 18.37 3.52
C SER A 88 9.84 17.33 4.61
N ASN A 89 10.03 17.74 5.85
CA ASN A 89 9.84 16.84 6.99
C ASN A 89 8.45 17.01 7.60
N LYS A 90 7.47 17.28 6.73
CA LYS A 90 6.09 17.47 7.19
C LYS A 90 5.12 17.20 6.04
N PRO A 91 3.85 16.95 6.41
CA PRO A 91 2.78 16.68 5.42
C PRO A 91 2.41 17.91 4.62
N GLY A 92 1.92 17.70 3.40
CA GLY A 92 1.54 18.80 2.55
C GLY A 92 1.07 18.34 1.17
N THR A 93 1.80 17.40 0.59
CA THR A 93 1.45 16.87 -0.73
C THR A 93 2.05 15.48 -0.94
N CYS A 94 1.88 14.96 -2.15
CA CYS A 94 2.41 13.64 -2.48
C CYS A 94 3.84 13.48 -1.97
N ALA A 95 4.61 14.56 -2.04
CA ALA A 95 6.00 14.54 -1.58
C ALA A 95 6.13 13.82 -0.24
N HIS A 96 5.62 14.45 0.81
CA HIS A 96 5.68 13.86 2.15
C HIS A 96 5.07 12.46 2.16
N ALA A 97 4.01 12.28 1.38
CA ALA A 97 3.34 10.98 1.30
C ALA A 97 4.32 9.89 0.90
N ILE A 98 4.98 10.08 -0.23
CA ILE A 98 5.95 9.10 -0.74
C ILE A 98 7.03 8.82 0.30
N ASN A 99 7.63 9.89 0.81
CA ASN A 99 8.69 9.75 1.82
C ASN A 99 8.19 8.97 3.03
N THR A 100 7.12 9.48 3.65
CA THR A 100 6.54 8.84 4.82
C THR A 100 6.34 7.34 4.59
N LEU A 101 5.58 7.00 3.56
CA LEU A 101 5.30 5.61 3.21
C LEU A 101 6.59 4.81 3.17
N GLY A 102 7.51 5.22 2.29
CA GLY A 102 8.78 4.52 2.16
C GLY A 102 9.56 4.49 3.45
N GLU A 103 9.16 5.34 4.40
CA GLU A 103 9.84 5.41 5.69
C GLU A 103 9.23 4.42 6.67
N VAL A 104 8.06 3.89 6.33
CA VAL A 104 7.38 2.93 7.18
C VAL A 104 7.17 1.60 6.47
N ILE A 105 7.27 1.63 5.14
CA ILE A 105 7.09 0.42 4.34
C ILE A 105 7.96 -0.72 4.86
N GLN A 106 9.08 -0.36 5.47
CA GLN A 106 9.99 -1.37 6.02
C GLN A 106 9.25 -2.34 6.94
N GLU A 107 8.84 -1.85 8.10
CA GLU A 107 8.14 -2.67 9.07
C GLU A 107 6.87 -3.27 8.45
N LEU A 108 6.18 -2.47 7.65
CA LEU A 108 4.95 -2.90 6.99
C LEU A 108 5.19 -4.19 6.19
N LEU A 109 6.07 -4.11 5.20
CA LEU A 109 6.39 -5.26 4.36
C LEU A 109 6.86 -6.43 5.21
N SER A 110 8.06 -6.32 5.77
CA SER A 110 8.62 -7.37 6.60
C SER A 110 7.53 -8.05 7.43
N ASP A 111 6.82 -7.25 8.22
CA ASP A 111 5.75 -7.78 9.06
C ASP A 111 4.74 -8.56 8.24
N ALA A 112 4.24 -7.93 7.17
CA ALA A 112 3.26 -8.57 6.29
C ALA A 112 3.72 -9.96 5.88
N ILE A 113 4.97 -10.05 5.41
CA ILE A 113 5.53 -11.34 4.99
C ILE A 113 5.47 -12.36 6.11
N ALA A 114 5.94 -11.98 7.29
CA ALA A 114 5.93 -12.87 8.43
C ALA A 114 4.52 -13.35 8.75
N LYS A 115 3.64 -12.41 9.09
CA LYS A 115 2.26 -12.74 9.41
C LYS A 115 1.60 -13.51 8.28
N SER A 116 2.13 -13.34 7.07
CA SER A 116 1.59 -14.02 5.89
C SER A 116 2.19 -15.42 5.76
N ASN A 117 1.50 -16.28 5.01
CA ASN A 117 1.96 -17.65 4.81
C ASN A 117 2.60 -17.81 3.43
N GLN A 118 2.97 -19.04 3.09
CA GLN A 118 3.59 -19.32 1.80
C GLN A 118 2.88 -18.57 0.68
N ASP A 119 1.55 -18.70 0.63
CA ASP A 119 0.76 -18.03 -0.39
C ASP A 119 0.88 -16.52 -0.28
N HIS A 120 0.27 -15.96 0.77
CA HIS A 120 0.31 -14.52 0.99
C HIS A 120 1.73 -13.99 0.84
N LYS A 121 2.65 -14.51 1.64
CA LYS A 121 4.04 -14.08 1.59
C LYS A 121 4.53 -14.00 0.15
N GLU A 122 4.11 -14.94 -0.68
CA GLU A 122 4.50 -14.98 -2.08
C GLU A 122 4.00 -13.73 -2.81
N LYS A 123 2.75 -13.36 -2.56
CA LYS A 123 2.16 -12.19 -3.19
C LYS A 123 2.98 -10.93 -2.89
N ILE A 124 3.32 -10.75 -1.62
CA ILE A 124 4.11 -9.59 -1.21
C ILE A 124 5.45 -9.54 -1.94
N ARG A 125 6.13 -10.68 -1.99
CA ARG A 125 7.42 -10.78 -2.65
C ARG A 125 7.33 -10.28 -4.09
N MET A 126 6.44 -10.89 -4.87
CA MET A 126 6.25 -10.50 -6.27
C MET A 126 5.90 -9.03 -6.38
N LEU A 127 5.05 -8.55 -5.47
CA LEU A 127 4.64 -7.15 -5.46
C LEU A 127 5.85 -6.23 -5.45
N LEU A 128 6.74 -6.44 -4.49
CA LEU A 128 7.94 -5.63 -4.36
C LEU A 128 8.75 -5.64 -5.66
N ASP A 129 8.91 -6.82 -6.24
CA ASP A 129 9.65 -6.96 -7.49
C ASP A 129 9.11 -6.01 -8.55
N ILE A 130 7.80 -6.05 -8.76
CA ILE A 130 7.16 -5.20 -9.75
C ILE A 130 7.41 -3.72 -9.45
N TRP A 131 7.35 -3.37 -8.17
CA TRP A 131 7.57 -1.99 -7.75
C TRP A 131 8.89 -1.46 -8.29
N ASP A 132 9.99 -2.07 -7.87
CA ASP A 132 11.32 -1.65 -8.31
C ASP A 132 11.41 -1.69 -9.84
N ARG A 133 10.77 -2.69 -10.44
CA ARG A 133 10.78 -2.83 -11.89
C ARG A 133 10.28 -1.56 -12.57
N SER A 134 9.00 -1.24 -12.35
CA SER A 134 8.40 -0.06 -12.94
C SER A 134 9.19 1.19 -12.58
N GLY A 135 9.03 1.65 -11.34
CA GLY A 135 9.74 2.84 -10.89
C GLY A 135 9.24 3.34 -9.55
N LEU A 136 8.89 2.40 -8.67
CA LEU A 136 8.39 2.75 -7.35
C LEU A 136 9.50 3.37 -6.50
N PHE A 137 9.26 3.44 -5.19
CA PHE A 137 10.24 4.00 -4.26
C PHE A 137 11.54 3.21 -4.30
N GLN A 138 12.40 3.46 -3.33
CA GLN A 138 13.69 2.76 -3.24
C GLN A 138 13.50 1.33 -2.79
N LYS A 139 13.00 0.48 -3.69
CA LYS A 139 12.78 -0.92 -3.38
C LYS A 139 13.99 -1.77 -3.72
N SER A 140 14.98 -1.13 -4.38
CA SER A 140 16.20 -1.84 -4.77
C SER A 140 17.17 -1.92 -3.60
N TYR A 141 16.81 -1.29 -2.49
CA TYR A 141 17.65 -1.30 -1.30
C TYR A 141 16.82 -1.11 -0.04
N LEU A 142 15.54 -1.46 -0.13
CA LEU A 142 14.64 -1.33 1.01
C LEU A 142 15.08 -2.22 2.17
N ASN A 143 15.48 -1.59 3.27
CA ASN A 143 15.92 -2.32 4.45
C ASN A 143 14.98 -3.50 4.75
N ALA A 144 13.70 -3.28 4.57
CA ALA A 144 12.71 -4.32 4.81
C ALA A 144 13.19 -5.67 4.29
N ILE A 145 12.92 -5.96 3.02
CA ILE A 145 13.33 -7.21 2.42
C ILE A 145 14.85 -7.29 2.30
N ARG A 146 15.49 -6.14 2.20
CA ARG A 146 16.94 -6.08 2.07
C ARG A 146 17.60 -7.18 2.89
N SER A 147 17.27 -7.24 4.18
CA SER A 147 17.83 -8.25 5.07
C SER A 147 17.31 -9.64 4.70
N LYS A 148 18.07 -10.34 3.84
CA LYS A 148 17.69 -11.67 3.41
C LYS A 148 17.22 -12.52 4.59
N CYS A 149 17.82 -12.29 5.74
CA CYS A 149 17.45 -13.03 6.95
C CYS A 149 15.94 -13.13 7.08
N PHE A 150 15.25 -12.09 6.65
CA PHE A 150 13.78 -12.06 6.74
C PHE A 150 13.18 -13.22 5.95
N ALA A 151 12.81 -12.97 4.70
CA ALA A 151 12.23 -14.00 3.85
C ALA A 151 12.82 -15.37 4.15
N MET A 152 14.14 -15.43 4.27
CA MET A 152 14.83 -16.68 4.56
C MET A 152 14.36 -17.27 5.89
N ASP A 153 14.78 -16.64 6.98
CA ASP A 153 14.40 -17.10 8.31
C ASP A 153 12.88 -17.05 8.49
N LEU A 154 12.32 -15.85 8.38
CA LEU A 154 10.88 -15.66 8.53
C LEU A 154 10.11 -16.81 7.89
N GLU A 155 10.63 -17.33 6.78
CA GLU A 155 10.00 -18.43 6.08
C GLU A 155 9.82 -19.63 7.00
N HIS A 156 10.93 -20.33 7.27
CA HIS A 156 10.90 -21.51 8.13
C HIS A 156 10.53 -21.11 9.56
N HIS A 157 9.69 -21.93 10.19
CA HIS A 157 9.26 -21.67 11.56
C HIS A 157 8.45 -22.84 12.10
N HIS A 158 7.81 -22.62 13.25
CA HIS A 158 6.99 -23.66 13.88
C HIS A 158 5.95 -24.19 12.90
N HIS A 159 5.52 -25.42 13.11
CA HIS A 159 4.52 -26.04 12.25
C HIS A 159 3.28 -25.16 12.13
N HIS A 160 2.73 -25.08 10.92
CA HIS A 160 1.55 -24.26 10.67
C HIS A 160 0.98 -24.53 9.28
N HIS A 161 -0.28 -24.95 9.23
CA HIS A 161 -0.94 -25.24 7.96
C HIS A 161 -0.92 -24.03 7.04
N ASP B 1 -15.85 -12.57 -7.58
CA ASP B 1 -17.11 -13.28 -7.63
C ASP B 1 -18.06 -12.64 -8.64
N ASP B 2 -18.58 -11.47 -8.30
CA ASP B 2 -19.51 -10.76 -9.17
C ASP B 2 -19.45 -9.26 -8.91
N ASP B 3 -18.28 -8.77 -8.51
CA ASP B 3 -18.09 -7.36 -8.23
C ASP B 3 -16.83 -6.82 -8.90
N GLU B 4 -16.45 -7.46 -10.01
CA GLU B 4 -15.26 -7.05 -10.75
C GLU B 4 -14.05 -6.97 -9.82
N ASP B 5 -14.00 -7.88 -8.84
CA ASP B 5 -12.89 -7.91 -7.89
C ASP B 5 -11.58 -8.17 -8.60
N GLY B 6 -10.50 -8.32 -7.82
CA GLY B 6 -9.20 -8.56 -8.40
C GLY B 6 -8.46 -7.28 -8.72
N TYR B 7 -7.14 -7.32 -8.61
CA TYR B 7 -6.31 -6.15 -8.89
C TYR B 7 -4.83 -6.49 -8.84
N ASN B 8 -4.16 -6.40 -9.97
CA ASN B 8 -2.74 -6.71 -10.06
C ASN B 8 -1.90 -5.45 -9.95
N PRO B 9 -0.81 -5.51 -9.19
CA PRO B 9 0.09 -4.38 -8.99
C PRO B 9 0.89 -4.05 -10.24
N TYR B 10 0.90 -4.98 -11.19
CA TYR B 10 1.62 -4.78 -12.45
C TYR B 10 0.82 -3.93 -13.41
N THR B 11 -0.35 -3.49 -12.97
CA THR B 11 -1.23 -2.67 -13.81
C THR B 11 -1.53 -1.34 -13.12
N LEU B 12 -1.99 -0.37 -13.92
CA LEU B 12 -2.32 0.96 -13.39
C LEU B 12 -1.11 1.59 -12.72
N MET A 1 -21.76 18.44 -9.10
CA MET A 1 -22.95 17.59 -9.11
C MET A 1 -22.83 16.46 -8.11
N GLN A 2 -22.06 16.69 -7.05
CA GLN A 2 -21.86 15.69 -6.01
C GLN A 2 -21.10 16.26 -4.83
N GLN A 3 -20.80 15.42 -3.85
CA GLN A 3 -20.07 15.84 -2.66
C GLN A 3 -18.77 16.53 -3.04
N ASP A 4 -18.14 17.17 -2.06
CA ASP A 4 -16.89 17.87 -2.30
C ASP A 4 -15.76 16.88 -2.55
N ASP A 5 -16.01 15.61 -2.27
CA ASP A 5 -15.02 14.56 -2.47
C ASP A 5 -13.82 14.76 -1.54
N ASP A 6 -14.12 15.03 -0.26
CA ASP A 6 -13.07 15.24 0.73
C ASP A 6 -12.62 13.92 1.32
N PHE A 7 -11.97 13.98 2.48
CA PHE A 7 -11.48 12.78 3.16
C PHE A 7 -12.61 11.80 3.40
N GLN A 8 -13.84 12.28 3.27
CA GLN A 8 -15.02 11.44 3.47
C GLN A 8 -14.94 10.17 2.63
N ASN A 9 -15.05 10.32 1.32
CA ASN A 9 -14.98 9.17 0.41
C ASN A 9 -13.72 8.35 0.67
N PHE A 10 -12.59 9.02 0.77
CA PHE A 10 -11.32 8.34 1.00
C PHE A 10 -11.40 7.45 2.24
N VAL A 11 -11.47 8.08 3.41
CA VAL A 11 -11.55 7.35 4.67
C VAL A 11 -12.67 6.31 4.62
N ALA A 12 -13.82 6.72 4.08
CA ALA A 12 -14.97 5.82 3.98
C ALA A 12 -14.59 4.52 3.27
N THR A 13 -13.91 4.65 2.13
CA THR A 13 -13.50 3.48 1.35
C THR A 13 -12.63 2.55 2.18
N LEU A 14 -11.58 3.10 2.77
CA LEU A 14 -10.67 2.31 3.60
C LEU A 14 -11.42 1.60 4.71
N GLU A 15 -12.23 2.35 5.46
CA GLU A 15 -13.01 1.79 6.55
C GLU A 15 -13.79 0.56 6.08
N SER A 16 -14.57 0.72 5.02
CA SER A 16 -15.36 -0.37 4.48
C SER A 16 -14.48 -1.56 4.11
N PHE A 17 -13.24 -1.26 3.72
CA PHE A 17 -12.29 -2.30 3.34
C PHE A 17 -12.08 -3.30 4.47
N LYS A 18 -11.58 -2.80 5.61
CA LYS A 18 -11.34 -3.65 6.76
C LYS A 18 -12.60 -4.41 7.16
N ASP A 19 -13.75 -3.75 7.02
CA ASP A 19 -15.02 -4.36 7.37
C ASP A 19 -15.22 -5.67 6.60
N LEU A 20 -14.61 -5.75 5.43
CA LEU A 20 -14.73 -6.95 4.60
C LEU A 20 -14.03 -8.13 5.24
N LYS A 21 -14.81 -8.98 5.91
CA LYS A 21 -14.26 -10.17 6.56
C LYS A 21 -13.38 -10.97 5.62
N SER A 22 -13.65 -10.84 4.32
CA SER A 22 -12.88 -11.56 3.31
C SER A 22 -13.44 -11.30 1.91
N GLY A 23 -13.60 -10.01 1.59
CA GLY A 23 -14.13 -9.64 0.28
C GLY A 23 -13.40 -8.46 -0.32
N ILE A 24 -12.08 -8.44 -0.20
CA ILE A 24 -11.27 -7.36 -0.73
C ILE A 24 -11.65 -7.05 -2.17
N SER A 25 -12.37 -5.95 -2.37
CA SER A 25 -12.80 -5.54 -3.70
C SER A 25 -11.90 -4.44 -4.25
N GLY A 26 -11.38 -4.66 -5.46
CA GLY A 26 -10.50 -3.67 -6.07
C GLY A 26 -11.16 -2.32 -6.18
N SER A 27 -12.48 -2.30 -6.25
CA SER A 27 -13.23 -1.05 -6.37
C SER A 27 -12.75 -0.04 -5.33
N ARG A 28 -12.76 -0.45 -4.06
CA ARG A 28 -12.33 0.41 -2.97
C ARG A 28 -10.97 1.04 -3.26
N ILE A 29 -10.01 0.19 -3.59
CA ILE A 29 -8.66 0.65 -3.90
C ILE A 29 -8.68 1.76 -4.94
N LYS A 30 -9.45 1.55 -6.01
CA LYS A 30 -9.55 2.54 -7.07
C LYS A 30 -10.00 3.89 -6.51
N LYS A 31 -11.09 3.89 -5.76
CA LYS A 31 -11.61 5.11 -5.17
C LYS A 31 -10.51 5.87 -4.42
N LEU A 32 -9.79 5.16 -3.56
CA LEU A 32 -8.71 5.76 -2.78
C LEU A 32 -7.66 6.38 -3.70
N THR A 33 -7.25 5.62 -4.71
CA THR A 33 -6.24 6.10 -5.66
C THR A 33 -6.71 7.38 -6.35
N THR A 34 -7.71 7.26 -7.20
CA THR A 34 -8.25 8.43 -7.92
C THR A 34 -8.38 9.63 -6.99
N TYR A 35 -8.91 9.39 -5.80
CA TYR A 35 -9.10 10.46 -4.82
C TYR A 35 -7.77 11.13 -4.49
N ALA A 36 -6.81 10.33 -4.02
CA ALA A 36 -5.50 10.85 -3.66
C ALA A 36 -4.94 11.74 -4.76
N LEU A 37 -4.84 11.19 -5.97
CA LEU A 37 -4.33 11.94 -7.11
C LEU A 37 -5.14 13.20 -7.35
N ASP A 38 -6.46 13.06 -7.36
CA ASP A 38 -7.35 14.19 -7.57
C ASP A 38 -7.09 15.29 -6.55
N HIS A 39 -6.55 14.91 -5.40
CA HIS A 39 -6.24 15.86 -4.34
C HIS A 39 -4.84 15.65 -3.80
N ILE A 40 -3.85 16.24 -4.45
CA ILE A 40 -2.46 16.12 -4.04
C ILE A 40 -2.16 17.02 -2.85
N ASP A 41 -3.17 17.76 -2.41
CA ASP A 41 -3.01 18.66 -1.27
C ASP A 41 -3.36 17.97 0.04
N ILE A 42 -3.30 16.63 0.02
CA ILE A 42 -3.61 15.84 1.20
C ILE A 42 -2.81 14.54 1.22
N GLU A 43 -1.64 14.58 0.60
CA GLU A 43 -0.77 13.40 0.54
C GLU A 43 -0.44 12.91 1.95
N SER A 44 -0.28 13.85 2.88
CA SER A 44 0.05 13.51 4.26
C SER A 44 -1.01 12.61 4.86
N LYS A 45 -2.17 13.17 5.17
CA LYS A 45 -3.28 12.42 5.75
C LYS A 45 -3.51 11.12 4.98
N ILE A 46 -3.54 11.22 3.66
CA ILE A 46 -3.75 10.05 2.82
C ILE A 46 -2.72 8.97 3.10
N ILE A 47 -1.48 9.21 2.69
CA ILE A 47 -0.39 8.27 2.90
C ILE A 47 -0.38 7.77 4.34
N SER A 48 -0.53 8.69 5.28
CA SER A 48 -0.53 8.35 6.70
C SER A 48 -1.64 7.37 7.03
N LEU A 49 -2.83 7.61 6.46
CA LEU A 49 -3.97 6.75 6.68
C LEU A 49 -3.66 5.31 6.28
N ILE A 50 -3.44 5.11 4.98
CA ILE A 50 -3.12 3.78 4.46
C ILE A 50 -2.04 3.10 5.30
N ILE A 51 -0.98 3.84 5.60
CA ILE A 51 0.13 3.32 6.40
C ILE A 51 -0.37 2.81 7.74
N ASP A 52 -1.00 3.69 8.51
CA ASP A 52 -1.52 3.32 9.83
C ASP A 52 -2.46 2.12 9.72
N TYR A 53 -3.39 2.19 8.77
CA TYR A 53 -4.36 1.11 8.57
C TYR A 53 -3.66 -0.21 8.37
N SER A 54 -2.49 -0.18 7.72
CA SER A 54 -1.73 -1.40 7.47
C SER A 54 -1.29 -2.04 8.78
N ARG A 55 -0.28 -1.45 9.43
CA ARG A 55 0.23 -1.97 10.68
C ARG A 55 -0.89 -2.06 11.73
N LEU A 56 -1.90 -1.23 11.57
CA LEU A 56 -3.03 -1.22 12.50
C LEU A 56 -3.43 -2.64 12.88
N CYS A 57 -4.13 -3.31 11.98
CA CYS A 57 -4.56 -4.69 12.21
C CYS A 57 -3.57 -5.69 11.65
N PRO A 58 -3.76 -6.97 11.98
CA PRO A 58 -2.88 -8.05 11.51
C PRO A 58 -3.05 -8.32 10.03
N ASP A 59 -2.64 -9.51 9.60
CA ASP A 59 -2.74 -9.89 8.19
C ASP A 59 -3.89 -9.17 7.51
N SER A 60 -5.08 -9.28 8.10
CA SER A 60 -6.27 -8.64 7.54
C SER A 60 -5.91 -7.35 6.81
N HIS A 61 -5.65 -6.29 7.57
CA HIS A 61 -5.29 -5.01 6.99
C HIS A 61 -3.98 -5.11 6.21
N LYS A 62 -2.97 -5.74 6.81
CA LYS A 62 -1.68 -5.91 6.17
C LYS A 62 -1.84 -6.09 4.66
N LEU A 63 -2.49 -7.18 4.27
CA LEU A 63 -2.70 -7.47 2.85
C LEU A 63 -3.46 -6.33 2.17
N GLY A 64 -4.63 -5.99 2.73
CA GLY A 64 -5.44 -4.92 2.17
C GLY A 64 -4.62 -3.67 1.90
N SER A 65 -4.01 -3.12 2.95
CA SER A 65 -3.21 -1.91 2.82
C SER A 65 -2.23 -2.03 1.67
N LEU A 66 -1.44 -3.10 1.68
CA LEU A 66 -0.45 -3.34 0.62
C LEU A 66 -1.04 -3.04 -0.76
N TYR A 67 -2.17 -3.68 -1.05
CA TYR A 67 -2.83 -3.48 -2.34
C TYR A 67 -3.15 -2.01 -2.57
N ILE A 68 -3.75 -1.38 -1.57
CA ILE A 68 -4.11 0.03 -1.66
C ILE A 68 -2.89 0.89 -1.95
N ILE A 69 -1.87 0.79 -1.11
CA ILE A 69 -0.65 1.56 -1.28
C ILE A 69 -0.05 1.31 -2.66
N ASP A 70 -0.14 0.07 -3.13
CA ASP A 70 0.40 -0.29 -4.44
C ASP A 70 -0.18 0.59 -5.54
N SER A 71 -1.51 0.58 -5.64
CA SER A 71 -2.20 1.38 -6.65
C SER A 71 -1.81 2.85 -6.54
N ILE A 72 -1.98 3.41 -5.35
CA ILE A 72 -1.65 4.81 -5.10
C ILE A 72 -0.21 5.10 -5.49
N GLY A 73 0.70 4.24 -5.06
CA GLY A 73 2.11 4.43 -5.37
C GLY A 73 2.36 4.55 -6.86
N ARG A 74 1.96 3.53 -7.62
CA ARG A 74 2.14 3.54 -9.06
C ARG A 74 1.63 4.84 -9.68
N ALA A 75 0.37 5.15 -9.42
CA ALA A 75 -0.23 6.37 -9.95
C ALA A 75 0.55 7.60 -9.53
N TYR A 76 0.76 7.76 -8.23
CA TYR A 76 1.51 8.89 -7.70
C TYR A 76 2.84 9.05 -8.42
N LEU A 77 3.59 7.96 -8.50
CA LEU A 77 4.90 7.96 -9.16
C LEU A 77 4.80 8.58 -10.55
N ASP A 78 3.95 7.99 -11.39
CA ASP A 78 3.77 8.49 -12.75
C ASP A 78 3.41 9.97 -12.74
N GLU A 79 2.53 10.36 -11.82
CA GLU A 79 2.10 11.75 -11.72
C GLU A 79 3.31 12.68 -11.55
N THR A 80 3.93 12.62 -10.38
CA THR A 80 5.09 13.45 -10.08
C THR A 80 6.17 13.27 -11.14
N ARG A 81 6.45 12.02 -11.49
CA ARG A 81 7.46 11.70 -12.48
C ARG A 81 7.23 12.50 -13.76
N SER A 82 5.97 12.68 -14.13
CA SER A 82 5.62 13.42 -15.33
C SER A 82 6.31 14.78 -15.36
N ASN A 83 6.55 15.33 -14.17
CA ASN A 83 7.21 16.63 -14.07
C ASN A 83 8.53 16.50 -13.30
N SER A 84 8.43 16.37 -11.99
CA SER A 84 9.61 16.25 -11.14
C SER A 84 9.23 15.84 -9.72
N ASN A 85 10.19 15.27 -8.99
CA ASN A 85 9.95 14.83 -7.63
C ASN A 85 10.84 15.60 -6.65
N SER A 86 10.77 15.22 -5.37
CA SER A 86 11.56 15.88 -4.34
C SER A 86 11.33 15.23 -2.98
N SER A 87 11.93 15.80 -1.94
CA SER A 87 11.79 15.27 -0.59
C SER A 87 12.43 16.21 0.42
N SER A 88 12.03 16.06 1.69
CA SER A 88 12.57 16.90 2.77
C SER A 88 12.05 16.43 4.12
N ASN A 89 11.89 15.12 4.27
CA ASN A 89 11.41 14.55 5.52
C ASN A 89 10.12 15.22 5.96
N LYS A 90 9.17 15.34 5.05
CA LYS A 90 7.89 15.97 5.34
C LYS A 90 6.95 15.89 4.14
N PRO A 91 5.67 15.58 4.39
CA PRO A 91 4.67 15.48 3.33
C PRO A 91 4.31 16.83 2.73
N GLY A 92 3.72 16.81 1.53
CA GLY A 92 3.35 18.04 0.87
C GLY A 92 2.75 17.80 -0.50
N THR A 93 3.19 16.74 -1.16
CA THR A 93 2.70 16.40 -2.49
C THR A 93 3.11 14.99 -2.89
N CYS A 94 2.79 14.61 -4.13
CA CYS A 94 3.13 13.28 -4.62
C CYS A 94 4.55 12.90 -4.25
N ALA A 95 5.49 13.79 -4.56
CA ALA A 95 6.90 13.53 -4.25
C ALA A 95 7.07 13.09 -2.80
N HIS A 96 6.79 13.99 -1.87
CA HIS A 96 6.91 13.69 -0.45
C HIS A 96 6.14 12.41 -0.10
N ALA A 97 4.97 12.25 -0.69
CA ALA A 97 4.15 11.07 -0.44
C ALA A 97 4.92 9.79 -0.69
N ILE A 98 5.43 9.64 -1.91
CA ILE A 98 6.21 8.46 -2.27
C ILE A 98 7.38 8.24 -1.31
N ASN A 99 8.09 9.32 -1.01
CA ASN A 99 9.23 9.25 -0.10
C ASN A 99 8.82 8.66 1.24
N THR A 100 7.77 9.22 1.83
CA THR A 100 7.28 8.74 3.13
C THR A 100 6.97 7.24 3.07
N LEU A 101 6.18 6.84 2.08
CA LEU A 101 5.79 5.44 1.93
C LEU A 101 7.03 4.55 1.89
N GLY A 102 7.94 4.83 0.96
CA GLY A 102 9.15 4.05 0.84
C GLY A 102 9.96 4.04 2.11
N GLU A 103 9.69 4.99 2.99
CA GLU A 103 10.40 5.09 4.27
C GLU A 103 9.75 4.21 5.33
N VAL A 104 8.54 3.75 5.05
CA VAL A 104 7.81 2.90 5.98
C VAL A 104 7.54 1.53 5.36
N ILE A 105 7.62 1.44 4.05
CA ILE A 105 7.39 0.19 3.34
C ILE A 105 8.23 -0.93 3.93
N GLN A 106 9.36 -0.57 4.52
CA GLN A 106 10.25 -1.56 5.12
C GLN A 106 9.52 -2.41 6.14
N GLU A 107 9.19 -1.80 7.29
CA GLU A 107 8.48 -2.51 8.35
C GLU A 107 7.17 -3.10 7.83
N LEU A 108 6.46 -2.31 7.03
CA LEU A 108 5.19 -2.75 6.47
C LEU A 108 5.35 -4.08 5.72
N LEU A 109 6.19 -4.06 4.69
CA LEU A 109 6.43 -5.26 3.88
C LEU A 109 6.86 -6.43 4.77
N SER A 110 8.09 -6.37 5.26
CA SER A 110 8.62 -7.42 6.11
C SER A 110 7.54 -7.97 7.05
N ASP A 111 7.05 -7.10 7.92
CA ASP A 111 6.02 -7.48 8.88
C ASP A 111 4.86 -8.19 8.16
N ALA A 112 4.36 -7.57 7.10
CA ALA A 112 3.26 -8.14 6.33
C ALA A 112 3.51 -9.61 6.03
N ILE A 113 4.63 -9.88 5.36
CA ILE A 113 4.98 -11.25 5.01
C ILE A 113 5.04 -12.15 6.24
N ALA A 114 5.73 -11.69 7.27
CA ALA A 114 5.85 -12.46 8.51
C ALA A 114 4.48 -12.75 9.11
N LYS A 115 3.80 -11.69 9.55
CA LYS A 115 2.47 -11.84 10.15
C LYS A 115 1.57 -12.68 9.26
N SER A 116 1.58 -12.39 7.96
CA SER A 116 0.75 -13.13 7.01
C SER A 116 1.13 -14.61 7.00
N ASN A 117 0.24 -15.43 6.45
CA ASN A 117 0.47 -16.87 6.37
C ASN A 117 0.96 -17.28 4.98
N GLN A 118 1.24 -18.56 4.82
CA GLN A 118 1.72 -19.08 3.53
C GLN A 118 1.00 -18.40 2.37
N ASP A 119 -0.33 -18.42 2.42
CA ASP A 119 -1.14 -17.81 1.37
C ASP A 119 -0.89 -16.31 1.30
N HIS A 120 -1.42 -15.58 2.29
CA HIS A 120 -1.25 -14.13 2.34
C HIS A 120 0.19 -13.73 2.05
N LYS A 121 1.12 -14.24 2.86
CA LYS A 121 2.53 -13.94 2.69
C LYS A 121 2.93 -14.06 1.22
N GLU A 122 2.40 -15.07 0.54
CA GLU A 122 2.70 -15.29 -0.87
C GLU A 122 2.28 -14.09 -1.71
N LYS A 123 1.08 -13.58 -1.45
CA LYS A 123 0.55 -12.43 -2.19
C LYS A 123 1.50 -11.25 -2.08
N ILE A 124 1.93 -10.94 -0.86
CA ILE A 124 2.84 -9.83 -0.62
C ILE A 124 4.12 -9.97 -1.43
N ARG A 125 4.72 -11.15 -1.36
CA ARG A 125 5.95 -11.43 -2.10
C ARG A 125 5.80 -11.09 -3.58
N MET A 126 4.76 -11.62 -4.19
CA MET A 126 4.49 -11.37 -5.60
C MET A 126 4.40 -9.87 -5.88
N LEU A 127 3.60 -9.18 -5.08
CA LEU A 127 3.41 -7.73 -5.23
C LEU A 127 4.77 -7.02 -5.30
N LEU A 128 5.67 -7.39 -4.38
CA LEU A 128 6.99 -6.79 -4.35
C LEU A 128 7.70 -6.93 -5.68
N ASP A 129 7.70 -8.14 -6.22
CA ASP A 129 8.35 -8.41 -7.50
C ASP A 129 7.85 -7.45 -8.57
N ILE A 130 6.52 -7.33 -8.70
CA ILE A 130 5.92 -6.44 -9.68
C ILE A 130 6.39 -5.01 -9.47
N TRP A 131 6.40 -4.56 -8.23
CA TRP A 131 6.82 -3.21 -7.89
C TRP A 131 8.17 -2.89 -8.51
N ASP A 132 9.17 -3.70 -8.17
CA ASP A 132 10.52 -3.50 -8.70
C ASP A 132 10.52 -3.49 -10.22
N ARG A 133 9.83 -4.48 -10.81
CA ARG A 133 9.75 -4.58 -12.26
C ARG A 133 9.21 -3.30 -12.88
N SER A 134 8.05 -2.86 -12.40
CA SER A 134 7.42 -1.65 -12.90
C SER A 134 8.38 -0.46 -12.80
N GLY A 135 8.55 0.04 -11.58
CA GLY A 135 9.43 1.17 -11.37
C GLY A 135 8.88 2.16 -10.36
N LEU A 136 8.24 1.66 -9.32
CA LEU A 136 7.67 2.51 -8.29
C LEU A 136 8.59 2.61 -7.07
N PHE A 137 8.60 1.56 -6.25
CA PHE A 137 9.44 1.53 -5.06
C PHE A 137 10.73 0.75 -5.33
N GLN A 138 11.12 0.67 -6.59
CA GLN A 138 12.33 -0.04 -6.98
C GLN A 138 13.57 0.76 -6.62
N LYS A 139 13.84 0.89 -5.32
CA LYS A 139 15.00 1.63 -4.84
C LYS A 139 16.15 0.68 -4.51
N SER A 140 15.86 -0.62 -4.51
CA SER A 140 16.88 -1.62 -4.21
C SER A 140 17.56 -1.32 -2.89
N TYR A 141 16.87 -0.59 -2.02
CA TYR A 141 17.41 -0.23 -0.72
C TYR A 141 16.31 -0.18 0.33
N LEU A 142 15.67 -1.31 0.58
CA LEU A 142 14.59 -1.39 1.56
C LEU A 142 14.87 -2.49 2.58
N ASN A 143 14.98 -2.11 3.84
CA ASN A 143 15.23 -3.06 4.91
C ASN A 143 14.19 -4.17 4.92
N ALA A 144 13.01 -3.87 4.39
CA ALA A 144 11.92 -4.84 4.32
C ALA A 144 12.45 -6.23 3.97
N ILE A 145 12.41 -6.56 2.69
CA ILE A 145 12.89 -7.87 2.23
C ILE A 145 14.41 -7.98 2.36
N ARG A 146 15.07 -6.83 2.43
CA ARG A 146 16.53 -6.80 2.57
C ARG A 146 17.01 -7.90 3.50
N SER A 147 16.46 -7.91 4.72
CA SER A 147 16.84 -8.91 5.72
C SER A 147 16.24 -10.26 5.38
N LYS A 148 16.97 -11.06 4.61
CA LYS A 148 16.51 -12.39 4.21
C LYS A 148 15.84 -13.10 5.37
N CYS A 149 16.37 -12.91 6.57
CA CYS A 149 15.81 -13.53 7.77
C CYS A 149 14.29 -13.51 7.73
N PHE A 150 13.72 -12.39 7.28
CA PHE A 150 12.27 -12.25 7.19
C PHE A 150 11.67 -13.34 6.31
N ALA A 151 11.62 -13.08 5.01
CA ALA A 151 11.07 -14.04 4.06
C ALA A 151 11.56 -15.45 4.36
N MET A 152 12.86 -15.59 4.55
CA MET A 152 13.46 -16.89 4.85
C MET A 152 12.74 -17.56 6.02
N ASP A 153 12.59 -16.82 7.11
CA ASP A 153 11.91 -17.35 8.29
C ASP A 153 10.45 -17.67 7.99
N LEU A 154 9.66 -16.62 7.76
CA LEU A 154 8.25 -16.79 7.46
C LEU A 154 8.04 -17.85 6.38
N GLU A 155 8.99 -17.96 5.47
CA GLU A 155 8.92 -18.93 4.39
C GLU A 155 8.57 -20.31 4.92
N HIS A 156 7.31 -20.70 4.80
CA HIS A 156 6.84 -21.99 5.26
C HIS A 156 7.47 -23.12 4.45
N HIS A 157 7.73 -22.85 3.18
CA HIS A 157 8.34 -23.84 2.30
C HIS A 157 9.75 -24.20 2.75
N HIS A 158 10.10 -25.47 2.65
CA HIS A 158 11.41 -25.94 3.06
C HIS A 158 12.49 -25.45 2.09
N HIS A 159 13.44 -24.67 2.61
CA HIS A 159 14.51 -24.13 1.79
C HIS A 159 15.87 -24.59 2.31
N HIS A 160 16.91 -24.35 1.53
CA HIS A 160 18.27 -24.75 1.91
C HIS A 160 19.16 -23.52 2.10
N HIS A 161 19.08 -22.92 3.29
CA HIS A 161 19.87 -21.75 3.59
C HIS A 161 20.67 -21.94 4.89
N ASP B 1 -18.91 -9.08 -0.67
CA ASP B 1 -19.04 -10.48 -1.03
C ASP B 1 -19.94 -10.66 -2.24
N ASP B 2 -19.72 -9.82 -3.25
CA ASP B 2 -20.51 -9.88 -4.48
C ASP B 2 -20.02 -8.86 -5.49
N ASP B 3 -18.71 -8.61 -5.48
CA ASP B 3 -18.11 -7.65 -6.41
C ASP B 3 -16.70 -8.09 -6.81
N GLU B 4 -16.17 -7.48 -7.86
CA GLU B 4 -14.83 -7.82 -8.34
C GLU B 4 -13.82 -7.76 -7.20
N ASP B 5 -13.27 -8.91 -6.86
CA ASP B 5 -12.28 -9.00 -5.78
C ASP B 5 -10.94 -9.51 -6.31
N GLY B 6 -9.88 -9.26 -5.56
CA GLY B 6 -8.56 -9.69 -5.97
C GLY B 6 -7.93 -8.76 -6.99
N TYR B 7 -7.42 -7.63 -6.53
CA TYR B 7 -6.80 -6.65 -7.40
C TYR B 7 -5.36 -7.05 -7.74
N ASN B 8 -5.07 -7.18 -9.02
CA ASN B 8 -3.74 -7.56 -9.47
C ASN B 8 -2.88 -6.33 -9.73
N PRO B 9 -1.81 -6.17 -8.93
CA PRO B 9 -0.90 -5.04 -9.05
C PRO B 9 -0.05 -5.11 -10.31
N TYR B 10 -0.14 -6.23 -11.01
CA TYR B 10 0.63 -6.43 -12.24
C TYR B 10 0.02 -5.64 -13.39
N THR B 11 -1.27 -5.32 -13.28
CA THR B 11 -1.97 -4.56 -14.30
C THR B 11 -2.74 -3.40 -13.70
N LEU B 12 -2.59 -2.22 -14.30
CA LEU B 12 -3.28 -1.02 -13.82
C LEU B 12 -4.79 -1.19 -13.93
N MET A 1 -23.44 19.79 -3.82
CA MET A 1 -23.77 18.47 -3.26
C MET A 1 -24.25 18.59 -1.82
N GLN A 2 -25.17 17.70 -1.43
CA GLN A 2 -25.71 17.70 -0.09
C GLN A 2 -25.05 16.62 0.77
N GLN A 3 -23.81 16.28 0.42
CA GLN A 3 -23.09 15.25 1.16
C GLN A 3 -21.61 15.27 0.79
N ASP A 4 -20.75 15.08 1.79
CA ASP A 4 -19.31 15.08 1.57
C ASP A 4 -18.92 14.02 0.53
N ASP A 5 -18.08 14.42 -0.42
CA ASP A 5 -17.63 13.52 -1.47
C ASP A 5 -16.11 13.39 -1.46
N ASP A 6 -15.46 14.20 -0.63
CA ASP A 6 -14.00 14.17 -0.53
C ASP A 6 -13.55 13.10 0.45
N PHE A 7 -13.30 13.49 1.69
CA PHE A 7 -12.86 12.57 2.72
C PHE A 7 -13.84 11.42 2.88
N GLN A 8 -15.12 11.71 2.67
CA GLN A 8 -16.17 10.70 2.79
C GLN A 8 -15.90 9.52 1.86
N ASN A 9 -15.75 9.83 0.57
CA ASN A 9 -15.48 8.80 -0.43
C ASN A 9 -14.27 7.96 -0.04
N PHE A 10 -13.15 8.63 0.21
CA PHE A 10 -11.92 7.94 0.59
C PHE A 10 -12.15 7.03 1.79
N VAL A 11 -12.39 7.65 2.96
CA VAL A 11 -12.64 6.89 4.18
C VAL A 11 -13.65 5.79 3.95
N ALA A 12 -14.75 6.12 3.27
CA ALA A 12 -15.80 5.15 2.97
C ALA A 12 -15.23 3.89 2.35
N THR A 13 -14.42 4.06 1.31
CA THR A 13 -13.81 2.94 0.61
C THR A 13 -13.00 2.08 1.57
N LEU A 14 -12.08 2.71 2.29
CA LEU A 14 -11.24 2.00 3.25
C LEU A 14 -12.08 1.23 4.26
N GLU A 15 -13.01 1.93 4.91
CA GLU A 15 -13.89 1.32 5.89
C GLU A 15 -14.52 0.04 5.35
N SER A 16 -15.26 0.17 4.25
CA SER A 16 -15.92 -0.97 3.63
C SER A 16 -14.91 -2.07 3.32
N PHE A 17 -13.68 -1.67 3.03
CA PHE A 17 -12.62 -2.62 2.73
C PHE A 17 -12.46 -3.66 3.84
N LYS A 18 -12.07 -3.19 5.02
CA LYS A 18 -11.88 -4.06 6.17
C LYS A 18 -13.16 -4.85 6.46
N ASP A 19 -14.30 -4.20 6.27
CA ASP A 19 -15.58 -4.85 6.51
C ASP A 19 -15.71 -6.14 5.70
N LEU A 20 -14.97 -6.21 4.61
CA LEU A 20 -15.00 -7.38 3.74
C LEU A 20 -14.31 -8.57 4.41
N LYS A 21 -14.53 -9.76 3.87
CA LYS A 21 -13.93 -10.98 4.41
C LYS A 21 -12.81 -11.47 3.50
N SER A 22 -11.73 -10.71 3.42
CA SER A 22 -10.60 -11.08 2.59
C SER A 22 -10.97 -11.04 1.11
N GLY A 23 -11.93 -10.17 0.77
CA GLY A 23 -12.36 -10.06 -0.60
C GLY A 23 -11.43 -9.18 -1.43
N ILE A 24 -11.05 -8.04 -0.87
CA ILE A 24 -10.15 -7.11 -1.56
C ILE A 24 -10.67 -6.81 -2.96
N SER A 25 -11.65 -5.91 -3.04
CA SER A 25 -12.23 -5.52 -4.33
C SER A 25 -11.39 -4.43 -4.99
N GLY A 26 -10.97 -4.69 -6.23
CA GLY A 26 -10.17 -3.73 -6.96
C GLY A 26 -10.81 -2.36 -7.01
N SER A 27 -12.14 -2.34 -7.13
CA SER A 27 -12.88 -1.08 -7.20
C SER A 27 -12.51 -0.17 -6.04
N ARG A 28 -12.57 -0.71 -4.82
CA ARG A 28 -12.24 0.06 -3.63
C ARG A 28 -10.87 0.72 -3.78
N ILE A 29 -9.83 -0.10 -3.90
CA ILE A 29 -8.47 0.40 -4.04
C ILE A 29 -8.40 1.52 -5.09
N LYS A 30 -9.10 1.31 -6.21
CA LYS A 30 -9.12 2.30 -7.28
C LYS A 30 -9.60 3.66 -6.76
N LYS A 31 -10.77 3.66 -6.13
CA LYS A 31 -11.34 4.89 -5.59
C LYS A 31 -10.34 5.61 -4.70
N LEU A 32 -9.73 4.86 -3.79
CA LEU A 32 -8.74 5.43 -2.88
C LEU A 32 -7.60 6.08 -3.64
N THR A 33 -7.01 5.33 -4.56
CA THR A 33 -5.90 5.84 -5.37
C THR A 33 -6.31 7.09 -6.13
N THR A 34 -7.15 6.91 -7.15
CA THR A 34 -7.61 8.03 -7.96
C THR A 34 -7.95 9.24 -7.10
N TYR A 35 -8.63 9.00 -6.00
CA TYR A 35 -9.01 10.07 -5.07
C TYR A 35 -7.78 10.81 -4.57
N ALA A 36 -6.86 10.07 -3.96
CA ALA A 36 -5.64 10.66 -3.42
C ALA A 36 -4.95 11.54 -4.46
N LEU A 37 -4.65 10.97 -5.62
CA LEU A 37 -4.00 11.71 -6.69
C LEU A 37 -4.82 12.93 -7.09
N ASP A 38 -6.13 12.72 -7.28
CA ASP A 38 -7.02 13.81 -7.67
C ASP A 38 -6.97 14.94 -6.64
N HIS A 39 -6.58 14.60 -5.42
CA HIS A 39 -6.49 15.60 -4.35
C HIS A 39 -5.17 15.46 -3.59
N ILE A 40 -4.13 16.09 -4.11
CA ILE A 40 -2.82 16.03 -3.48
C ILE A 40 -2.73 16.97 -2.28
N ASP A 41 -3.82 17.71 -2.05
CA ASP A 41 -3.87 18.64 -0.93
C ASP A 41 -4.39 17.95 0.33
N ILE A 42 -4.24 16.63 0.38
CA ILE A 42 -4.69 15.85 1.53
C ILE A 42 -3.84 14.61 1.71
N GLU A 43 -2.58 14.69 1.31
CA GLU A 43 -1.66 13.55 1.43
C GLU A 43 -1.55 13.09 2.88
N SER A 44 -1.58 14.04 3.80
CA SER A 44 -1.47 13.74 5.22
C SER A 44 -2.60 12.80 5.65
N LYS A 45 -3.80 13.35 5.76
CA LYS A 45 -4.96 12.56 6.16
C LYS A 45 -5.01 11.23 5.40
N ILE A 46 -4.83 11.30 4.08
CA ILE A 46 -4.85 10.11 3.25
C ILE A 46 -3.84 9.08 3.74
N ILE A 47 -2.56 9.36 3.51
CA ILE A 47 -1.49 8.47 3.93
C ILE A 47 -1.70 7.98 5.37
N SER A 48 -1.99 8.94 6.26
CA SER A 48 -2.20 8.62 7.67
C SER A 48 -3.33 7.60 7.82
N LEU A 49 -4.40 7.79 7.05
CA LEU A 49 -5.56 6.90 7.12
C LEU A 49 -5.14 5.46 6.79
N ILE A 50 -4.71 5.25 5.55
CA ILE A 50 -4.28 3.92 5.11
C ILE A 50 -3.30 3.31 6.11
N ILE A 51 -2.34 4.10 6.55
CA ILE A 51 -1.35 3.63 7.50
C ILE A 51 -2.00 3.08 8.76
N ASP A 52 -2.71 3.93 9.48
CA ASP A 52 -3.40 3.52 10.70
C ASP A 52 -4.34 2.36 10.43
N TYR A 53 -5.15 2.50 9.38
CA TYR A 53 -6.11 1.46 9.02
C TYR A 53 -5.42 0.10 8.91
N SER A 54 -4.21 0.09 8.35
CA SER A 54 -3.45 -1.14 8.19
C SER A 54 -3.13 -1.76 9.54
N ARG A 55 -2.14 -1.20 10.22
CA ARG A 55 -1.73 -1.71 11.53
C ARG A 55 -2.95 -2.07 12.38
N LEU A 56 -4.03 -1.32 12.20
CA LEU A 56 -5.26 -1.55 12.95
C LEU A 56 -5.78 -2.97 12.71
N CYS A 57 -6.41 -3.17 11.56
CA CYS A 57 -6.95 -4.48 11.20
C CYS A 57 -5.90 -5.58 11.40
N PRO A 58 -6.37 -6.81 11.62
CA PRO A 58 -5.50 -7.97 11.83
C PRO A 58 -4.75 -8.37 10.57
N ASP A 59 -4.35 -9.63 10.50
CA ASP A 59 -3.63 -10.14 9.34
C ASP A 59 -4.19 -9.57 8.04
N SER A 60 -5.51 -9.60 7.92
CA SER A 60 -6.19 -9.09 6.73
C SER A 60 -5.58 -7.75 6.30
N HIS A 61 -5.27 -6.91 7.29
CA HIS A 61 -4.70 -5.60 7.01
C HIS A 61 -3.38 -5.73 6.24
N LYS A 62 -2.52 -6.63 6.70
CA LYS A 62 -1.23 -6.86 6.06
C LYS A 62 -1.39 -6.94 4.54
N LEU A 63 -2.12 -7.96 4.08
CA LEU A 63 -2.35 -8.15 2.67
C LEU A 63 -3.09 -6.97 2.06
N GLY A 64 -4.27 -6.68 2.59
CA GLY A 64 -5.06 -5.57 2.10
C GLY A 64 -4.27 -4.28 2.02
N SER A 65 -3.94 -3.72 3.18
CA SER A 65 -3.18 -2.47 3.23
C SER A 65 -2.09 -2.45 2.16
N LEU A 66 -1.26 -3.49 2.15
CA LEU A 66 -0.17 -3.60 1.18
C LEU A 66 -0.65 -3.22 -0.21
N TYR A 67 -1.73 -3.87 -0.66
CA TYR A 67 -2.28 -3.61 -1.98
C TYR A 67 -2.68 -2.13 -2.12
N ILE A 68 -3.40 -1.63 -1.13
CA ILE A 68 -3.84 -0.24 -1.14
C ILE A 68 -2.65 0.72 -1.28
N ILE A 69 -1.73 0.64 -0.32
CA ILE A 69 -0.54 1.49 -0.34
C ILE A 69 0.23 1.33 -1.64
N ASP A 70 0.20 0.12 -2.19
CA ASP A 70 0.91 -0.16 -3.44
C ASP A 70 0.41 0.74 -4.56
N SER A 71 -0.89 0.70 -4.81
CA SER A 71 -1.48 1.53 -5.87
C SER A 71 -1.17 3.00 -5.65
N ILE A 72 -1.55 3.51 -4.49
CA ILE A 72 -1.31 4.91 -4.15
C ILE A 72 0.17 5.26 -4.28
N GLY A 73 1.03 4.40 -3.75
CA GLY A 73 2.46 4.62 -3.82
C GLY A 73 2.94 4.85 -5.24
N ARG A 74 2.78 3.83 -6.08
CA ARG A 74 3.21 3.92 -7.48
C ARG A 74 2.71 5.21 -8.12
N ALA A 75 1.40 5.43 -8.04
CA ALA A 75 0.78 6.63 -8.61
C ALA A 75 1.45 7.89 -8.08
N TYR A 76 1.38 8.08 -6.77
CA TYR A 76 1.97 9.24 -6.12
C TYR A 76 3.40 9.46 -6.59
N LEU A 77 4.20 8.40 -6.57
CA LEU A 77 5.59 8.47 -6.99
C LEU A 77 5.70 9.09 -8.38
N ASP A 78 5.10 8.43 -9.37
CA ASP A 78 5.13 8.92 -10.74
C ASP A 78 4.65 10.36 -10.82
N GLU A 79 3.60 10.67 -10.07
CA GLU A 79 3.04 12.02 -10.05
C GLU A 79 4.12 13.05 -9.72
N THR A 80 4.54 13.07 -8.46
CA THR A 80 5.56 14.01 -8.02
C THR A 80 6.83 13.88 -8.86
N ARG A 81 7.22 12.64 -9.13
CA ARG A 81 8.42 12.37 -9.93
C ARG A 81 8.38 13.16 -11.24
N SER A 82 7.21 13.24 -11.85
CA SER A 82 7.03 13.96 -13.11
C SER A 82 7.62 15.36 -13.01
N ASN A 83 7.59 15.93 -11.82
CA ASN A 83 8.12 17.27 -11.59
C ASN A 83 9.36 17.22 -10.71
N SER A 84 9.16 17.00 -9.41
CA SER A 84 10.27 16.94 -8.47
C SER A 84 9.76 16.66 -7.06
N ASN A 85 10.42 15.73 -6.38
CA ASN A 85 10.04 15.36 -5.02
C ASN A 85 10.22 16.54 -4.07
N SER A 86 9.10 17.14 -3.67
CA SER A 86 9.14 18.29 -2.76
C SER A 86 9.96 17.97 -1.51
N SER A 87 10.27 18.99 -0.73
CA SER A 87 11.04 18.82 0.49
C SER A 87 10.43 17.75 1.38
N SER A 88 11.25 16.80 1.82
CA SER A 88 10.78 15.73 2.67
C SER A 88 10.64 16.20 4.11
N ASN A 89 9.78 17.20 4.32
CA ASN A 89 9.55 17.75 5.65
C ASN A 89 8.08 18.16 5.83
N LYS A 90 7.40 17.50 6.76
CA LYS A 90 6.00 17.79 7.02
C LYS A 90 5.14 17.49 5.80
N PRO A 91 3.82 17.33 6.03
CA PRO A 91 2.87 17.02 4.96
C PRO A 91 2.65 18.20 4.03
N GLY A 92 2.23 17.91 2.80
CA GLY A 92 2.00 18.96 1.83
C GLY A 92 1.62 18.41 0.46
N THR A 93 2.32 17.37 0.03
CA THR A 93 2.05 16.76 -1.27
C THR A 93 2.58 15.33 -1.31
N CYS A 94 2.49 14.71 -2.49
CA CYS A 94 2.96 13.33 -2.66
C CYS A 94 4.32 13.14 -2.00
N ALA A 95 5.16 14.17 -2.07
CA ALA A 95 6.49 14.11 -1.48
C ALA A 95 6.46 13.49 -0.10
N HIS A 96 5.92 14.25 0.87
CA HIS A 96 5.82 13.77 2.25
C HIS A 96 5.13 12.41 2.31
N ALA A 97 4.14 12.22 1.44
CA ALA A 97 3.40 10.96 1.40
C ALA A 97 4.34 9.78 1.15
N ILE A 98 5.11 9.86 0.07
CA ILE A 98 6.04 8.80 -0.28
C ILE A 98 6.99 8.51 0.88
N ASN A 99 7.74 9.53 1.30
CA ASN A 99 8.69 9.39 2.40
C ASN A 99 8.00 8.85 3.64
N THR A 100 6.84 9.41 3.96
CA THR A 100 6.08 8.98 5.13
C THR A 100 5.79 7.49 5.09
N LEU A 101 5.10 7.04 4.04
CA LEU A 101 4.76 5.64 3.87
C LEU A 101 6.01 4.76 4.03
N GLY A 102 7.03 5.04 3.24
CA GLY A 102 8.26 4.27 3.31
C GLY A 102 8.86 4.29 4.70
N GLU A 103 8.44 5.23 5.53
CA GLU A 103 8.96 5.35 6.88
C GLU A 103 8.20 4.43 7.84
N VAL A 104 7.06 3.93 7.38
CA VAL A 104 6.24 3.03 8.19
C VAL A 104 6.07 1.68 7.51
N ILE A 105 6.35 1.63 6.22
CA ILE A 105 6.24 0.39 5.45
C ILE A 105 7.02 -0.73 6.11
N GLN A 106 8.05 -0.37 6.86
CA GLN A 106 8.88 -1.35 7.56
C GLN A 106 8.02 -2.32 8.36
N GLU A 107 7.40 -1.81 9.43
CA GLU A 107 6.56 -2.63 10.28
C GLU A 107 5.45 -3.31 9.47
N LEU A 108 4.83 -2.55 8.57
CA LEU A 108 3.76 -3.07 7.73
C LEU A 108 4.24 -4.30 6.96
N LEU A 109 5.13 -4.09 6.00
CA LEU A 109 5.67 -5.18 5.20
C LEU A 109 6.18 -6.31 6.08
N SER A 110 7.22 -6.01 6.87
CA SER A 110 7.81 -7.00 7.76
C SER A 110 6.74 -7.91 8.35
N ASP A 111 5.94 -7.35 9.26
CA ASP A 111 4.87 -8.11 9.92
C ASP A 111 4.07 -8.89 8.88
N ALA A 112 3.79 -8.25 7.75
CA ALA A 112 3.02 -8.89 6.69
C ALA A 112 3.68 -10.19 6.23
N ILE A 113 4.91 -10.09 5.73
CA ILE A 113 5.64 -11.26 5.28
C ILE A 113 5.75 -12.31 6.37
N ALA A 114 6.09 -11.88 7.57
CA ALA A 114 6.22 -12.77 8.71
C ALA A 114 4.92 -13.54 8.95
N LYS A 115 3.89 -12.84 9.41
CA LYS A 115 2.60 -13.45 9.69
C LYS A 115 2.10 -14.23 8.47
N SER A 116 2.11 -13.58 7.31
CA SER A 116 1.65 -14.20 6.07
C SER A 116 2.28 -15.58 5.91
N ASN A 117 1.52 -16.50 5.31
CA ASN A 117 2.01 -17.86 5.09
C ASN A 117 2.52 -18.03 3.67
N GLN A 118 2.94 -19.24 3.33
CA GLN A 118 3.46 -19.53 2.00
C GLN A 118 2.69 -18.75 0.94
N ASP A 119 1.37 -18.89 0.93
CA ASP A 119 0.53 -18.20 -0.03
C ASP A 119 0.64 -16.69 0.15
N HIS A 120 0.03 -16.18 1.22
CA HIS A 120 0.06 -14.75 1.51
C HIS A 120 1.46 -14.19 1.33
N LYS A 121 2.41 -14.73 2.08
CA LYS A 121 3.80 -14.28 2.00
C LYS A 121 4.24 -14.13 0.55
N GLU A 122 3.79 -15.04 -0.31
CA GLU A 122 4.14 -15.01 -1.72
C GLU A 122 3.64 -13.72 -2.37
N LYS A 123 2.40 -13.35 -2.05
CA LYS A 123 1.80 -12.15 -2.61
C LYS A 123 2.64 -10.91 -2.27
N ILE A 124 3.07 -10.82 -1.02
CA ILE A 124 3.88 -9.70 -0.58
C ILE A 124 5.20 -9.64 -1.33
N ARG A 125 5.86 -10.78 -1.44
CA ARG A 125 7.14 -10.87 -2.15
C ARG A 125 7.01 -10.31 -3.57
N MET A 126 6.14 -10.93 -4.37
CA MET A 126 5.92 -10.50 -5.74
C MET A 126 5.63 -9.01 -5.80
N LEU A 127 4.80 -8.53 -4.88
CA LEU A 127 4.44 -7.12 -4.83
C LEU A 127 5.68 -6.24 -4.75
N LEU A 128 6.60 -6.60 -3.87
CA LEU A 128 7.84 -5.84 -3.70
C LEU A 128 8.59 -5.72 -5.02
N ASP A 129 8.76 -6.85 -5.71
CA ASP A 129 9.47 -6.87 -6.99
C ASP A 129 8.88 -5.84 -7.94
N ILE A 130 7.56 -5.88 -8.10
CA ILE A 130 6.87 -4.95 -9.00
C ILE A 130 7.16 -3.51 -8.60
N TRP A 131 7.15 -3.24 -7.30
CA TRP A 131 7.41 -1.89 -6.79
C TRP A 131 8.75 -1.36 -7.32
N ASP A 132 9.82 -2.12 -7.06
CA ASP A 132 11.15 -1.74 -7.50
C ASP A 132 11.15 -1.40 -8.98
N ARG A 133 10.65 -2.32 -9.79
CA ARG A 133 10.60 -2.12 -11.23
C ARG A 133 9.83 -0.85 -11.59
N SER A 134 8.51 -0.89 -11.42
CA SER A 134 7.66 0.25 -11.73
C SER A 134 8.07 1.46 -10.90
N GLY A 135 7.62 1.49 -9.64
CA GLY A 135 7.95 2.59 -8.75
C GLY A 135 7.90 2.19 -7.29
N LEU A 136 8.80 2.78 -6.50
CA LEU A 136 8.85 2.49 -5.07
C LEU A 136 9.59 3.59 -4.32
N PHE A 137 9.02 4.02 -3.19
CA PHE A 137 9.62 5.06 -2.38
C PHE A 137 11.11 5.22 -2.70
N GLN A 138 11.89 4.22 -2.33
CA GLN A 138 13.34 4.25 -2.59
C GLN A 138 13.69 3.36 -3.77
N LYS A 139 14.82 3.67 -4.41
CA LYS A 139 15.28 2.91 -5.56
C LYS A 139 15.80 1.54 -5.14
N SER A 140 14.88 0.62 -4.85
CA SER A 140 15.25 -0.72 -4.42
C SER A 140 16.31 -0.68 -3.33
N TYR A 141 15.98 -0.01 -2.22
CA TYR A 141 16.90 0.11 -1.10
C TYR A 141 16.15 0.22 0.22
N LEU A 142 14.90 -0.27 0.22
CA LEU A 142 14.07 -0.23 1.41
C LEU A 142 14.70 -1.05 2.53
N ASN A 143 15.47 -0.39 3.39
CA ASN A 143 16.13 -1.05 4.50
C ASN A 143 15.21 -2.09 5.14
N ALA A 144 13.93 -1.75 5.25
CA ALA A 144 12.94 -2.64 5.84
C ALA A 144 13.15 -4.08 5.34
N ILE A 145 12.47 -4.41 4.24
CA ILE A 145 12.58 -5.74 3.66
C ILE A 145 14.00 -6.03 3.18
N ARG A 146 14.72 -4.96 2.84
CA ARG A 146 16.10 -5.09 2.37
C ARG A 146 16.83 -6.19 3.14
N SER A 147 16.79 -6.10 4.47
CA SER A 147 17.46 -7.07 5.32
C SER A 147 16.97 -8.48 5.02
N LYS A 148 17.74 -9.22 4.23
CA LYS A 148 17.38 -10.58 3.86
C LYS A 148 16.95 -11.37 5.10
N CYS A 149 17.48 -11.01 6.25
CA CYS A 149 17.15 -11.69 7.50
C CYS A 149 15.63 -11.82 7.66
N PHE A 150 14.91 -10.82 7.19
CA PHE A 150 13.46 -10.83 7.28
C PHE A 150 12.87 -12.07 6.61
N ALA A 151 12.64 -11.97 5.31
CA ALA A 151 12.09 -13.09 4.55
C ALA A 151 12.79 -14.40 4.90
N MET A 152 14.12 -14.36 4.94
CA MET A 152 14.91 -15.55 5.27
C MET A 152 14.43 -16.17 6.58
N ASP A 153 14.30 -15.33 7.60
CA ASP A 153 13.86 -15.80 8.91
C ASP A 153 12.42 -16.31 8.85
N LEU A 154 11.48 -15.40 8.64
CA LEU A 154 10.07 -15.76 8.56
C LEU A 154 9.87 -16.94 7.61
N GLU A 155 10.70 -17.03 6.59
CA GLU A 155 10.62 -18.12 5.63
C GLU A 155 10.50 -19.46 6.32
N HIS A 156 11.12 -19.57 7.50
CA HIS A 156 11.07 -20.81 8.27
C HIS A 156 9.63 -21.28 8.47
N HIS A 157 9.31 -22.44 7.89
CA HIS A 157 7.97 -23.00 8.00
C HIS A 157 7.90 -24.37 7.34
N HIS A 158 6.70 -24.94 7.30
CA HIS A 158 6.49 -26.24 6.68
C HIS A 158 7.06 -26.27 5.26
N HIS A 159 8.07 -27.10 5.05
CA HIS A 159 8.70 -27.23 3.75
C HIS A 159 7.88 -28.13 2.83
N HIS A 160 8.41 -28.40 1.64
CA HIS A 160 7.72 -29.25 0.67
C HIS A 160 8.73 -29.93 -0.26
N HIS A 161 8.21 -30.67 -1.23
CA HIS A 161 9.05 -31.36 -2.20
C HIS A 161 10.08 -30.41 -2.82
N ASP B 1 -18.42 -13.43 -4.84
CA ASP B 1 -17.60 -12.24 -5.06
C ASP B 1 -17.20 -12.11 -6.52
N ASP B 2 -18.00 -11.40 -7.30
CA ASP B 2 -17.72 -11.21 -8.72
C ASP B 2 -17.93 -9.75 -9.11
N ASP B 3 -17.70 -8.84 -8.16
CA ASP B 3 -17.86 -7.42 -8.43
C ASP B 3 -16.53 -6.78 -8.83
N GLU B 4 -15.91 -7.34 -9.86
CA GLU B 4 -14.63 -6.83 -10.35
C GLU B 4 -13.57 -6.87 -9.25
N ASP B 5 -13.05 -8.07 -8.98
CA ASP B 5 -12.04 -8.24 -7.95
C ASP B 5 -10.76 -8.83 -8.54
N GLY B 6 -9.75 -9.03 -7.70
CA GLY B 6 -8.50 -9.58 -8.16
C GLY B 6 -7.50 -8.51 -8.57
N TYR B 7 -7.53 -7.38 -7.88
CA TYR B 7 -6.62 -6.28 -8.19
C TYR B 7 -5.17 -6.74 -8.14
N ASN B 8 -4.48 -6.60 -9.27
CA ASN B 8 -3.08 -7.00 -9.36
C ASN B 8 -2.16 -5.80 -9.16
N PRO B 9 -1.09 -6.00 -8.37
CA PRO B 9 -0.11 -4.96 -8.08
C PRO B 9 0.73 -4.59 -9.30
N TYR B 10 0.63 -5.39 -10.35
CA TYR B 10 1.37 -5.15 -11.58
C TYR B 10 0.61 -4.22 -12.51
N THR B 11 -0.72 -4.20 -12.36
CA THR B 11 -1.56 -3.36 -13.19
C THR B 11 -2.75 -2.83 -12.39
N LEU B 12 -2.94 -1.51 -12.44
CA LEU B 12 -4.04 -0.86 -11.72
C LEU B 12 -5.12 -0.41 -12.69
N MET A 1 -11.22 18.50 -4.34
CA MET A 1 -11.39 19.86 -3.85
C MET A 1 -12.88 20.17 -3.63
N GLN A 2 -13.59 19.22 -3.04
CA GLN A 2 -15.02 19.40 -2.79
C GLN A 2 -15.40 18.84 -1.41
N GLN A 3 -16.45 19.40 -0.82
CA GLN A 3 -16.91 18.97 0.49
C GLN A 3 -17.74 17.69 0.38
N ASP A 4 -18.34 17.48 -0.79
CA ASP A 4 -19.17 16.30 -1.02
C ASP A 4 -18.30 15.03 -1.02
N ASP A 5 -17.00 15.22 -1.09
CA ASP A 5 -16.07 14.08 -1.08
C ASP A 5 -14.86 14.38 -0.20
N ASP A 6 -15.09 14.41 1.12
CA ASP A 6 -14.01 14.68 2.06
C ASP A 6 -13.49 13.38 2.66
N PHE A 7 -12.75 13.50 3.76
CA PHE A 7 -12.18 12.33 4.43
C PHE A 7 -13.22 11.23 4.59
N GLN A 8 -14.49 11.63 4.69
CA GLN A 8 -15.58 10.67 4.84
C GLN A 8 -15.49 9.57 3.79
N ASN A 9 -15.49 9.96 2.52
CA ASN A 9 -15.41 9.02 1.42
C ASN A 9 -14.21 8.09 1.59
N PHE A 10 -13.04 8.69 1.80
CA PHE A 10 -11.81 7.92 1.97
C PHE A 10 -11.96 6.92 3.12
N VAL A 11 -12.03 7.43 4.34
CA VAL A 11 -12.17 6.58 5.52
C VAL A 11 -13.28 5.54 5.31
N ALA A 12 -14.41 5.98 4.79
CA ALA A 12 -15.54 5.09 4.55
C ALA A 12 -15.11 3.88 3.72
N THR A 13 -14.41 4.14 2.62
CA THR A 13 -13.95 3.07 1.74
C THR A 13 -13.07 2.08 2.49
N LEU A 14 -12.04 2.60 3.14
CA LEU A 14 -11.11 1.76 3.91
C LEU A 14 -11.87 0.92 4.94
N GLU A 15 -12.66 1.59 5.77
CA GLU A 15 -13.44 0.90 6.81
C GLU A 15 -14.21 -0.27 6.21
N SER A 16 -15.02 0.02 5.19
CA SER A 16 -15.82 -1.01 4.53
C SER A 16 -14.94 -2.15 4.03
N PHE A 17 -13.71 -1.80 3.65
CA PHE A 17 -12.76 -2.78 3.13
C PHE A 17 -12.55 -3.91 4.14
N LYS A 18 -12.03 -3.56 5.31
CA LYS A 18 -11.77 -4.54 6.37
C LYS A 18 -13.06 -5.28 6.74
N ASP A 19 -14.17 -4.56 6.72
CA ASP A 19 -15.46 -5.14 7.05
C ASP A 19 -15.75 -6.35 6.16
N LEU A 20 -15.13 -6.39 4.99
CA LEU A 20 -15.32 -7.48 4.05
C LEU A 20 -14.60 -8.74 4.52
N LYS A 21 -14.91 -9.87 3.88
CA LYS A 21 -14.29 -11.14 4.23
C LYS A 21 -13.29 -11.57 3.17
N SER A 22 -12.22 -10.80 3.02
CA SER A 22 -11.19 -11.10 2.04
C SER A 22 -11.72 -10.92 0.63
N GLY A 23 -12.60 -9.94 0.46
CA GLY A 23 -13.17 -9.67 -0.85
C GLY A 23 -12.30 -8.74 -1.68
N ILE A 24 -11.93 -7.61 -1.10
CA ILE A 24 -11.10 -6.63 -1.79
C ILE A 24 -11.75 -6.18 -3.10
N SER A 25 -12.70 -5.26 -3.00
CA SER A 25 -13.41 -4.76 -4.16
C SER A 25 -12.60 -3.66 -4.85
N GLY A 26 -12.36 -3.84 -6.15
CA GLY A 26 -11.60 -2.86 -6.91
C GLY A 26 -12.13 -1.45 -6.73
N SER A 27 -13.44 -1.32 -6.66
CA SER A 27 -14.08 -0.02 -6.50
C SER A 27 -13.54 0.70 -5.27
N ARG A 28 -13.48 -0.02 -4.16
CA ARG A 28 -12.98 0.56 -2.91
C ARG A 28 -11.61 1.19 -3.11
N ILE A 29 -10.61 0.35 -3.41
CA ILE A 29 -9.25 0.83 -3.62
C ILE A 29 -9.24 2.03 -4.56
N LYS A 30 -10.02 1.95 -5.64
CA LYS A 30 -10.09 3.03 -6.61
C LYS A 30 -10.49 4.34 -5.95
N LYS A 31 -11.60 4.31 -5.20
CA LYS A 31 -12.09 5.49 -4.51
C LYS A 31 -10.97 6.13 -3.66
N LEU A 32 -10.28 5.30 -2.90
CA LEU A 32 -9.19 5.77 -2.04
C LEU A 32 -8.12 6.48 -2.87
N THR A 33 -7.65 5.81 -3.92
CA THR A 33 -6.63 6.38 -4.80
C THR A 33 -7.09 7.71 -5.38
N THR A 34 -8.05 7.65 -6.29
CA THR A 34 -8.58 8.86 -6.93
C THR A 34 -8.78 9.97 -5.92
N TYR A 35 -9.37 9.63 -4.78
CA TYR A 35 -9.63 10.60 -3.72
C TYR A 35 -8.33 11.26 -3.27
N ALA A 36 -7.36 10.44 -2.88
CA ALA A 36 -6.07 10.94 -2.42
C ALA A 36 -5.50 11.97 -3.40
N LEU A 37 -5.35 11.56 -4.65
CA LEU A 37 -4.80 12.44 -5.69
C LEU A 37 -5.65 13.70 -5.82
N ASP A 38 -6.97 13.52 -5.87
CA ASP A 38 -7.89 14.65 -5.99
C ASP A 38 -7.67 15.66 -4.87
N HIS A 39 -7.17 15.17 -3.74
CA HIS A 39 -6.91 16.03 -2.59
C HIS A 39 -5.51 15.80 -2.04
N ILE A 40 -4.53 16.47 -2.63
CA ILE A 40 -3.14 16.34 -2.21
C ILE A 40 -2.87 17.18 -0.96
N ASP A 41 -3.91 17.82 -0.46
CA ASP A 41 -3.78 18.66 0.74
C ASP A 41 -4.11 17.86 2.00
N ILE A 42 -4.09 16.54 1.87
CA ILE A 42 -4.39 15.66 3.00
C ILE A 42 -3.59 14.36 2.91
N GLU A 43 -2.38 14.45 2.38
CA GLU A 43 -1.52 13.28 2.24
C GLU A 43 -1.24 12.64 3.59
N SER A 44 -1.15 13.48 4.62
CA SER A 44 -0.88 12.99 5.97
C SER A 44 -1.97 12.02 6.43
N LYS A 45 -3.15 12.57 6.74
CA LYS A 45 -4.27 11.76 7.19
C LYS A 45 -4.45 10.53 6.30
N ILE A 46 -4.43 10.75 4.98
CA ILE A 46 -4.58 9.66 4.04
C ILE A 46 -3.52 8.58 4.26
N ILE A 47 -2.28 8.88 3.88
CA ILE A 47 -1.19 7.93 4.05
C ILE A 47 -1.21 7.30 5.43
N SER A 48 -1.32 8.13 6.47
CA SER A 48 -1.36 7.65 7.84
C SER A 48 -2.50 6.66 8.04
N LEU A 49 -3.66 6.96 7.45
CA LEU A 49 -4.82 6.10 7.57
C LEU A 49 -4.51 4.70 7.05
N ILE A 50 -4.27 4.60 5.74
CA ILE A 50 -3.96 3.32 5.13
C ILE A 50 -2.88 2.57 5.91
N ILE A 51 -1.83 3.29 6.30
CA ILE A 51 -0.74 2.71 7.06
C ILE A 51 -1.24 2.03 8.32
N ASP A 52 -1.82 2.82 9.22
CA ASP A 52 -2.35 2.30 10.47
C ASP A 52 -3.38 1.21 10.22
N TYR A 53 -4.34 1.51 9.34
CA TYR A 53 -5.39 0.56 9.01
C TYR A 53 -4.81 -0.81 8.68
N SER A 54 -3.70 -0.81 7.93
CA SER A 54 -3.04 -2.06 7.55
C SER A 54 -2.56 -2.82 8.78
N ARG A 55 -1.46 -2.35 9.36
CA ARG A 55 -0.89 -2.98 10.54
C ARG A 55 -1.99 -3.39 11.52
N LEU A 56 -3.02 -2.56 11.62
CA LEU A 56 -4.13 -2.83 12.52
C LEU A 56 -4.82 -4.14 12.15
N CYS A 57 -5.64 -4.10 11.11
CA CYS A 57 -6.36 -5.29 10.66
C CYS A 57 -5.43 -6.50 10.57
N PRO A 58 -5.98 -7.70 10.79
CA PRO A 58 -5.22 -8.95 10.74
C PRO A 58 -4.76 -9.30 9.33
N ASP A 59 -4.57 -10.59 9.09
CA ASP A 59 -4.14 -11.06 7.77
C ASP A 59 -4.81 -10.25 6.66
N SER A 60 -6.12 -10.05 6.78
CA SER A 60 -6.87 -9.29 5.79
C SER A 60 -6.10 -8.04 5.36
N HIS A 61 -5.52 -7.35 6.33
CA HIS A 61 -4.75 -6.14 6.06
C HIS A 61 -3.62 -6.42 5.08
N LYS A 62 -2.88 -7.49 5.35
CA LYS A 62 -1.75 -7.88 4.49
C LYS A 62 -2.12 -7.72 3.01
N LEU A 63 -3.04 -8.56 2.55
CA LEU A 63 -3.48 -8.52 1.16
C LEU A 63 -4.07 -7.15 0.81
N GLY A 64 -5.12 -6.77 1.52
CA GLY A 64 -5.75 -5.49 1.28
C GLY A 64 -4.75 -4.34 1.24
N SER A 65 -4.21 -3.99 2.40
CA SER A 65 -3.24 -2.90 2.49
C SER A 65 -2.32 -2.90 1.28
N LEU A 66 -1.57 -3.99 1.11
CA LEU A 66 -0.64 -4.10 -0.01
C LEU A 66 -1.27 -3.56 -1.29
N TYR A 67 -2.45 -4.07 -1.64
CA TYR A 67 -3.14 -3.63 -2.83
C TYR A 67 -3.39 -2.12 -2.80
N ILE A 68 -3.89 -1.63 -1.69
CA ILE A 68 -4.17 -0.21 -1.52
C ILE A 68 -2.92 0.62 -1.78
N ILE A 69 -1.85 0.31 -1.07
CA ILE A 69 -0.59 1.02 -1.22
C ILE A 69 -0.11 1.00 -2.66
N ASP A 70 -0.31 -0.14 -3.32
CA ASP A 70 0.11 -0.29 -4.72
C ASP A 70 -0.56 0.76 -5.60
N SER A 71 -1.89 0.82 -5.54
CA SER A 71 -2.64 1.77 -6.34
C SER A 71 -2.18 3.21 -6.06
N ILE A 72 -2.39 3.66 -4.82
CA ILE A 72 -2.00 5.00 -4.42
C ILE A 72 -0.54 5.27 -4.78
N GLY A 73 0.33 4.31 -4.48
CA GLY A 73 1.74 4.45 -4.78
C GLY A 73 2.00 4.85 -6.22
N ARG A 74 1.55 4.01 -7.15
CA ARG A 74 1.74 4.27 -8.57
C ARG A 74 1.23 5.66 -8.93
N ALA A 75 -0.01 5.94 -8.58
CA ALA A 75 -0.61 7.23 -8.88
C ALA A 75 0.24 8.37 -8.31
N TYR A 76 0.37 8.40 -6.99
CA TYR A 76 1.14 9.44 -6.32
C TYR A 76 2.51 9.60 -6.98
N LEU A 77 3.15 8.47 -7.28
CA LEU A 77 4.46 8.49 -7.91
C LEU A 77 4.45 9.32 -9.20
N ASP A 78 3.59 8.93 -10.13
CA ASP A 78 3.47 9.63 -11.39
C ASP A 78 3.19 11.12 -11.17
N GLU A 79 2.35 11.42 -10.18
CA GLU A 79 2.02 12.79 -9.86
C GLU A 79 3.27 13.62 -9.58
N THR A 80 3.87 13.39 -8.42
CA THR A 80 5.07 14.11 -8.03
C THR A 80 6.17 13.97 -9.09
N ARG A 81 6.24 12.78 -9.69
CA ARG A 81 7.24 12.52 -10.72
C ARG A 81 7.18 13.56 -11.83
N SER A 82 5.97 13.83 -12.31
CA SER A 82 5.77 14.80 -13.39
C SER A 82 6.37 16.15 -13.01
N ASN A 83 6.29 16.49 -11.73
CA ASN A 83 6.82 17.76 -11.23
C ASN A 83 6.61 17.88 -9.72
N SER A 84 7.49 18.64 -9.07
CA SER A 84 7.40 18.84 -7.63
C SER A 84 7.61 17.53 -6.88
N ASN A 85 8.76 17.39 -6.26
CA ASN A 85 9.09 16.18 -5.50
C ASN A 85 10.01 16.51 -4.32
N SER A 86 9.60 17.48 -3.52
CA SER A 86 10.39 17.89 -2.36
C SER A 86 10.65 16.70 -1.44
N SER A 87 11.49 16.92 -0.43
CA SER A 87 11.83 15.86 0.52
C SER A 87 11.85 16.40 1.95
N SER A 88 11.20 15.68 2.85
CA SER A 88 11.14 16.08 4.25
C SER A 88 10.68 14.92 5.13
N ASN A 89 10.54 15.18 6.43
CA ASN A 89 10.11 14.16 7.37
C ASN A 89 8.59 14.13 7.48
N LYS A 90 8.02 15.20 8.04
CA LYS A 90 6.58 15.30 8.20
C LYS A 90 5.88 15.34 6.84
N PRO A 91 4.58 15.00 6.84
CA PRO A 91 3.77 14.98 5.62
C PRO A 91 3.50 16.38 5.09
N GLY A 92 2.97 16.45 3.86
CA GLY A 92 2.67 17.74 3.26
C GLY A 92 2.01 17.60 1.90
N THR A 93 2.60 16.78 1.04
CA THR A 93 2.05 16.57 -0.30
C THR A 93 2.46 15.20 -0.84
N CYS A 94 2.10 14.94 -2.09
CA CYS A 94 2.43 13.67 -2.72
C CYS A 94 3.84 13.22 -2.36
N ALA A 95 4.80 14.11 -2.55
CA ALA A 95 6.20 13.81 -2.24
C ALA A 95 6.32 13.19 -0.85
N HIS A 96 6.06 14.00 0.18
CA HIS A 96 6.15 13.54 1.56
C HIS A 96 5.37 12.23 1.75
N ALA A 97 4.21 12.15 1.11
CA ALA A 97 3.37 10.96 1.20
C ALA A 97 4.13 9.71 0.77
N ILE A 98 4.74 9.78 -0.42
CA ILE A 98 5.50 8.65 -0.94
C ILE A 98 6.61 8.24 0.02
N ASN A 99 7.49 9.17 0.33
CA ASN A 99 8.60 8.91 1.25
C ASN A 99 8.09 8.31 2.55
N THR A 100 6.99 8.86 3.07
CA THR A 100 6.40 8.39 4.32
C THR A 100 6.07 6.90 4.23
N LEU A 101 5.31 6.53 3.21
CA LEU A 101 4.92 5.14 3.02
C LEU A 101 6.15 4.23 2.97
N GLY A 102 7.08 4.55 2.08
CA GLY A 102 8.28 3.76 1.94
C GLY A 102 9.08 3.68 3.24
N GLU A 103 8.75 4.57 4.18
CA GLU A 103 9.44 4.60 5.46
C GLU A 103 8.75 3.69 6.47
N VAL A 104 7.56 3.20 6.11
CA VAL A 104 6.80 2.31 6.98
C VAL A 104 6.50 0.99 6.30
N ILE A 105 6.60 0.99 4.97
CA ILE A 105 6.34 -0.22 4.20
C ILE A 105 7.13 -1.41 4.74
N GLN A 106 8.30 -1.13 5.30
CA GLN A 106 9.15 -2.17 5.87
C GLN A 106 8.35 -3.09 6.77
N GLU A 107 7.94 -2.57 7.93
CA GLU A 107 7.16 -3.35 8.89
C GLU A 107 5.89 -3.89 8.24
N LEU A 108 5.29 -3.09 7.38
CA LEU A 108 4.06 -3.50 6.69
C LEU A 108 4.27 -4.81 5.95
N LEU A 109 4.96 -4.74 4.83
CA LEU A 109 5.24 -5.93 4.02
C LEU A 109 5.83 -7.04 4.87
N SER A 110 6.98 -6.78 5.48
CA SER A 110 7.64 -7.76 6.32
C SER A 110 6.62 -8.57 7.13
N ASP A 111 5.90 -7.88 8.01
CA ASP A 111 4.90 -8.53 8.83
C ASP A 111 3.93 -9.35 7.98
N ALA A 112 3.45 -8.75 6.90
CA ALA A 112 2.52 -9.42 6.00
C ALA A 112 3.10 -10.74 5.50
N ILE A 113 4.23 -10.66 4.81
CA ILE A 113 4.88 -11.85 4.27
C ILE A 113 5.06 -12.91 5.36
N ALA A 114 5.57 -12.49 6.52
CA ALA A 114 5.79 -13.40 7.62
C ALA A 114 4.50 -14.12 8.01
N LYS A 115 3.55 -13.37 8.58
CA LYS A 115 2.27 -13.93 8.99
C LYS A 115 1.61 -14.68 7.83
N SER A 116 1.46 -14.01 6.70
CA SER A 116 0.84 -14.61 5.53
C SER A 116 1.36 -16.02 5.31
N ASN A 117 0.48 -16.92 4.87
CA ASN A 117 0.85 -18.31 4.61
C ASN A 117 1.29 -18.50 3.17
N GLN A 118 1.55 -19.75 2.80
CA GLN A 118 1.99 -20.06 1.44
C GLN A 118 1.17 -19.29 0.41
N ASP A 119 -0.14 -19.41 0.49
CA ASP A 119 -1.04 -18.72 -0.43
C ASP A 119 -0.90 -17.20 -0.30
N HIS A 120 -1.28 -16.68 0.86
CA HIS A 120 -1.20 -15.25 1.11
C HIS A 120 0.17 -14.71 0.73
N LYS A 121 1.21 -15.22 1.40
CA LYS A 121 2.57 -14.79 1.13
C LYS A 121 2.86 -14.78 -0.36
N GLU A 122 2.27 -15.74 -1.08
CA GLU A 122 2.47 -15.83 -2.52
C GLU A 122 1.99 -14.57 -3.23
N LYS A 123 0.74 -14.20 -2.98
CA LYS A 123 0.16 -13.01 -3.59
C LYS A 123 1.05 -11.80 -3.38
N ILE A 124 1.49 -11.60 -2.14
CA ILE A 124 2.37 -10.47 -1.81
C ILE A 124 3.63 -10.49 -2.65
N ARG A 125 4.30 -11.65 -2.68
CA ARG A 125 5.53 -11.79 -3.45
C ARG A 125 5.34 -11.28 -4.88
N MET A 126 4.32 -11.80 -5.55
CA MET A 126 4.02 -11.40 -6.92
C MET A 126 3.87 -9.89 -7.02
N LEU A 127 3.11 -9.30 -6.09
CA LEU A 127 2.88 -7.86 -6.08
C LEU A 127 4.21 -7.10 -6.05
N LEU A 128 5.12 -7.53 -5.18
CA LEU A 128 6.42 -6.89 -5.05
C LEU A 128 7.15 -6.88 -6.40
N ASP A 129 7.20 -8.04 -7.05
CA ASP A 129 7.86 -8.16 -8.34
C ASP A 129 7.35 -7.11 -9.31
N ILE A 130 6.03 -7.02 -9.44
CA ILE A 130 5.41 -6.06 -10.34
C ILE A 130 5.84 -4.65 -10.01
N TRP A 131 5.90 -4.33 -8.73
CA TRP A 131 6.29 -3.00 -8.27
C TRP A 131 7.66 -2.62 -8.84
N ASP A 132 8.66 -3.46 -8.57
CA ASP A 132 10.01 -3.22 -9.06
C ASP A 132 10.02 -3.04 -10.57
N ARG A 133 9.49 -4.03 -11.29
CA ARG A 133 9.44 -3.98 -12.75
C ARG A 133 8.72 -2.72 -13.21
N SER A 134 7.41 -2.70 -13.04
CA SER A 134 6.60 -1.55 -13.46
C SER A 134 7.10 -0.27 -12.82
N GLY A 135 6.78 -0.08 -11.54
CA GLY A 135 7.20 1.10 -10.82
C GLY A 135 6.19 1.54 -9.79
N LEU A 136 6.67 1.77 -8.56
CA LEU A 136 5.80 2.20 -7.47
C LEU A 136 6.33 3.47 -6.83
N PHE A 137 5.71 3.87 -5.71
CA PHE A 137 6.12 5.07 -5.01
C PHE A 137 7.63 5.09 -4.78
N GLN A 138 8.22 3.91 -4.62
CA GLN A 138 9.65 3.79 -4.40
C GLN A 138 10.43 4.40 -5.56
N LYS A 139 11.08 5.52 -5.30
CA LYS A 139 11.87 6.21 -6.32
C LYS A 139 12.81 5.23 -7.02
N SER A 140 13.26 4.22 -6.28
CA SER A 140 14.18 3.22 -6.83
C SER A 140 13.90 1.85 -6.24
N TYR A 141 13.82 1.79 -4.91
CA TYR A 141 13.57 0.54 -4.21
C TYR A 141 13.58 0.74 -2.69
N LEU A 142 13.43 -0.34 -1.96
CA LEU A 142 13.42 -0.29 -0.50
C LEU A 142 14.14 -1.49 0.10
N ASN A 143 15.10 -1.22 0.98
CA ASN A 143 15.87 -2.28 1.63
C ASN A 143 14.94 -3.25 2.34
N ALA A 144 13.73 -2.80 2.66
CA ALA A 144 12.76 -3.63 3.35
C ALA A 144 12.74 -5.04 2.78
N ILE A 145 11.84 -5.28 1.83
CA ILE A 145 11.71 -6.59 1.20
C ILE A 145 12.94 -6.91 0.36
N ARG A 146 13.64 -5.87 -0.08
CA ARG A 146 14.84 -6.04 -0.90
C ARG A 146 15.72 -7.14 -0.34
N SER A 147 16.05 -7.04 0.95
CA SER A 147 16.90 -8.03 1.61
C SER A 147 16.32 -9.43 1.45
N LYS A 148 16.87 -10.19 0.51
CA LYS A 148 16.42 -11.55 0.26
C LYS A 148 16.28 -12.33 1.57
N CYS A 149 17.08 -11.96 2.56
CA CYS A 149 17.04 -12.63 3.86
C CYS A 149 15.61 -12.72 4.37
N PHE A 150 14.78 -11.75 4.00
CA PHE A 150 13.39 -11.72 4.43
C PHE A 150 12.67 -13.00 4.02
N ALA A 151 11.98 -12.95 2.88
CA ALA A 151 11.25 -14.11 2.38
C ALA A 151 12.03 -15.40 2.60
N MET A 152 13.35 -15.33 2.43
CA MET A 152 14.21 -16.48 2.62
C MET A 152 14.11 -17.01 4.05
N ASP A 153 14.67 -16.24 4.99
CA ASP A 153 14.64 -16.62 6.39
C ASP A 153 13.22 -16.63 6.93
N LEU A 154 12.53 -15.51 6.76
CA LEU A 154 11.15 -15.39 7.23
C LEU A 154 10.34 -16.64 6.90
N GLU A 155 10.70 -17.29 5.81
CA GLU A 155 10.01 -18.50 5.38
C GLU A 155 10.76 -19.75 5.83
N HIS A 156 12.09 -19.64 5.91
CA HIS A 156 12.92 -20.76 6.34
C HIS A 156 12.70 -21.07 7.81
N HIS A 157 12.14 -20.10 8.54
CA HIS A 157 11.87 -20.27 9.96
C HIS A 157 13.02 -21.03 10.64
N HIS A 158 14.25 -20.69 10.27
CA HIS A 158 15.43 -21.33 10.85
C HIS A 158 15.60 -20.95 12.31
N HIS A 159 14.95 -21.70 13.20
CA HIS A 159 15.03 -21.44 14.63
C HIS A 159 16.39 -21.84 15.18
N HIS A 160 16.93 -21.02 16.08
CA HIS A 160 18.23 -21.28 16.67
C HIS A 160 18.13 -21.32 18.20
N HIS A 161 18.89 -22.21 18.81
CA HIS A 161 18.90 -22.35 20.27
C HIS A 161 20.20 -21.83 20.86
N ASP B 1 -18.45 -12.78 -5.45
CA ASP B 1 -18.90 -12.01 -4.30
C ASP B 1 -19.66 -10.76 -4.74
N ASP B 2 -19.97 -9.89 -3.78
CA ASP B 2 -20.68 -8.65 -4.08
C ASP B 2 -19.75 -7.62 -4.68
N ASP B 3 -20.23 -6.93 -5.72
CA ASP B 3 -19.43 -5.90 -6.39
C ASP B 3 -18.19 -6.51 -7.02
N GLU B 4 -17.57 -5.76 -7.94
CA GLU B 4 -16.37 -6.23 -8.62
C GLU B 4 -15.23 -6.45 -7.62
N ASP B 5 -14.77 -7.70 -7.54
CA ASP B 5 -13.69 -8.05 -6.63
C ASP B 5 -12.51 -8.66 -7.39
N GLY B 6 -11.30 -8.25 -7.02
CA GLY B 6 -10.11 -8.76 -7.68
C GLY B 6 -9.24 -7.64 -8.22
N TYR B 7 -8.82 -6.74 -7.34
CA TYR B 7 -7.97 -5.62 -7.74
C TYR B 7 -6.72 -6.12 -8.47
N ASN B 8 -6.47 -5.54 -9.64
CA ASN B 8 -5.30 -5.92 -10.43
C ASN B 8 -4.21 -4.86 -10.33
N PRO B 9 -3.22 -5.11 -9.46
CA PRO B 9 -2.10 -4.18 -9.26
C PRO B 9 -1.16 -4.14 -10.45
N TYR B 10 -1.25 -5.16 -11.31
CA TYR B 10 -0.41 -5.23 -12.49
C TYR B 10 -0.80 -4.18 -13.51
N THR B 11 -2.09 -3.85 -13.55
CA THR B 11 -2.61 -2.87 -14.49
C THR B 11 -3.78 -2.10 -13.88
N LEU B 12 -3.68 -0.78 -13.91
CA LEU B 12 -4.74 0.08 -13.37
C LEU B 12 -5.92 0.15 -14.33
N MET A 1 -11.46 18.87 -9.90
CA MET A 1 -10.95 19.76 -8.87
C MET A 1 -12.08 20.57 -8.25
N GLN A 2 -12.99 19.87 -7.56
CA GLN A 2 -14.12 20.52 -6.91
C GLN A 2 -14.46 19.82 -5.59
N GLN A 3 -15.41 20.39 -4.86
CA GLN A 3 -15.84 19.83 -3.58
C GLN A 3 -16.20 18.36 -3.73
N ASP A 4 -16.93 18.04 -4.79
CA ASP A 4 -17.35 16.67 -5.05
C ASP A 4 -16.16 15.72 -5.02
N ASP A 5 -16.39 14.51 -4.55
CA ASP A 5 -15.33 13.50 -4.47
C ASP A 5 -14.26 13.93 -3.47
N ASP A 6 -14.66 14.13 -2.22
CA ASP A 6 -13.73 14.55 -1.17
C ASP A 6 -13.31 13.35 -0.32
N PHE A 7 -12.73 13.63 0.83
CA PHE A 7 -12.27 12.59 1.74
C PHE A 7 -13.34 11.50 1.91
N GLN A 8 -14.60 11.89 1.76
CA GLN A 8 -15.71 10.96 1.89
C GLN A 8 -15.49 9.72 1.02
N ASN A 9 -15.30 9.95 -0.27
CA ASN A 9 -15.07 8.85 -1.21
C ASN A 9 -13.92 7.96 -0.74
N PHE A 10 -12.79 8.58 -0.44
CA PHE A 10 -11.62 7.84 0.03
C PHE A 10 -11.95 7.01 1.26
N VAL A 11 -12.18 7.68 2.37
CA VAL A 11 -12.52 7.00 3.62
C VAL A 11 -13.60 5.95 3.40
N ALA A 12 -14.63 6.31 2.65
CA ALA A 12 -15.72 5.40 2.36
C ALA A 12 -15.20 4.09 1.78
N THR A 13 -14.34 4.19 0.77
CA THR A 13 -13.78 3.02 0.12
C THR A 13 -13.05 2.14 1.13
N LEU A 14 -12.13 2.73 1.88
CA LEU A 14 -11.37 2.00 2.89
C LEU A 14 -12.29 1.30 3.88
N GLU A 15 -13.16 2.07 4.52
CA GLU A 15 -14.10 1.52 5.49
C GLU A 15 -14.84 0.32 4.91
N SER A 16 -15.51 0.53 3.79
CA SER A 16 -16.26 -0.54 3.13
C SER A 16 -15.37 -1.72 2.82
N PHE A 17 -14.09 -1.44 2.58
CA PHE A 17 -13.12 -2.48 2.27
C PHE A 17 -13.07 -3.54 3.37
N LYS A 18 -12.68 -3.10 4.57
CA LYS A 18 -12.59 -4.01 5.71
C LYS A 18 -13.93 -4.69 5.96
N ASP A 19 -15.02 -3.98 5.71
CA ASP A 19 -16.36 -4.53 5.90
C ASP A 19 -16.54 -5.82 5.11
N LEU A 20 -15.72 -6.00 4.08
CA LEU A 20 -15.79 -7.19 3.25
C LEU A 20 -15.40 -8.43 4.04
N LYS A 21 -15.85 -9.59 3.57
CA LYS A 21 -15.55 -10.86 4.24
C LYS A 21 -14.34 -11.53 3.60
N SER A 22 -13.21 -10.82 3.58
CA SER A 22 -11.99 -11.35 3.00
C SER A 22 -12.11 -11.46 1.48
N GLY A 23 -12.74 -10.46 0.87
CA GLY A 23 -12.91 -10.44 -0.57
C GLY A 23 -11.77 -9.73 -1.28
N ILE A 24 -11.34 -8.61 -0.72
CA ILE A 24 -10.25 -7.84 -1.30
C ILE A 24 -10.51 -7.55 -2.78
N SER A 25 -11.44 -6.62 -3.03
CA SER A 25 -11.79 -6.26 -4.40
C SER A 25 -10.92 -5.10 -4.89
N GLY A 26 -10.28 -5.30 -6.05
CA GLY A 26 -9.43 -4.27 -6.60
C GLY A 26 -10.15 -2.95 -6.80
N SER A 27 -11.47 -3.03 -6.98
CA SER A 27 -12.28 -1.84 -7.19
C SER A 27 -11.98 -0.78 -6.12
N ARG A 28 -12.16 -1.15 -4.86
CA ARG A 28 -11.90 -0.24 -3.76
C ARG A 28 -10.53 0.43 -3.90
N ILE A 29 -9.49 -0.39 -4.05
CA ILE A 29 -8.14 0.11 -4.20
C ILE A 29 -8.07 1.18 -5.29
N LYS A 30 -8.70 0.90 -6.42
CA LYS A 30 -8.72 1.84 -7.55
C LYS A 30 -9.24 3.20 -7.10
N LYS A 31 -10.44 3.21 -6.51
CA LYS A 31 -11.05 4.45 -6.04
C LYS A 31 -10.09 5.23 -5.15
N LEU A 32 -9.51 4.55 -4.17
CA LEU A 32 -8.58 5.17 -3.25
C LEU A 32 -7.40 5.79 -4.01
N THR A 33 -6.76 4.97 -4.85
CA THR A 33 -5.62 5.42 -5.64
C THR A 33 -5.98 6.64 -6.48
N THR A 34 -6.78 6.41 -7.52
CA THR A 34 -7.20 7.49 -8.41
C THR A 34 -7.57 8.74 -7.63
N TYR A 35 -8.29 8.56 -6.54
CA TYR A 35 -8.71 9.68 -5.70
C TYR A 35 -7.50 10.45 -5.19
N ALA A 36 -6.60 9.75 -4.50
CA ALA A 36 -5.40 10.38 -3.96
C ALA A 36 -4.67 11.19 -5.03
N LEU A 37 -4.42 10.56 -6.18
CA LEU A 37 -3.74 11.22 -7.29
C LEU A 37 -4.46 12.51 -7.67
N ASP A 38 -5.76 12.42 -7.85
CA ASP A 38 -6.57 13.59 -8.22
C ASP A 38 -6.40 14.71 -7.21
N HIS A 39 -6.16 14.34 -5.95
CA HIS A 39 -5.98 15.32 -4.88
C HIS A 39 -4.69 15.04 -4.11
N ILE A 40 -3.58 15.58 -4.61
CA ILE A 40 -2.29 15.39 -3.96
C ILE A 40 -2.11 16.35 -2.79
N ASP A 41 -3.14 17.14 -2.53
CA ASP A 41 -3.11 18.11 -1.43
C ASP A 41 -3.64 17.49 -0.14
N ILE A 42 -3.75 16.16 -0.13
CA ILE A 42 -4.24 15.44 1.04
C ILE A 42 -3.44 14.16 1.27
N GLU A 43 -2.16 14.19 0.90
CA GLU A 43 -1.30 13.02 1.08
C GLU A 43 -1.23 12.60 2.54
N SER A 44 -1.24 13.59 3.44
CA SER A 44 -1.18 13.33 4.86
C SER A 44 -2.34 12.44 5.30
N LYS A 45 -3.53 13.02 5.35
CA LYS A 45 -4.72 12.28 5.74
C LYS A 45 -4.81 10.94 5.03
N ILE A 46 -4.61 10.96 3.72
CA ILE A 46 -4.66 9.75 2.91
C ILE A 46 -3.68 8.71 3.44
N ILE A 47 -2.39 8.98 3.27
CA ILE A 47 -1.34 8.06 3.74
C ILE A 47 -1.61 7.61 5.16
N SER A 48 -1.87 8.56 6.05
CA SER A 48 -2.15 8.25 7.45
C SER A 48 -3.32 7.29 7.57
N LEU A 49 -4.36 7.53 6.79
CA LEU A 49 -5.55 6.68 6.81
C LEU A 49 -5.19 5.23 6.50
N ILE A 50 -4.76 4.98 5.27
CA ILE A 50 -4.39 3.63 4.84
C ILE A 50 -3.47 2.98 5.87
N ILE A 51 -2.48 3.72 6.34
CA ILE A 51 -1.54 3.21 7.33
C ILE A 51 -2.27 2.70 8.57
N ASP A 52 -2.96 3.61 9.25
CA ASP A 52 -3.71 3.26 10.45
C ASP A 52 -4.69 2.13 10.17
N TYR A 53 -5.51 2.29 9.14
CA TYR A 53 -6.49 1.29 8.77
C TYR A 53 -5.86 -0.09 8.67
N SER A 54 -4.63 -0.13 8.16
CA SER A 54 -3.91 -1.40 8.01
C SER A 54 -3.63 -2.02 9.37
N ARG A 55 -2.65 -1.48 10.08
CA ARG A 55 -2.29 -1.99 11.39
C ARG A 55 -3.53 -2.32 12.21
N LEU A 56 -4.58 -1.54 12.03
CA LEU A 56 -5.83 -1.75 12.75
C LEU A 56 -6.42 -3.12 12.42
N CYS A 57 -7.01 -3.23 11.23
CA CYS A 57 -7.61 -4.48 10.79
C CYS A 57 -6.66 -5.65 11.00
N PRO A 58 -7.23 -6.85 11.21
CA PRO A 58 -6.45 -8.07 11.44
C PRO A 58 -5.70 -8.52 10.18
N ASP A 59 -5.44 -9.82 10.10
CA ASP A 59 -4.74 -10.38 8.96
C ASP A 59 -5.19 -9.73 7.66
N SER A 60 -6.50 -9.58 7.51
CA SER A 60 -7.07 -8.97 6.32
C SER A 60 -6.30 -7.73 5.92
N HIS A 61 -5.93 -6.92 6.92
CA HIS A 61 -5.19 -5.69 6.67
C HIS A 61 -3.86 -5.99 5.98
N LYS A 62 -3.13 -6.96 6.51
CA LYS A 62 -1.84 -7.35 5.94
C LYS A 62 -1.92 -7.43 4.42
N LEU A 63 -2.65 -8.42 3.92
CA LEU A 63 -2.81 -8.61 2.48
C LEU A 63 -3.52 -7.41 1.85
N GLY A 64 -4.73 -7.13 2.34
CA GLY A 64 -5.49 -6.01 1.81
C GLY A 64 -4.70 -4.73 1.79
N SER A 65 -4.54 -4.12 2.97
CA SER A 65 -3.79 -2.86 3.08
C SER A 65 -2.59 -2.86 2.14
N LEU A 66 -1.81 -3.94 2.18
CA LEU A 66 -0.63 -4.05 1.33
C LEU A 66 -0.95 -3.64 -0.11
N TYR A 67 -1.95 -4.29 -0.69
CA TYR A 67 -2.35 -3.99 -2.06
C TYR A 67 -2.73 -2.51 -2.21
N ILE A 68 -3.49 -2.00 -1.25
CA ILE A 68 -3.91 -0.60 -1.28
C ILE A 68 -2.70 0.33 -1.34
N ILE A 69 -1.82 0.22 -0.37
CA ILE A 69 -0.62 1.05 -0.31
C ILE A 69 0.19 0.93 -1.60
N ASP A 70 0.22 -0.28 -2.16
CA ASP A 70 0.96 -0.54 -3.39
C ASP A 70 0.48 0.38 -4.51
N SER A 71 -0.83 0.37 -4.77
CA SER A 71 -1.41 1.20 -5.82
C SER A 71 -1.06 2.67 -5.60
N ILE A 72 -1.47 3.21 -4.47
CA ILE A 72 -1.19 4.61 -4.13
C ILE A 72 0.30 4.91 -4.24
N GLY A 73 1.11 4.09 -3.58
CA GLY A 73 2.55 4.29 -3.60
C GLY A 73 3.10 4.35 -5.02
N ARG A 74 2.80 3.34 -5.82
CA ARG A 74 3.27 3.28 -7.20
C ARG A 74 2.94 4.59 -7.94
N ALA A 75 1.65 4.91 -7.99
CA ALA A 75 1.21 6.13 -8.67
C ALA A 75 1.92 7.36 -8.11
N TYR A 76 1.84 7.52 -6.79
CA TYR A 76 2.48 8.65 -6.13
C TYR A 76 3.94 8.78 -6.53
N LEU A 77 4.67 7.67 -6.45
CA LEU A 77 6.09 7.66 -6.81
C LEU A 77 6.30 8.23 -8.21
N ASP A 78 5.69 7.59 -9.20
CA ASP A 78 5.81 8.04 -10.58
C ASP A 78 5.44 9.51 -10.71
N GLU A 79 4.38 9.92 -10.00
CA GLU A 79 3.93 11.30 -10.05
C GLU A 79 5.05 12.25 -9.66
N THR A 80 5.40 12.27 -8.37
CA THR A 80 6.45 13.14 -7.88
C THR A 80 7.75 12.92 -8.65
N ARG A 81 8.08 11.66 -8.90
CA ARG A 81 9.29 11.32 -9.63
C ARG A 81 9.34 12.04 -10.98
N SER A 82 8.18 12.17 -11.61
CA SER A 82 8.09 12.82 -12.91
C SER A 82 8.75 14.20 -12.87
N ASN A 83 8.71 14.83 -11.71
CA ASN A 83 9.31 16.15 -11.53
C ASN A 83 10.48 16.10 -10.56
N SER A 84 10.17 15.98 -9.27
CA SER A 84 11.21 15.92 -8.24
C SER A 84 10.60 15.60 -6.88
N ASN A 85 11.28 14.76 -6.12
CA ASN A 85 10.81 14.36 -4.80
C ASN A 85 11.42 15.25 -3.71
N SER A 86 10.79 16.39 -3.46
CA SER A 86 11.28 17.33 -2.45
C SER A 86 10.46 17.21 -1.16
N SER A 87 11.15 17.11 -0.04
CA SER A 87 10.49 16.99 1.26
C SER A 87 11.50 17.02 2.39
N SER A 88 11.25 17.86 3.39
CA SER A 88 12.15 17.98 4.53
C SER A 88 11.44 17.57 5.81
N ASN A 89 10.27 18.14 6.05
CA ASN A 89 9.49 17.83 7.24
C ASN A 89 8.00 18.12 7.01
N LYS A 90 7.15 17.40 7.75
CA LYS A 90 5.71 17.59 7.63
C LYS A 90 5.22 17.20 6.23
N PRO A 91 3.94 16.80 6.15
CA PRO A 91 3.33 16.38 4.88
C PRO A 91 3.13 17.56 3.93
N GLY A 92 2.73 17.25 2.70
CA GLY A 92 2.51 18.30 1.71
C GLY A 92 2.14 17.73 0.35
N THR A 93 2.86 16.69 -0.08
CA THR A 93 2.60 16.07 -1.37
C THR A 93 3.11 14.64 -1.39
N CYS A 94 3.04 14.01 -2.56
CA CYS A 94 3.49 12.63 -2.72
C CYS A 94 4.83 12.42 -2.03
N ALA A 95 5.75 13.36 -2.24
CA ALA A 95 7.07 13.28 -1.65
C ALA A 95 7.00 12.77 -0.20
N HIS A 96 6.57 13.64 0.70
CA HIS A 96 6.46 13.29 2.12
C HIS A 96 5.62 12.01 2.28
N ALA A 97 4.62 11.85 1.43
CA ALA A 97 3.76 10.67 1.48
C ALA A 97 4.57 9.38 1.40
N ILE A 98 5.33 9.25 0.32
CA ILE A 98 6.16 8.05 0.12
C ILE A 98 7.11 7.85 1.29
N ASN A 99 7.79 8.92 1.69
CA ASN A 99 8.73 8.86 2.80
C ASN A 99 8.05 8.33 4.06
N THR A 100 6.95 8.99 4.45
CA THR A 100 6.21 8.59 5.64
C THR A 100 5.84 7.11 5.59
N LEU A 101 5.28 6.68 4.46
CA LEU A 101 4.88 5.29 4.28
C LEU A 101 6.04 4.35 4.58
N GLY A 102 7.15 4.55 3.89
CA GLY A 102 8.32 3.70 4.09
C GLY A 102 8.82 3.75 5.52
N GLU A 103 8.35 4.74 6.28
CA GLU A 103 8.77 4.90 7.67
C GLU A 103 7.89 4.06 8.59
N VAL A 104 6.74 3.62 8.07
CA VAL A 104 5.81 2.80 8.84
C VAL A 104 5.62 1.43 8.21
N ILE A 105 5.91 1.34 6.91
CA ILE A 105 5.77 0.09 6.18
C ILE A 105 6.45 -1.06 6.93
N GLN A 106 7.50 -0.73 7.66
CA GLN A 106 8.24 -1.73 8.41
C GLN A 106 7.30 -2.66 9.16
N GLU A 107 6.63 -2.12 10.18
CA GLU A 107 5.69 -2.90 10.98
C GLU A 107 4.62 -3.53 10.10
N LEU A 108 4.15 -2.78 9.11
CA LEU A 108 3.13 -3.26 8.20
C LEU A 108 3.57 -4.56 7.52
N LEU A 109 4.53 -4.45 6.61
CA LEU A 109 5.04 -5.61 5.90
C LEU A 109 5.53 -6.68 6.87
N SER A 110 6.55 -6.33 7.66
CA SER A 110 7.11 -7.27 8.62
C SER A 110 6.03 -8.16 9.22
N ASP A 111 5.05 -7.54 9.86
CA ASP A 111 3.95 -8.28 10.47
C ASP A 111 3.25 -9.17 9.44
N ALA A 112 2.84 -8.57 8.33
CA ALA A 112 2.17 -9.30 7.27
C ALA A 112 2.92 -10.58 6.92
N ILE A 113 4.19 -10.44 6.55
CA ILE A 113 5.02 -11.58 6.20
C ILE A 113 5.04 -12.61 7.32
N ALA A 114 5.26 -12.15 8.54
CA ALA A 114 5.30 -13.04 9.69
C ALA A 114 4.00 -13.81 9.83
N LYS A 115 2.93 -13.11 10.17
CA LYS A 115 1.61 -13.73 10.34
C LYS A 115 1.26 -14.57 9.11
N SER A 116 1.34 -13.96 7.93
CA SER A 116 1.02 -14.65 6.69
C SER A 116 1.70 -16.01 6.64
N ASN A 117 1.01 -16.98 6.04
CA ASN A 117 1.55 -18.34 5.93
C ASN A 117 2.14 -18.58 4.55
N GLN A 118 2.62 -19.79 4.31
CA GLN A 118 3.22 -20.15 3.03
C GLN A 118 2.50 -19.43 1.88
N ASP A 119 1.19 -19.61 1.81
CA ASP A 119 0.39 -18.98 0.77
C ASP A 119 0.45 -17.46 0.87
N HIS A 120 -0.22 -16.91 1.86
CA HIS A 120 -0.23 -15.46 2.07
C HIS A 120 1.17 -14.88 1.96
N LYS A 121 2.08 -15.37 2.80
CA LYS A 121 3.46 -14.90 2.80
C LYS A 121 4.00 -14.81 1.37
N GLU A 122 3.61 -15.79 0.55
CA GLU A 122 4.06 -15.82 -0.84
C GLU A 122 3.61 -14.58 -1.60
N LYS A 123 2.33 -14.23 -1.42
CA LYS A 123 1.76 -13.06 -2.08
C LYS A 123 2.55 -11.80 -1.74
N ILE A 124 2.81 -11.60 -0.45
CA ILE A 124 3.55 -10.44 0.01
C ILE A 124 4.94 -10.38 -0.64
N ARG A 125 5.66 -11.48 -0.55
CA ARG A 125 7.00 -11.56 -1.12
C ARG A 125 7.00 -11.06 -2.57
N MET A 126 6.13 -11.65 -3.38
CA MET A 126 6.03 -11.27 -4.79
C MET A 126 5.79 -9.77 -4.94
N LEU A 127 4.83 -9.25 -4.17
CA LEU A 127 4.51 -7.83 -4.21
C LEU A 127 5.76 -6.97 -4.02
N LEU A 128 6.57 -7.33 -3.02
CA LEU A 128 7.79 -6.60 -2.74
C LEU A 128 8.71 -6.58 -3.95
N ASP A 129 8.93 -7.74 -4.55
CA ASP A 129 9.78 -7.86 -5.73
C ASP A 129 9.37 -6.84 -6.80
N ILE A 130 8.10 -6.87 -7.17
CA ILE A 130 7.58 -5.96 -8.18
C ILE A 130 7.79 -4.50 -7.77
N TRP A 131 7.58 -4.22 -6.48
CA TRP A 131 7.76 -2.87 -5.96
C TRP A 131 9.12 -2.30 -6.35
N ASP A 132 10.18 -2.96 -5.90
CA ASP A 132 11.54 -2.52 -6.21
C ASP A 132 11.75 -2.42 -7.71
N ARG A 133 11.33 -3.45 -8.45
CA ARG A 133 11.48 -3.47 -9.89
C ARG A 133 10.82 -2.25 -10.53
N SER A 134 9.49 -2.21 -10.47
CA SER A 134 8.73 -1.10 -11.03
C SER A 134 9.21 0.23 -10.46
N GLY A 135 8.79 0.52 -9.23
CA GLY A 135 9.19 1.77 -8.60
C GLY A 135 8.51 1.98 -7.26
N LEU A 136 9.25 1.76 -6.18
CA LEU A 136 8.71 1.93 -4.83
C LEU A 136 9.77 1.62 -3.78
N PHE A 137 10.15 2.64 -3.02
CA PHE A 137 11.16 2.48 -1.97
C PHE A 137 12.40 1.78 -2.52
N GLN A 138 12.66 1.97 -3.81
CA GLN A 138 13.81 1.36 -4.45
C GLN A 138 15.11 1.83 -3.79
N LYS A 139 16.24 1.49 -4.41
CA LYS A 139 17.54 1.87 -3.89
C LYS A 139 17.83 1.17 -2.55
N SER A 140 17.17 0.03 -2.34
CA SER A 140 17.35 -0.72 -1.11
C SER A 140 17.22 0.17 0.11
N TYR A 141 16.21 1.04 0.09
CA TYR A 141 15.97 1.96 1.20
C TYR A 141 14.97 1.38 2.19
N LEU A 142 14.31 0.29 1.79
CA LEU A 142 13.33 -0.37 2.64
C LEU A 142 14.02 -1.22 3.70
N ASN A 143 14.80 -0.57 4.56
CA ASN A 143 15.52 -1.27 5.62
C ASN A 143 14.66 -2.39 6.21
N ALA A 144 13.38 -2.11 6.38
CA ALA A 144 12.45 -3.10 6.93
C ALA A 144 12.73 -4.49 6.35
N ILE A 145 12.04 -4.82 5.27
CA ILE A 145 12.21 -6.11 4.62
C ILE A 145 13.61 -6.25 4.02
N ARG A 146 14.24 -5.12 3.74
CA ARG A 146 15.57 -5.11 3.16
C ARG A 146 16.44 -6.20 3.79
N SER A 147 16.52 -6.19 5.12
CA SER A 147 17.32 -7.17 5.84
C SER A 147 16.78 -8.57 5.62
N LYS A 148 17.49 -9.35 4.81
CA LYS A 148 17.08 -10.73 4.52
C LYS A 148 16.72 -11.46 5.80
N CYS A 149 17.34 -11.07 6.90
CA CYS A 149 17.07 -11.69 8.20
C CYS A 149 15.57 -11.83 8.44
N PHE A 150 14.80 -10.91 7.89
CA PHE A 150 13.35 -10.93 8.05
C PHE A 150 12.76 -12.26 7.55
N ALA A 151 12.30 -12.25 6.30
CA ALA A 151 11.72 -13.45 5.71
C ALA A 151 12.51 -14.70 6.09
N MET A 152 13.83 -14.56 6.18
CA MET A 152 14.70 -15.67 6.53
C MET A 152 14.35 -16.19 7.93
N ASP A 153 14.67 -15.39 8.95
CA ASP A 153 14.40 -15.79 10.32
C ASP A 153 12.90 -15.86 10.58
N LEU A 154 12.19 -14.81 10.21
CA LEU A 154 10.74 -14.75 10.39
C LEU A 154 10.09 -16.04 9.93
N GLU A 155 10.71 -16.70 8.97
CA GLU A 155 10.19 -17.95 8.42
C GLU A 155 10.73 -19.15 9.19
N HIS A 156 11.05 -18.93 10.46
CA HIS A 156 11.59 -19.99 11.30
C HIS A 156 10.69 -21.22 11.28
N HIS A 157 9.39 -20.99 11.10
CA HIS A 157 8.42 -22.07 11.06
C HIS A 157 8.67 -22.98 9.86
N HIS A 158 7.80 -23.97 9.68
CA HIS A 158 7.93 -24.90 8.57
C HIS A 158 7.76 -24.19 7.23
N HIS A 159 8.26 -24.81 6.16
CA HIS A 159 8.16 -24.23 4.83
C HIS A 159 8.42 -25.28 3.76
N HIS A 160 7.59 -25.28 2.72
CA HIS A 160 7.72 -26.22 1.62
C HIS A 160 8.41 -25.59 0.42
N HIS A 161 7.86 -24.49 -0.06
CA HIS A 161 8.41 -23.78 -1.20
C HIS A 161 8.42 -24.67 -2.45
N ASP B 1 -20.65 -13.30 -6.17
CA ASP B 1 -20.14 -11.94 -6.31
C ASP B 1 -19.91 -11.59 -7.77
N ASP B 2 -19.63 -10.31 -8.04
CA ASP B 2 -19.39 -9.85 -9.40
C ASP B 2 -18.36 -8.73 -9.42
N ASP B 3 -17.25 -8.95 -8.72
CA ASP B 3 -16.19 -7.96 -8.65
C ASP B 3 -14.86 -8.53 -9.17
N GLU B 4 -13.85 -7.69 -9.25
CA GLU B 4 -12.54 -8.12 -9.73
C GLU B 4 -11.60 -8.39 -8.56
N ASP B 5 -11.57 -9.64 -8.10
CA ASP B 5 -10.72 -10.04 -6.99
C ASP B 5 -9.35 -10.50 -7.49
N GLY B 6 -8.31 -10.17 -6.74
CA GLY B 6 -6.97 -10.56 -7.12
C GLY B 6 -6.31 -9.54 -8.04
N TYR B 7 -5.38 -8.77 -7.49
CA TYR B 7 -4.68 -7.76 -8.26
C TYR B 7 -3.20 -7.70 -7.88
N ASN B 8 -2.34 -7.51 -8.89
CA ASN B 8 -0.90 -7.44 -8.67
C ASN B 8 -0.32 -6.16 -9.27
N PRO B 9 0.79 -5.68 -8.67
CA PRO B 9 1.46 -4.47 -9.13
C PRO B 9 2.15 -4.66 -10.47
N TYR B 10 2.22 -5.90 -10.93
CA TYR B 10 2.85 -6.23 -12.20
C TYR B 10 2.00 -5.75 -13.37
N THR B 11 0.76 -5.40 -13.08
CA THR B 11 -0.16 -4.92 -14.11
C THR B 11 -0.99 -3.75 -13.61
N LEU B 12 -0.90 -2.61 -14.29
CA LEU B 12 -1.65 -1.43 -13.91
C LEU B 12 -2.41 -0.86 -15.10
N MET A 1 -12.00 18.02 -9.94
CA MET A 1 -13.05 17.91 -8.94
C MET A 1 -12.71 18.74 -7.71
N GLN A 2 -13.74 19.27 -7.05
CA GLN A 2 -13.54 20.10 -5.87
C GLN A 2 -14.03 19.37 -4.61
N GLN A 3 -15.35 19.27 -4.48
CA GLN A 3 -15.94 18.61 -3.32
C GLN A 3 -16.69 17.34 -3.75
N ASP A 4 -17.08 17.29 -5.01
CA ASP A 4 -17.80 16.15 -5.54
C ASP A 4 -17.01 14.86 -5.31
N ASP A 5 -15.70 14.99 -5.21
CA ASP A 5 -14.83 13.83 -4.98
C ASP A 5 -13.74 14.16 -3.96
N ASP A 6 -14.16 14.45 -2.73
CA ASP A 6 -13.22 14.78 -1.67
C ASP A 6 -12.82 13.53 -0.88
N PHE A 7 -12.23 13.75 0.29
CA PHE A 7 -11.81 12.63 1.13
C PHE A 7 -12.92 11.60 1.28
N GLN A 8 -14.16 12.06 1.15
CA GLN A 8 -15.31 11.17 1.27
C GLN A 8 -15.12 9.91 0.44
N ASN A 9 -14.93 10.10 -0.87
CA ASN A 9 -14.73 8.97 -1.78
C ASN A 9 -13.63 8.06 -1.29
N PHE A 10 -12.48 8.64 -0.97
CA PHE A 10 -11.34 7.87 -0.48
C PHE A 10 -11.72 7.06 0.74
N VAL A 11 -11.94 7.73 1.86
CA VAL A 11 -12.31 7.07 3.11
C VAL A 11 -13.43 6.06 2.88
N ALA A 12 -14.45 6.48 2.13
CA ALA A 12 -15.58 5.62 1.84
C ALA A 12 -15.12 4.29 1.23
N THR A 13 -14.22 4.37 0.26
CA THR A 13 -13.71 3.18 -0.40
C THR A 13 -13.05 2.24 0.60
N LEU A 14 -12.08 2.78 1.35
CA LEU A 14 -11.38 1.98 2.36
C LEU A 14 -12.35 1.34 3.33
N GLU A 15 -13.24 2.15 3.91
CA GLU A 15 -14.22 1.67 4.86
C GLU A 15 -14.94 0.44 4.31
N SER A 16 -15.50 0.56 3.13
CA SER A 16 -16.22 -0.53 2.49
C SER A 16 -15.33 -1.76 2.36
N PHE A 17 -14.04 -1.53 2.16
CA PHE A 17 -13.07 -2.60 2.01
C PHE A 17 -13.10 -3.52 3.23
N LYS A 18 -12.77 -2.96 4.39
CA LYS A 18 -12.76 -3.73 5.63
C LYS A 18 -14.10 -4.40 5.88
N ASP A 19 -15.18 -3.76 5.44
CA ASP A 19 -16.51 -4.30 5.60
C ASP A 19 -16.62 -5.70 5.00
N LEU A 20 -15.73 -5.99 4.07
CA LEU A 20 -15.72 -7.30 3.42
C LEU A 20 -15.63 -8.42 4.45
N LYS A 21 -15.69 -9.67 3.97
CA LYS A 21 -15.62 -10.83 4.86
C LYS A 21 -14.18 -11.33 4.97
N SER A 22 -13.23 -10.40 4.94
CA SER A 22 -11.81 -10.76 5.03
C SER A 22 -11.25 -11.12 3.67
N GLY A 23 -11.77 -10.48 2.63
CA GLY A 23 -11.31 -10.75 1.28
C GLY A 23 -10.59 -9.56 0.66
N ILE A 24 -11.07 -9.10 -0.49
CA ILE A 24 -10.48 -7.97 -1.17
C ILE A 24 -11.36 -7.49 -2.33
N SER A 25 -11.43 -6.18 -2.51
CA SER A 25 -12.24 -5.59 -3.57
C SER A 25 -11.38 -4.78 -4.53
N GLY A 26 -11.22 -5.30 -5.74
CA GLY A 26 -10.42 -4.61 -6.75
C GLY A 26 -10.90 -3.20 -6.99
N SER A 27 -12.19 -3.05 -7.28
CA SER A 27 -12.77 -1.73 -7.54
C SER A 27 -12.35 -0.73 -6.48
N ARG A 28 -12.40 -1.15 -5.22
CA ARG A 28 -12.03 -0.30 -4.10
C ARG A 28 -10.63 0.28 -4.30
N ILE A 29 -9.65 -0.61 -4.42
CA ILE A 29 -8.26 -0.20 -4.61
C ILE A 29 -8.15 0.82 -5.74
N LYS A 30 -8.86 0.57 -6.83
CA LYS A 30 -8.83 1.47 -7.99
C LYS A 30 -9.24 2.88 -7.58
N LYS A 31 -10.43 3.01 -7.02
CA LYS A 31 -10.94 4.31 -6.59
C LYS A 31 -9.90 5.03 -5.73
N LEU A 32 -9.37 4.34 -4.73
CA LEU A 32 -8.38 4.91 -3.83
C LEU A 32 -7.18 5.43 -4.63
N THR A 33 -6.64 4.58 -5.47
CA THR A 33 -5.48 4.94 -6.29
C THR A 33 -5.78 6.17 -7.15
N THR A 34 -6.62 5.98 -8.17
CA THR A 34 -6.99 7.07 -9.06
C THR A 34 -7.29 8.34 -8.28
N TYR A 35 -8.04 8.20 -7.19
CA TYR A 35 -8.40 9.34 -6.37
C TYR A 35 -7.15 10.08 -5.88
N ALA A 36 -6.28 9.36 -5.18
CA ALA A 36 -5.05 9.94 -4.67
C ALA A 36 -4.33 10.75 -5.75
N LEU A 37 -4.10 10.13 -6.89
CA LEU A 37 -3.42 10.79 -8.00
C LEU A 37 -4.17 12.06 -8.41
N ASP A 38 -5.47 11.93 -8.64
CA ASP A 38 -6.29 13.06 -9.04
C ASP A 38 -6.20 14.19 -8.01
N HIS A 39 -5.94 13.82 -6.76
CA HIS A 39 -5.83 14.81 -5.69
C HIS A 39 -4.52 14.62 -4.93
N ILE A 40 -3.44 15.20 -5.44
CA ILE A 40 -2.14 15.10 -4.82
C ILE A 40 -2.01 16.08 -3.66
N ASP A 41 -3.07 16.84 -3.41
CA ASP A 41 -3.08 17.82 -2.32
C ASP A 41 -3.63 17.20 -1.04
N ILE A 42 -3.58 15.88 -0.96
CA ILE A 42 -4.09 15.17 0.21
C ILE A 42 -3.28 13.89 0.47
N GLU A 43 -2.02 13.90 0.04
CA GLU A 43 -1.15 12.74 0.21
C GLU A 43 -1.04 12.37 1.69
N SER A 44 -1.06 13.38 2.56
CA SER A 44 -0.96 13.16 3.99
C SER A 44 -2.09 12.26 4.49
N LYS A 45 -3.29 12.80 4.53
CA LYS A 45 -4.45 12.04 4.98
C LYS A 45 -4.53 10.69 4.29
N ILE A 46 -4.34 10.71 2.97
CA ILE A 46 -4.39 9.48 2.18
C ILE A 46 -3.38 8.45 2.70
N ILE A 47 -2.10 8.74 2.51
CA ILE A 47 -1.04 7.85 2.97
C ILE A 47 -1.25 7.43 4.42
N SER A 48 -1.55 8.40 5.27
CA SER A 48 -1.78 8.14 6.68
C SER A 48 -2.92 7.14 6.87
N LEU A 49 -3.99 7.33 6.12
CA LEU A 49 -5.15 6.45 6.20
C LEU A 49 -4.76 5.00 5.91
N ILE A 50 -4.35 4.74 4.67
CA ILE A 50 -3.95 3.39 4.27
C ILE A 50 -3.02 2.77 5.31
N ILE A 51 -2.03 3.54 5.74
CA ILE A 51 -1.08 3.06 6.73
C ILE A 51 -1.79 2.57 7.99
N ASP A 52 -2.58 3.46 8.59
CA ASP A 52 -3.32 3.12 9.80
C ASP A 52 -4.21 1.89 9.57
N TYR A 53 -4.93 1.89 8.46
CA TYR A 53 -5.81 0.78 8.12
C TYR A 53 -5.07 -0.55 8.16
N SER A 54 -3.80 -0.51 7.74
CA SER A 54 -2.97 -1.71 7.71
C SER A 54 -2.79 -2.27 9.11
N ARG A 55 -1.95 -1.61 9.91
CA ARG A 55 -1.69 -2.05 11.28
C ARG A 55 -2.98 -2.11 12.08
N LEU A 56 -3.97 -1.33 11.66
CA LEU A 56 -5.26 -1.30 12.36
C LEU A 56 -5.71 -2.70 12.73
N CYS A 57 -6.29 -3.42 11.77
CA CYS A 57 -6.76 -4.78 11.99
C CYS A 57 -5.66 -5.79 11.73
N PRO A 58 -5.92 -7.05 12.08
CA PRO A 58 -4.96 -8.14 11.89
C PRO A 58 -4.78 -8.50 10.42
N ASP A 59 -4.28 -9.70 10.17
CA ASP A 59 -4.05 -10.17 8.80
C ASP A 59 -5.07 -9.55 7.85
N SER A 60 -6.34 -9.66 8.19
CA SER A 60 -7.41 -9.10 7.36
C SER A 60 -6.94 -7.83 6.64
N HIS A 61 -6.89 -6.73 7.38
CA HIS A 61 -6.45 -5.46 6.81
C HIS A 61 -5.04 -5.56 6.27
N LYS A 62 -4.14 -6.13 7.07
CA LYS A 62 -2.74 -6.29 6.66
C LYS A 62 -2.63 -6.50 5.16
N LEU A 63 -3.11 -7.65 4.69
CA LEU A 63 -3.07 -7.97 3.26
C LEU A 63 -3.75 -6.88 2.44
N GLY A 64 -4.98 -6.54 2.82
CA GLY A 64 -5.72 -5.51 2.10
C GLY A 64 -4.91 -4.24 1.92
N SER A 65 -4.51 -3.63 3.03
CA SER A 65 -3.73 -2.40 2.98
C SER A 65 -2.57 -2.52 2.01
N LEU A 66 -1.75 -3.55 2.21
CA LEU A 66 -0.59 -3.78 1.33
C LEU A 66 -0.97 -3.58 -0.12
N TYR A 67 -2.03 -4.25 -0.56
CA TYR A 67 -2.50 -4.16 -1.93
C TYR A 67 -2.79 -2.71 -2.30
N ILE A 68 -3.57 -2.04 -1.46
CA ILE A 68 -3.93 -0.64 -1.69
C ILE A 68 -2.68 0.23 -1.83
N ILE A 69 -1.83 0.17 -0.82
CA ILE A 69 -0.60 0.96 -0.83
C ILE A 69 0.23 0.68 -2.07
N ASP A 70 0.23 -0.58 -2.51
CA ASP A 70 0.98 -0.97 -3.70
C ASP A 70 0.55 -0.15 -4.91
N SER A 71 -0.76 -0.16 -5.20
CA SER A 71 -1.28 0.57 -6.34
C SER A 71 -0.92 2.06 -6.24
N ILE A 72 -1.37 2.70 -5.16
CA ILE A 72 -1.09 4.11 -4.95
C ILE A 72 0.41 4.40 -5.06
N GLY A 73 1.21 3.58 -4.38
CA GLY A 73 2.65 3.77 -4.40
C GLY A 73 3.20 3.82 -5.81
N ARG A 74 2.94 2.77 -6.58
CA ARG A 74 3.42 2.70 -7.96
C ARG A 74 3.08 3.97 -8.72
N ALA A 75 1.78 4.30 -8.76
CA ALA A 75 1.32 5.49 -9.46
C ALA A 75 2.05 6.73 -8.96
N TYR A 76 2.06 6.91 -7.64
CA TYR A 76 2.71 8.06 -7.03
C TYR A 76 4.17 8.16 -7.47
N LEU A 77 4.87 7.03 -7.40
CA LEU A 77 6.27 6.98 -7.79
C LEU A 77 6.47 7.54 -9.20
N ASP A 78 5.71 7.02 -10.15
CA ASP A 78 5.79 7.46 -11.54
C ASP A 78 5.56 8.97 -11.63
N GLU A 79 4.57 9.46 -10.90
CA GLU A 79 4.25 10.88 -10.91
C GLU A 79 5.46 11.72 -10.52
N THR A 80 5.84 11.66 -9.25
CA THR A 80 6.98 12.41 -8.75
C THR A 80 8.23 12.12 -9.57
N ARG A 81 8.36 10.87 -10.01
CA ARG A 81 9.52 10.45 -10.80
C ARG A 81 9.69 11.37 -12.01
N SER A 82 8.61 11.58 -12.76
CA SER A 82 8.65 12.42 -13.94
C SER A 82 9.18 13.81 -13.61
N ASN A 83 9.04 14.20 -12.33
CA ASN A 83 9.50 15.50 -11.88
C ASN A 83 10.57 15.36 -10.80
N SER A 84 10.84 16.44 -10.10
CA SER A 84 11.84 16.44 -9.03
C SER A 84 11.22 16.03 -7.70
N ASN A 85 11.50 14.80 -7.29
CA ASN A 85 10.97 14.27 -6.04
C ASN A 85 11.41 15.13 -4.85
N SER A 86 12.66 15.58 -4.89
CA SER A 86 13.22 16.41 -3.83
C SER A 86 12.31 17.60 -3.55
N SER A 87 12.14 17.94 -2.28
CA SER A 87 11.30 19.06 -1.88
C SER A 87 11.60 19.48 -0.44
N SER A 88 11.12 18.68 0.51
CA SER A 88 11.33 18.97 1.93
C SER A 88 10.73 17.87 2.80
N ASN A 89 10.78 18.08 4.11
CA ASN A 89 10.25 17.10 5.06
C ASN A 89 8.74 17.26 5.20
N LYS A 90 8.13 16.38 5.99
CA LYS A 90 6.69 16.42 6.22
C LYS A 90 5.93 16.17 4.92
N PRO A 91 4.65 15.80 5.04
CA PRO A 91 3.79 15.53 3.89
C PRO A 91 3.44 16.80 3.12
N GLY A 92 2.97 16.62 1.88
CA GLY A 92 2.62 17.78 1.06
C GLY A 92 2.22 17.37 -0.34
N THR A 93 2.96 16.44 -0.93
CA THR A 93 2.68 15.96 -2.27
C THR A 93 3.18 14.54 -2.47
N CYS A 94 3.06 14.04 -3.70
CA CYS A 94 3.49 12.68 -4.02
C CYS A 94 4.86 12.39 -3.42
N ALA A 95 5.80 13.28 -3.66
CA ALA A 95 7.16 13.12 -3.15
C ALA A 95 7.15 12.79 -1.66
N HIS A 96 6.70 13.75 -0.86
CA HIS A 96 6.64 13.56 0.58
C HIS A 96 5.88 12.29 0.94
N ALA A 97 4.84 12.00 0.17
CA ALA A 97 4.03 10.81 0.40
C ALA A 97 4.89 9.56 0.40
N ILE A 98 5.59 9.32 -0.70
CA ILE A 98 6.45 8.15 -0.84
C ILE A 98 7.43 8.07 0.32
N ASN A 99 8.04 9.20 0.66
CA ASN A 99 9.00 9.26 1.75
C ASN A 99 8.39 8.70 3.04
N THR A 100 7.22 9.21 3.40
CA THR A 100 6.52 8.77 4.61
C THR A 100 6.32 7.26 4.61
N LEU A 101 5.70 6.76 3.54
CA LEU A 101 5.45 5.33 3.42
C LEU A 101 6.71 4.51 3.66
N GLY A 102 7.74 4.81 2.87
CA GLY A 102 9.01 4.10 3.02
C GLY A 102 9.60 4.24 4.41
N GLU A 103 9.09 5.21 5.17
CA GLU A 103 9.57 5.44 6.52
C GLU A 103 8.75 4.65 7.54
N VAL A 104 7.64 4.09 7.07
CA VAL A 104 6.77 3.31 7.95
C VAL A 104 6.61 1.89 7.43
N ILE A 105 6.99 1.67 6.17
CA ILE A 105 6.88 0.36 5.56
C ILE A 105 7.52 -0.71 6.44
N GLN A 106 8.52 -0.31 7.22
CA GLN A 106 9.21 -1.24 8.11
C GLN A 106 8.22 -1.99 8.99
N GLU A 107 7.61 -1.27 9.94
CA GLU A 107 6.64 -1.87 10.85
C GLU A 107 5.49 -2.52 10.06
N LEU A 108 5.07 -1.87 8.99
CA LEU A 108 3.98 -2.39 8.16
C LEU A 108 4.32 -3.78 7.65
N LEU A 109 5.26 -3.85 6.72
CA LEU A 109 5.68 -5.13 6.15
C LEU A 109 6.01 -6.14 7.24
N SER A 110 7.07 -5.84 8.00
CA SER A 110 7.50 -6.72 9.08
C SER A 110 6.29 -7.33 9.80
N ASP A 111 5.48 -6.48 10.40
CA ASP A 111 4.29 -6.94 11.11
C ASP A 111 3.42 -7.82 10.23
N ALA A 112 3.24 -7.41 8.98
CA ALA A 112 2.43 -8.15 8.03
C ALA A 112 2.96 -9.58 7.87
N ILE A 113 4.21 -9.69 7.43
CA ILE A 113 4.83 -11.01 7.24
C ILE A 113 4.79 -11.82 8.52
N ALA A 114 5.03 -11.16 9.66
CA ALA A 114 5.01 -11.83 10.95
C ALA A 114 3.67 -12.48 11.21
N LYS A 115 2.65 -11.66 11.45
CA LYS A 115 1.31 -12.16 11.72
C LYS A 115 0.84 -13.09 10.61
N SER A 116 1.01 -12.65 9.36
CA SER A 116 0.60 -13.45 8.21
C SER A 116 1.13 -14.88 8.33
N ASN A 117 0.30 -15.84 7.93
CA ASN A 117 0.67 -17.25 7.98
C ASN A 117 1.35 -17.69 6.69
N GLN A 118 1.62 -18.98 6.58
CA GLN A 118 2.27 -19.53 5.39
C GLN A 118 1.66 -18.94 4.12
N ASP A 119 0.34 -19.02 4.00
CA ASP A 119 -0.37 -18.48 2.84
C ASP A 119 -0.18 -16.97 2.75
N HIS A 120 -0.77 -16.25 3.70
CA HIS A 120 -0.68 -14.79 3.71
C HIS A 120 0.77 -14.34 3.51
N LYS A 121 1.64 -14.77 4.40
CA LYS A 121 3.05 -14.40 4.32
C LYS A 121 3.58 -14.55 2.90
N GLU A 122 3.13 -15.61 2.23
CA GLU A 122 3.56 -15.88 0.86
C GLU A 122 3.14 -14.73 -0.06
N LYS A 123 1.90 -14.28 0.08
CA LYS A 123 1.38 -13.20 -0.73
C LYS A 123 2.24 -11.94 -0.59
N ILE A 124 2.50 -11.55 0.65
CA ILE A 124 3.30 -10.37 0.93
C ILE A 124 4.68 -10.48 0.27
N ARG A 125 5.34 -11.62 0.48
CA ARG A 125 6.65 -11.84 -0.09
C ARG A 125 6.66 -11.56 -1.59
N MET A 126 5.75 -12.20 -2.31
CA MET A 126 5.65 -12.01 -3.75
C MET A 126 5.47 -10.53 -4.10
N LEU A 127 4.52 -9.89 -3.42
CA LEU A 127 4.26 -8.47 -3.66
C LEU A 127 5.53 -7.65 -3.56
N LEU A 128 6.31 -7.90 -2.52
CA LEU A 128 7.56 -7.18 -2.31
C LEU A 128 8.49 -7.32 -3.52
N ASP A 129 8.66 -8.56 -3.98
CA ASP A 129 9.50 -8.84 -5.13
C ASP A 129 9.10 -7.96 -6.32
N ILE A 130 7.81 -7.94 -6.62
CA ILE A 130 7.31 -7.15 -7.74
C ILE A 130 7.66 -5.67 -7.57
N TRP A 131 7.51 -5.18 -6.35
CA TRP A 131 7.82 -3.78 -6.04
C TRP A 131 9.24 -3.43 -6.49
N ASP A 132 10.21 -4.15 -5.95
CA ASP A 132 11.61 -3.90 -6.30
C ASP A 132 11.83 -4.00 -7.80
N ARG A 133 11.39 -5.11 -8.38
CA ARG A 133 11.53 -5.33 -9.82
C ARG A 133 10.91 -4.18 -10.61
N SER A 134 9.58 -4.12 -10.61
CA SER A 134 8.86 -3.07 -11.32
C SER A 134 9.34 -1.68 -10.89
N GLY A 135 8.92 -1.27 -9.70
CA GLY A 135 9.31 0.04 -9.19
C GLY A 135 8.28 0.62 -8.24
N LEU A 136 8.70 0.92 -7.02
CA LEU A 136 7.81 1.49 -6.02
C LEU A 136 8.61 2.06 -4.85
N PHE A 137 9.11 1.19 -3.99
CA PHE A 137 9.88 1.61 -2.83
C PHE A 137 11.37 1.33 -3.04
N GLN A 138 12.18 1.71 -2.07
CA GLN A 138 13.62 1.51 -2.14
C GLN A 138 13.95 0.06 -2.49
N LYS A 139 14.74 -0.13 -3.53
CA LYS A 139 15.13 -1.47 -3.97
C LYS A 139 15.98 -2.17 -2.91
N SER A 140 15.32 -2.84 -1.98
CA SER A 140 16.01 -3.55 -0.91
C SER A 140 16.97 -2.62 -0.18
N TYR A 141 16.66 -1.33 -0.21
CA TYR A 141 17.49 -0.33 0.46
C TYR A 141 16.93 0.04 1.82
N LEU A 142 16.12 -0.86 2.39
CA LEU A 142 15.52 -0.64 3.69
C LEU A 142 15.81 -1.79 4.64
N ASN A 143 16.36 -1.47 5.80
CA ASN A 143 16.69 -2.49 6.80
C ASN A 143 15.46 -3.31 7.16
N ALA A 144 14.29 -2.76 6.91
CA ALA A 144 13.03 -3.44 7.20
C ALA A 144 13.11 -4.92 6.81
N ILE A 145 12.61 -5.23 5.63
CA ILE A 145 12.62 -6.61 5.13
C ILE A 145 14.04 -7.08 4.87
N ARG A 146 14.96 -6.13 4.67
CA ARG A 146 16.35 -6.45 4.42
C ARG A 146 16.85 -7.54 5.36
N SER A 147 16.64 -7.33 6.65
CA SER A 147 17.06 -8.29 7.66
C SER A 147 16.39 -9.64 7.45
N LYS A 148 17.11 -10.56 6.82
CA LYS A 148 16.58 -11.90 6.56
C LYS A 148 15.92 -12.47 7.80
N CYS A 149 16.46 -12.14 8.97
CA CYS A 149 15.92 -12.63 10.23
C CYS A 149 14.40 -12.49 10.26
N PHE A 150 13.89 -11.48 9.57
CA PHE A 150 12.45 -11.25 9.53
C PHE A 150 11.72 -12.48 9.03
N ALA A 151 11.60 -12.62 7.71
CA ALA A 151 10.92 -13.76 7.11
C ALA A 151 11.39 -15.07 7.73
N MET A 152 12.71 -15.22 7.86
CA MET A 152 13.28 -16.43 8.44
C MET A 152 12.63 -16.75 9.78
N ASP A 153 12.61 -15.77 10.67
CA ASP A 153 12.02 -15.94 11.99
C ASP A 153 10.53 -16.25 11.89
N LEU A 154 9.77 -15.26 11.43
CA LEU A 154 8.32 -15.43 11.28
C LEU A 154 7.99 -16.72 10.51
N GLU A 155 8.91 -17.12 9.64
CA GLU A 155 8.71 -18.34 8.86
C GLU A 155 8.50 -19.55 9.77
N HIS A 156 8.43 -20.73 9.17
CA HIS A 156 8.24 -21.97 9.91
C HIS A 156 8.74 -23.17 9.13
N HIS A 157 8.67 -24.35 9.75
CA HIS A 157 9.11 -25.58 9.10
C HIS A 157 8.45 -25.74 7.74
N HIS A 158 9.24 -25.56 6.67
CA HIS A 158 8.73 -25.69 5.32
C HIS A 158 9.85 -25.52 4.30
N HIS A 159 9.54 -25.76 3.03
CA HIS A 159 10.52 -25.63 1.96
C HIS A 159 9.97 -24.77 0.82
N HIS A 160 10.88 -24.12 0.08
CA HIS A 160 10.48 -23.26 -1.03
C HIS A 160 11.40 -23.48 -2.23
N HIS A 161 10.91 -23.13 -3.41
CA HIS A 161 11.69 -23.28 -4.64
C HIS A 161 10.96 -22.67 -5.82
N ASP B 1 -20.22 -9.83 -1.73
CA ASP B 1 -21.59 -9.44 -2.06
C ASP B 1 -21.80 -9.43 -3.57
N ASP B 2 -21.02 -10.23 -4.28
CA ASP B 2 -21.12 -10.31 -5.74
C ASP B 2 -20.82 -8.96 -6.37
N ASP B 3 -19.58 -8.81 -6.86
CA ASP B 3 -19.16 -7.57 -7.49
C ASP B 3 -17.80 -7.73 -8.14
N GLU B 4 -17.56 -6.99 -9.23
CA GLU B 4 -16.30 -7.05 -9.93
C GLU B 4 -15.12 -6.84 -8.98
N ASP B 5 -14.35 -7.90 -8.77
CA ASP B 5 -13.19 -7.83 -7.88
C ASP B 5 -11.95 -8.41 -8.56
N GLY B 6 -10.84 -8.43 -7.83
CA GLY B 6 -9.60 -8.95 -8.37
C GLY B 6 -8.61 -7.86 -8.74
N TYR B 7 -7.41 -7.94 -8.17
CA TYR B 7 -6.38 -6.95 -8.43
C TYR B 7 -4.99 -7.54 -8.20
N ASN B 8 -4.18 -7.56 -9.25
CA ASN B 8 -2.82 -8.09 -9.15
C ASN B 8 -1.79 -6.97 -9.08
N PRO B 9 -0.81 -7.12 -8.19
CA PRO B 9 0.26 -6.12 -8.01
C PRO B 9 1.20 -6.07 -9.20
N TYR B 10 1.34 -7.18 -9.90
CA TYR B 10 2.23 -7.26 -11.06
C TYR B 10 1.63 -6.51 -12.24
N THR B 11 0.38 -6.10 -12.10
CA THR B 11 -0.32 -5.37 -13.16
C THR B 11 -0.95 -4.09 -12.62
N LEU B 12 -0.71 -2.98 -13.31
CA LEU B 12 -1.26 -1.69 -12.91
C LEU B 12 -2.78 -1.78 -12.71
N MET A 1 -17.99 20.61 -8.06
CA MET A 1 -18.43 19.45 -7.29
C MET A 1 -17.24 18.79 -6.60
N GLN A 2 -16.97 19.21 -5.36
CA GLN A 2 -15.86 18.65 -4.60
C GLN A 2 -16.25 18.47 -3.14
N GLN A 3 -17.49 18.07 -2.91
CA GLN A 3 -17.98 17.86 -1.55
C GLN A 3 -18.58 16.47 -1.39
N ASP A 4 -19.28 16.01 -2.43
CA ASP A 4 -19.90 14.69 -2.41
C ASP A 4 -18.84 13.59 -2.41
N ASP A 5 -17.65 13.91 -2.91
CA ASP A 5 -16.57 12.95 -2.96
C ASP A 5 -15.44 13.36 -2.01
N ASP A 6 -15.79 14.04 -0.93
CA ASP A 6 -14.81 14.49 0.04
C ASP A 6 -14.20 13.31 0.79
N PHE A 7 -13.54 13.60 1.92
CA PHE A 7 -12.92 12.56 2.72
C PHE A 7 -13.90 11.42 2.99
N GLN A 8 -15.19 11.74 2.99
CA GLN A 8 -16.22 10.73 3.22
C GLN A 8 -16.01 9.51 2.34
N ASN A 9 -15.96 9.73 1.03
CA ASN A 9 -15.77 8.64 0.08
C ASN A 9 -14.51 7.84 0.43
N PHE A 10 -13.40 8.54 0.63
CA PHE A 10 -12.14 7.89 0.96
C PHE A 10 -12.29 7.01 2.20
N VAL A 11 -12.48 7.65 3.35
CA VAL A 11 -12.64 6.93 4.61
C VAL A 11 -13.68 5.82 4.47
N ALA A 12 -14.80 6.15 3.84
CA ALA A 12 -15.88 5.18 3.65
C ALA A 12 -15.36 3.91 2.98
N THR A 13 -14.63 4.08 1.88
CA THR A 13 -14.08 2.94 1.14
C THR A 13 -13.19 2.09 2.04
N LEU A 14 -12.23 2.73 2.70
CA LEU A 14 -11.31 2.02 3.59
C LEU A 14 -12.08 1.26 4.67
N GLU A 15 -12.93 1.99 5.39
CA GLU A 15 -13.73 1.38 6.45
C GLU A 15 -14.42 0.12 5.96
N SER A 16 -15.28 0.28 4.96
CA SER A 16 -16.02 -0.85 4.40
C SER A 16 -15.06 -1.96 3.96
N PHE A 17 -13.87 -1.57 3.54
CA PHE A 17 -12.86 -2.52 3.10
C PHE A 17 -12.56 -3.55 4.18
N LYS A 18 -12.00 -3.08 5.29
CA LYS A 18 -11.66 -3.95 6.41
C LYS A 18 -12.89 -4.73 6.88
N ASP A 19 -14.05 -4.09 6.82
CA ASP A 19 -15.29 -4.73 7.25
C ASP A 19 -15.53 -6.01 6.47
N LEU A 20 -15.00 -6.07 5.25
CA LEU A 20 -15.15 -7.24 4.40
C LEU A 20 -14.49 -8.46 5.03
N LYS A 21 -15.12 -9.63 4.85
CA LYS A 21 -14.59 -10.87 5.40
C LYS A 21 -13.43 -11.39 4.54
N SER A 22 -12.37 -10.60 4.43
CA SER A 22 -11.21 -10.99 3.65
C SER A 22 -11.56 -11.07 2.16
N GLY A 23 -12.26 -10.06 1.67
CA GLY A 23 -12.66 -10.04 0.28
C GLY A 23 -11.69 -9.25 -0.59
N ILE A 24 -11.35 -8.05 -0.14
CA ILE A 24 -10.43 -7.19 -0.88
C ILE A 24 -10.94 -6.92 -2.29
N SER A 25 -11.91 -6.01 -2.40
CA SER A 25 -12.49 -5.65 -3.68
C SER A 25 -11.66 -4.58 -4.36
N GLY A 26 -11.29 -4.83 -5.62
CA GLY A 26 -10.50 -3.87 -6.37
C GLY A 26 -11.15 -2.51 -6.43
N SER A 27 -12.48 -2.49 -6.53
CA SER A 27 -13.23 -1.24 -6.61
C SER A 27 -12.82 -0.29 -5.49
N ARG A 28 -12.87 -0.80 -4.25
CA ARG A 28 -12.50 0.00 -3.10
C ARG A 28 -11.14 0.67 -3.29
N ILE A 29 -10.11 -0.16 -3.47
CA ILE A 29 -8.76 0.34 -3.67
C ILE A 29 -8.73 1.44 -4.72
N LYS A 30 -9.44 1.22 -5.83
CA LYS A 30 -9.50 2.20 -6.91
C LYS A 30 -9.98 3.56 -6.39
N LYS A 31 -11.14 3.56 -5.75
CA LYS A 31 -11.72 4.78 -5.20
C LYS A 31 -10.70 5.53 -4.35
N LEU A 32 -10.05 4.81 -3.45
CA LEU A 32 -9.05 5.40 -2.58
C LEU A 32 -7.94 6.08 -3.39
N THR A 33 -7.37 5.33 -4.34
CA THR A 33 -6.32 5.86 -5.19
C THR A 33 -6.78 7.10 -5.94
N THR A 34 -7.65 6.90 -6.93
CA THR A 34 -8.16 8.00 -7.73
C THR A 34 -8.48 9.21 -6.86
N TYR A 35 -9.14 8.96 -5.72
CA TYR A 35 -9.51 10.03 -4.81
C TYR A 35 -8.28 10.81 -4.37
N ALA A 36 -7.31 10.11 -3.79
CA ALA A 36 -6.08 10.74 -3.32
C ALA A 36 -5.47 11.62 -4.41
N LEU A 37 -5.30 11.05 -5.60
CA LEU A 37 -4.71 11.77 -6.73
C LEU A 37 -5.52 13.03 -7.03
N ASP A 38 -6.84 12.87 -7.15
CA ASP A 38 -7.73 13.98 -7.44
C ASP A 38 -7.57 15.08 -6.40
N HIS A 39 -7.17 14.70 -5.19
CA HIS A 39 -6.98 15.64 -4.10
C HIS A 39 -5.62 15.46 -3.44
N ILE A 40 -4.60 16.10 -4.02
CA ILE A 40 -3.25 16.01 -3.49
C ILE A 40 -3.05 16.94 -2.30
N ASP A 41 -4.10 17.69 -1.96
CA ASP A 41 -4.05 18.62 -0.85
C ASP A 41 -4.50 17.96 0.44
N ILE A 42 -4.41 16.63 0.48
CA ILE A 42 -4.81 15.87 1.65
C ILE A 42 -3.95 14.62 1.81
N GLU A 43 -2.70 14.70 1.37
CA GLU A 43 -1.78 13.57 1.47
C GLU A 43 -1.63 13.12 2.91
N SER A 44 -1.66 14.08 3.84
CA SER A 44 -1.51 13.79 5.26
C SER A 44 -2.60 12.82 5.73
N LYS A 45 -3.81 13.33 5.83
CA LYS A 45 -4.96 12.53 6.26
C LYS A 45 -5.00 11.21 5.51
N ILE A 46 -4.86 11.27 4.19
CA ILE A 46 -4.88 10.09 3.35
C ILE A 46 -3.84 9.07 3.80
N ILE A 47 -2.57 9.41 3.60
CA ILE A 47 -1.47 8.53 3.98
C ILE A 47 -1.65 8.03 5.40
N SER A 48 -1.93 8.94 6.33
CA SER A 48 -2.12 8.60 7.73
C SER A 48 -3.22 7.56 7.88
N LEU A 49 -4.32 7.75 7.14
CA LEU A 49 -5.44 6.82 7.19
C LEU A 49 -5.01 5.41 6.82
N ILE A 50 -4.62 5.23 5.57
CA ILE A 50 -4.18 3.92 5.08
C ILE A 50 -3.18 3.29 6.05
N ILE A 51 -2.24 4.09 6.53
CA ILE A 51 -1.23 3.60 7.46
C ILE A 51 -1.87 2.98 8.69
N ASP A 52 -2.67 3.78 9.39
CA ASP A 52 -3.36 3.30 10.60
C ASP A 52 -4.25 2.11 10.28
N TYR A 53 -5.06 2.24 9.24
CA TYR A 53 -5.96 1.18 8.83
C TYR A 53 -5.22 -0.15 8.69
N SER A 54 -4.03 -0.09 8.11
CA SER A 54 -3.21 -1.28 7.92
C SER A 54 -2.83 -1.91 9.25
N ARG A 55 -1.91 -1.26 9.96
CA ARG A 55 -1.45 -1.76 11.25
C ARG A 55 -2.64 -2.23 12.10
N LEU A 56 -3.78 -1.57 11.93
CA LEU A 56 -4.98 -1.92 12.69
C LEU A 56 -5.41 -3.35 12.37
N CYS A 57 -6.11 -3.52 11.26
CA CYS A 57 -6.58 -4.83 10.85
C CYS A 57 -5.46 -5.85 10.89
N PRO A 58 -5.79 -7.09 11.32
CA PRO A 58 -4.81 -8.17 11.42
C PRO A 58 -4.35 -8.67 10.06
N ASP A 59 -4.93 -9.79 9.62
CA ASP A 59 -4.58 -10.37 8.32
C ASP A 59 -5.08 -9.49 7.18
N SER A 60 -6.38 -9.20 7.20
CA SER A 60 -6.99 -8.37 6.16
C SER A 60 -6.05 -7.24 5.74
N HIS A 61 -5.53 -6.52 6.73
CA HIS A 61 -4.62 -5.41 6.47
C HIS A 61 -3.43 -5.87 5.63
N LYS A 62 -2.75 -6.92 6.10
CA LYS A 62 -1.60 -7.46 5.39
C LYS A 62 -1.79 -7.38 3.88
N LEU A 63 -2.63 -8.26 3.35
CA LEU A 63 -2.92 -8.29 1.92
C LEU A 63 -3.59 -6.99 1.47
N GLY A 64 -4.73 -6.68 2.07
CA GLY A 64 -5.45 -5.47 1.72
C GLY A 64 -4.57 -4.25 1.70
N SER A 65 -4.26 -3.73 2.89
CA SER A 65 -3.41 -2.54 3.01
C SER A 65 -2.31 -2.56 1.96
N LEU A 66 -1.57 -3.67 1.89
CA LEU A 66 -0.49 -3.82 0.93
C LEU A 66 -0.92 -3.34 -0.45
N TYR A 67 -1.98 -3.94 -0.97
CA TYR A 67 -2.49 -3.59 -2.29
C TYR A 67 -2.83 -2.10 -2.36
N ILE A 68 -3.46 -1.60 -1.30
CA ILE A 68 -3.83 -0.19 -1.23
C ILE A 68 -2.63 0.71 -1.45
N ILE A 69 -1.61 0.55 -0.61
CA ILE A 69 -0.40 1.35 -0.71
C ILE A 69 0.24 1.22 -2.09
N ASP A 70 0.13 0.02 -2.67
CA ASP A 70 0.68 -0.25 -4.00
C ASP A 70 0.11 0.71 -5.03
N SER A 71 -1.22 0.70 -5.16
CA SER A 71 -1.90 1.56 -6.12
C SER A 71 -1.55 3.02 -5.87
N ILE A 72 -1.91 3.53 -4.70
CA ILE A 72 -1.64 4.92 -4.34
C ILE A 72 -0.18 5.26 -4.55
N GLY A 73 0.71 4.38 -4.08
CA GLY A 73 2.14 4.60 -4.23
C GLY A 73 2.53 4.90 -5.66
N ARG A 74 2.20 3.97 -6.56
CA ARG A 74 2.54 4.12 -7.97
C ARG A 74 2.05 5.47 -8.50
N ALA A 75 0.74 5.72 -8.37
CA ALA A 75 0.14 6.96 -8.83
C ALA A 75 0.86 8.16 -8.23
N TYR A 76 0.91 8.21 -6.90
CA TYR A 76 1.56 9.33 -6.20
C TYR A 76 2.97 9.56 -6.75
N LEU A 77 3.74 8.49 -6.84
CA LEU A 77 5.10 8.56 -7.36
C LEU A 77 5.14 9.31 -8.69
N ASP A 78 4.44 8.76 -9.68
CA ASP A 78 4.39 9.36 -11.00
C ASP A 78 4.00 10.84 -10.92
N GLU A 79 3.02 11.13 -10.06
CA GLU A 79 2.55 12.50 -9.89
C GLU A 79 3.70 13.43 -9.49
N THR A 80 4.13 13.33 -8.23
CA THR A 80 5.22 14.16 -7.73
C THR A 80 6.43 14.07 -8.63
N ARG A 81 6.66 12.89 -9.19
CA ARG A 81 7.80 12.67 -10.08
C ARG A 81 7.80 13.68 -11.23
N SER A 82 6.66 13.78 -11.92
CA SER A 82 6.54 14.71 -13.04
C SER A 82 6.86 16.14 -12.61
N ASN A 83 6.49 16.47 -11.38
CA ASN A 83 6.75 17.81 -10.84
C ASN A 83 6.35 17.88 -9.37
N SER A 84 6.90 18.87 -8.67
CA SER A 84 6.60 19.05 -7.25
C SER A 84 7.09 17.86 -6.43
N ASN A 85 8.28 18.00 -5.85
CA ASN A 85 8.86 16.94 -5.05
C ASN A 85 9.85 17.51 -4.03
N SER A 86 9.90 16.89 -2.85
CA SER A 86 10.80 17.34 -1.79
C SER A 86 10.73 16.40 -0.59
N SER A 87 11.59 16.65 0.39
CA SER A 87 11.62 15.83 1.60
C SER A 87 11.60 16.71 2.85
N SER A 88 10.94 17.86 2.74
CA SER A 88 10.84 18.78 3.86
C SER A 88 10.11 18.14 5.04
N ASN A 89 9.80 18.95 6.05
CA ASN A 89 9.10 18.46 7.24
C ASN A 89 7.59 18.66 7.09
N LYS A 90 6.82 17.85 7.83
CA LYS A 90 5.38 17.93 7.78
C LYS A 90 4.85 17.59 6.40
N PRO A 91 3.55 17.24 6.32
CA PRO A 91 2.90 16.88 5.05
C PRO A 91 2.74 18.08 4.13
N GLY A 92 2.26 17.83 2.92
CA GLY A 92 2.06 18.90 1.96
C GLY A 92 1.57 18.39 0.61
N THR A 93 2.23 17.33 0.11
CA THR A 93 1.86 16.75 -1.17
C THR A 93 2.36 15.32 -1.29
N CYS A 94 2.20 14.74 -2.47
CA CYS A 94 2.63 13.36 -2.71
C CYS A 94 4.04 13.14 -2.16
N ALA A 95 4.91 14.12 -2.35
CA ALA A 95 6.28 14.03 -1.87
C ALA A 95 6.33 13.45 -0.46
N HIS A 96 5.96 14.25 0.52
CA HIS A 96 5.97 13.83 1.92
C HIS A 96 5.18 12.52 2.08
N ALA A 97 4.12 12.38 1.31
CA ALA A 97 3.28 11.18 1.37
C ALA A 97 4.12 9.93 1.15
N ILE A 98 4.78 9.86 0.01
CA ILE A 98 5.62 8.72 -0.32
C ILE A 98 6.67 8.46 0.75
N ASN A 99 7.35 9.53 1.16
CA ASN A 99 8.39 9.42 2.18
C ASN A 99 7.82 8.82 3.47
N THR A 100 6.76 9.43 3.99
CA THR A 100 6.13 8.95 5.21
C THR A 100 5.80 7.46 5.12
N LEU A 101 5.10 7.08 4.06
CA LEU A 101 4.72 5.68 3.85
C LEU A 101 5.94 4.77 3.97
N GLY A 102 6.96 5.05 3.15
CA GLY A 102 8.17 4.25 3.19
C GLY A 102 8.83 4.24 4.54
N GLU A 103 8.43 5.19 5.40
CA GLU A 103 9.00 5.28 6.74
C GLU A 103 8.24 4.38 7.71
N VAL A 104 7.09 3.88 7.28
CA VAL A 104 6.27 3.01 8.11
C VAL A 104 6.03 1.66 7.43
N ILE A 105 6.24 1.62 6.12
CA ILE A 105 6.05 0.39 5.35
C ILE A 105 6.79 -0.77 5.99
N GLN A 106 7.89 -0.47 6.68
CA GLN A 106 8.69 -1.49 7.34
C GLN A 106 7.80 -2.40 8.19
N GLU A 107 7.28 -1.86 9.29
CA GLU A 107 6.42 -2.63 10.19
C GLU A 107 5.23 -3.21 9.43
N LEU A 108 4.69 -2.43 8.50
CA LEU A 108 3.54 -2.86 7.70
C LEU A 108 3.85 -4.17 6.98
N LEU A 109 4.70 -4.09 5.96
CA LEU A 109 5.08 -5.27 5.19
C LEU A 109 5.55 -6.39 6.11
N SER A 110 6.65 -6.16 6.82
CA SER A 110 7.20 -7.15 7.72
C SER A 110 6.09 -7.92 8.42
N ASP A 111 5.29 -7.22 9.20
CA ASP A 111 4.18 -7.84 9.92
C ASP A 111 3.33 -8.71 8.99
N ALA A 112 2.96 -8.13 7.85
CA ALA A 112 2.15 -8.85 6.87
C ALA A 112 2.82 -10.16 6.46
N ILE A 113 4.06 -10.05 5.97
CA ILE A 113 4.81 -11.22 5.54
C ILE A 113 4.90 -12.26 6.66
N ALA A 114 5.19 -11.80 7.87
CA ALA A 114 5.29 -12.68 9.02
C ALA A 114 4.02 -13.49 9.21
N LYS A 115 2.94 -12.82 9.58
CA LYS A 115 1.66 -13.48 9.80
C LYS A 115 1.24 -14.26 8.55
N SER A 116 1.26 -13.60 7.40
CA SER A 116 0.88 -14.23 6.15
C SER A 116 1.52 -15.62 6.02
N ASN A 117 0.75 -16.57 5.51
CA ASN A 117 1.23 -17.93 5.34
C ASN A 117 1.88 -18.10 3.97
N GLN A 118 2.15 -19.36 3.60
CA GLN A 118 2.77 -19.66 2.31
C GLN A 118 2.08 -18.91 1.18
N ASP A 119 0.76 -19.07 1.09
CA ASP A 119 -0.02 -18.40 0.06
C ASP A 119 0.05 -16.88 0.22
N HIS A 120 -0.48 -16.39 1.33
CA HIS A 120 -0.48 -14.95 1.60
C HIS A 120 0.91 -14.36 1.39
N LYS A 121 1.88 -14.86 2.15
CA LYS A 121 3.26 -14.39 2.04
C LYS A 121 3.71 -14.35 0.58
N GLU A 122 3.23 -15.31 -0.20
CA GLU A 122 3.59 -15.39 -1.62
C GLU A 122 3.16 -14.12 -2.36
N LYS A 123 1.89 -13.76 -2.23
CA LYS A 123 1.37 -12.57 -2.88
C LYS A 123 2.19 -11.34 -2.52
N ILE A 124 2.55 -11.22 -1.25
CA ILE A 124 3.34 -10.09 -0.78
C ILE A 124 4.70 -10.06 -1.46
N ARG A 125 5.35 -11.22 -1.54
CA ARG A 125 6.66 -11.33 -2.16
C ARG A 125 6.63 -10.79 -3.59
N MET A 126 5.78 -11.39 -4.42
CA MET A 126 5.65 -10.97 -5.82
C MET A 126 5.39 -9.47 -5.90
N LEU A 127 4.48 -8.98 -5.07
CA LEU A 127 4.14 -7.56 -5.06
C LEU A 127 5.39 -6.70 -4.88
N LEU A 128 6.21 -7.07 -3.90
CA LEU A 128 7.44 -6.33 -3.63
C LEU A 128 8.32 -6.25 -4.86
N ASP A 129 8.54 -7.40 -5.50
CA ASP A 129 9.36 -7.47 -6.71
C ASP A 129 8.92 -6.42 -7.72
N ILE A 130 7.63 -6.40 -8.02
CA ILE A 130 7.08 -5.45 -8.98
C ILE A 130 7.38 -4.02 -8.56
N TRP A 131 7.23 -3.74 -7.27
CA TRP A 131 7.49 -2.41 -6.75
C TRP A 131 8.89 -1.94 -7.11
N ASP A 132 9.89 -2.73 -6.75
CA ASP A 132 11.28 -2.39 -7.05
C ASP A 132 11.48 -2.13 -8.54
N ARG A 133 10.98 -3.05 -9.36
CA ARG A 133 11.10 -2.93 -10.81
C ARG A 133 10.54 -1.58 -11.28
N SER A 134 9.22 -1.43 -11.21
CA SER A 134 8.56 -0.21 -11.63
C SER A 134 9.12 0.99 -10.88
N GLY A 135 8.79 1.09 -9.59
CA GLY A 135 9.27 2.19 -8.77
C GLY A 135 8.13 3.05 -8.26
N LEU A 136 7.80 2.89 -6.98
CA LEU A 136 6.74 3.66 -6.36
C LEU A 136 7.06 3.99 -4.92
N PHE A 137 8.33 3.81 -4.55
CA PHE A 137 8.78 4.08 -3.19
C PHE A 137 10.11 4.82 -3.20
N GLN A 138 11.19 4.09 -3.47
CA GLN A 138 12.53 4.68 -3.51
C GLN A 138 13.29 4.22 -4.75
N LYS A 139 14.15 5.09 -5.25
CA LYS A 139 14.94 4.77 -6.43
C LYS A 139 16.00 3.71 -6.12
N SER A 140 16.17 3.42 -4.84
CA SER A 140 17.14 2.42 -4.40
C SER A 140 16.45 1.21 -3.79
N TYR A 141 16.03 1.34 -2.54
CA TYR A 141 15.35 0.25 -1.84
C TYR A 141 15.07 0.62 -0.40
N LEU A 142 14.61 -0.36 0.38
CA LEU A 142 14.29 -0.13 1.78
C LEU A 142 14.80 -1.27 2.65
N ASN A 143 15.60 -0.94 3.66
CA ASN A 143 16.14 -1.95 4.56
C ASN A 143 15.04 -2.81 5.16
N ALA A 144 13.82 -2.26 5.18
CA ALA A 144 12.68 -2.99 5.73
C ALA A 144 12.69 -4.45 5.31
N ILE A 145 11.98 -4.76 4.23
CA ILE A 145 11.92 -6.13 3.72
C ILE A 145 13.27 -6.57 3.18
N ARG A 146 14.09 -5.61 2.78
CA ARG A 146 15.42 -5.89 2.25
C ARG A 146 16.10 -6.99 3.05
N SER A 147 16.16 -6.81 4.37
CA SER A 147 16.80 -7.79 5.25
C SER A 147 16.21 -9.17 5.03
N LYS A 148 16.93 -10.00 4.27
CA LYS A 148 16.48 -11.36 3.99
C LYS A 148 16.00 -12.05 5.26
N CYS A 149 16.56 -11.67 6.39
CA CYS A 149 16.19 -12.24 7.67
C CYS A 149 14.67 -12.31 7.82
N PHE A 150 13.98 -11.33 7.24
CA PHE A 150 12.53 -11.26 7.30
C PHE A 150 11.91 -12.56 6.79
N ALA A 151 11.73 -12.65 5.47
CA ALA A 151 11.14 -13.83 4.86
C ALA A 151 11.81 -15.10 5.37
N MET A 152 13.13 -15.17 5.23
CA MET A 152 13.89 -16.33 5.68
C MET A 152 13.40 -16.79 7.05
N ASP A 153 13.21 -15.84 7.96
CA ASP A 153 12.75 -16.15 9.31
C ASP A 153 11.28 -16.59 9.30
N LEU A 154 10.39 -15.66 9.04
CA LEU A 154 8.96 -15.94 8.99
C LEU A 154 8.68 -17.20 8.16
N GLU A 155 9.52 -17.43 7.15
CA GLU A 155 9.36 -18.58 6.28
C GLU A 155 10.01 -19.82 6.90
N HIS A 156 11.07 -19.61 7.66
CA HIS A 156 11.79 -20.70 8.32
C HIS A 156 10.80 -21.65 9.01
N HIS A 157 10.66 -22.84 8.45
CA HIS A 157 9.76 -23.84 9.01
C HIS A 157 10.30 -25.25 8.79
N HIS A 158 9.46 -26.25 9.04
CA HIS A 158 9.85 -27.64 8.86
C HIS A 158 10.49 -27.86 7.49
N HIS A 159 11.47 -28.75 7.43
CA HIS A 159 12.16 -29.05 6.19
C HIS A 159 11.16 -29.39 5.09
N HIS A 160 11.62 -29.32 3.84
CA HIS A 160 10.76 -29.61 2.69
C HIS A 160 11.54 -30.36 1.61
N HIS A 161 10.93 -30.49 0.43
CA HIS A 161 11.57 -31.18 -0.68
C HIS A 161 12.94 -30.59 -0.97
N ASP B 1 -17.07 -14.03 -4.00
CA ASP B 1 -17.69 -12.72 -3.80
C ASP B 1 -17.93 -12.02 -5.15
N ASP B 2 -18.44 -10.80 -5.08
CA ASP B 2 -18.71 -10.02 -6.28
C ASP B 2 -17.60 -9.01 -6.55
N ASP B 3 -17.77 -8.22 -7.60
CA ASP B 3 -16.78 -7.21 -7.95
C ASP B 3 -15.45 -7.85 -8.32
N GLU B 4 -14.49 -7.04 -8.73
CA GLU B 4 -13.17 -7.53 -9.11
C GLU B 4 -12.27 -7.71 -7.89
N ASP B 5 -12.41 -8.84 -7.22
CA ASP B 5 -11.61 -9.12 -6.03
C ASP B 5 -10.31 -9.81 -6.40
N GLY B 6 -9.31 -9.02 -6.80
CA GLY B 6 -8.03 -9.57 -7.18
C GLY B 6 -7.13 -8.54 -7.84
N TYR B 7 -7.20 -7.30 -7.35
CA TYR B 7 -6.39 -6.22 -7.90
C TYR B 7 -4.91 -6.59 -7.87
N ASN B 8 -4.30 -6.67 -9.06
CA ASN B 8 -2.89 -7.02 -9.18
C ASN B 8 -2.04 -5.76 -9.33
N PRO B 9 -0.90 -5.73 -8.63
CA PRO B 9 0.03 -4.60 -8.68
C PRO B 9 0.74 -4.48 -10.02
N TYR B 10 0.82 -5.60 -10.74
CA TYR B 10 1.49 -5.62 -12.04
C TYR B 10 0.62 -4.94 -13.09
N THR B 11 -0.66 -4.77 -12.79
CA THR B 11 -1.60 -4.14 -13.71
C THR B 11 -2.51 -3.16 -12.99
N LEU B 12 -2.39 -1.88 -13.33
CA LEU B 12 -3.21 -0.84 -12.72
C LEU B 12 -4.67 -0.99 -13.13
N MET A 1 -13.46 17.14 -5.78
CA MET A 1 -13.21 18.57 -5.97
C MET A 1 -14.08 19.40 -5.04
N GLN A 2 -15.20 18.83 -4.62
CA GLN A 2 -16.13 19.52 -3.73
C GLN A 2 -16.39 18.69 -2.47
N GLN A 3 -17.18 19.26 -1.55
CA GLN A 3 -17.50 18.58 -0.30
C GLN A 3 -18.25 17.27 -0.57
N ASP A 4 -18.80 17.15 -1.78
CA ASP A 4 -19.54 15.96 -2.16
C ASP A 4 -18.67 14.71 -2.04
N ASP A 5 -17.35 14.92 -2.08
CA ASP A 5 -16.41 13.82 -1.98
C ASP A 5 -15.21 14.20 -1.12
N ASP A 6 -15.45 14.30 0.19
CA ASP A 6 -14.38 14.66 1.13
C ASP A 6 -13.82 13.42 1.81
N PHE A 7 -13.10 13.63 2.91
CA PHE A 7 -12.50 12.54 3.66
C PHE A 7 -13.51 11.42 3.90
N GLN A 8 -14.79 11.79 3.94
CA GLN A 8 -15.87 10.84 4.16
C GLN A 8 -15.73 9.64 3.22
N ASN A 9 -15.73 9.92 1.92
CA ASN A 9 -15.61 8.87 0.92
C ASN A 9 -14.40 8.00 1.18
N PHE A 10 -13.24 8.63 1.35
CA PHE A 10 -12.01 7.90 1.61
C PHE A 10 -12.15 7.00 2.83
N VAL A 11 -12.24 7.61 4.01
CA VAL A 11 -12.38 6.87 5.25
C VAL A 11 -13.47 5.80 5.13
N ALA A 12 -14.60 6.19 4.55
CA ALA A 12 -15.72 5.27 4.37
C ALA A 12 -15.27 3.99 3.65
N THR A 13 -14.56 4.16 2.55
CA THR A 13 -14.08 3.02 1.78
C THR A 13 -13.21 2.10 2.63
N LEU A 14 -12.19 2.68 3.26
CA LEU A 14 -11.28 1.91 4.11
C LEU A 14 -12.07 1.17 5.20
N GLU A 15 -12.88 1.91 5.95
CA GLU A 15 -13.67 1.32 7.02
C GLU A 15 -14.44 0.09 6.52
N SER A 16 -15.24 0.29 5.48
CA SER A 16 -16.03 -0.79 4.91
C SER A 16 -15.13 -1.96 4.50
N PHE A 17 -13.90 -1.65 4.12
CA PHE A 17 -12.94 -2.66 3.69
C PHE A 17 -12.73 -3.69 4.81
N LYS A 18 -12.22 -3.22 5.95
CA LYS A 18 -11.96 -4.10 7.08
C LYS A 18 -13.24 -4.83 7.50
N ASP A 19 -14.36 -4.14 7.41
CA ASP A 19 -15.65 -4.73 7.78
C ASP A 19 -15.91 -6.01 7.00
N LEU A 20 -15.28 -6.12 5.83
CA LEU A 20 -15.44 -7.30 4.98
C LEU A 20 -14.79 -8.52 5.61
N LYS A 21 -15.45 -9.66 5.47
CA LYS A 21 -14.92 -10.91 6.02
C LYS A 21 -13.79 -11.46 5.16
N SER A 22 -12.71 -10.69 5.06
CA SER A 22 -11.56 -11.10 4.26
C SER A 22 -11.92 -11.19 2.78
N GLY A 23 -12.53 -10.12 2.27
CA GLY A 23 -12.92 -10.10 0.87
C GLY A 23 -11.96 -9.29 0.02
N ILE A 24 -11.71 -8.04 0.43
CA ILE A 24 -10.81 -7.17 -0.30
C ILE A 24 -11.30 -6.94 -1.73
N SER A 25 -12.24 -6.02 -1.89
CA SER A 25 -12.79 -5.71 -3.20
C SER A 25 -12.00 -4.59 -3.87
N GLY A 26 -11.66 -4.81 -5.13
CA GLY A 26 -10.90 -3.82 -5.87
C GLY A 26 -11.59 -2.46 -5.90
N SER A 27 -12.92 -2.48 -5.94
CA SER A 27 -13.69 -1.24 -5.97
C SER A 27 -13.23 -0.28 -4.89
N ARG A 28 -13.22 -0.76 -3.64
CA ARG A 28 -12.79 0.05 -2.52
C ARG A 28 -11.46 0.74 -2.80
N ILE A 29 -10.44 -0.07 -3.08
CA ILE A 29 -9.11 0.45 -3.38
C ILE A 29 -9.18 1.56 -4.42
N LYS A 30 -9.98 1.34 -5.46
CA LYS A 30 -10.13 2.32 -6.52
C LYS A 30 -10.58 3.68 -5.96
N LYS A 31 -11.69 3.67 -5.25
CA LYS A 31 -12.23 4.89 -4.66
C LYS A 31 -11.15 5.64 -3.88
N LEU A 32 -10.42 4.90 -3.03
CA LEU A 32 -9.36 5.49 -2.23
C LEU A 32 -8.31 6.16 -3.12
N THR A 33 -7.82 5.41 -4.11
CA THR A 33 -6.82 5.93 -5.03
C THR A 33 -7.32 7.19 -5.74
N THR A 34 -8.27 7.02 -6.64
CA THR A 34 -8.83 8.13 -7.39
C THR A 34 -9.07 9.33 -6.48
N TYR A 35 -9.66 9.08 -5.31
CA TYR A 35 -9.95 10.14 -4.36
C TYR A 35 -8.67 10.87 -3.96
N ALA A 36 -7.69 10.12 -3.48
CA ALA A 36 -6.42 10.70 -3.06
C ALA A 36 -5.88 11.66 -4.10
N LEU A 37 -5.70 11.16 -5.33
CA LEU A 37 -5.18 11.98 -6.42
C LEU A 37 -6.08 13.19 -6.65
N ASP A 38 -7.38 12.96 -6.72
CA ASP A 38 -8.34 14.04 -6.94
C ASP A 38 -8.20 15.11 -5.86
N HIS A 39 -7.72 14.70 -4.69
CA HIS A 39 -7.54 15.63 -3.57
C HIS A 39 -6.14 15.51 -2.99
N ILE A 40 -5.19 16.20 -3.60
CA ILE A 40 -3.81 16.18 -3.14
C ILE A 40 -3.61 17.07 -1.93
N ASP A 41 -4.68 17.73 -1.51
CA ASP A 41 -4.63 18.62 -0.35
C ASP A 41 -4.95 17.86 0.93
N ILE A 42 -4.82 16.54 0.89
CA ILE A 42 -5.11 15.70 2.05
C ILE A 42 -4.21 14.48 2.07
N GLU A 43 -3.01 14.62 1.50
CA GLU A 43 -2.06 13.52 1.45
C GLU A 43 -1.73 13.03 2.86
N SER A 44 -1.67 13.96 3.81
CA SER A 44 -1.36 13.63 5.19
C SER A 44 -2.37 12.63 5.74
N LYS A 45 -3.58 13.11 6.02
CA LYS A 45 -4.64 12.26 6.54
C LYS A 45 -4.75 10.96 5.75
N ILE A 46 -4.74 11.08 4.43
CA ILE A 46 -4.85 9.92 3.56
C ILE A 46 -3.74 8.92 3.86
N ILE A 47 -2.51 9.27 3.48
CA ILE A 47 -1.37 8.40 3.70
C ILE A 47 -1.36 7.87 5.13
N SER A 48 -1.56 8.76 6.10
CA SER A 48 -1.57 8.38 7.51
C SER A 48 -2.63 7.32 7.78
N LEU A 49 -3.80 7.51 7.19
CA LEU A 49 -4.90 6.58 7.36
C LEU A 49 -4.50 5.17 6.93
N ILE A 50 -4.28 5.00 5.62
CA ILE A 50 -3.88 3.71 5.09
C ILE A 50 -2.79 3.07 5.93
N ILE A 51 -1.79 3.85 6.29
CA ILE A 51 -0.67 3.36 7.10
C ILE A 51 -1.18 2.79 8.42
N ASP A 52 -1.90 3.61 9.19
CA ASP A 52 -2.44 3.18 10.46
C ASP A 52 -3.31 1.93 10.30
N TYR A 53 -4.21 1.98 9.32
CA TYR A 53 -5.10 0.86 9.07
C TYR A 53 -4.32 -0.44 8.85
N SER A 54 -3.15 -0.31 8.22
CA SER A 54 -2.31 -1.46 7.95
C SER A 54 -1.83 -2.11 9.25
N ARG A 55 -0.88 -1.46 9.91
CA ARG A 55 -0.33 -1.97 11.16
C ARG A 55 -1.44 -2.19 12.18
N LEU A 56 -2.53 -1.45 12.03
CA LEU A 56 -3.66 -1.56 12.95
C LEU A 56 -3.96 -3.03 13.26
N CYS A 57 -4.57 -3.72 12.30
CA CYS A 57 -4.91 -5.13 12.48
C CYS A 57 -3.81 -6.02 11.94
N PRO A 58 -3.91 -7.33 12.22
CA PRO A 58 -2.93 -8.32 11.76
C PRO A 58 -2.99 -8.55 10.25
N ASP A 59 -2.48 -9.69 9.81
CA ASP A 59 -2.48 -10.02 8.39
C ASP A 59 -3.67 -9.40 7.68
N SER A 60 -4.86 -9.64 8.22
CA SER A 60 -6.09 -9.11 7.64
C SER A 60 -5.83 -7.75 6.98
N HIS A 61 -5.73 -6.72 7.80
CA HIS A 61 -5.48 -5.37 7.31
C HIS A 61 -4.15 -5.30 6.56
N LYS A 62 -3.16 -6.01 7.08
CA LYS A 62 -1.83 -6.03 6.46
C LYS A 62 -1.93 -6.22 4.95
N LEU A 63 -2.53 -7.33 4.54
CA LEU A 63 -2.69 -7.63 3.12
C LEU A 63 -3.49 -6.54 2.43
N GLY A 64 -4.72 -6.34 2.89
CA GLY A 64 -5.58 -5.31 2.31
C GLY A 64 -4.87 -3.98 2.15
N SER A 65 -4.43 -3.42 3.27
CA SER A 65 -3.75 -2.13 3.26
C SER A 65 -2.66 -2.11 2.19
N LEU A 66 -1.84 -3.15 2.18
CA LEU A 66 -0.75 -3.25 1.21
C LEU A 66 -1.24 -2.95 -0.20
N TYR A 67 -2.30 -3.66 -0.62
CA TYR A 67 -2.87 -3.47 -1.95
C TYR A 67 -3.24 -2.00 -2.17
N ILE A 68 -3.92 -1.41 -1.19
CA ILE A 68 -4.34 -0.02 -1.28
C ILE A 68 -3.15 0.90 -1.53
N ILE A 69 -2.10 0.74 -0.72
CA ILE A 69 -0.90 1.54 -0.85
C ILE A 69 -0.30 1.41 -2.25
N ASP A 70 -0.33 0.19 -2.78
CA ASP A 70 0.21 -0.07 -4.11
C ASP A 70 -0.44 0.84 -5.15
N SER A 71 -1.77 0.80 -5.21
CA SER A 71 -2.52 1.62 -6.17
C SER A 71 -2.17 3.09 -6.01
N ILE A 72 -2.37 3.62 -4.81
CA ILE A 72 -2.07 5.02 -4.53
C ILE A 72 -0.63 5.35 -4.88
N GLY A 73 0.29 4.47 -4.50
CA GLY A 73 1.70 4.69 -4.78
C GLY A 73 1.97 4.93 -6.26
N ARG A 74 1.59 3.96 -7.08
CA ARG A 74 1.78 4.06 -8.52
C ARG A 74 1.24 5.38 -9.06
N ALA A 75 -0.04 5.63 -8.79
CA ALA A 75 -0.69 6.86 -9.24
C ALA A 75 0.07 8.09 -8.76
N TYR A 76 0.22 8.20 -7.44
CA TYR A 76 0.92 9.34 -6.86
C TYR A 76 2.28 9.53 -7.51
N LEU A 77 3.01 8.44 -7.68
CA LEU A 77 4.34 8.49 -8.29
C LEU A 77 4.29 9.22 -9.63
N ASP A 78 3.44 8.75 -10.53
CA ASP A 78 3.29 9.35 -11.85
C ASP A 78 2.97 10.84 -11.72
N GLU A 79 2.06 11.17 -10.81
CA GLU A 79 1.67 12.56 -10.60
C GLU A 79 2.88 13.44 -10.29
N THR A 80 3.41 13.28 -9.09
CA THR A 80 4.58 14.05 -8.66
C THR A 80 5.71 13.94 -9.67
N ARG A 81 5.85 12.76 -10.27
CA ARG A 81 6.90 12.51 -11.25
C ARG A 81 6.85 13.57 -12.36
N SER A 82 5.68 13.77 -12.94
CA SER A 82 5.51 14.74 -14.01
C SER A 82 5.98 16.13 -13.56
N ASN A 83 5.97 16.36 -12.26
CA ASN A 83 6.40 17.64 -11.69
C ASN A 83 7.64 17.46 -10.82
N SER A 84 7.95 18.49 -10.04
CA SER A 84 9.11 18.44 -9.16
C SER A 84 8.76 17.83 -7.81
N ASN A 85 9.10 16.55 -7.65
CA ASN A 85 8.81 15.85 -6.40
C ASN A 85 9.41 16.58 -5.22
N SER A 86 8.58 17.31 -4.49
CA SER A 86 9.02 18.07 -3.33
C SER A 86 9.28 17.14 -2.15
N SER A 87 10.50 16.59 -2.10
CA SER A 87 10.88 15.67 -1.02
C SER A 87 11.72 16.40 0.03
N SER A 88 11.24 16.37 1.27
CA SER A 88 11.94 17.03 2.37
C SER A 88 11.60 16.38 3.70
N ASN A 89 10.38 16.65 4.18
CA ASN A 89 9.93 16.09 5.45
C ASN A 89 8.47 16.46 5.72
N LYS A 90 7.77 15.60 6.46
CA LYS A 90 6.37 15.84 6.78
C LYS A 90 5.51 15.86 5.52
N PRO A 91 4.20 15.66 5.70
CA PRO A 91 3.25 15.65 4.59
C PRO A 91 3.05 17.02 3.97
N GLY A 92 2.41 17.06 2.80
CA GLY A 92 2.18 18.33 2.13
C GLY A 92 1.54 18.14 0.76
N THR A 93 1.93 17.08 0.06
CA THR A 93 1.40 16.80 -1.26
C THR A 93 1.84 15.42 -1.75
N CYS A 94 1.51 15.10 -2.99
CA CYS A 94 1.88 13.82 -3.59
C CYS A 94 3.31 13.44 -3.21
N ALA A 95 4.24 14.36 -3.45
CA ALA A 95 5.64 14.12 -3.14
C ALA A 95 5.82 13.64 -1.71
N HIS A 96 5.42 14.48 -0.76
CA HIS A 96 5.53 14.14 0.65
C HIS A 96 4.86 12.79 0.95
N ALA A 97 3.68 12.60 0.36
CA ALA A 97 2.94 11.36 0.56
C ALA A 97 3.82 10.14 0.29
N ILE A 98 4.35 10.05 -0.92
CA ILE A 98 5.20 8.94 -1.31
C ILE A 98 6.38 8.80 -0.34
N ASN A 99 7.03 9.91 -0.04
CA ASN A 99 8.16 9.92 0.87
C ASN A 99 7.79 9.27 2.20
N THR A 100 6.71 9.76 2.81
CA THR A 100 6.25 9.24 4.09
C THR A 100 6.04 7.72 4.02
N LEU A 101 5.26 7.29 3.04
CA LEU A 101 4.97 5.86 2.87
C LEU A 101 6.26 5.06 2.81
N GLY A 102 7.14 5.42 1.88
CA GLY A 102 8.41 4.72 1.74
C GLY A 102 9.23 4.76 3.01
N GLU A 103 8.88 5.64 3.93
CA GLU A 103 9.60 5.78 5.19
C GLU A 103 8.99 4.87 6.25
N VAL A 104 7.84 4.28 5.93
CA VAL A 104 7.16 3.38 6.87
C VAL A 104 6.92 2.01 6.23
N ILE A 105 7.03 1.95 4.91
CA ILE A 105 6.82 0.71 4.19
C ILE A 105 7.64 -0.42 4.79
N GLN A 106 8.77 -0.08 5.39
CA GLN A 106 9.65 -1.07 6.00
C GLN A 106 8.88 -1.91 7.02
N GLU A 107 8.53 -1.31 8.14
CA GLU A 107 7.79 -2.01 9.18
C GLU A 107 6.50 -2.62 8.63
N LEU A 108 5.84 -1.87 7.75
CA LEU A 108 4.60 -2.33 7.14
C LEU A 108 4.79 -3.69 6.47
N LEU A 109 5.62 -3.71 5.43
CA LEU A 109 5.89 -4.94 4.70
C LEU A 109 6.35 -6.05 5.65
N SER A 110 7.55 -5.91 6.19
CA SER A 110 8.10 -6.90 7.11
C SER A 110 7.00 -7.48 8.00
N ASP A 111 6.35 -6.61 8.76
CA ASP A 111 5.28 -7.03 9.66
C ASP A 111 4.24 -7.85 8.91
N ALA A 112 3.76 -7.32 7.79
CA ALA A 112 2.76 -8.00 6.98
C ALA A 112 3.23 -9.40 6.59
N ILE A 113 4.40 -9.48 5.96
CA ILE A 113 4.96 -10.74 5.53
C ILE A 113 5.06 -11.72 6.70
N ALA A 114 5.64 -11.25 7.80
CA ALA A 114 5.80 -12.08 8.99
C ALA A 114 4.44 -12.58 9.50
N LYS A 115 3.62 -11.65 9.98
CA LYS A 115 2.29 -12.00 10.49
C LYS A 115 1.54 -12.88 9.49
N SER A 116 1.58 -12.50 8.22
CA SER A 116 0.90 -13.24 7.17
C SER A 116 1.35 -14.69 7.16
N ASN A 117 0.49 -15.57 6.67
CA ASN A 117 0.80 -17.00 6.59
C ASN A 117 1.33 -17.37 5.21
N GLN A 118 1.49 -18.67 4.97
CA GLN A 118 1.98 -19.16 3.69
C GLN A 118 1.26 -18.47 2.53
N ASP A 119 -0.07 -18.50 2.57
CA ASP A 119 -0.87 -17.88 1.53
C ASP A 119 -0.63 -16.37 1.47
N HIS A 120 -1.05 -15.66 2.52
CA HIS A 120 -0.87 -14.21 2.58
C HIS A 120 0.56 -13.83 2.22
N LYS A 121 1.52 -14.34 2.98
CA LYS A 121 2.92 -14.04 2.73
C LYS A 121 3.25 -14.17 1.25
N GLU A 122 2.66 -15.17 0.60
CA GLU A 122 2.91 -15.39 -0.82
C GLU A 122 2.47 -14.19 -1.64
N LYS A 123 1.29 -13.66 -1.32
CA LYS A 123 0.76 -12.51 -2.05
C LYS A 123 1.71 -11.33 -1.96
N ILE A 124 2.17 -11.02 -0.76
CA ILE A 124 3.09 -9.91 -0.54
C ILE A 124 4.36 -10.09 -1.37
N ARG A 125 4.96 -11.28 -1.29
CA ARG A 125 6.18 -11.57 -2.03
C ARG A 125 6.02 -11.19 -3.50
N MET A 126 4.95 -11.69 -4.12
CA MET A 126 4.69 -11.40 -5.52
C MET A 126 4.63 -9.90 -5.77
N LEU A 127 3.82 -9.20 -4.97
CA LEU A 127 3.67 -7.76 -5.11
C LEU A 127 5.03 -7.07 -5.08
N LEU A 128 5.90 -7.51 -4.18
CA LEU A 128 7.23 -6.94 -4.05
C LEU A 128 7.99 -7.02 -5.37
N ASP A 129 7.99 -8.20 -5.98
CA ASP A 129 8.67 -8.40 -7.25
C ASP A 129 8.21 -7.39 -8.29
N ILE A 130 6.89 -7.30 -8.48
CA ILE A 130 6.32 -6.36 -9.44
C ILE A 130 6.78 -4.94 -9.16
N TRP A 131 6.79 -4.56 -7.89
CA TRP A 131 7.21 -3.22 -7.49
C TRP A 131 8.61 -2.92 -8.00
N ASP A 132 9.56 -3.80 -7.68
CA ASP A 132 10.94 -3.62 -8.11
C ASP A 132 11.02 -3.42 -9.62
N ARG A 133 10.41 -4.34 -10.36
CA ARG A 133 10.40 -4.26 -11.82
C ARG A 133 9.85 -2.92 -12.30
N SER A 134 8.54 -2.73 -12.15
CA SER A 134 7.88 -1.50 -12.56
C SER A 134 8.51 -0.30 -11.87
N GLY A 135 8.15 -0.11 -10.60
CA GLY A 135 8.68 1.02 -9.84
C GLY A 135 7.61 2.04 -9.48
N LEU A 136 7.07 1.93 -8.28
CA LEU A 136 6.03 2.85 -7.83
C LEU A 136 6.49 3.61 -6.59
N PHE A 137 7.45 3.05 -5.87
CA PHE A 137 7.98 3.67 -4.67
C PHE A 137 9.49 3.90 -4.78
N GLN A 138 10.25 2.82 -4.66
CA GLN A 138 11.70 2.91 -4.75
C GLN A 138 12.20 2.41 -6.11
N LYS A 139 12.72 3.33 -6.92
CA LYS A 139 13.23 2.99 -8.23
C LYS A 139 14.26 1.88 -8.15
N SER A 140 14.92 1.76 -6.99
CA SER A 140 15.94 0.74 -6.79
C SER A 140 15.48 -0.27 -5.75
N TYR A 141 15.57 0.11 -4.47
CA TYR A 141 15.17 -0.76 -3.38
C TYR A 141 15.53 -0.14 -2.03
N LEU A 142 15.06 -0.79 -0.96
CA LEU A 142 15.33 -0.30 0.39
C LEU A 142 15.73 -1.44 1.31
N ASN A 143 16.45 -1.12 2.39
CA ASN A 143 16.90 -2.12 3.34
C ASN A 143 15.72 -2.92 3.89
N ALA A 144 14.54 -2.31 3.86
CA ALA A 144 13.33 -2.96 4.35
C ALA A 144 13.32 -4.45 3.97
N ILE A 145 12.65 -4.77 2.87
CA ILE A 145 12.57 -6.14 2.40
C ILE A 145 13.92 -6.64 1.90
N ARG A 146 14.80 -5.69 1.55
CA ARG A 146 16.12 -6.04 1.06
C ARG A 146 16.72 -7.20 1.85
N SER A 147 16.71 -7.08 3.17
CA SER A 147 17.25 -8.12 4.04
C SER A 147 16.42 -9.40 3.93
N LYS A 148 16.81 -10.27 3.00
CA LYS A 148 16.10 -11.53 2.79
C LYS A 148 15.74 -12.18 4.13
N CYS A 149 16.53 -11.88 5.15
CA CYS A 149 16.29 -12.43 6.48
C CYS A 149 14.82 -12.33 6.86
N PHE A 150 14.15 -11.33 6.31
CA PHE A 150 12.73 -11.11 6.59
C PHE A 150 11.91 -12.37 6.28
N ALA A 151 11.95 -12.78 5.01
CA ALA A 151 11.22 -13.96 4.57
C ALA A 151 11.82 -15.23 5.18
N MET A 152 13.12 -15.39 5.03
CA MET A 152 13.82 -16.56 5.56
C MET A 152 13.36 -16.85 7.00
N ASP A 153 13.18 -15.79 7.77
CA ASP A 153 12.75 -15.94 9.16
C ASP A 153 11.29 -16.36 9.25
N LEU A 154 10.40 -15.47 8.86
CA LEU A 154 8.97 -15.75 8.89
C LEU A 154 8.65 -17.05 8.17
N GLU A 155 9.45 -17.37 7.16
CA GLU A 155 9.27 -18.59 6.39
C GLU A 155 9.88 -19.79 7.12
N HIS A 156 9.78 -20.97 6.51
CA HIS A 156 10.32 -22.19 7.09
C HIS A 156 11.51 -22.69 6.29
N HIS A 157 12.11 -23.79 6.74
CA HIS A 157 13.25 -24.38 6.06
C HIS A 157 12.97 -24.58 4.58
N HIS A 158 14.01 -24.46 3.76
CA HIS A 158 13.87 -24.62 2.33
C HIS A 158 14.73 -25.78 1.82
N HIS A 159 14.61 -26.09 0.53
CA HIS A 159 15.37 -27.17 -0.07
C HIS A 159 16.75 -26.68 -0.50
N HIS A 160 17.50 -27.56 -1.19
CA HIS A 160 18.83 -27.21 -1.65
C HIS A 160 18.78 -26.58 -3.04
N HIS A 161 19.81 -25.82 -3.38
CA HIS A 161 19.88 -25.16 -4.68
C HIS A 161 21.16 -25.54 -5.42
N ASP B 1 -17.26 -13.15 -3.57
CA ASP B 1 -18.37 -12.22 -3.47
C ASP B 1 -18.94 -11.89 -4.85
N ASP B 2 -19.94 -11.01 -4.88
CA ASP B 2 -20.56 -10.61 -6.13
C ASP B 2 -19.67 -9.62 -6.89
N ASP B 3 -19.45 -8.45 -6.28
CA ASP B 3 -18.62 -7.43 -6.90
C ASP B 3 -17.25 -7.97 -7.24
N GLU B 4 -16.57 -7.31 -8.18
CA GLU B 4 -15.24 -7.74 -8.61
C GLU B 4 -14.25 -7.68 -7.45
N ASP B 5 -13.60 -8.80 -7.19
CA ASP B 5 -12.62 -8.89 -6.10
C ASP B 5 -11.23 -9.20 -6.65
N GLY B 6 -10.26 -9.32 -5.75
CA GLY B 6 -8.90 -9.62 -6.15
C GLY B 6 -8.23 -8.44 -6.83
N TYR B 7 -7.53 -7.63 -6.06
CA TYR B 7 -6.84 -6.46 -6.60
C TYR B 7 -5.48 -6.85 -7.17
N ASN B 8 -5.36 -6.77 -8.49
CA ASN B 8 -4.10 -7.10 -9.17
C ASN B 8 -3.20 -5.89 -9.28
N PRO B 9 -2.09 -5.90 -8.52
CA PRO B 9 -1.12 -4.81 -8.52
C PRO B 9 -0.34 -4.71 -9.82
N TYR B 10 -0.30 -5.82 -10.57
CA TYR B 10 0.40 -5.88 -11.83
C TYR B 10 -0.26 -4.97 -12.87
N THR B 11 -1.50 -4.58 -12.59
CA THR B 11 -2.25 -3.72 -13.49
C THR B 11 -3.14 -2.75 -12.72
N LEU B 12 -3.82 -1.88 -13.44
CA LEU B 12 -4.72 -0.90 -12.82
C LEU B 12 -5.54 -0.17 -13.88
N MET A 1 -24.80 16.44 -10.53
CA MET A 1 -25.25 16.73 -9.18
C MET A 1 -25.43 15.44 -8.39
N GLN A 2 -24.65 15.29 -7.32
CA GLN A 2 -24.73 14.10 -6.47
C GLN A 2 -23.83 14.24 -5.25
N GLN A 3 -23.74 13.17 -4.47
CA GLN A 3 -22.91 13.17 -3.27
C GLN A 3 -21.50 13.63 -3.59
N ASP A 4 -20.92 14.45 -2.69
CA ASP A 4 -19.57 14.96 -2.87
C ASP A 4 -18.55 13.84 -2.82
N ASP A 5 -17.28 14.19 -3.02
CA ASP A 5 -16.21 13.20 -2.99
C ASP A 5 -15.23 13.50 -1.86
N ASP A 6 -15.74 14.11 -0.79
CA ASP A 6 -14.92 14.44 0.36
C ASP A 6 -14.36 13.18 1.02
N PHE A 7 -13.87 13.33 2.24
CA PHE A 7 -13.31 12.20 2.99
C PHE A 7 -14.25 11.01 2.95
N GLN A 8 -15.55 11.28 2.84
CA GLN A 8 -16.56 10.23 2.81
C GLN A 8 -16.19 9.16 1.79
N ASN A 9 -15.99 9.58 0.54
CA ASN A 9 -15.64 8.65 -0.53
C ASN A 9 -14.41 7.83 -0.15
N PHE A 10 -13.36 8.51 0.29
CA PHE A 10 -12.13 7.85 0.69
C PHE A 10 -12.40 6.80 1.76
N VAL A 11 -12.73 7.25 2.96
CA VAL A 11 -13.01 6.35 4.08
C VAL A 11 -13.98 5.25 3.65
N ALA A 12 -15.03 5.62 2.94
CA ALA A 12 -16.02 4.66 2.47
C ALA A 12 -15.36 3.54 1.69
N THR A 13 -14.50 3.90 0.75
CA THR A 13 -13.80 2.91 -0.08
C THR A 13 -13.00 1.95 0.79
N LEU A 14 -12.16 2.50 1.66
CA LEU A 14 -11.33 1.69 2.54
C LEU A 14 -12.20 0.74 3.37
N GLU A 15 -13.15 1.30 4.10
CA GLU A 15 -14.04 0.51 4.94
C GLU A 15 -14.63 -0.66 4.15
N SER A 16 -15.36 -0.33 3.09
CA SER A 16 -16.00 -1.34 2.26
C SER A 16 -14.97 -2.35 1.74
N PHE A 17 -13.74 -1.87 1.57
CA PHE A 17 -12.66 -2.73 1.08
C PHE A 17 -12.51 -3.97 1.95
N LYS A 18 -12.07 -3.76 3.19
CA LYS A 18 -11.89 -4.87 4.13
C LYS A 18 -13.18 -5.68 4.28
N ASP A 19 -14.31 -4.99 4.21
CA ASP A 19 -15.61 -5.64 4.33
C ASP A 19 -15.79 -6.70 3.25
N LEU A 20 -14.94 -6.66 2.23
CA LEU A 20 -15.00 -7.61 1.13
C LEU A 20 -14.48 -8.98 1.56
N LYS A 21 -14.60 -9.96 0.68
CA LYS A 21 -14.14 -11.30 0.97
C LYS A 21 -13.05 -11.72 -0.01
N SER A 22 -12.95 -11.01 -1.12
CA SER A 22 -11.94 -11.32 -2.14
C SER A 22 -10.54 -10.95 -1.65
N GLY A 23 -10.48 -10.00 -0.72
CA GLY A 23 -9.21 -9.58 -0.17
C GLY A 23 -8.57 -8.47 -0.99
N ILE A 24 -9.06 -8.28 -2.21
CA ILE A 24 -8.53 -7.23 -3.09
C ILE A 24 -9.62 -6.70 -4.01
N SER A 25 -9.54 -5.40 -4.32
CA SER A 25 -10.51 -4.76 -5.19
C SER A 25 -9.89 -3.58 -5.93
N GLY A 26 -9.67 -3.75 -7.22
CA GLY A 26 -9.07 -2.69 -8.02
C GLY A 26 -9.85 -1.39 -7.92
N SER A 27 -11.16 -1.46 -8.15
CA SER A 27 -12.01 -0.28 -8.09
C SER A 27 -11.75 0.52 -6.82
N ARG A 28 -11.80 -0.16 -5.69
CA ARG A 28 -11.57 0.50 -4.40
C ARG A 28 -10.24 1.25 -4.41
N ILE A 29 -9.15 0.51 -4.65
CA ILE A 29 -7.83 1.12 -4.68
C ILE A 29 -7.80 2.36 -5.56
N LYS A 30 -8.44 2.26 -6.74
CA LYS A 30 -8.50 3.39 -7.67
C LYS A 30 -9.08 4.63 -6.99
N LYS A 31 -10.29 4.50 -6.47
CA LYS A 31 -10.95 5.60 -5.79
C LYS A 31 -10.04 6.23 -4.75
N LEU A 32 -9.44 5.39 -3.92
CA LEU A 32 -8.54 5.86 -2.87
C LEU A 32 -7.38 6.66 -3.46
N THR A 33 -6.70 6.07 -4.43
CA THR A 33 -5.57 6.73 -5.09
C THR A 33 -5.99 8.06 -5.70
N THR A 34 -6.78 8.00 -6.76
CA THR A 34 -7.25 9.20 -7.43
C THR A 34 -7.69 10.26 -6.42
N TYR A 35 -8.43 9.84 -5.41
CA TYR A 35 -8.91 10.74 -4.37
C TYR A 35 -7.74 11.46 -3.69
N ALA A 36 -6.81 10.68 -3.14
CA ALA A 36 -5.65 11.23 -2.47
C ALA A 36 -4.98 12.30 -3.32
N LEU A 37 -4.56 11.92 -4.52
CA LEU A 37 -3.90 12.84 -5.44
C LEU A 37 -4.79 14.05 -5.73
N ASP A 38 -6.05 13.79 -6.03
CA ASP A 38 -7.01 14.86 -6.32
C ASP A 38 -7.08 15.85 -5.17
N HIS A 39 -6.81 15.37 -3.95
CA HIS A 39 -6.85 16.21 -2.77
C HIS A 39 -5.58 16.06 -1.95
N ILE A 40 -4.54 16.79 -2.33
CA ILE A 40 -3.27 16.73 -1.63
C ILE A 40 -3.32 17.52 -0.32
N ASP A 41 -4.46 18.16 -0.06
CA ASP A 41 -4.64 18.94 1.15
C ASP A 41 -5.18 18.07 2.28
N ILE A 42 -4.94 16.77 2.18
CA ILE A 42 -5.42 15.82 3.19
C ILE A 42 -4.52 14.59 3.25
N GLU A 43 -3.24 14.77 2.93
CA GLU A 43 -2.29 13.67 2.95
C GLU A 43 -2.22 13.03 4.34
N SER A 44 -2.37 13.85 5.37
CA SER A 44 -2.32 13.38 6.74
C SER A 44 -3.40 12.32 6.98
N LYS A 45 -4.65 12.77 7.06
CA LYS A 45 -5.77 11.88 7.29
C LYS A 45 -5.70 10.67 6.36
N ILE A 46 -5.44 10.93 5.08
CA ILE A 46 -5.34 9.86 4.09
C ILE A 46 -4.30 8.82 4.50
N ILE A 47 -3.03 9.21 4.44
CA ILE A 47 -1.94 8.31 4.81
C ILE A 47 -2.23 7.62 6.14
N SER A 48 -2.62 8.41 7.13
CA SER A 48 -2.92 7.87 8.45
C SER A 48 -4.00 6.80 8.37
N LEU A 49 -5.03 7.06 7.57
CA LEU A 49 -6.13 6.12 7.41
C LEU A 49 -5.63 4.77 6.91
N ILE A 50 -5.12 4.75 5.68
CA ILE A 50 -4.60 3.52 5.09
C ILE A 50 -3.69 2.79 6.07
N ILE A 51 -2.80 3.54 6.71
CA ILE A 51 -1.87 2.96 7.68
C ILE A 51 -2.61 2.20 8.77
N ASP A 52 -3.47 2.91 9.49
CA ASP A 52 -4.25 2.31 10.56
C ASP A 52 -5.07 1.13 10.05
N TYR A 53 -5.80 1.35 8.97
CA TYR A 53 -6.64 0.32 8.37
C TYR A 53 -5.83 -0.96 8.14
N SER A 54 -4.57 -0.78 7.75
CA SER A 54 -3.69 -1.92 7.49
C SER A 54 -3.45 -2.73 8.76
N ARG A 55 -2.66 -2.17 9.66
CA ARG A 55 -2.34 -2.84 10.92
C ARG A 55 -3.60 -3.47 11.53
N LEU A 56 -4.74 -2.82 11.32
CA LEU A 56 -6.01 -3.30 11.84
C LEU A 56 -6.34 -4.68 11.29
N CYS A 57 -6.89 -4.70 10.08
CA CYS A 57 -7.26 -5.96 9.43
C CYS A 57 -6.09 -6.94 9.45
N PRO A 58 -6.40 -8.22 9.66
CA PRO A 58 -5.38 -9.28 9.70
C PRO A 58 -4.77 -9.56 8.33
N ASP A 59 -5.25 -10.61 7.68
CA ASP A 59 -4.75 -10.99 6.36
C ASP A 59 -5.16 -9.96 5.31
N SER A 60 -6.46 -9.65 5.28
CA SER A 60 -6.99 -8.69 4.32
C SER A 60 -6.04 -7.51 4.16
N HIS A 61 -5.61 -6.95 5.29
CA HIS A 61 -4.70 -5.80 5.27
C HIS A 61 -3.41 -6.15 4.55
N LYS A 62 -2.82 -7.29 4.91
CA LYS A 62 -1.57 -7.74 4.30
C LYS A 62 -1.57 -7.44 2.80
N LEU A 63 -2.26 -8.29 2.04
CA LEU A 63 -2.33 -8.12 0.59
C LEU A 63 -3.07 -6.83 0.23
N GLY A 64 -4.24 -6.64 0.83
CA GLY A 64 -5.02 -5.44 0.56
C GLY A 64 -4.24 -4.17 0.79
N SER A 65 -4.08 -3.81 2.07
CA SER A 65 -3.35 -2.60 2.43
C SER A 65 -2.13 -2.41 1.54
N LEU A 66 -1.30 -3.45 1.45
CA LEU A 66 -0.09 -3.41 0.63
C LEU A 66 -0.40 -2.83 -0.76
N TYR A 67 -1.40 -3.41 -1.42
CA TYR A 67 -1.78 -2.96 -2.74
C TYR A 67 -2.16 -1.48 -2.74
N ILE A 68 -2.96 -1.09 -1.75
CA ILE A 68 -3.39 0.30 -1.62
C ILE A 68 -2.19 1.24 -1.54
N ILE A 69 -1.30 0.98 -0.59
CA ILE A 69 -0.11 1.81 -0.41
C ILE A 69 0.71 1.87 -1.70
N ASP A 70 0.75 0.75 -2.42
CA ASP A 70 1.51 0.68 -3.66
C ASP A 70 1.01 1.73 -4.66
N SER A 71 -0.28 1.68 -4.96
CA SER A 71 -0.87 2.62 -5.90
C SER A 71 -0.62 4.06 -5.46
N ILE A 72 -1.13 4.43 -4.29
CA ILE A 72 -0.95 5.77 -3.76
C ILE A 72 0.53 6.16 -3.75
N GLY A 73 1.37 5.25 -3.27
CA GLY A 73 2.80 5.53 -3.21
C GLY A 73 3.36 5.97 -4.54
N ARG A 74 3.23 5.12 -5.56
CA ARG A 74 3.73 5.44 -6.89
C ARG A 74 3.23 6.81 -7.35
N ALA A 75 1.92 6.98 -7.33
CA ALA A 75 1.32 8.25 -7.74
C ALA A 75 1.91 9.42 -6.96
N TYR A 76 1.73 9.40 -5.64
CA TYR A 76 2.25 10.46 -4.79
C TYR A 76 3.72 10.75 -5.10
N LEU A 77 4.49 9.68 -5.27
CA LEU A 77 5.92 9.81 -5.57
C LEU A 77 6.14 10.69 -6.79
N ASP A 78 5.58 10.26 -7.92
CA ASP A 78 5.71 11.00 -9.16
C ASP A 78 5.31 12.47 -8.98
N GLU A 79 4.25 12.68 -8.20
CA GLU A 79 3.77 14.04 -7.94
C GLU A 79 4.87 14.91 -7.34
N THR A 80 5.19 14.66 -6.08
CA THR A 80 6.22 15.41 -5.39
C THR A 80 7.54 15.37 -6.16
N ARG A 81 7.84 14.22 -6.75
CA ARG A 81 9.07 14.04 -7.51
C ARG A 81 9.18 15.09 -8.62
N SER A 82 8.05 15.37 -9.27
CA SER A 82 8.02 16.35 -10.34
C SER A 82 8.66 17.66 -9.91
N ASN A 83 8.10 18.27 -8.87
CA ASN A 83 8.61 19.53 -8.35
C ASN A 83 9.66 19.29 -7.27
N SER A 84 9.21 18.92 -6.08
CA SER A 84 10.10 18.66 -4.97
C SER A 84 9.34 18.09 -3.78
N ASN A 85 10.07 17.76 -2.71
CA ASN A 85 9.46 17.21 -1.51
C ASN A 85 9.86 18.02 -0.27
N SER A 86 8.86 18.45 0.49
CA SER A 86 9.11 19.23 1.70
C SER A 86 8.68 18.47 2.94
N SER A 87 8.97 19.03 4.11
CA SER A 87 8.62 18.40 5.37
C SER A 87 9.01 19.28 6.55
N SER A 88 8.29 19.15 7.66
CA SER A 88 8.56 19.93 8.85
C SER A 88 7.97 19.27 10.09
N ASN A 89 8.33 18.01 10.32
CA ASN A 89 7.84 17.25 11.46
C ASN A 89 6.31 17.26 11.50
N LYS A 90 5.70 17.41 10.33
CA LYS A 90 4.24 17.42 10.22
C LYS A 90 3.80 17.24 8.78
N PRO A 91 2.53 16.85 8.59
CA PRO A 91 1.95 16.63 7.27
C PRO A 91 1.77 17.93 6.49
N GLY A 92 1.42 17.81 5.21
CA GLY A 92 1.21 18.99 4.40
C GLY A 92 0.85 18.64 2.95
N THR A 93 1.62 17.72 2.37
CA THR A 93 1.37 17.30 1.00
C THR A 93 1.93 15.90 0.75
N CYS A 94 1.84 15.44 -0.49
CA CYS A 94 2.32 14.12 -0.87
C CYS A 94 3.70 13.86 -0.25
N ALA A 95 4.58 14.84 -0.35
CA ALA A 95 5.93 14.72 0.20
C ALA A 95 5.91 14.03 1.56
N HIS A 96 5.49 14.76 2.58
CA HIS A 96 5.41 14.22 3.93
C HIS A 96 4.67 12.88 3.95
N ALA A 97 3.65 12.78 3.09
CA ALA A 97 2.86 11.56 3.01
C ALA A 97 3.74 10.34 2.75
N ILE A 98 4.47 10.38 1.64
CA ILE A 98 5.36 9.27 1.29
C ILE A 98 6.35 8.98 2.41
N ASN A 99 6.95 10.02 2.96
CA ASN A 99 7.92 9.87 4.03
C ASN A 99 7.30 9.13 5.21
N THR A 100 6.14 9.59 5.66
CA THR A 100 5.45 8.96 6.78
C THR A 100 5.23 7.48 6.52
N LEU A 101 4.64 7.16 5.38
CA LEU A 101 4.38 5.77 5.02
C LEU A 101 5.63 4.92 5.14
N GLY A 102 6.68 5.33 4.44
CA GLY A 102 7.94 4.59 4.49
C GLY A 102 8.49 4.48 5.90
N GLU A 103 7.98 5.32 6.80
CA GLU A 103 8.43 5.31 8.19
C GLU A 103 7.65 4.28 9.01
N VAL A 104 6.56 3.78 8.44
CA VAL A 104 5.72 2.79 9.11
C VAL A 104 5.63 1.50 8.30
N ILE A 105 5.97 1.59 7.02
CA ILE A 105 5.93 0.43 6.13
C ILE A 105 6.63 -0.76 6.76
N GLN A 106 7.63 -0.49 7.59
CA GLN A 106 8.39 -1.54 8.26
C GLN A 106 7.45 -2.55 8.91
N GLU A 107 6.80 -2.13 9.99
CA GLU A 107 5.87 -3.00 10.71
C GLU A 107 4.80 -3.54 9.77
N LEU A 108 4.32 -2.68 8.87
CA LEU A 108 3.29 -3.07 7.92
C LEU A 108 3.71 -4.29 7.12
N LEU A 109 4.67 -4.10 6.21
CA LEU A 109 5.17 -5.19 5.38
C LEU A 109 5.57 -6.38 6.24
N SER A 110 6.60 -6.19 7.07
CA SER A 110 7.08 -7.25 7.93
C SER A 110 5.93 -8.10 8.47
N ASP A 111 5.04 -7.46 9.22
CA ASP A 111 3.88 -8.16 9.78
C ASP A 111 3.17 -8.97 8.71
N ALA A 112 2.89 -8.34 7.58
CA ALA A 112 2.20 -9.01 6.48
C ALA A 112 2.95 -10.27 6.05
N ILE A 113 4.21 -10.09 5.66
CA ILE A 113 5.03 -11.20 5.22
C ILE A 113 5.04 -12.32 6.25
N ALA A 114 5.28 -11.95 7.51
CA ALA A 114 5.31 -12.93 8.60
C ALA A 114 4.03 -13.77 8.62
N LYS A 115 2.92 -13.13 8.97
CA LYS A 115 1.64 -13.82 9.04
C LYS A 115 1.31 -14.48 7.70
N SER A 116 1.90 -13.95 6.63
CA SER A 116 1.66 -14.49 5.29
C SER A 116 2.39 -15.81 5.10
N ASN A 117 1.81 -16.69 4.30
CA ASN A 117 2.41 -18.00 4.03
C ASN A 117 3.17 -17.98 2.72
N GLN A 118 3.62 -19.15 2.29
CA GLN A 118 4.37 -19.27 1.04
C GLN A 118 3.71 -18.47 -0.08
N ASP A 119 2.43 -18.71 -0.28
CA ASP A 119 1.67 -18.00 -1.32
C ASP A 119 1.63 -16.51 -1.03
N HIS A 120 1.00 -16.14 0.08
CA HIS A 120 0.88 -14.74 0.46
C HIS A 120 2.25 -14.05 0.41
N LYS A 121 3.19 -14.53 1.20
CA LYS A 121 4.52 -13.97 1.24
C LYS A 121 5.08 -13.78 -0.17
N GLU A 122 4.73 -14.70 -1.06
CA GLU A 122 5.20 -14.64 -2.44
C GLU A 122 4.72 -13.35 -3.12
N LYS A 123 3.41 -13.13 -3.11
CA LYS A 123 2.83 -11.94 -3.72
C LYS A 123 3.50 -10.68 -3.18
N ILE A 124 3.62 -10.58 -1.87
CA ILE A 124 4.24 -9.43 -1.24
C ILE A 124 5.65 -9.21 -1.77
N ARG A 125 6.46 -10.27 -1.76
CA ARG A 125 7.83 -10.19 -2.25
C ARG A 125 7.88 -9.54 -3.64
N MET A 126 7.05 -10.04 -4.55
CA MET A 126 7.01 -9.51 -5.90
C MET A 126 6.73 -8.00 -5.89
N LEU A 127 5.68 -7.60 -5.19
CA LEU A 127 5.31 -6.19 -5.09
C LEU A 127 6.51 -5.35 -4.69
N LEU A 128 7.24 -5.80 -3.68
CA LEU A 128 8.41 -5.08 -3.21
C LEU A 128 9.42 -4.86 -4.33
N ASP A 129 9.73 -5.92 -5.06
CA ASP A 129 10.67 -5.84 -6.17
C ASP A 129 10.30 -4.70 -7.12
N ILE A 130 9.03 -4.68 -7.53
CA ILE A 130 8.54 -3.65 -8.44
C ILE A 130 8.76 -2.25 -7.85
N TRP A 131 8.44 -2.10 -6.57
CA TRP A 131 8.60 -0.83 -5.88
C TRP A 131 10.01 -0.27 -6.08
N ASP A 132 11.01 -1.05 -5.67
CA ASP A 132 12.40 -0.64 -5.80
C ASP A 132 12.73 -0.29 -7.25
N ARG A 133 12.33 -1.17 -8.17
CA ARG A 133 12.58 -0.94 -9.60
C ARG A 133 12.03 0.40 -10.04
N SER A 134 10.70 0.50 -10.06
CA SER A 134 10.05 1.74 -10.48
C SER A 134 10.53 2.92 -9.65
N GLY A 135 10.07 3.00 -8.40
CA GLY A 135 10.47 4.09 -7.53
C GLY A 135 9.33 4.56 -6.65
N LEU A 136 9.51 4.42 -5.33
CA LEU A 136 8.49 4.84 -4.38
C LEU A 136 9.13 5.39 -3.11
N PHE A 137 9.66 4.49 -2.28
CA PHE A 137 10.30 4.88 -1.03
C PHE A 137 11.66 5.54 -1.31
N GLN A 138 12.45 5.70 -0.25
CA GLN A 138 13.76 6.31 -0.36
C GLN A 138 14.51 5.77 -1.58
N LYS A 139 15.16 6.66 -2.32
CA LYS A 139 15.91 6.27 -3.50
C LYS A 139 16.88 5.13 -3.18
N SER A 140 17.32 5.07 -1.93
CA SER A 140 18.24 4.03 -1.49
C SER A 140 17.51 2.73 -1.18
N TYR A 141 16.91 2.66 0.00
CA TYR A 141 16.18 1.47 0.41
C TYR A 141 15.66 1.63 1.85
N LEU A 142 15.10 0.55 2.38
CA LEU A 142 14.56 0.56 3.74
C LEU A 142 14.99 -0.69 4.50
N ASN A 143 15.68 -0.49 5.61
CA ASN A 143 16.14 -1.60 6.44
C ASN A 143 14.99 -2.54 6.77
N ALA A 144 13.77 -2.03 6.72
CA ALA A 144 12.59 -2.83 7.02
C ALA A 144 12.71 -4.22 6.41
N ILE A 145 12.13 -4.40 5.23
CA ILE A 145 12.16 -5.69 4.54
C ILE A 145 13.58 -6.02 4.08
N ARG A 146 14.42 -4.99 3.97
CA ARG A 146 15.80 -5.18 3.54
C ARG A 146 16.43 -6.36 4.27
N SER A 147 16.29 -6.39 5.58
CA SER A 147 16.85 -7.46 6.40
C SER A 147 16.31 -8.81 5.96
N LYS A 148 17.07 -9.51 5.12
CA LYS A 148 16.66 -10.83 4.63
C LYS A 148 16.16 -11.70 5.77
N CYS A 149 16.68 -11.45 6.97
CA CYS A 149 16.30 -12.23 8.15
C CYS A 149 14.78 -12.35 8.23
N PHE A 150 14.07 -11.33 7.77
CA PHE A 150 12.61 -11.33 7.80
C PHE A 150 12.06 -12.53 7.04
N ALA A 151 11.95 -12.41 5.73
CA ALA A 151 11.43 -13.48 4.89
C ALA A 151 12.06 -14.81 5.27
N MET A 152 13.39 -14.84 5.38
CA MET A 152 14.11 -16.05 5.74
C MET A 152 13.54 -16.66 7.03
N ASP A 153 13.35 -15.82 8.03
CA ASP A 153 12.82 -16.27 9.31
C ASP A 153 11.38 -16.76 9.15
N LEU A 154 10.47 -15.83 8.88
CA LEU A 154 9.06 -16.16 8.71
C LEU A 154 8.89 -17.34 7.75
N GLU A 155 9.80 -17.44 6.79
CA GLU A 155 9.75 -18.51 5.80
C GLU A 155 9.56 -19.87 6.48
N HIS A 156 8.33 -20.36 6.48
CA HIS A 156 8.01 -21.64 7.10
C HIS A 156 8.86 -22.76 6.49
N HIS A 157 8.67 -23.97 6.99
CA HIS A 157 9.42 -25.13 6.50
C HIS A 157 9.30 -25.25 4.98
N HIS A 158 10.44 -25.30 4.31
CA HIS A 158 10.45 -25.42 2.85
C HIS A 158 11.74 -26.08 2.37
N HIS A 159 11.87 -26.24 1.06
CA HIS A 159 13.05 -26.85 0.47
C HIS A 159 14.27 -25.95 0.62
N HIS A 160 15.45 -26.55 0.75
CA HIS A 160 16.68 -25.80 0.91
C HIS A 160 17.89 -26.64 0.47
N HIS A 161 19.08 -26.08 0.61
CA HIS A 161 20.31 -26.77 0.23
C HIS A 161 20.38 -28.14 0.89
N ASP B 1 -14.82 -8.99 -4.65
CA ASP B 1 -16.01 -9.70 -4.20
C ASP B 1 -16.87 -10.10 -5.40
N ASP B 2 -16.75 -9.37 -6.49
CA ASP B 2 -17.51 -9.64 -7.70
C ASP B 2 -16.92 -8.91 -8.91
N ASP B 3 -16.52 -7.66 -8.68
CA ASP B 3 -15.94 -6.85 -9.75
C ASP B 3 -14.69 -7.51 -10.32
N GLU B 4 -14.03 -6.83 -11.26
CA GLU B 4 -12.84 -7.35 -11.89
C GLU B 4 -11.81 -7.79 -10.83
N ASP B 5 -11.63 -6.96 -9.82
CA ASP B 5 -10.68 -7.26 -8.75
C ASP B 5 -9.30 -7.60 -9.32
N GLY B 6 -8.98 -6.99 -10.46
CA GLY B 6 -7.70 -7.24 -11.09
C GLY B 6 -6.83 -6.00 -11.14
N TYR B 7 -5.85 -5.93 -10.24
CA TYR B 7 -4.95 -4.78 -10.19
C TYR B 7 -3.50 -5.24 -9.96
N ASN B 8 -2.67 -5.07 -10.98
CA ASN B 8 -1.27 -5.46 -10.89
C ASN B 8 -0.40 -4.28 -10.45
N PRO B 9 0.54 -4.55 -9.54
CA PRO B 9 1.45 -3.52 -9.03
C PRO B 9 2.46 -3.05 -10.07
N TYR B 10 2.66 -3.89 -11.08
CA TYR B 10 3.61 -3.56 -12.16
C TYR B 10 2.97 -2.62 -13.18
N THR B 11 1.65 -2.51 -13.12
CA THR B 11 0.92 -1.65 -14.04
C THR B 11 0.00 -0.69 -13.28
N LEU B 12 0.23 0.61 -13.46
CA LEU B 12 -0.57 1.62 -12.79
C LEU B 12 -1.92 1.81 -13.50
N MET A 1 -19.75 23.39 -2.73
CA MET A 1 -18.71 23.17 -3.74
C MET A 1 -17.36 22.91 -3.09
N GLN A 2 -16.52 22.13 -3.76
CA GLN A 2 -15.20 21.80 -3.24
C GLN A 2 -15.30 21.11 -1.89
N GLN A 3 -16.43 20.45 -1.66
CA GLN A 3 -16.65 19.74 -0.40
C GLN A 3 -17.02 18.28 -0.65
N ASP A 4 -17.84 18.06 -1.66
CA ASP A 4 -18.27 16.71 -2.01
C ASP A 4 -17.07 15.79 -2.20
N ASP A 5 -17.25 14.51 -1.88
CA ASP A 5 -16.18 13.53 -2.01
C ASP A 5 -15.04 13.84 -1.05
N ASP A 6 -15.36 13.90 0.24
CA ASP A 6 -14.35 14.18 1.26
C ASP A 6 -13.82 12.89 1.88
N PHE A 7 -13.24 13.01 3.06
CA PHE A 7 -12.68 11.85 3.76
C PHE A 7 -13.75 10.80 3.98
N GLN A 8 -15.01 11.18 3.81
CA GLN A 8 -16.12 10.25 3.98
C GLN A 8 -15.96 9.02 3.10
N ASN A 9 -16.08 9.21 1.80
CA ASN A 9 -15.94 8.11 0.84
C ASN A 9 -14.63 7.38 1.06
N PHE A 10 -13.54 8.13 1.20
CA PHE A 10 -12.22 7.55 1.40
C PHE A 10 -12.23 6.60 2.59
N VAL A 11 -12.36 7.15 3.79
CA VAL A 11 -12.38 6.36 5.01
C VAL A 11 -13.42 5.25 4.91
N ALA A 12 -14.59 5.59 4.39
CA ALA A 12 -15.67 4.61 4.25
C ALA A 12 -15.21 3.38 3.48
N THR A 13 -14.54 3.62 2.35
CA THR A 13 -14.04 2.53 1.52
C THR A 13 -13.10 1.62 2.30
N LEU A 14 -12.09 2.22 2.92
CA LEU A 14 -11.12 1.47 3.71
C LEU A 14 -11.81 0.63 4.78
N GLU A 15 -12.66 1.29 5.57
CA GLU A 15 -13.40 0.60 6.63
C GLU A 15 -14.08 -0.65 6.10
N SER A 16 -14.90 -0.48 5.06
CA SER A 16 -15.62 -1.59 4.46
C SER A 16 -14.65 -2.67 3.99
N PHE A 17 -13.46 -2.25 3.60
CA PHE A 17 -12.44 -3.19 3.13
C PHE A 17 -12.16 -4.27 4.16
N LYS A 18 -11.67 -3.84 5.33
CA LYS A 18 -11.37 -4.78 6.41
C LYS A 18 -12.59 -5.59 6.80
N ASP A 19 -13.76 -4.94 6.77
CA ASP A 19 -15.02 -5.61 7.12
C ASP A 19 -15.23 -6.85 6.26
N LEU A 20 -14.62 -6.85 5.08
CA LEU A 20 -14.74 -7.98 4.15
C LEU A 20 -14.34 -9.29 4.84
N LYS A 21 -14.48 -10.39 4.11
CA LYS A 21 -14.13 -11.71 4.66
C LYS A 21 -12.66 -12.03 4.38
N SER A 22 -12.11 -11.39 3.35
CA SER A 22 -10.71 -11.61 2.99
C SER A 22 -9.88 -10.35 3.19
N GLY A 23 -10.38 -9.23 2.67
CA GLY A 23 -9.68 -7.97 2.81
C GLY A 23 -9.19 -7.43 1.49
N ILE A 24 -9.83 -7.85 0.40
CA ILE A 24 -9.46 -7.40 -0.94
C ILE A 24 -10.69 -7.10 -1.78
N SER A 25 -10.62 -6.03 -2.57
CA SER A 25 -11.73 -5.64 -3.43
C SER A 25 -11.30 -4.51 -4.37
N GLY A 26 -11.35 -4.80 -5.68
CA GLY A 26 -10.97 -3.81 -6.66
C GLY A 26 -11.76 -2.53 -6.53
N SER A 27 -13.09 -2.64 -6.52
CA SER A 27 -13.95 -1.48 -6.40
C SER A 27 -13.49 -0.56 -5.28
N ARG A 28 -13.36 -1.12 -4.08
CA ARG A 28 -12.93 -0.36 -2.91
C ARG A 28 -11.60 0.33 -3.19
N ILE A 29 -10.56 -0.46 -3.46
CA ILE A 29 -9.25 0.08 -3.73
C ILE A 29 -9.32 1.22 -4.76
N LYS A 30 -10.10 1.01 -5.81
CA LYS A 30 -10.26 2.01 -6.85
C LYS A 30 -10.73 3.34 -6.26
N LYS A 31 -11.81 3.30 -5.50
CA LYS A 31 -12.36 4.50 -4.87
C LYS A 31 -11.28 5.24 -4.09
N LEU A 32 -10.54 4.50 -3.27
CA LEU A 32 -9.48 5.09 -2.46
C LEU A 32 -8.43 5.78 -3.34
N THR A 33 -7.96 5.06 -4.35
CA THR A 33 -6.96 5.59 -5.27
C THR A 33 -7.46 6.86 -5.94
N THR A 34 -8.43 6.72 -6.84
CA THR A 34 -8.99 7.86 -7.56
C THR A 34 -9.21 9.04 -6.61
N TYR A 35 -9.76 8.76 -5.44
CA TYR A 35 -10.01 9.81 -4.45
C TYR A 35 -8.73 10.53 -4.08
N ALA A 36 -7.74 9.77 -3.61
CA ALA A 36 -6.46 10.33 -3.22
C ALA A 36 -5.93 11.28 -4.29
N LEU A 37 -5.76 10.75 -5.50
CA LEU A 37 -5.26 11.56 -6.61
C LEU A 37 -6.14 12.78 -6.85
N ASP A 38 -7.44 12.56 -6.92
CA ASP A 38 -8.40 13.64 -7.13
C ASP A 38 -8.24 14.73 -6.07
N HIS A 39 -7.71 14.33 -4.91
CA HIS A 39 -7.51 15.28 -3.81
C HIS A 39 -6.10 15.14 -3.24
N ILE A 40 -5.15 15.82 -3.87
CA ILE A 40 -3.76 15.78 -3.42
C ILE A 40 -3.55 16.68 -2.21
N ASP A 41 -4.61 17.37 -1.80
CA ASP A 41 -4.54 18.27 -0.65
C ASP A 41 -4.85 17.52 0.64
N ILE A 42 -4.66 16.20 0.62
CA ILE A 42 -4.93 15.37 1.78
C ILE A 42 -4.01 14.16 1.81
N GLU A 43 -2.83 14.30 1.20
CA GLU A 43 -1.87 13.20 1.16
C GLU A 43 -1.53 12.71 2.56
N SER A 44 -1.49 13.64 3.51
CA SER A 44 -1.19 13.30 4.90
C SER A 44 -2.19 12.30 5.46
N LYS A 45 -3.41 12.78 5.72
CA LYS A 45 -4.46 11.92 6.26
C LYS A 45 -4.58 10.63 5.44
N ILE A 46 -4.56 10.77 4.13
CA ILE A 46 -4.67 9.61 3.24
C ILE A 46 -3.61 8.58 3.56
N ILE A 47 -2.36 8.88 3.19
CA ILE A 47 -1.25 7.97 3.45
C ILE A 47 -1.27 7.47 4.88
N SER A 48 -1.45 8.40 5.83
CA SER A 48 -1.48 8.05 7.24
C SER A 48 -2.55 7.00 7.52
N LEU A 49 -3.73 7.19 6.93
CA LEU A 49 -4.84 6.26 7.12
C LEU A 49 -4.44 4.86 6.69
N ILE A 50 -4.20 4.67 5.40
CA ILE A 50 -3.81 3.37 4.86
C ILE A 50 -2.69 2.76 5.69
N ILE A 51 -1.69 3.56 6.02
CA ILE A 51 -0.56 3.08 6.81
C ILE A 51 -1.03 2.47 8.13
N ASP A 52 -1.67 3.29 8.97
CA ASP A 52 -2.17 2.83 10.26
C ASP A 52 -3.10 1.63 10.08
N TYR A 53 -3.96 1.69 9.06
CA TYR A 53 -4.89 0.61 8.79
C TYR A 53 -4.16 -0.72 8.64
N SER A 54 -3.01 -0.68 7.99
CA SER A 54 -2.21 -1.88 7.76
C SER A 54 -1.68 -2.43 9.08
N ARG A 55 -0.83 -1.65 9.75
CA ARG A 55 -0.25 -2.07 11.03
C ARG A 55 -1.34 -2.30 12.06
N LEU A 56 -2.54 -1.79 11.80
CA LEU A 56 -3.67 -1.95 12.71
C LEU A 56 -3.90 -3.41 13.04
N CYS A 57 -4.55 -4.13 12.12
CA CYS A 57 -4.84 -5.54 12.32
C CYS A 57 -3.75 -6.40 11.68
N PRO A 58 -3.79 -7.72 11.97
CA PRO A 58 -2.82 -8.68 11.43
C PRO A 58 -2.99 -8.90 9.94
N ASP A 59 -2.56 -10.06 9.46
CA ASP A 59 -2.66 -10.40 8.05
C ASP A 59 -3.84 -9.67 7.41
N SER A 60 -5.03 -9.86 7.95
CA SER A 60 -6.23 -9.22 7.43
C SER A 60 -5.91 -7.85 6.85
N HIS A 61 -5.70 -6.88 7.73
CA HIS A 61 -5.38 -5.52 7.30
C HIS A 61 -4.08 -5.49 6.52
N LYS A 62 -3.13 -6.33 6.92
CA LYS A 62 -1.83 -6.40 6.25
C LYS A 62 -2.01 -6.54 4.74
N LEU A 63 -2.53 -7.70 4.32
CA LEU A 63 -2.74 -7.97 2.90
C LEU A 63 -3.57 -6.86 2.26
N GLY A 64 -4.79 -6.66 2.77
CA GLY A 64 -5.66 -5.63 2.24
C GLY A 64 -4.94 -4.31 2.05
N SER A 65 -4.30 -3.83 3.10
CA SER A 65 -3.57 -2.57 3.06
C SER A 65 -2.56 -2.55 1.91
N LEU A 66 -1.71 -3.58 1.88
CA LEU A 66 -0.69 -3.69 0.84
C LEU A 66 -1.28 -3.39 -0.53
N TYR A 67 -2.37 -4.07 -0.86
CA TYR A 67 -3.04 -3.88 -2.15
C TYR A 67 -3.44 -2.41 -2.34
N ILE A 68 -4.08 -1.85 -1.32
CA ILE A 68 -4.52 -0.45 -1.38
C ILE A 68 -3.35 0.48 -1.63
N ILE A 69 -2.33 0.40 -0.76
CA ILE A 69 -1.15 1.24 -0.90
C ILE A 69 -0.50 1.07 -2.26
N ASP A 70 -0.53 -0.15 -2.78
CA ASP A 70 0.04 -0.45 -4.09
C ASP A 70 -0.57 0.44 -5.16
N SER A 71 -1.89 0.39 -5.28
CA SER A 71 -2.60 1.19 -6.27
C SER A 71 -2.27 2.67 -6.12
N ILE A 72 -2.50 3.20 -4.93
CA ILE A 72 -2.24 4.61 -4.65
C ILE A 72 -0.79 4.96 -4.99
N GLY A 73 0.15 4.14 -4.52
CA GLY A 73 1.55 4.38 -4.78
C GLY A 73 1.85 4.55 -6.26
N ARG A 74 1.45 3.55 -7.06
CA ARG A 74 1.68 3.60 -8.50
C ARG A 74 1.18 4.91 -9.10
N ALA A 75 -0.09 5.21 -8.87
CA ALA A 75 -0.69 6.44 -9.38
C ALA A 75 0.06 7.66 -8.88
N TYR A 76 0.13 7.83 -7.56
CA TYR A 76 0.82 8.96 -6.96
C TYR A 76 2.19 9.15 -7.59
N LEU A 77 2.95 8.06 -7.69
CA LEU A 77 4.28 8.12 -8.27
C LEU A 77 4.26 8.75 -9.66
N ASP A 78 3.52 8.13 -10.57
CA ASP A 78 3.40 8.64 -11.94
C ASP A 78 2.92 10.08 -11.93
N GLU A 79 1.98 10.38 -11.04
CA GLU A 79 1.43 11.74 -10.95
C GLU A 79 2.55 12.75 -10.72
N THR A 80 3.11 12.76 -9.52
CA THR A 80 4.18 13.69 -9.19
C THR A 80 5.35 13.57 -10.15
N ARG A 81 5.70 12.34 -10.49
CA ARG A 81 6.80 12.08 -11.42
C ARG A 81 6.59 12.84 -12.72
N SER A 82 5.34 12.92 -13.17
CA SER A 82 5.00 13.61 -14.41
C SER A 82 5.59 15.01 -14.42
N ASN A 83 5.72 15.61 -13.24
CA ASN A 83 6.27 16.96 -13.12
C ASN A 83 7.59 16.93 -12.36
N SER A 84 7.51 16.75 -11.04
CA SER A 84 8.71 16.71 -10.21
C SER A 84 8.35 16.39 -8.77
N ASN A 85 9.15 15.52 -8.14
CA ASN A 85 8.91 15.12 -6.76
C ASN A 85 9.48 16.16 -5.79
N SER A 86 9.36 15.87 -4.50
CA SER A 86 9.86 16.77 -3.47
C SER A 86 10.38 16.00 -2.26
N SER A 87 11.43 16.50 -1.64
CA SER A 87 12.02 15.86 -0.47
C SER A 87 11.77 16.68 0.79
N SER A 88 10.50 16.77 1.17
CA SER A 88 10.13 17.54 2.36
C SER A 88 9.76 16.59 3.51
N ASN A 89 9.95 17.07 4.74
CA ASN A 89 9.65 16.27 5.92
C ASN A 89 8.27 16.64 6.48
N LYS A 90 7.34 16.95 5.59
CA LYS A 90 5.99 17.32 6.01
C LYS A 90 4.99 17.03 4.90
N PRO A 91 3.70 16.95 5.27
CA PRO A 91 2.62 16.67 4.31
C PRO A 91 2.37 17.84 3.38
N GLY A 92 1.99 17.53 2.13
CA GLY A 92 1.72 18.57 1.17
C GLY A 92 1.15 18.02 -0.13
N THR A 93 1.83 17.04 -0.71
CA THR A 93 1.40 16.43 -1.95
C THR A 93 1.97 15.03 -2.11
N CYS A 94 1.74 14.43 -3.27
CA CYS A 94 2.23 13.09 -3.55
C CYS A 94 3.66 12.92 -3.05
N ALA A 95 4.49 13.94 -3.27
CA ALA A 95 5.87 13.90 -2.84
C ALA A 95 6.01 13.31 -1.45
N HIS A 96 5.51 14.04 -0.44
CA HIS A 96 5.57 13.59 0.94
C HIS A 96 4.95 12.20 1.08
N ALA A 97 3.88 11.96 0.34
CA ALA A 97 3.19 10.67 0.39
C ALA A 97 4.13 9.53 0.04
N ILE A 98 4.75 9.61 -1.13
CA ILE A 98 5.68 8.58 -1.58
C ILE A 98 6.80 8.37 -0.56
N ASN A 99 7.56 9.43 -0.32
CA ASN A 99 8.66 9.37 0.64
C ASN A 99 8.20 8.81 1.98
N THR A 100 7.06 9.32 2.46
CA THR A 100 6.50 8.88 3.74
C THR A 100 6.32 7.36 3.76
N LEU A 101 5.55 6.85 2.79
CA LEU A 101 5.30 5.42 2.70
C LEU A 101 6.60 4.63 2.72
N GLY A 102 7.51 4.98 1.80
CA GLY A 102 8.79 4.29 1.73
C GLY A 102 9.57 4.39 3.02
N GLU A 103 9.17 5.33 3.88
CA GLU A 103 9.86 5.53 5.15
C GLU A 103 9.21 4.69 6.25
N VAL A 104 8.06 4.10 5.94
CA VAL A 104 7.35 3.27 6.90
C VAL A 104 7.11 1.87 6.35
N ILE A 105 7.30 1.72 5.04
CA ILE A 105 7.12 0.43 4.38
C ILE A 105 7.87 -0.68 5.13
N GLN A 106 8.97 -0.31 5.78
CA GLN A 106 9.78 -1.26 6.52
C GLN A 106 8.91 -2.07 7.48
N GLU A 107 8.43 -1.42 8.53
CA GLU A 107 7.59 -2.08 9.53
C GLU A 107 6.37 -2.71 8.87
N LEU A 108 5.78 -2.00 7.91
CA LEU A 108 4.61 -2.49 7.20
C LEU A 108 4.88 -3.84 6.56
N LEU A 109 5.68 -3.84 5.50
CA LEU A 109 6.02 -5.06 4.78
C LEU A 109 6.52 -6.13 5.75
N SER A 110 7.68 -5.89 6.36
CA SER A 110 8.27 -6.83 7.30
C SER A 110 7.18 -7.50 8.14
N ASP A 111 6.38 -6.69 8.83
CA ASP A 111 5.30 -7.19 9.67
C ASP A 111 4.37 -8.09 8.87
N ALA A 112 3.89 -7.58 7.73
CA ALA A 112 2.98 -8.33 6.88
C ALA A 112 3.56 -9.70 6.55
N ILE A 113 4.74 -9.73 5.97
CA ILE A 113 5.40 -10.98 5.61
C ILE A 113 5.44 -11.94 6.79
N ALA A 114 6.03 -11.48 7.90
CA ALA A 114 6.12 -12.31 9.10
C ALA A 114 4.75 -12.73 9.59
N LYS A 115 3.96 -11.76 10.04
CA LYS A 115 2.62 -12.04 10.54
C LYS A 115 1.88 -13.01 9.61
N SER A 116 1.90 -12.72 8.32
CA SER A 116 1.24 -13.57 7.33
C SER A 116 1.84 -14.97 7.33
N ASN A 117 1.10 -15.93 6.77
CA ASN A 117 1.56 -17.31 6.71
C ASN A 117 2.11 -17.63 5.33
N GLN A 118 2.48 -18.90 5.13
CA GLN A 118 3.02 -19.34 3.84
C GLN A 118 2.23 -18.74 2.68
N ASP A 119 0.92 -18.91 2.72
CA ASP A 119 0.05 -18.39 1.67
C ASP A 119 0.13 -16.87 1.60
N HIS A 120 -0.43 -16.20 2.60
CA HIS A 120 -0.42 -14.75 2.66
C HIS A 120 0.97 -14.21 2.34
N LYS A 121 1.95 -14.60 3.14
CA LYS A 121 3.33 -14.15 2.93
C LYS A 121 3.72 -14.24 1.47
N GLU A 122 3.27 -15.30 0.79
CA GLU A 122 3.58 -15.50 -0.61
C GLU A 122 3.02 -14.36 -1.45
N LYS A 123 1.79 -13.97 -1.18
CA LYS A 123 1.15 -12.87 -1.91
C LYS A 123 1.98 -11.59 -1.82
N ILE A 124 2.39 -11.25 -0.60
CA ILE A 124 3.18 -10.05 -0.38
C ILE A 124 4.46 -10.07 -1.20
N ARG A 125 5.18 -11.19 -1.13
CA ARG A 125 6.43 -11.34 -1.87
C ARG A 125 6.23 -10.98 -3.34
N MET A 126 5.27 -11.64 -3.99
CA MET A 126 4.98 -11.39 -5.39
C MET A 126 4.68 -9.92 -5.63
N LEU A 127 3.82 -9.34 -4.80
CA LEU A 127 3.45 -7.94 -4.92
C LEU A 127 4.69 -7.06 -4.94
N LEU A 128 5.62 -7.31 -4.02
CA LEU A 128 6.85 -6.54 -3.93
C LEU A 128 7.61 -6.57 -5.26
N ASP A 129 7.79 -7.77 -5.80
CA ASP A 129 8.49 -7.94 -7.06
C ASP A 129 7.90 -7.03 -8.14
N ILE A 130 6.58 -7.07 -8.28
CA ILE A 130 5.89 -6.26 -9.27
C ILE A 130 6.18 -4.77 -9.07
N TRP A 131 6.19 -4.35 -7.81
CA TRP A 131 6.46 -2.96 -7.48
C TRP A 131 7.78 -2.50 -8.08
N ASP A 132 8.85 -3.19 -7.74
CA ASP A 132 10.18 -2.86 -8.25
C ASP A 132 10.18 -2.84 -9.79
N ARG A 133 9.76 -3.94 -10.39
CA ARG A 133 9.72 -4.06 -11.84
C ARG A 133 8.88 -2.94 -12.44
N SER A 134 7.57 -3.03 -12.26
CA SER A 134 6.65 -2.02 -12.79
C SER A 134 7.03 -0.62 -12.30
N GLY A 135 6.70 -0.33 -11.04
CA GLY A 135 7.02 0.96 -10.48
C GLY A 135 6.19 1.28 -9.26
N LEU A 136 6.85 1.47 -8.11
CA LEU A 136 6.16 1.78 -6.87
C LEU A 136 7.07 2.56 -5.92
N PHE A 137 8.11 1.90 -5.45
CA PHE A 137 9.06 2.53 -4.53
C PHE A 137 10.48 2.40 -5.04
N GLN A 138 11.44 2.87 -4.25
CA GLN A 138 12.85 2.80 -4.64
C GLN A 138 13.27 1.38 -4.97
N LYS A 139 14.09 1.23 -5.99
CA LYS A 139 14.56 -0.09 -6.41
C LYS A 139 15.39 -0.74 -5.30
N SER A 140 14.71 -1.51 -4.45
CA SER A 140 15.39 -2.19 -3.35
C SER A 140 16.33 -1.24 -2.62
N TYR A 141 15.92 0.00 -2.49
CA TYR A 141 16.71 1.02 -1.81
C TYR A 141 16.31 1.14 -0.35
N LEU A 142 15.65 0.11 0.17
CA LEU A 142 15.20 0.10 1.56
C LEU A 142 15.71 -1.13 2.28
N ASN A 143 16.48 -0.93 3.35
CA ASN A 143 17.02 -2.03 4.14
C ASN A 143 15.92 -2.98 4.57
N ALA A 144 14.68 -2.47 4.62
CA ALA A 144 13.54 -3.28 5.01
C ALA A 144 13.63 -4.69 4.43
N ILE A 145 12.98 -4.91 3.30
CA ILE A 145 12.99 -6.21 2.65
C ILE A 145 14.36 -6.53 2.06
N ARG A 146 15.14 -5.47 1.81
CA ARG A 146 16.48 -5.64 1.26
C ARG A 146 17.22 -6.78 1.95
N SER A 147 17.29 -6.71 3.28
CA SER A 147 17.97 -7.74 4.06
C SER A 147 17.30 -9.10 3.87
N LYS A 148 17.88 -9.91 3.00
CA LYS A 148 17.35 -11.24 2.72
C LYS A 148 17.03 -11.98 4.03
N CYS A 149 17.77 -11.64 5.08
CA CYS A 149 17.57 -12.27 6.38
C CYS A 149 16.09 -12.28 6.76
N PHE A 150 15.36 -11.29 6.28
CA PHE A 150 13.93 -11.19 6.56
C PHE A 150 13.19 -12.45 6.12
N ALA A 151 12.63 -12.40 4.91
CA ALA A 151 11.90 -13.54 4.37
C ALA A 151 12.60 -14.85 4.69
N MET A 152 13.93 -14.82 4.67
CA MET A 152 14.74 -16.01 4.95
C MET A 152 14.47 -16.51 6.36
N ASP A 153 14.95 -15.76 7.35
CA ASP A 153 14.77 -16.12 8.75
C ASP A 153 13.29 -16.07 9.14
N LEU A 154 12.64 -14.95 8.83
CA LEU A 154 11.24 -14.77 9.15
C LEU A 154 10.42 -16.00 8.74
N GLU A 155 10.90 -16.71 7.73
CA GLU A 155 10.23 -17.90 7.24
C GLU A 155 10.73 -19.15 7.96
N HIS A 156 11.18 -18.98 9.19
CA HIS A 156 11.70 -20.08 9.99
C HIS A 156 10.71 -21.24 10.02
N HIS A 157 11.12 -22.38 9.48
CA HIS A 157 10.26 -23.56 9.44
C HIS A 157 11.08 -24.81 9.12
N HIS A 158 10.41 -25.96 9.15
CA HIS A 158 11.07 -27.23 8.86
C HIS A 158 10.34 -27.98 7.75
N HIS A 159 10.67 -27.64 6.50
CA HIS A 159 10.05 -28.28 5.35
C HIS A 159 10.68 -27.80 4.05
N HIS A 160 10.41 -28.50 2.96
CA HIS A 160 10.96 -28.15 1.65
C HIS A 160 12.48 -28.07 1.70
N HIS A 161 13.09 -28.95 2.49
CA HIS A 161 14.54 -28.97 2.64
C HIS A 161 15.07 -27.59 2.99
N ASP B 1 -18.55 -10.36 -6.35
CA ASP B 1 -19.48 -10.65 -5.26
C ASP B 1 -20.72 -9.78 -5.36
N ASP B 2 -20.57 -8.60 -5.95
CA ASP B 2 -21.67 -7.67 -6.11
C ASP B 2 -21.23 -6.43 -6.89
N ASP B 3 -20.01 -5.98 -6.64
CA ASP B 3 -19.47 -4.82 -7.32
C ASP B 3 -18.29 -5.19 -8.21
N GLU B 4 -17.15 -5.47 -7.60
CA GLU B 4 -15.95 -5.84 -8.34
C GLU B 4 -14.81 -6.16 -7.40
N ASP B 5 -14.63 -7.45 -7.10
CA ASP B 5 -13.57 -7.89 -6.21
C ASP B 5 -12.55 -8.75 -6.96
N GLY B 6 -11.44 -8.14 -7.34
CA GLY B 6 -10.41 -8.86 -8.07
C GLY B 6 -9.46 -7.93 -8.80
N TYR B 7 -8.59 -7.27 -8.06
CA TYR B 7 -7.62 -6.34 -8.64
C TYR B 7 -6.21 -6.88 -8.53
N ASN B 8 -5.43 -6.74 -9.60
CA ASN B 8 -4.06 -7.22 -9.62
C ASN B 8 -3.08 -6.06 -9.74
N PRO B 9 -2.00 -6.12 -8.95
CA PRO B 9 -0.96 -5.06 -8.95
C PRO B 9 -0.14 -5.06 -10.24
N TYR B 10 -0.05 -6.22 -10.88
CA TYR B 10 0.70 -6.34 -12.13
C TYR B 10 0.00 -5.59 -13.26
N THR B 11 -1.24 -5.18 -13.02
CA THR B 11 -2.01 -4.45 -14.02
C THR B 11 -2.65 -3.21 -13.42
N LEU B 12 -2.68 -2.13 -14.20
CA LEU B 12 -3.27 -0.88 -13.74
C LEU B 12 -4.58 -0.59 -14.47
N MET A 1 -12.30 21.60 -6.67
CA MET A 1 -11.72 21.61 -5.34
C MET A 1 -12.72 22.17 -4.32
N GLN A 2 -13.57 21.29 -3.80
CA GLN A 2 -14.57 21.70 -2.81
C GLN A 2 -14.71 20.65 -1.72
N GLN A 3 -15.64 20.88 -0.80
CA GLN A 3 -15.88 19.95 0.30
C GLN A 3 -16.36 18.60 -0.22
N ASP A 4 -16.97 18.62 -1.40
CA ASP A 4 -17.48 17.40 -2.01
C ASP A 4 -16.35 16.41 -2.29
N ASP A 5 -16.58 15.14 -1.99
CA ASP A 5 -15.58 14.11 -2.21
C ASP A 5 -14.35 14.34 -1.33
N ASP A 6 -14.58 14.53 -0.03
CA ASP A 6 -13.50 14.76 0.92
C ASP A 6 -13.00 13.44 1.50
N PHE A 7 -12.33 13.53 2.64
CA PHE A 7 -11.79 12.34 3.30
C PHE A 7 -12.91 11.35 3.61
N GLN A 8 -14.15 11.82 3.52
CA GLN A 8 -15.31 10.96 3.79
C GLN A 8 -15.24 9.69 2.96
N ASN A 9 -15.42 9.83 1.66
CA ASN A 9 -15.39 8.68 0.75
C ASN A 9 -14.11 7.87 0.95
N PHE A 10 -12.97 8.57 0.98
CA PHE A 10 -11.68 7.92 1.16
C PHE A 10 -11.68 7.03 2.40
N VAL A 11 -11.72 7.67 3.57
CA VAL A 11 -11.73 6.95 4.84
C VAL A 11 -12.83 5.90 4.86
N ALA A 12 -14.01 6.26 4.37
CA ALA A 12 -15.14 5.34 4.33
C ALA A 12 -14.77 4.05 3.61
N THR A 13 -14.17 4.19 2.43
CA THR A 13 -13.78 3.04 1.63
C THR A 13 -12.84 2.13 2.42
N LEU A 14 -11.76 2.72 2.94
CA LEU A 14 -10.78 1.97 3.71
C LEU A 14 -11.44 1.24 4.88
N GLU A 15 -12.18 2.00 5.69
CA GLU A 15 -12.86 1.43 6.85
C GLU A 15 -13.66 0.19 6.46
N SER A 16 -14.60 0.37 5.53
CA SER A 16 -15.44 -0.74 5.07
C SER A 16 -14.57 -1.89 4.56
N PHE A 17 -13.42 -1.56 4.00
CA PHE A 17 -12.50 -2.58 3.48
C PHE A 17 -12.12 -3.57 4.56
N LYS A 18 -11.42 -3.08 5.59
CA LYS A 18 -11.00 -3.94 6.69
C LYS A 18 -12.19 -4.67 7.31
N ASP A 19 -13.33 -3.99 7.37
CA ASP A 19 -14.54 -4.58 7.93
C ASP A 19 -14.90 -5.87 7.22
N LEU A 20 -14.44 -6.01 5.98
CA LEU A 20 -14.72 -7.21 5.19
C LEU A 20 -13.99 -8.41 5.76
N LYS A 21 -14.37 -9.60 5.30
CA LYS A 21 -13.75 -10.84 5.77
C LYS A 21 -12.79 -11.39 4.72
N SER A 22 -11.76 -10.63 4.40
CA SER A 22 -10.77 -11.04 3.41
C SER A 22 -11.38 -11.04 2.01
N GLY A 23 -12.26 -10.07 1.76
CA GLY A 23 -12.89 -9.98 0.46
C GLY A 23 -12.07 -9.17 -0.54
N ILE A 24 -11.63 -7.99 -0.12
CA ILE A 24 -10.83 -7.13 -0.98
C ILE A 24 -11.57 -6.80 -2.27
N SER A 25 -12.43 -5.79 -2.22
CA SER A 25 -13.20 -5.37 -3.38
C SER A 25 -12.42 -4.37 -4.23
N GLY A 26 -12.21 -4.70 -5.49
CA GLY A 26 -11.48 -3.83 -6.39
C GLY A 26 -12.01 -2.42 -6.39
N SER A 27 -13.33 -2.28 -6.39
CA SER A 27 -13.99 -0.98 -6.39
C SER A 27 -13.42 -0.10 -5.28
N ARG A 28 -13.35 -0.65 -4.08
CA ARG A 28 -12.83 0.09 -2.92
C ARG A 28 -11.47 0.68 -3.23
N ILE A 29 -10.50 -0.19 -3.54
CA ILE A 29 -9.15 0.25 -3.84
C ILE A 29 -9.16 1.37 -4.88
N LYS A 30 -9.97 1.21 -5.91
CA LYS A 30 -10.08 2.22 -6.97
C LYS A 30 -10.43 3.58 -6.39
N LYS A 31 -11.50 3.63 -5.61
CA LYS A 31 -11.95 4.86 -4.99
C LYS A 31 -10.80 5.55 -4.24
N LEU A 32 -10.10 4.77 -3.41
CA LEU A 32 -8.98 5.30 -2.64
C LEU A 32 -7.93 5.90 -3.56
N THR A 33 -7.52 5.15 -4.57
CA THR A 33 -6.52 5.61 -5.52
C THR A 33 -6.96 6.90 -6.20
N THR A 34 -7.94 6.78 -7.09
CA THR A 34 -8.45 7.94 -7.81
C THR A 34 -8.59 9.15 -6.89
N TYR A 35 -9.15 8.91 -5.71
CA TYR A 35 -9.35 9.97 -4.73
C TYR A 35 -8.02 10.65 -4.39
N ALA A 36 -7.07 9.85 -3.92
CA ALA A 36 -5.75 10.36 -3.55
C ALA A 36 -5.19 11.26 -4.64
N LEU A 37 -5.07 10.72 -5.85
CA LEU A 37 -4.54 11.47 -6.98
C LEU A 37 -5.37 12.72 -7.23
N ASP A 38 -6.68 12.57 -7.22
CA ASP A 38 -7.58 13.70 -7.44
C ASP A 38 -7.30 14.82 -6.44
N HIS A 39 -6.79 14.45 -5.28
CA HIS A 39 -6.48 15.42 -4.23
C HIS A 39 -5.06 15.23 -3.71
N ILE A 40 -4.09 15.80 -4.42
CA ILE A 40 -2.69 15.69 -4.02
C ILE A 40 -2.37 16.63 -2.86
N ASP A 41 -3.37 17.39 -2.43
CA ASP A 41 -3.20 18.33 -1.33
C ASP A 41 -3.52 17.66 0.00
N ILE A 42 -3.51 16.33 0.02
CA ILE A 42 -3.82 15.57 1.23
C ILE A 42 -3.03 14.27 1.27
N GLU A 43 -1.84 14.29 0.68
CA GLU A 43 -0.99 13.09 0.65
C GLU A 43 -0.67 12.61 2.05
N SER A 44 -0.52 13.56 2.98
CA SER A 44 -0.21 13.23 4.37
C SER A 44 -1.29 12.34 4.97
N LYS A 45 -2.45 12.92 5.23
CA LYS A 45 -3.57 12.18 5.81
C LYS A 45 -3.80 10.88 5.06
N ILE A 46 -3.80 10.94 3.74
CA ILE A 46 -4.00 9.76 2.91
C ILE A 46 -2.97 8.69 3.23
N ILE A 47 -1.71 8.94 2.87
CA ILE A 47 -0.63 8.00 3.12
C ILE A 47 -0.67 7.49 4.56
N SER A 48 -0.81 8.42 5.50
CA SER A 48 -0.85 8.06 6.91
C SER A 48 -2.00 7.09 7.19
N LEU A 49 -3.14 7.35 6.56
CA LEU A 49 -4.32 6.50 6.75
C LEU A 49 -4.00 5.05 6.35
N ILE A 50 -3.75 4.83 5.07
CA ILE A 50 -3.44 3.50 4.57
C ILE A 50 -2.41 2.81 5.46
N ILE A 51 -1.36 3.54 5.82
CA ILE A 51 -0.30 3.00 6.66
C ILE A 51 -0.87 2.44 7.97
N ASP A 52 -1.53 3.31 8.73
CA ASP A 52 -2.13 2.92 10.00
C ASP A 52 -3.11 1.76 9.80
N TYR A 53 -4.02 1.93 8.84
CA TYR A 53 -5.03 0.91 8.56
C TYR A 53 -4.36 -0.46 8.38
N SER A 54 -3.19 -0.47 7.77
CA SER A 54 -2.46 -1.72 7.54
C SER A 54 -2.07 -2.37 8.86
N ARG A 55 -1.07 -1.79 9.53
CA ARG A 55 -0.60 -2.32 10.80
C ARG A 55 -1.77 -2.70 11.70
N LEU A 56 -2.86 -1.95 11.58
CA LEU A 56 -4.06 -2.20 12.38
C LEU A 56 -4.57 -3.62 12.18
N CYS A 57 -5.33 -3.83 11.11
CA CYS A 57 -5.88 -5.14 10.80
C CYS A 57 -4.77 -6.17 10.65
N PRO A 58 -5.03 -7.39 11.11
CA PRO A 58 -4.06 -8.49 11.04
C PRO A 58 -3.84 -8.98 9.61
N ASP A 59 -4.50 -10.07 9.25
CA ASP A 59 -4.38 -10.64 7.92
C ASP A 59 -5.02 -9.73 6.88
N SER A 60 -6.29 -9.38 7.11
CA SER A 60 -7.02 -8.51 6.19
C SER A 60 -6.11 -7.42 5.64
N HIS A 61 -5.41 -6.73 6.52
CA HIS A 61 -4.50 -5.66 6.12
C HIS A 61 -3.43 -6.18 5.17
N LYS A 62 -2.74 -7.25 5.58
CA LYS A 62 -1.70 -7.85 4.77
C LYS A 62 -2.05 -7.76 3.29
N LEU A 63 -2.97 -8.60 2.85
CA LEU A 63 -3.39 -8.63 1.45
C LEU A 63 -3.99 -7.29 1.05
N GLY A 64 -5.02 -6.85 1.77
CA GLY A 64 -5.66 -5.58 1.48
C GLY A 64 -4.67 -4.46 1.30
N SER A 65 -4.11 -3.98 2.41
CA SER A 65 -3.15 -2.89 2.38
C SER A 65 -2.24 -3.01 1.15
N LEU A 66 -1.48 -4.09 1.09
CA LEU A 66 -0.58 -4.33 -0.03
C LEU A 66 -1.20 -3.89 -1.34
N TYR A 67 -2.40 -4.42 -1.61
CA TYR A 67 -3.12 -4.08 -2.85
C TYR A 67 -3.35 -2.58 -2.96
N ILE A 68 -3.85 -1.99 -1.87
CA ILE A 68 -4.12 -0.56 -1.84
C ILE A 68 -2.87 0.24 -2.17
N ILE A 69 -1.81 0.01 -1.40
CA ILE A 69 -0.54 0.71 -1.61
C ILE A 69 -0.05 0.52 -3.04
N ASP A 70 -0.27 -0.66 -3.59
CA ASP A 70 0.16 -0.97 -4.96
C ASP A 70 -0.47 0.01 -5.95
N SER A 71 -1.79 0.09 -5.94
CA SER A 71 -2.50 0.99 -6.85
C SER A 71 -2.03 2.43 -6.68
N ILE A 72 -2.21 2.96 -5.48
CA ILE A 72 -1.81 4.33 -5.18
C ILE A 72 -0.34 4.55 -5.54
N GLY A 73 0.50 3.58 -5.21
CA GLY A 73 1.92 3.69 -5.50
C GLY A 73 2.19 3.96 -6.97
N ARG A 74 1.73 3.05 -7.84
CA ARG A 74 1.92 3.19 -9.27
C ARG A 74 1.44 4.55 -9.75
N ALA A 75 0.19 4.89 -9.43
CA ALA A 75 -0.37 6.17 -9.84
C ALA A 75 0.48 7.33 -9.35
N TYR A 76 0.63 7.44 -8.04
CA TYR A 76 1.42 8.51 -7.45
C TYR A 76 2.80 8.60 -8.11
N LEU A 77 3.45 7.45 -8.27
CA LEU A 77 4.77 7.39 -8.89
C LEU A 77 4.76 8.11 -10.23
N ASP A 78 3.84 7.70 -11.11
CA ASP A 78 3.73 8.30 -12.43
C ASP A 78 3.57 9.81 -12.33
N GLU A 79 2.72 10.25 -11.40
CA GLU A 79 2.47 11.67 -11.20
C GLU A 79 3.77 12.43 -10.94
N THR A 80 4.33 12.23 -9.75
CA THR A 80 5.57 12.89 -9.37
C THR A 80 6.66 12.65 -10.42
N ARG A 81 6.68 11.45 -10.97
CA ARG A 81 7.67 11.10 -11.99
C ARG A 81 7.63 12.09 -13.15
N SER A 82 6.44 12.40 -13.61
CA SER A 82 6.26 13.33 -14.73
C SER A 82 7.03 14.63 -14.47
N ASN A 83 6.57 15.39 -13.47
CA ASN A 83 7.22 16.65 -13.13
C ASN A 83 8.57 16.41 -12.45
N SER A 84 8.52 16.01 -11.19
CA SER A 84 9.74 15.75 -10.42
C SER A 84 9.40 15.30 -9.01
N ASN A 85 10.42 14.82 -8.29
CA ASN A 85 10.23 14.35 -6.92
C ASN A 85 10.74 15.38 -5.92
N SER A 86 10.80 15.00 -4.65
CA SER A 86 11.26 15.90 -3.60
C SER A 86 12.07 15.13 -2.56
N SER A 87 12.37 15.80 -1.45
CA SER A 87 13.15 15.19 -0.37
C SER A 87 12.24 14.36 0.53
N SER A 88 12.79 13.92 1.66
CA SER A 88 12.03 13.12 2.62
C SER A 88 11.84 13.87 3.94
N ASN A 89 11.38 15.11 3.84
CA ASN A 89 11.16 15.93 5.03
C ASN A 89 9.69 16.36 5.12
N LYS A 90 8.93 15.63 5.92
CA LYS A 90 7.51 15.93 6.11
C LYS A 90 6.74 15.78 4.79
N PRO A 91 5.42 15.64 4.90
CA PRO A 91 4.54 15.48 3.73
C PRO A 91 4.44 16.77 2.92
N GLY A 92 3.73 16.70 1.79
CA GLY A 92 3.56 17.87 0.95
C GLY A 92 2.83 17.55 -0.33
N THR A 93 3.22 16.45 -0.98
CA THR A 93 2.59 16.04 -2.23
C THR A 93 2.93 14.60 -2.57
N CYS A 94 2.50 14.16 -3.74
CA CYS A 94 2.76 12.79 -4.18
C CYS A 94 4.18 12.36 -3.83
N ALA A 95 5.14 13.22 -4.15
CA ALA A 95 6.54 12.93 -3.86
C ALA A 95 6.73 12.45 -2.43
N HIS A 96 6.50 13.35 -1.47
CA HIS A 96 6.64 13.01 -0.06
C HIS A 96 5.85 11.75 0.28
N ALA A 97 4.69 11.60 -0.35
CA ALA A 97 3.84 10.44 -0.12
C ALA A 97 4.60 9.14 -0.36
N ILE A 98 5.08 8.96 -1.59
CA ILE A 98 5.83 7.76 -1.94
C ILE A 98 7.00 7.54 -0.99
N ASN A 99 7.74 8.61 -0.71
CA ASN A 99 8.89 8.53 0.19
C ASN A 99 8.47 7.97 1.55
N THR A 100 7.46 8.58 2.15
CA THR A 100 6.96 8.15 3.45
C THR A 100 6.61 6.67 3.44
N LEU A 101 5.77 6.27 2.49
CA LEU A 101 5.34 4.88 2.38
C LEU A 101 6.55 3.95 2.36
N GLY A 102 7.45 4.17 1.41
CA GLY A 102 8.63 3.34 1.31
C GLY A 102 9.47 3.36 2.58
N GLU A 103 9.20 4.33 3.44
CA GLU A 103 9.94 4.46 4.69
C GLU A 103 9.27 3.64 5.80
N VAL A 104 8.06 3.16 5.53
CA VAL A 104 7.31 2.37 6.50
C VAL A 104 6.94 1.01 5.92
N ILE A 105 7.03 0.90 4.60
CA ILE A 105 6.69 -0.36 3.93
C ILE A 105 7.39 -1.54 4.59
N GLN A 106 8.56 -1.28 5.17
CA GLN A 106 9.33 -2.33 5.83
C GLN A 106 8.43 -3.14 6.77
N GLU A 107 8.02 -2.52 7.87
CA GLU A 107 7.16 -3.19 8.84
C GLU A 107 5.90 -3.74 8.18
N LEU A 108 5.34 -2.97 7.26
CA LEU A 108 4.13 -3.38 6.55
C LEU A 108 4.33 -4.72 5.86
N LEU A 109 5.07 -4.70 4.76
CA LEU A 109 5.35 -5.93 4.00
C LEU A 109 5.93 -7.00 4.90
N SER A 110 7.09 -6.72 5.49
CA SER A 110 7.75 -7.67 6.37
C SER A 110 6.74 -8.44 7.21
N ASP A 111 6.09 -7.74 8.14
CA ASP A 111 5.09 -8.36 9.00
C ASP A 111 4.10 -9.18 8.18
N ALA A 112 3.65 -8.61 7.07
CA ALA A 112 2.70 -9.29 6.20
C ALA A 112 3.23 -10.65 5.76
N ILE A 113 4.41 -10.66 5.16
CA ILE A 113 5.02 -11.90 4.70
C ILE A 113 5.15 -12.91 5.84
N ALA A 114 5.61 -12.43 6.99
CA ALA A 114 5.77 -13.29 8.15
C ALA A 114 4.46 -13.94 8.54
N LYS A 115 3.52 -13.14 9.03
CA LYS A 115 2.21 -13.65 9.43
C LYS A 115 1.58 -14.48 8.32
N SER A 116 1.58 -13.94 7.11
CA SER A 116 1.00 -14.62 5.96
C SER A 116 1.56 -16.03 5.84
N ASN A 117 0.71 -16.98 5.44
CA ASN A 117 1.12 -18.37 5.29
C ASN A 117 1.53 -18.66 3.85
N GLN A 118 1.86 -19.92 3.57
CA GLN A 118 2.27 -20.32 2.24
C GLN A 118 1.43 -19.61 1.17
N ASP A 119 0.11 -19.74 1.28
CA ASP A 119 -0.79 -19.12 0.33
C ASP A 119 -0.65 -17.60 0.35
N HIS A 120 -1.11 -16.98 1.44
CA HIS A 120 -1.03 -15.53 1.58
C HIS A 120 0.37 -15.02 1.19
N LYS A 121 1.39 -15.51 1.90
CA LYS A 121 2.76 -15.10 1.63
C LYS A 121 3.05 -15.12 0.12
N GLU A 122 2.50 -16.11 -0.56
CA GLU A 122 2.69 -16.25 -2.00
C GLU A 122 2.14 -15.03 -2.75
N LYS A 123 0.94 -14.61 -2.36
CA LYS A 123 0.29 -13.46 -2.99
C LYS A 123 1.17 -12.21 -2.87
N ILE A 124 1.62 -11.93 -1.64
CA ILE A 124 2.46 -10.77 -1.39
C ILE A 124 3.71 -10.81 -2.27
N ARG A 125 4.43 -11.92 -2.22
CA ARG A 125 5.66 -12.07 -3.00
C ARG A 125 5.42 -11.67 -4.46
N MET A 126 4.38 -12.26 -5.06
CA MET A 126 4.05 -11.96 -6.45
C MET A 126 3.88 -10.45 -6.67
N LEU A 127 3.15 -9.82 -5.76
CA LEU A 127 2.90 -8.38 -5.85
C LEU A 127 4.22 -7.61 -5.92
N LEU A 128 5.14 -7.96 -5.02
CA LEU A 128 6.44 -7.30 -4.98
C LEU A 128 7.15 -7.39 -6.33
N ASP A 129 7.24 -8.61 -6.84
CA ASP A 129 7.89 -8.85 -8.14
C ASP A 129 7.33 -7.91 -9.20
N ILE A 130 6.01 -7.83 -9.27
CA ILE A 130 5.35 -6.97 -10.25
C ILE A 130 5.80 -5.52 -10.10
N TRP A 131 5.88 -5.06 -8.86
CA TRP A 131 6.31 -3.68 -8.59
C TRP A 131 7.66 -3.40 -9.23
N ASP A 132 8.68 -4.15 -8.81
CA ASP A 132 10.03 -3.98 -9.35
C ASP A 132 10.03 -4.11 -10.86
N ARG A 133 9.51 -5.22 -11.36
CA ARG A 133 9.46 -5.47 -12.80
C ARG A 133 8.84 -4.29 -13.52
N SER A 134 7.53 -4.10 -13.33
CA SER A 134 6.82 -3.00 -13.97
C SER A 134 7.54 -1.68 -13.77
N GLY A 135 7.70 -1.28 -12.51
CA GLY A 135 8.37 -0.04 -12.19
C GLY A 135 7.65 0.77 -11.13
N LEU A 136 7.68 0.28 -9.90
CA LEU A 136 7.03 0.96 -8.79
C LEU A 136 8.03 1.30 -7.69
N PHE A 137 7.88 2.50 -7.13
CA PHE A 137 8.78 2.96 -6.08
C PHE A 137 10.24 2.78 -6.48
N GLN A 138 10.56 3.21 -7.70
CA GLN A 138 11.93 3.10 -8.20
C GLN A 138 12.72 4.38 -7.93
N LYS A 139 12.22 5.18 -6.99
CA LYS A 139 12.88 6.43 -6.63
C LYS A 139 13.73 6.25 -5.37
N SER A 140 13.57 5.11 -4.71
CA SER A 140 14.32 4.82 -3.50
C SER A 140 13.96 3.45 -2.94
N TYR A 141 14.76 2.45 -3.27
CA TYR A 141 14.52 1.08 -2.81
C TYR A 141 14.44 1.03 -1.28
N LEU A 142 14.27 -0.17 -0.75
CA LEU A 142 14.19 -0.36 0.69
C LEU A 142 14.78 -1.71 1.10
N ASN A 143 15.66 -1.67 2.10
CA ASN A 143 16.30 -2.89 2.59
C ASN A 143 15.27 -3.91 3.06
N ALA A 144 14.06 -3.43 3.33
CA ALA A 144 12.97 -4.29 3.78
C ALA A 144 12.95 -5.60 2.98
N ILE A 145 12.13 -5.64 1.94
CA ILE A 145 12.01 -6.82 1.10
C ILE A 145 13.30 -7.07 0.32
N ARG A 146 14.06 -6.00 0.10
CA ARG A 146 15.32 -6.09 -0.63
C ARG A 146 16.12 -7.33 -0.20
N SER A 147 16.30 -7.47 1.10
CA SER A 147 17.04 -8.60 1.65
C SER A 147 16.20 -9.88 1.61
N LYS A 148 16.36 -10.63 0.52
CA LYS A 148 15.62 -11.88 0.35
C LYS A 148 15.61 -12.69 1.65
N CYS A 149 16.71 -12.60 2.41
CA CYS A 149 16.82 -13.32 3.67
C CYS A 149 15.51 -13.29 4.43
N PHE A 150 14.82 -12.15 4.39
CA PHE A 150 13.55 -11.99 5.09
C PHE A 150 12.54 -13.02 4.61
N ALA A 151 11.90 -12.75 3.47
CA ALA A 151 10.92 -13.65 2.91
C ALA A 151 11.21 -15.10 3.28
N MET A 152 12.38 -15.58 2.87
CA MET A 152 12.79 -16.95 3.17
C MET A 152 12.86 -17.18 4.67
N ASP A 153 13.75 -16.46 5.34
CA ASP A 153 13.91 -16.58 6.79
C ASP A 153 12.63 -16.20 7.51
N LEU A 154 12.29 -14.91 7.46
CA LEU A 154 11.08 -14.42 8.12
C LEU A 154 9.93 -15.41 7.98
N GLU A 155 9.88 -16.09 6.83
CA GLU A 155 8.83 -17.07 6.57
C GLU A 155 8.70 -18.05 7.74
N HIS A 156 9.78 -18.75 8.03
CA HIS A 156 9.79 -19.72 9.12
C HIS A 156 10.43 -19.13 10.38
N HIS A 157 10.41 -19.89 11.46
CA HIS A 157 10.98 -19.44 12.73
C HIS A 157 12.45 -19.08 12.56
N HIS A 158 13.07 -18.60 13.63
CA HIS A 158 14.48 -18.22 13.59
C HIS A 158 15.37 -19.36 14.09
N HIS A 159 15.01 -20.58 13.69
CA HIS A 159 15.78 -21.76 14.09
C HIS A 159 16.23 -22.55 12.87
N HIS A 160 16.84 -21.85 11.91
CA HIS A 160 17.32 -22.49 10.69
C HIS A 160 18.59 -23.28 10.95
N HIS A 161 19.13 -23.89 9.90
CA HIS A 161 20.35 -24.68 10.02
C HIS A 161 20.82 -25.17 8.65
N ASP B 1 -21.88 -11.51 -2.67
CA ASP B 1 -20.81 -10.56 -2.96
C ASP B 1 -20.64 -10.38 -4.46
N ASP B 2 -21.25 -9.33 -5.00
CA ASP B 2 -21.16 -9.05 -6.43
C ASP B 2 -20.63 -7.63 -6.67
N ASP B 3 -19.32 -7.48 -6.58
CA ASP B 3 -18.69 -6.18 -6.79
C ASP B 3 -17.27 -6.34 -7.33
N GLU B 4 -17.14 -7.08 -8.42
CA GLU B 4 -15.83 -7.31 -9.03
C GLU B 4 -14.98 -8.21 -8.14
N ASP B 5 -14.45 -7.64 -7.07
CA ASP B 5 -13.61 -8.39 -6.14
C ASP B 5 -12.35 -8.89 -6.83
N GLY B 6 -11.39 -9.35 -6.03
CA GLY B 6 -10.14 -9.86 -6.59
C GLY B 6 -9.39 -8.80 -7.38
N TYR B 7 -8.90 -7.78 -6.69
CA TYR B 7 -8.16 -6.70 -7.34
C TYR B 7 -6.90 -7.23 -8.01
N ASN B 8 -6.67 -6.79 -9.25
CA ASN B 8 -5.50 -7.22 -10.00
C ASN B 8 -4.47 -6.10 -10.08
N PRO B 9 -3.49 -6.12 -9.15
CA PRO B 9 -2.43 -5.12 -9.09
C PRO B 9 -1.44 -5.25 -10.24
N TYR B 10 -1.58 -6.34 -11.02
CA TYR B 10 -0.71 -6.57 -12.15
C TYR B 10 -1.01 -5.61 -13.30
N THR B 11 -2.29 -5.28 -13.45
CA THR B 11 -2.72 -4.37 -14.51
C THR B 11 -3.91 -3.53 -14.05
N LEU B 12 -3.75 -2.21 -14.09
CA LEU B 12 -4.81 -1.29 -13.69
C LEU B 12 -5.97 -1.34 -14.66
N MET A 1 -20.25 18.28 -5.35
CA MET A 1 -19.56 17.14 -4.76
C MET A 1 -18.25 17.58 -4.10
N GLN A 2 -18.37 18.40 -3.06
CA GLN A 2 -17.20 18.90 -2.35
C GLN A 2 -17.22 18.43 -0.90
N GLN A 3 -18.41 18.34 -0.32
CA GLN A 3 -18.56 17.90 1.07
C GLN A 3 -18.97 16.43 1.13
N ASP A 4 -19.82 16.02 0.19
CA ASP A 4 -20.28 14.64 0.14
C ASP A 4 -19.14 13.69 -0.23
N ASP A 5 -18.09 14.25 -0.81
CA ASP A 5 -16.93 13.45 -1.22
C ASP A 5 -15.74 13.73 -0.31
N ASP A 6 -15.99 13.80 0.99
CA ASP A 6 -14.94 14.06 1.97
C ASP A 6 -14.33 12.75 2.46
N PHE A 7 -13.62 12.82 3.58
CA PHE A 7 -12.98 11.65 4.16
C PHE A 7 -13.95 10.48 4.22
N GLN A 8 -15.25 10.79 4.30
CA GLN A 8 -16.27 9.77 4.37
C GLN A 8 -16.04 8.69 3.31
N ASN A 9 -15.98 9.11 2.05
CA ASN A 9 -15.75 8.18 0.94
C ASN A 9 -14.52 7.33 1.19
N PHE A 10 -13.41 7.98 1.48
CA PHE A 10 -12.15 7.28 1.73
C PHE A 10 -12.32 6.25 2.85
N VAL A 11 -12.49 6.74 4.08
CA VAL A 11 -12.67 5.86 5.23
C VAL A 11 -13.70 4.77 4.94
N ALA A 12 -14.81 5.17 4.32
CA ALA A 12 -15.87 4.22 4.00
C ALA A 12 -15.32 3.03 3.22
N THR A 13 -14.56 3.30 2.16
CA THR A 13 -13.98 2.26 1.34
C THR A 13 -13.11 1.32 2.17
N LEU A 14 -12.18 1.90 2.91
CA LEU A 14 -11.28 1.13 3.77
C LEU A 14 -12.07 0.25 4.73
N GLU A 15 -12.98 0.87 5.47
CA GLU A 15 -13.81 0.15 6.44
C GLU A 15 -14.44 -1.08 5.79
N SER A 16 -15.16 -0.87 4.70
CA SER A 16 -15.82 -1.97 3.99
C SER A 16 -14.81 -3.03 3.58
N PHE A 17 -13.59 -2.60 3.31
CA PHE A 17 -12.53 -3.50 2.89
C PHE A 17 -12.33 -4.61 3.92
N LYS A 18 -11.94 -4.22 5.13
CA LYS A 18 -11.71 -5.17 6.20
C LYS A 18 -12.96 -6.00 6.47
N ASP A 19 -14.12 -5.37 6.38
CA ASP A 19 -15.39 -6.04 6.61
C ASP A 19 -15.53 -7.26 5.70
N LEU A 20 -14.83 -7.23 4.58
CA LEU A 20 -14.87 -8.33 3.62
C LEU A 20 -14.46 -9.64 4.28
N LYS A 21 -14.47 -10.72 3.50
CA LYS A 21 -14.10 -12.03 4.01
C LYS A 21 -12.61 -12.30 3.81
N SER A 22 -12.01 -11.59 2.86
CA SER A 22 -10.59 -11.74 2.57
C SER A 22 -9.84 -10.44 2.83
N GLY A 23 -10.32 -9.35 2.21
CA GLY A 23 -9.69 -8.06 2.38
C GLY A 23 -9.05 -7.56 1.11
N ILE A 24 -9.67 -7.85 -0.03
CA ILE A 24 -9.15 -7.43 -1.32
C ILE A 24 -10.28 -7.11 -2.29
N SER A 25 -10.14 -6.02 -3.04
CA SER A 25 -11.15 -5.61 -4.00
C SER A 25 -10.68 -4.41 -4.81
N GLY A 26 -10.58 -4.58 -6.13
CA GLY A 26 -10.14 -3.51 -6.99
C GLY A 26 -10.98 -2.25 -6.82
N SER A 27 -12.30 -2.41 -6.88
CA SER A 27 -13.21 -1.28 -6.74
C SER A 27 -12.82 -0.41 -5.54
N ARG A 28 -12.76 -1.03 -4.37
CA ARG A 28 -12.40 -0.31 -3.15
C ARG A 28 -11.10 0.46 -3.34
N ILE A 29 -10.04 -0.25 -3.66
CA ILE A 29 -8.73 0.36 -3.87
C ILE A 29 -8.83 1.57 -4.80
N LYS A 30 -9.60 1.41 -5.88
CA LYS A 30 -9.79 2.48 -6.85
C LYS A 30 -10.33 3.74 -6.16
N LYS A 31 -11.46 3.61 -5.48
CA LYS A 31 -12.08 4.73 -4.79
C LYS A 31 -11.06 5.43 -3.89
N LEU A 32 -10.34 4.66 -3.09
CA LEU A 32 -9.34 5.20 -2.18
C LEU A 32 -8.29 6.00 -2.95
N THR A 33 -7.71 5.36 -3.97
CA THR A 33 -6.69 6.01 -4.79
C THR A 33 -7.22 7.30 -5.41
N THR A 34 -8.11 7.15 -6.39
CA THR A 34 -8.70 8.30 -7.07
C THR A 34 -9.03 9.41 -6.08
N TYR A 35 -9.63 9.03 -4.96
CA TYR A 35 -10.01 9.99 -3.93
C TYR A 35 -8.79 10.76 -3.42
N ALA A 36 -7.81 10.01 -2.95
CA ALA A 36 -6.58 10.61 -2.42
C ALA A 36 -6.03 11.66 -3.38
N LEU A 37 -5.76 11.24 -4.62
CA LEU A 37 -5.23 12.15 -5.62
C LEU A 37 -6.16 13.34 -5.82
N ASP A 38 -7.45 13.07 -5.99
CA ASP A 38 -8.44 14.12 -6.19
C ASP A 38 -8.42 15.11 -5.04
N HIS A 39 -7.93 14.65 -3.88
CA HIS A 39 -7.86 15.51 -2.70
C HIS A 39 -6.48 15.38 -2.03
N ILE A 40 -5.52 16.16 -2.53
CA ILE A 40 -4.18 16.15 -1.98
C ILE A 40 -4.09 16.94 -0.68
N ASP A 41 -5.22 17.54 -0.29
CA ASP A 41 -5.28 18.33 0.93
C ASP A 41 -5.65 17.45 2.12
N ILE A 42 -5.35 16.15 2.01
CA ILE A 42 -5.66 15.21 3.08
C ILE A 42 -4.68 14.03 3.06
N GLU A 43 -3.48 14.28 2.55
CA GLU A 43 -2.46 13.24 2.48
C GLU A 43 -2.18 12.65 3.85
N SER A 44 -2.23 13.49 4.88
CA SER A 44 -1.98 13.06 6.25
C SER A 44 -2.98 11.98 6.66
N LYS A 45 -4.21 12.38 6.93
CA LYS A 45 -5.25 11.46 7.33
C LYS A 45 -5.27 10.22 6.43
N ILE A 46 -5.20 10.45 5.13
CA ILE A 46 -5.19 9.36 4.16
C ILE A 46 -4.06 8.38 4.45
N ILE A 47 -2.84 8.79 4.15
CA ILE A 47 -1.67 7.94 4.38
C ILE A 47 -1.70 7.32 5.78
N SER A 48 -1.97 8.15 6.78
CA SER A 48 -2.03 7.68 8.16
C SER A 48 -3.06 6.56 8.31
N LEU A 49 -4.22 6.76 7.70
CA LEU A 49 -5.29 5.77 7.76
C LEU A 49 -4.82 4.41 7.23
N ILE A 50 -4.56 4.35 5.93
CA ILE A 50 -4.09 3.12 5.31
C ILE A 50 -2.99 2.47 6.13
N ILE A 51 -2.02 3.27 6.56
CA ILE A 51 -0.91 2.78 7.35
C ILE A 51 -1.41 2.05 8.60
N ASP A 52 -2.15 2.76 9.43
CA ASP A 52 -2.70 2.20 10.66
C ASP A 52 -3.51 0.94 10.36
N TYR A 53 -4.41 1.05 9.38
CA TYR A 53 -5.26 -0.07 9.00
C TYR A 53 -4.43 -1.32 8.74
N SER A 54 -3.27 -1.14 8.12
CA SER A 54 -2.38 -2.25 7.81
C SER A 54 -1.86 -2.89 9.09
N ARG A 55 -0.98 -2.18 9.79
CA ARG A 55 -0.40 -2.69 11.03
C ARG A 55 -1.49 -3.04 12.04
N LEU A 56 -2.68 -2.47 11.85
CA LEU A 56 -3.80 -2.72 12.73
C LEU A 56 -4.03 -4.22 12.90
N CYS A 57 -4.68 -4.83 11.92
CA CYS A 57 -4.97 -6.26 11.95
C CYS A 57 -3.81 -7.06 11.36
N PRO A 58 -3.86 -8.39 11.54
CA PRO A 58 -2.82 -9.29 11.03
C PRO A 58 -2.83 -9.39 9.51
N ASP A 59 -2.26 -10.48 8.99
CA ASP A 59 -2.21 -10.69 7.55
C ASP A 59 -3.41 -10.05 6.85
N SER A 60 -4.61 -10.37 7.34
CA SER A 60 -5.83 -9.84 6.77
C SER A 60 -5.61 -8.43 6.22
N HIS A 61 -5.57 -7.45 7.12
CA HIS A 61 -5.35 -6.06 6.74
C HIS A 61 -4.00 -5.89 6.05
N LYS A 62 -2.98 -6.56 6.58
CA LYS A 62 -1.64 -6.49 6.02
C LYS A 62 -1.69 -6.53 4.49
N LEU A 63 -2.18 -7.64 3.95
CA LEU A 63 -2.28 -7.80 2.50
C LEU A 63 -3.15 -6.71 1.89
N GLY A 64 -4.38 -6.60 2.38
CA GLY A 64 -5.29 -5.58 1.87
C GLY A 64 -4.65 -4.21 1.80
N SER A 65 -4.30 -3.67 2.96
CA SER A 65 -3.69 -2.34 3.03
C SER A 65 -2.54 -2.23 2.04
N LEU A 66 -1.70 -3.26 1.98
CA LEU A 66 -0.57 -3.27 1.08
C LEU A 66 -0.98 -2.87 -0.33
N TYR A 67 -1.96 -3.57 -0.87
CA TYR A 67 -2.46 -3.28 -2.22
C TYR A 67 -2.90 -1.83 -2.34
N ILE A 68 -3.65 -1.36 -1.34
CA ILE A 68 -4.14 0.02 -1.33
C ILE A 68 -2.98 1.01 -1.42
N ILE A 69 -1.99 0.83 -0.55
CA ILE A 69 -0.83 1.71 -0.53
C ILE A 69 -0.13 1.72 -1.88
N ASP A 70 -0.07 0.56 -2.52
CA ASP A 70 0.57 0.43 -3.82
C ASP A 70 -0.05 1.40 -4.83
N SER A 71 -1.36 1.32 -5.00
CA SER A 71 -2.07 2.18 -5.93
C SER A 71 -1.82 3.65 -5.61
N ILE A 72 -2.16 4.05 -4.39
CA ILE A 72 -1.97 5.42 -3.96
C ILE A 72 -0.52 5.87 -4.15
N GLY A 73 0.42 5.00 -3.78
CA GLY A 73 1.82 5.32 -3.91
C GLY A 73 2.19 5.69 -5.34
N ARG A 74 2.02 4.74 -6.26
CA ARG A 74 2.35 4.98 -7.66
C ARG A 74 1.73 6.29 -8.15
N ALA A 75 0.43 6.45 -7.95
CA ALA A 75 -0.28 7.65 -8.37
C ALA A 75 0.36 8.89 -7.74
N TYR A 76 0.37 8.94 -6.43
CA TYR A 76 0.95 10.08 -5.71
C TYR A 76 2.34 10.41 -6.24
N LEU A 77 3.17 9.38 -6.41
CA LEU A 77 4.52 9.57 -6.91
C LEU A 77 4.52 10.34 -8.22
N ASP A 78 3.92 9.75 -9.25
CA ASP A 78 3.84 10.38 -10.55
C ASP A 78 3.24 11.78 -10.45
N GLU A 79 2.24 11.92 -9.59
CA GLU A 79 1.58 13.21 -9.40
C GLU A 79 2.58 14.29 -9.02
N THR A 80 3.06 14.25 -7.78
CA THR A 80 4.04 15.22 -7.31
C THR A 80 5.23 15.31 -8.25
N ARG A 81 5.75 14.16 -8.66
CA ARG A 81 6.89 14.12 -9.56
C ARG A 81 6.65 15.01 -10.79
N SER A 82 5.42 14.99 -11.29
CA SER A 82 5.07 15.79 -12.46
C SER A 82 5.48 17.25 -12.27
N ASN A 83 5.46 17.69 -11.01
CA ASN A 83 5.82 19.07 -10.68
C ASN A 83 7.11 19.11 -9.87
N SER A 84 7.01 18.77 -8.59
CA SER A 84 8.17 18.78 -7.71
C SER A 84 7.88 18.01 -6.43
N ASN A 85 8.70 16.99 -6.15
CA ASN A 85 8.52 16.18 -4.95
C ASN A 85 9.72 16.32 -4.02
N SER A 86 9.51 15.97 -2.75
CA SER A 86 10.58 16.07 -1.76
C SER A 86 10.10 15.57 -0.40
N SER A 87 11.00 15.57 0.58
CA SER A 87 10.67 15.12 1.92
C SER A 87 10.27 16.30 2.81
N SER A 88 9.40 17.15 2.30
CA SER A 88 8.93 18.32 3.03
C SER A 88 8.43 17.92 4.43
N ASN A 89 9.08 18.47 5.46
CA ASN A 89 8.69 18.17 6.83
C ASN A 89 7.20 18.35 7.04
N LYS A 90 6.61 17.50 7.87
CA LYS A 90 5.18 17.58 8.16
C LYS A 90 4.37 17.28 6.91
N PRO A 91 3.14 16.79 7.12
CA PRO A 91 2.22 16.46 6.01
C PRO A 91 1.71 17.71 5.30
N GLY A 92 1.20 17.53 4.08
CA GLY A 92 0.69 18.64 3.31
C GLY A 92 0.29 18.24 1.90
N THR A 93 1.07 17.36 1.29
CA THR A 93 0.80 16.90 -0.06
C THR A 93 1.44 15.54 -0.31
N CYS A 94 1.33 15.07 -1.55
CA CYS A 94 1.90 13.77 -1.93
C CYS A 94 3.33 13.65 -1.43
N ALA A 95 4.06 14.76 -1.46
CA ALA A 95 5.45 14.77 -1.01
C ALA A 95 5.61 14.04 0.31
N HIS A 96 5.17 14.68 1.39
CA HIS A 96 5.26 14.08 2.72
C HIS A 96 4.62 12.70 2.74
N ALA A 97 3.55 12.54 1.96
CA ALA A 97 2.85 11.26 1.90
C ALA A 97 3.80 10.13 1.49
N ILE A 98 4.45 10.30 0.34
CA ILE A 98 5.38 9.30 -0.16
C ILE A 98 6.49 9.02 0.85
N ASN A 99 7.19 10.07 1.25
CA ASN A 99 8.28 9.95 2.21
C ASN A 99 7.79 9.27 3.49
N THR A 100 6.62 9.66 3.96
CA THR A 100 6.05 9.10 5.17
C THR A 100 5.90 7.59 5.06
N LEU A 101 5.23 7.13 4.01
CA LEU A 101 5.03 5.71 3.78
C LEU A 101 6.35 4.97 3.76
N GLY A 102 7.27 5.44 2.92
CA GLY A 102 8.58 4.81 2.82
C GLY A 102 9.32 4.81 4.14
N GLU A 103 8.86 5.63 5.07
CA GLU A 103 9.50 5.71 6.39
C GLU A 103 8.84 4.76 7.38
N VAL A 104 7.72 4.16 6.96
CA VAL A 104 6.99 3.23 7.81
C VAL A 104 6.80 1.89 7.11
N ILE A 105 7.04 1.87 5.80
CA ILE A 105 6.89 0.65 5.02
C ILE A 105 7.66 -0.50 5.66
N GLN A 106 8.75 -0.18 6.34
CA GLN A 106 9.57 -1.19 6.99
C GLN A 106 8.71 -2.15 7.80
N GLU A 107 8.22 -1.68 8.94
CA GLU A 107 7.37 -2.49 9.81
C GLU A 107 6.15 -3.01 9.05
N LEU A 108 5.62 -2.17 8.18
CA LEU A 108 4.44 -2.53 7.39
C LEU A 108 4.69 -3.83 6.61
N LEU A 109 5.48 -3.72 5.54
CA LEU A 109 5.80 -4.87 4.70
C LEU A 109 6.31 -6.03 5.56
N SER A 110 7.46 -5.84 6.19
CA SER A 110 8.05 -6.86 7.04
C SER A 110 6.98 -7.64 7.79
N ASP A 111 6.25 -6.95 8.65
CA ASP A 111 5.19 -7.58 9.43
C ASP A 111 4.25 -8.38 8.52
N ALA A 112 3.81 -7.74 7.44
CA ALA A 112 2.91 -8.40 6.49
C ALA A 112 3.48 -9.73 6.01
N ILE A 113 4.69 -9.68 5.46
CA ILE A 113 5.34 -10.88 4.96
C ILE A 113 5.41 -11.95 6.05
N ALA A 114 5.95 -11.58 7.20
CA ALA A 114 6.08 -12.50 8.33
C ALA A 114 4.72 -13.09 8.70
N LYS A 115 3.85 -12.25 9.24
CA LYS A 115 2.52 -12.69 9.65
C LYS A 115 1.87 -13.54 8.56
N SER A 116 1.87 -13.04 7.34
CA SER A 116 1.28 -13.74 6.21
C SER A 116 1.86 -15.15 6.09
N ASN A 117 1.13 -16.03 5.42
CA ASN A 117 1.57 -17.41 5.23
C ASN A 117 2.23 -17.60 3.87
N GLN A 118 2.57 -18.84 3.55
CA GLN A 118 3.21 -19.15 2.27
C GLN A 118 2.50 -18.43 1.12
N ASP A 119 1.18 -18.57 1.06
CA ASP A 119 0.39 -17.93 0.01
C ASP A 119 0.49 -16.41 0.12
N HIS A 120 -0.10 -15.85 1.16
CA HIS A 120 -0.08 -14.41 1.37
C HIS A 120 1.33 -13.86 1.18
N LYS A 121 2.27 -14.35 1.99
CA LYS A 121 3.65 -13.90 1.91
C LYS A 121 4.12 -13.84 0.46
N GLU A 122 3.70 -14.82 -0.33
CA GLU A 122 4.09 -14.89 -1.74
C GLU A 122 3.59 -13.66 -2.49
N LYS A 123 2.33 -13.28 -2.24
CA LYS A 123 1.74 -12.12 -2.89
C LYS A 123 2.56 -10.87 -2.64
N ILE A 124 2.90 -10.64 -1.37
CA ILE A 124 3.70 -9.48 -1.00
C ILE A 124 5.03 -9.45 -1.74
N ARG A 125 5.74 -10.57 -1.72
CA ARG A 125 7.02 -10.68 -2.39
C ARG A 125 6.92 -10.21 -3.84
N MET A 126 5.96 -10.77 -4.57
CA MET A 126 5.75 -10.42 -5.96
C MET A 126 5.50 -8.92 -6.11
N LEU A 127 4.63 -8.38 -5.26
CA LEU A 127 4.31 -6.96 -5.30
C LEU A 127 5.57 -6.11 -5.31
N LEU A 128 6.46 -6.37 -4.34
CA LEU A 128 7.72 -5.63 -4.24
C LEU A 128 8.52 -5.74 -5.53
N ASP A 129 8.66 -6.95 -6.05
CA ASP A 129 9.40 -7.18 -7.28
C ASP A 129 8.92 -6.23 -8.38
N ILE A 130 7.62 -6.20 -8.61
CA ILE A 130 7.04 -5.34 -9.63
C ILE A 130 7.38 -3.88 -9.37
N TRP A 131 7.30 -3.47 -8.11
CA TRP A 131 7.61 -2.10 -7.73
C TRP A 131 8.95 -1.66 -8.30
N ASP A 132 10.01 -2.35 -7.90
CA ASP A 132 11.35 -2.04 -8.36
C ASP A 132 11.42 -2.06 -9.89
N ARG A 133 10.96 -3.17 -10.48
CA ARG A 133 10.97 -3.32 -11.92
C ARG A 133 10.27 -2.13 -12.60
N SER A 134 8.96 -2.07 -12.45
CA SER A 134 8.17 -1.00 -13.05
C SER A 134 8.68 0.36 -12.59
N GLY A 135 8.33 0.74 -11.36
CA GLY A 135 8.76 2.02 -10.83
C GLY A 135 7.81 2.56 -9.79
N LEU A 136 8.11 2.33 -8.52
CA LEU A 136 7.27 2.80 -7.43
C LEU A 136 8.08 2.93 -6.14
N PHE A 137 7.87 4.04 -5.44
CA PHE A 137 8.58 4.29 -4.18
C PHE A 137 10.09 4.26 -4.40
N GLN A 138 10.53 4.82 -5.52
CA GLN A 138 11.95 4.85 -5.85
C GLN A 138 12.63 6.02 -5.15
N LYS A 139 12.47 6.10 -3.83
CA LYS A 139 13.06 7.17 -3.05
C LYS A 139 14.34 6.69 -2.35
N SER A 140 15.37 6.42 -3.14
CA SER A 140 16.64 5.94 -2.59
C SER A 140 16.49 4.55 -2.01
N TYR A 141 15.37 3.90 -2.31
CA TYR A 141 15.10 2.56 -1.81
C TYR A 141 15.07 2.53 -0.28
N LEU A 142 14.59 1.42 0.27
CA LEU A 142 14.50 1.28 1.72
C LEU A 142 15.16 -0.03 2.17
N ASN A 143 16.08 0.08 3.11
CA ASN A 143 16.77 -1.09 3.64
C ASN A 143 15.78 -2.13 4.14
N ALA A 144 14.61 -1.68 4.53
CA ALA A 144 13.57 -2.56 5.04
C ALA A 144 13.60 -3.91 4.33
N ILE A 145 12.76 -4.05 3.30
CA ILE A 145 12.71 -5.30 2.54
C ILE A 145 13.95 -5.47 1.68
N ARG A 146 14.59 -4.36 1.34
CA ARG A 146 15.80 -4.39 0.52
C ARG A 146 16.66 -5.61 0.87
N SER A 147 16.83 -5.86 2.16
CA SER A 147 17.63 -6.99 2.62
C SER A 147 16.79 -8.27 2.66
N LYS A 148 17.06 -9.17 1.73
CA LYS A 148 16.33 -10.43 1.66
C LYS A 148 16.31 -11.12 3.02
N CYS A 149 17.18 -10.68 3.92
CA CYS A 149 17.26 -11.26 5.26
C CYS A 149 15.86 -11.50 5.83
N PHE A 150 14.94 -10.59 5.52
CA PHE A 150 13.57 -10.71 6.00
C PHE A 150 12.93 -12.00 5.50
N ALA A 151 12.97 -12.20 4.19
CA ALA A 151 12.39 -13.39 3.58
C ALA A 151 13.02 -14.66 4.14
N MET A 152 14.34 -14.80 3.95
CA MET A 152 15.05 -15.96 4.44
C MET A 152 14.86 -16.14 5.95
N ASP A 153 14.98 -15.04 6.68
CA ASP A 153 14.81 -15.07 8.13
C ASP A 153 13.37 -15.43 8.50
N LEU A 154 12.44 -14.54 8.19
CA LEU A 154 11.04 -14.76 8.50
C LEU A 154 10.52 -16.01 7.80
N GLU A 155 11.33 -16.56 6.90
CA GLU A 155 10.95 -17.76 6.16
C GLU A 155 10.69 -18.92 7.11
N HIS A 156 9.41 -19.11 7.46
CA HIS A 156 9.02 -20.19 8.36
C HIS A 156 9.29 -21.55 7.73
N HIS A 157 9.18 -22.60 8.54
CA HIS A 157 9.42 -23.96 8.07
C HIS A 157 8.11 -24.65 7.72
N HIS A 158 7.29 -23.99 6.91
CA HIS A 158 6.00 -24.54 6.50
C HIS A 158 6.08 -25.12 5.09
N HIS A 159 6.96 -26.09 4.90
CA HIS A 159 7.12 -26.72 3.60
C HIS A 159 7.35 -25.68 2.50
N HIS A 160 8.59 -25.18 2.42
CA HIS A 160 8.93 -24.18 1.42
C HIS A 160 10.02 -24.69 0.48
N HIS A 161 10.92 -25.51 1.01
CA HIS A 161 12.01 -26.07 0.23
C HIS A 161 11.47 -26.78 -1.02
N ASP B 1 -17.49 -13.35 -6.32
CA ASP B 1 -18.55 -12.41 -5.99
C ASP B 1 -18.78 -11.42 -7.11
N ASP B 2 -19.67 -10.46 -6.89
CA ASP B 2 -19.98 -9.44 -7.89
C ASP B 2 -18.90 -8.37 -7.93
N ASP B 3 -17.70 -8.77 -8.33
CA ASP B 3 -16.57 -7.84 -8.41
C ASP B 3 -15.46 -8.42 -9.27
N GLU B 4 -14.31 -7.74 -9.28
CA GLU B 4 -13.16 -8.19 -10.05
C GLU B 4 -12.04 -8.69 -9.14
N ASP B 5 -11.75 -7.92 -8.10
CA ASP B 5 -10.70 -8.30 -7.16
C ASP B 5 -9.40 -8.61 -7.87
N GLY B 6 -8.42 -9.13 -7.13
CA GLY B 6 -7.14 -9.47 -7.72
C GLY B 6 -6.50 -8.28 -8.43
N TYR B 7 -5.87 -7.41 -7.66
CA TYR B 7 -5.22 -6.23 -8.20
C TYR B 7 -3.70 -6.34 -8.09
N ASN B 8 -3.00 -5.83 -9.10
CA ASN B 8 -1.54 -5.88 -9.11
C ASN B 8 -0.96 -4.53 -9.51
N PRO B 9 0.27 -4.25 -9.07
CA PRO B 9 0.97 -3.00 -9.37
C PRO B 9 1.38 -2.91 -10.85
N TYR B 10 1.31 -4.03 -11.54
CA TYR B 10 1.68 -4.07 -12.95
C TYR B 10 0.64 -3.34 -13.81
N THR B 11 -0.54 -3.11 -13.23
CA THR B 11 -1.60 -2.42 -13.94
C THR B 11 -1.45 -0.90 -13.82
N LEU B 12 -2.43 -0.18 -14.35
CA LEU B 12 -2.40 1.28 -14.31
C LEU B 12 -1.20 1.83 -15.05
#